data_7TED
#
_entry.id   7TED
#
_cell.length_a   200.110
_cell.length_b   115.430
_cell.length_c   185.760
_cell.angle_alpha   90.000
_cell.angle_beta   94.850
_cell.angle_gamma   90.000
#
_symmetry.space_group_name_H-M   'C 1 2 1'
#
loop_
_entity.id
_entity.type
_entity.pdbx_description
1 polymer 'Ornithine aminotransferase, mitochondrial'
2 non-polymer '(1S,3R,4S)-3-formyl-4-[({3-hydroxy-2-methyl-5-[(phosphonooxy)methyl]pyridin-4-yl}methyl)amino]cyclopentane-1-carboxylic acid'
3 non-polymer "PYRIDOXAL-5'-PHOSPHATE"
4 water water
#
_entity_poly.entity_id   1
_entity_poly.type   'polypeptide(L)'
_entity_poly.pdbx_seq_one_letter_code
;GPPTSDDIFEREYKYGAHNYHPLPVALERGKGIYLWDVEGRKYFDFLSSYSAVNQGHCHPKIVNALKSQVDKLTLTSRAF
YNNVLGEYEEYITKLFNYHKVLPMNTGVEAGETACKLARKWGYTVKGIQKYKAKIVFAAGNFWGRTLSAISSSTDPTSYD
GFGPFMPGFDIIPYNDLPALERALQDPNVAAFMVEPIQGEAGVVVPDPGYLMGVRELCTRHQVLFIADEIQTGLARTGRW
LAVDYENVRPDIVLLGKALSGGLYPVSAVLCDDDIMLTIKPGEHGSTYGGNPLGCRVAIAALEVLEEENLAENADKLGII
LRNELMKLPSDVVTAVRGKGLLNAIVIKETKDWDAWKVCLRLRDNGLLAKPTHGDIIRFAPPLVIKEDELRESIEIINKT
ILSF
;
_entity_poly.pdbx_strand_id   A,B,C,D,E,F,G,H,I
#
# COMPACT_ATOMS: atom_id res chain seq x y z
N GLY A 1 -42.19 -9.62 0.08
CA GLY A 1 -42.12 -10.21 -1.28
C GLY A 1 -43.06 -9.55 -2.28
N PRO A 2 -42.63 -8.45 -2.95
CA PRO A 2 -43.35 -7.88 -4.10
C PRO A 2 -43.48 -8.82 -5.31
N PRO A 3 -44.71 -9.15 -5.76
CA PRO A 3 -44.88 -10.14 -6.83
C PRO A 3 -44.67 -9.65 -8.27
N THR A 4 -44.69 -8.33 -8.53
CA THR A 4 -44.63 -7.81 -9.92
C THR A 4 -43.21 -7.60 -10.49
N SER A 5 -43.13 -7.68 -11.82
CA SER A 5 -41.86 -7.68 -12.57
C SER A 5 -40.98 -6.45 -12.34
N ASP A 6 -41.59 -5.26 -12.38
CA ASP A 6 -40.90 -4.01 -12.11
C ASP A 6 -40.36 -3.94 -10.67
N ASP A 7 -41.08 -4.55 -9.73
CA ASP A 7 -40.67 -4.60 -8.32
C ASP A 7 -39.50 -5.52 -8.10
N ILE A 8 -39.40 -6.57 -8.93
CA ILE A 8 -38.25 -7.47 -8.94
C ILE A 8 -36.99 -6.75 -9.43
N PHE A 9 -37.14 -5.89 -10.44
CA PHE A 9 -36.03 -5.12 -11.01
C PHE A 9 -35.51 -4.13 -9.97
N GLU A 10 -36.41 -3.28 -9.49
CA GLU A 10 -36.07 -2.20 -8.58
C GLU A 10 -35.56 -2.66 -7.20
N ARG A 11 -35.97 -3.86 -6.76
CA ARG A 11 -35.50 -4.48 -5.50
C ARG A 11 -34.06 -4.97 -5.71
N GLU A 12 -33.77 -5.64 -6.83
CA GLU A 12 -32.41 -6.02 -7.21
C GLU A 12 -31.48 -4.82 -7.44
N TYR A 13 -32.06 -3.71 -7.90
CA TYR A 13 -31.34 -2.43 -8.16
C TYR A 13 -30.86 -1.82 -6.84
N LYS A 14 -31.71 -1.86 -5.81
CA LYS A 14 -31.40 -1.26 -4.51
C LYS A 14 -30.36 -2.07 -3.72
N TYR A 15 -30.60 -3.38 -3.60
CA TYR A 15 -29.91 -4.27 -2.62
C TYR A 15 -28.85 -5.15 -3.31
N GLY A 16 -28.84 -5.21 -4.64
CA GLY A 16 -27.89 -6.02 -5.39
C GLY A 16 -26.92 -5.19 -6.19
N ALA A 17 -25.75 -5.79 -6.49
CA ALA A 17 -24.69 -5.11 -7.22
C ALA A 17 -25.11 -4.89 -8.67
N HIS A 18 -24.58 -3.82 -9.28
CA HIS A 18 -24.88 -3.43 -10.64
C HIS A 18 -23.85 -3.95 -11.64
N ASN A 19 -23.50 -5.24 -11.54
CA ASN A 19 -22.53 -5.89 -12.42
C ASN A 19 -23.17 -6.61 -13.62
N TYR A 20 -24.49 -6.59 -13.70
CA TYR A 20 -25.28 -7.08 -14.86
C TYR A 20 -26.30 -6.01 -15.29
N HIS A 21 -26.61 -5.96 -16.59
CA HIS A 21 -27.77 -5.24 -17.13
C HIS A 21 -28.58 -6.28 -17.89
N PRO A 22 -29.42 -7.07 -17.19
CA PRO A 22 -30.18 -8.15 -17.83
C PRO A 22 -31.30 -7.64 -18.75
N LEU A 23 -31.78 -8.52 -19.64
CA LEU A 23 -32.95 -8.24 -20.45
C LEU A 23 -34.12 -8.13 -19.48
N PRO A 24 -34.87 -6.99 -19.47
CA PRO A 24 -35.95 -6.81 -18.50
C PRO A 24 -37.02 -7.90 -18.64
N VAL A 25 -36.87 -9.00 -17.90
CA VAL A 25 -37.85 -10.09 -17.84
C VAL A 25 -37.60 -10.87 -16.55
N ALA A 26 -38.61 -10.91 -15.67
CA ALA A 26 -38.52 -11.59 -14.38
C ALA A 26 -39.16 -12.98 -14.44
N LEU A 27 -38.34 -14.01 -14.46
CA LEU A 27 -38.80 -15.41 -14.61
C LEU A 27 -39.02 -16.07 -13.23
N GLU A 28 -40.05 -16.93 -13.16
CA GLU A 28 -40.48 -17.59 -11.94
C GLU A 28 -40.51 -19.12 -12.04
N ARG A 29 -40.75 -19.64 -13.25
CA ARG A 29 -40.87 -21.10 -13.51
C ARG A 29 -40.11 -21.43 -14.79
N GLY A 30 -39.57 -22.66 -14.87
CA GLY A 30 -38.94 -23.19 -16.05
C GLY A 30 -39.17 -24.68 -16.16
N LYS A 31 -39.46 -25.14 -17.37
CA LYS A 31 -39.65 -26.56 -17.65
C LYS A 31 -39.40 -26.84 -19.13
N GLY A 32 -38.55 -27.86 -19.39
CA GLY A 32 -38.07 -28.17 -20.72
C GLY A 32 -37.52 -26.94 -21.41
N ILE A 33 -38.19 -26.54 -22.50
CA ILE A 33 -37.76 -25.48 -23.41
C ILE A 33 -38.42 -24.14 -23.08
N TYR A 34 -39.31 -24.15 -22.09
CA TYR A 34 -40.25 -23.04 -21.76
C TYR A 34 -39.83 -22.38 -20.44
N LEU A 35 -40.04 -21.06 -20.37
CA LEU A 35 -39.87 -20.26 -19.17
C LEU A 35 -41.13 -19.42 -19.00
N TRP A 36 -41.53 -19.20 -17.75
CA TRP A 36 -42.72 -18.40 -17.43
C TRP A 36 -42.31 -17.25 -16.53
N ASP A 37 -42.92 -16.08 -16.76
CA ASP A 37 -42.62 -14.92 -15.93
C ASP A 37 -43.68 -14.75 -14.84
N VAL A 38 -43.42 -13.83 -13.91
CA VAL A 38 -44.26 -13.62 -12.73
C VAL A 38 -45.66 -13.08 -13.01
N GLU A 39 -45.91 -12.55 -14.21
CA GLU A 39 -47.27 -12.23 -14.68
C GLU A 39 -47.88 -13.36 -15.51
N GLY A 40 -47.22 -14.52 -15.53
CA GLY A 40 -47.72 -15.75 -16.12
C GLY A 40 -47.52 -15.91 -17.60
N ARG A 41 -46.76 -14.99 -18.22
CA ARG A 41 -46.44 -15.03 -19.68
C ARG A 41 -45.49 -16.19 -19.94
N LYS A 42 -45.49 -16.73 -21.16
CA LYS A 42 -44.75 -17.93 -21.53
C LYS A 42 -43.79 -17.59 -22.67
N TYR A 43 -42.56 -18.12 -22.57
CA TYR A 43 -41.42 -17.81 -23.48
C TYR A 43 -40.68 -19.09 -23.86
N PHE A 44 -40.33 -19.25 -25.14
CA PHE A 44 -39.31 -20.19 -25.56
C PHE A 44 -37.99 -19.64 -25.04
N ASP A 45 -37.14 -20.51 -24.48
CA ASP A 45 -35.79 -20.13 -24.07
C ASP A 45 -34.79 -20.46 -25.19
N PHE A 46 -34.20 -19.42 -25.78
CA PHE A 46 -33.20 -19.55 -26.83
C PHE A 46 -31.82 -19.10 -26.38
N LEU A 47 -31.56 -19.24 -25.07
CA LEU A 47 -30.23 -19.07 -24.49
C LEU A 47 -29.73 -20.32 -23.79
N SER A 48 -30.66 -21.11 -23.23
CA SER A 48 -30.35 -22.31 -22.44
C SER A 48 -29.29 -22.07 -21.38
N SER A 49 -29.35 -20.90 -20.73
CA SER A 49 -28.36 -20.45 -19.74
C SER A 49 -26.94 -20.73 -20.24
N TYR A 50 -26.64 -20.19 -21.41
CA TYR A 50 -25.35 -20.35 -22.15
C TYR A 50 -24.97 -21.83 -22.22
N SER A 51 -25.97 -22.70 -22.39
CA SER A 51 -25.82 -24.17 -22.57
C SER A 51 -25.89 -25.01 -21.30
N ALA A 52 -26.21 -24.39 -20.15
CA ALA A 52 -26.33 -25.10 -18.88
C ALA A 52 -27.53 -26.03 -18.82
N VAL A 53 -28.60 -25.69 -19.55
CA VAL A 53 -29.83 -26.49 -19.59
C VAL A 53 -30.05 -27.15 -20.96
N ASN A 54 -29.04 -27.86 -21.45
CA ASN A 54 -29.17 -28.64 -22.68
C ASN A 54 -30.33 -29.61 -22.58
N GLN A 55 -30.55 -30.12 -21.38
CA GLN A 55 -31.56 -31.14 -21.09
C GLN A 55 -32.94 -30.55 -20.81
N GLY A 56 -33.07 -29.23 -20.98
CA GLY A 56 -34.28 -28.49 -20.66
C GLY A 56 -34.30 -28.23 -19.18
N HIS A 57 -35.05 -27.21 -18.76
CA HIS A 57 -35.10 -26.82 -17.35
C HIS A 57 -35.76 -27.94 -16.55
N CYS A 58 -35.20 -28.19 -15.36
CA CYS A 58 -35.76 -29.12 -14.38
C CYS A 58 -36.11 -30.48 -14.97
N HIS A 59 -35.27 -31.01 -15.86
CA HIS A 59 -35.49 -32.34 -16.44
C HIS A 59 -35.76 -33.33 -15.31
N PRO A 60 -36.93 -34.02 -15.33
CA PRO A 60 -37.36 -34.88 -14.21
C PRO A 60 -36.33 -35.89 -13.69
N LYS A 61 -35.58 -36.54 -14.58
CA LYS A 61 -34.61 -37.56 -14.15
C LYS A 61 -33.46 -36.93 -13.38
N ILE A 62 -33.07 -35.71 -13.76
CA ILE A 62 -32.00 -34.99 -13.07
C ILE A 62 -32.55 -34.44 -11.74
N VAL A 63 -33.81 -34.01 -11.75
CA VAL A 63 -34.47 -33.53 -10.54
C VAL A 63 -34.54 -34.63 -9.49
N ASN A 64 -35.01 -35.82 -9.90
CA ASN A 64 -35.12 -36.97 -8.99
C ASN A 64 -33.79 -37.40 -8.37
N ALA A 65 -32.73 -37.36 -9.17
CA ALA A 65 -31.37 -37.68 -8.71
C ALA A 65 -30.96 -36.74 -7.57
N LEU A 66 -31.24 -35.44 -7.75
CA LEU A 66 -31.00 -34.43 -6.73
C LEU A 66 -31.84 -34.67 -5.50
N LYS A 67 -33.14 -34.89 -5.70
CA LYS A 67 -34.11 -35.11 -4.60
C LYS A 67 -33.78 -36.34 -3.77
N SER A 68 -33.23 -37.37 -4.42
CA SER A 68 -32.88 -38.64 -3.77
C SER A 68 -31.64 -38.48 -2.87
N GLN A 69 -30.65 -37.76 -3.37
CA GLN A 69 -29.34 -37.66 -2.70
C GLN A 69 -29.32 -36.65 -1.55
N VAL A 70 -30.14 -35.59 -1.66
CA VAL A 70 -30.23 -34.56 -0.60
C VAL A 70 -30.63 -35.14 0.74
N ASP A 71 -31.50 -36.15 0.70
CA ASP A 71 -31.98 -36.84 1.90
C ASP A 71 -30.92 -37.75 2.54
N LYS A 72 -29.79 -37.96 1.85
CA LYS A 72 -28.75 -38.90 2.25
C LYS A 72 -27.50 -38.19 2.75
N LEU A 73 -26.86 -37.42 1.87
CA LEU A 73 -25.58 -36.76 2.12
C LEU A 73 -25.30 -35.78 0.99
N THR A 74 -24.80 -34.58 1.33
CA THR A 74 -24.56 -33.51 0.35
C THR A 74 -23.13 -32.96 0.31
N LEU A 75 -22.40 -33.06 1.41
CA LEU A 75 -21.06 -32.53 1.54
C LEU A 75 -20.35 -33.03 2.80
N THR A 76 -19.25 -33.78 2.59
CA THR A 76 -18.32 -34.16 3.65
C THR A 76 -17.03 -33.32 3.58
N SER A 77 -16.84 -32.59 2.49
CA SER A 77 -15.54 -32.07 2.07
C SER A 77 -14.71 -33.28 1.69
N ARG A 78 -13.56 -33.06 1.06
CA ARG A 78 -12.66 -34.13 0.55
C ARG A 78 -11.60 -34.44 1.60
N ALA A 79 -11.82 -34.01 2.85
CA ALA A 79 -11.07 -34.48 3.99
C ALA A 79 -11.37 -35.96 4.23
N PHE A 80 -12.57 -36.38 3.79
CA PHE A 80 -13.01 -37.76 3.80
C PHE A 80 -13.39 -38.14 2.36
N TYR A 81 -13.64 -39.43 2.13
CA TYR A 81 -14.24 -39.97 0.89
C TYR A 81 -15.77 -40.06 1.06
N ASN A 82 -16.51 -39.90 -0.03
CA ASN A 82 -17.93 -40.22 -0.08
C ASN A 82 -18.14 -41.35 -1.07
N ASN A 83 -19.31 -41.99 -1.01
CA ASN A 83 -19.62 -43.18 -1.80
C ASN A 83 -19.90 -42.91 -3.28
N VAL A 84 -20.26 -41.67 -3.61
CA VAL A 84 -20.75 -41.31 -4.94
C VAL A 84 -19.63 -40.98 -5.92
N LEU A 85 -18.65 -40.19 -5.48
CA LEU A 85 -17.66 -39.55 -6.34
C LEU A 85 -17.01 -40.52 -7.32
N GLY A 86 -16.44 -41.60 -6.79
CA GLY A 86 -15.71 -42.58 -7.56
C GLY A 86 -16.55 -43.23 -8.64
N GLU A 87 -17.86 -43.33 -8.38
CA GLU A 87 -18.81 -43.86 -9.35
C GLU A 87 -18.93 -42.92 -10.53
N TYR A 88 -19.13 -41.63 -10.23
CA TYR A 88 -19.12 -40.52 -11.22
C TYR A 88 -17.83 -40.53 -12.03
N GLU A 89 -16.68 -40.62 -11.33
CA GLU A 89 -15.38 -40.60 -11.98
C GLU A 89 -15.20 -41.75 -12.98
N GLU A 90 -15.69 -42.95 -12.62
CA GLU A 90 -15.60 -44.11 -13.49
C GLU A 90 -16.40 -43.93 -14.77
N TYR A 91 -17.57 -43.30 -14.65
CA TYR A 91 -18.52 -43.03 -15.76
C TYR A 91 -17.93 -41.97 -16.71
N ILE A 92 -17.63 -40.78 -16.19
CA ILE A 92 -17.19 -39.66 -17.02
C ILE A 92 -15.91 -39.96 -17.77
N THR A 93 -14.98 -40.63 -17.11
CA THR A 93 -13.68 -40.97 -17.70
C THR A 93 -13.84 -42.00 -18.83
N LYS A 94 -14.67 -43.02 -18.61
CA LYS A 94 -14.92 -44.06 -19.59
C LYS A 94 -15.76 -43.58 -20.76
N LEU A 95 -16.60 -42.58 -20.50
CA LEU A 95 -17.44 -41.95 -21.51
C LEU A 95 -16.58 -41.19 -22.53
N PHE A 96 -15.65 -40.38 -22.03
CA PHE A 96 -14.82 -39.52 -22.87
C PHE A 96 -13.43 -40.11 -23.20
N ASN A 97 -13.11 -41.24 -22.58
CA ASN A 97 -11.89 -42.00 -22.86
C ASN A 97 -10.61 -41.24 -22.46
N TYR A 98 -10.57 -40.81 -21.20
CA TYR A 98 -9.39 -40.22 -20.52
C TYR A 98 -9.18 -40.97 -19.20
N HIS A 99 -7.94 -41.12 -18.76
CA HIS A 99 -7.61 -41.88 -17.54
C HIS A 99 -8.36 -41.34 -16.33
N LYS A 100 -8.24 -40.02 -16.09
CA LYS A 100 -8.72 -39.40 -14.86
C LYS A 100 -9.45 -38.10 -15.09
N VAL A 101 -10.28 -37.72 -14.11
CA VAL A 101 -11.02 -36.46 -14.08
C VAL A 101 -10.71 -35.78 -12.76
N LEU A 102 -10.66 -34.45 -12.77
CA LEU A 102 -10.52 -33.65 -11.56
C LEU A 102 -11.81 -32.83 -11.41
N PRO A 103 -12.63 -33.08 -10.36
CA PRO A 103 -13.92 -32.41 -10.21
C PRO A 103 -13.80 -31.01 -9.59
N MET A 104 -14.46 -30.02 -10.20
CA MET A 104 -14.55 -28.67 -9.66
C MET A 104 -15.99 -28.22 -9.79
N ASN A 105 -16.26 -26.96 -9.45
CA ASN A 105 -17.61 -26.44 -9.34
C ASN A 105 -18.05 -25.60 -10.52
N THR A 106 -17.36 -24.47 -10.72
CA THR A 106 -17.69 -23.51 -11.77
C THR A 106 -16.72 -23.64 -12.91
N GLY A 107 -17.06 -23.06 -14.06
CA GLY A 107 -16.26 -23.18 -15.28
C GLY A 107 -14.88 -22.56 -15.18
N VAL A 108 -14.81 -21.35 -14.59
CA VAL A 108 -13.54 -20.66 -14.32
C VAL A 108 -12.56 -21.54 -13.58
N GLU A 109 -13.06 -22.28 -12.59
CA GLU A 109 -12.27 -23.17 -11.74
C GLU A 109 -11.63 -24.32 -12.50
N ALA A 110 -12.33 -24.79 -13.53
CA ALA A 110 -11.83 -25.83 -14.43
C ALA A 110 -10.69 -25.25 -15.24
N GLY A 111 -10.88 -24.04 -15.75
CA GLY A 111 -9.85 -23.31 -16.45
C GLY A 111 -8.61 -23.10 -15.62
N GLU A 112 -8.78 -22.53 -14.42
CA GLU A 112 -7.69 -22.34 -13.45
C GLU A 112 -6.94 -23.64 -13.18
N THR A 113 -7.68 -24.74 -13.10
CA THR A 113 -7.10 -26.07 -12.83
C THR A 113 -6.26 -26.54 -13.99
N ALA A 114 -6.75 -26.31 -15.22
CA ALA A 114 -6.03 -26.68 -16.43
C ALA A 114 -4.70 -25.94 -16.60
N CYS A 115 -4.68 -24.65 -16.21
CA CYS A 115 -3.48 -23.82 -16.28
C CYS A 115 -2.46 -24.34 -15.28
N LYS A 116 -2.93 -24.65 -14.07
CA LYS A 116 -2.09 -25.21 -13.03
C LYS A 116 -1.45 -26.51 -13.47
N LEU A 117 -2.25 -27.42 -14.07
CA LEU A 117 -1.74 -28.64 -14.68
C LEU A 117 -0.73 -28.34 -15.80
N ALA A 118 -1.09 -27.45 -16.71
CA ALA A 118 -0.25 -27.08 -17.87
C ALA A 118 1.09 -26.67 -17.37
N ARG A 119 1.07 -25.78 -16.37
CA ARG A 119 2.30 -25.23 -15.76
C ARG A 119 3.06 -26.36 -15.05
N LYS A 120 2.43 -27.06 -14.12
CA LYS A 120 3.07 -28.15 -13.34
C LYS A 120 3.76 -29.15 -14.25
N TRP A 121 3.06 -29.59 -15.29
CA TRP A 121 3.58 -30.52 -16.28
C TRP A 121 4.76 -29.89 -17.03
N GLY A 122 4.63 -28.60 -17.36
CA GLY A 122 5.69 -27.83 -17.99
C GLY A 122 6.99 -27.89 -17.22
N TYR A 123 6.92 -27.66 -15.92
CA TYR A 123 8.10 -27.64 -15.00
C TYR A 123 8.59 -29.06 -14.74
N THR A 124 7.69 -29.99 -14.40
CA THR A 124 8.09 -31.32 -13.92
C THR A 124 8.36 -32.33 -15.03
N VAL A 125 7.63 -32.25 -16.14
CA VAL A 125 7.77 -33.20 -17.26
C VAL A 125 8.56 -32.64 -18.42
N LYS A 126 8.28 -31.39 -18.80
CA LYS A 126 8.96 -30.77 -19.95
C LYS A 126 10.34 -30.18 -19.58
N GLY A 127 10.50 -29.77 -18.31
CA GLY A 127 11.76 -29.30 -17.80
C GLY A 127 12.03 -27.82 -18.03
N ILE A 128 10.94 -27.04 -18.13
CA ILE A 128 10.99 -25.59 -18.24
C ILE A 128 11.50 -25.05 -16.92
N GLN A 129 12.34 -24.01 -16.96
CA GLN A 129 12.88 -23.42 -15.74
C GLN A 129 11.74 -22.76 -15.01
N LYS A 130 11.76 -22.89 -13.68
CA LYS A 130 10.65 -22.51 -12.87
C LYS A 130 10.30 -21.03 -12.98
N TYR A 131 9.09 -20.87 -13.56
CA TYR A 131 8.17 -19.71 -13.56
C TYR A 131 8.36 -18.94 -14.86
N LYS A 132 9.03 -19.59 -15.82
CA LYS A 132 9.06 -19.15 -17.21
C LYS A 132 8.02 -19.81 -18.14
N ALA A 133 7.25 -20.76 -17.64
CA ALA A 133 6.27 -21.48 -18.44
C ALA A 133 5.15 -20.54 -18.91
N LYS A 134 4.75 -20.68 -20.18
CA LYS A 134 3.76 -19.80 -20.81
C LYS A 134 2.54 -20.62 -21.29
N ILE A 135 1.39 -19.94 -21.33
CA ILE A 135 0.16 -20.50 -21.90
C ILE A 135 -0.31 -19.52 -22.95
N VAL A 136 -0.58 -20.04 -24.15
CA VAL A 136 -1.15 -19.25 -25.23
C VAL A 136 -2.68 -19.40 -25.23
N PHE A 137 -3.36 -18.29 -25.49
CA PHE A 137 -4.81 -18.23 -25.66
C PHE A 137 -5.08 -17.58 -26.99
N ALA A 138 -6.37 -17.53 -27.37
CA ALA A 138 -6.82 -16.97 -28.64
C ALA A 138 -7.63 -15.70 -28.40
N ALA A 139 -7.46 -14.70 -29.25
CA ALA A 139 -8.17 -13.43 -29.10
C ALA A 139 -9.68 -13.71 -29.20
N GLY A 140 -10.45 -13.00 -28.37
CA GLY A 140 -11.86 -13.30 -28.20
C GLY A 140 -12.22 -14.37 -27.20
N ASN A 141 -11.24 -15.04 -26.62
CA ASN A 141 -11.50 -16.11 -25.66
C ASN A 141 -12.25 -15.59 -24.44
N PHE A 142 -12.97 -16.49 -23.79
CA PHE A 142 -13.67 -16.17 -22.55
C PHE A 142 -13.75 -17.43 -21.75
N TRP A 143 -13.24 -17.37 -20.52
CA TRP A 143 -13.29 -18.55 -19.68
C TRP A 143 -13.47 -18.27 -18.21
N GLY A 144 -14.05 -17.10 -17.89
CA GLY A 144 -14.35 -16.70 -16.53
C GLY A 144 -13.88 -15.31 -16.13
N ARG A 145 -14.12 -14.94 -14.88
CA ARG A 145 -13.97 -13.55 -14.37
C ARG A 145 -12.96 -13.50 -13.21
N THR A 146 -12.12 -14.51 -13.05
CA THR A 146 -11.00 -14.43 -12.10
C THR A 146 -9.95 -13.48 -12.67
N LEU A 147 -9.02 -13.05 -11.80
CA LEU A 147 -7.92 -12.18 -12.24
C LEU A 147 -7.09 -12.83 -13.35
N SER A 148 -6.97 -14.17 -13.32
CA SER A 148 -6.25 -14.90 -14.35
C SER A 148 -7.03 -14.94 -15.64
N ALA A 149 -8.30 -15.30 -15.56
CA ALA A 149 -9.17 -15.36 -16.73
C ALA A 149 -9.15 -14.04 -17.49
N ILE A 150 -9.38 -12.93 -16.79
CA ILE A 150 -9.41 -11.61 -17.43
C ILE A 150 -8.02 -11.13 -17.92
N SER A 151 -6.95 -11.74 -17.42
CA SER A 151 -5.57 -11.44 -17.85
C SER A 151 -5.25 -11.92 -19.26
N SER A 152 -6.10 -12.81 -19.79
CA SER A 152 -5.94 -13.36 -21.14
C SER A 152 -7.06 -12.89 -22.08
N SER A 153 -7.78 -11.84 -21.65
CA SER A 153 -8.92 -11.33 -22.37
C SER A 153 -8.47 -10.16 -23.22
N THR A 154 -8.99 -10.13 -24.46
CA THR A 154 -8.81 -9.00 -25.36
C THR A 154 -10.00 -8.07 -25.30
N ASP A 155 -10.95 -8.34 -24.37
CA ASP A 155 -12.12 -7.49 -24.15
C ASP A 155 -11.83 -6.44 -23.07
N PRO A 156 -11.76 -5.14 -23.42
CA PRO A 156 -11.48 -4.09 -22.44
C PRO A 156 -12.41 -4.10 -21.23
N THR A 157 -13.71 -4.44 -21.44
CA THR A 157 -14.70 -4.40 -20.38
C THR A 157 -14.31 -5.38 -19.22
N SER A 158 -13.67 -6.51 -19.59
CA SER A 158 -13.30 -7.54 -18.65
C SER A 158 -12.08 -7.26 -17.80
N TYR A 159 -11.04 -6.61 -18.38
CA TYR A 159 -9.74 -6.42 -17.71
C TYR A 159 -9.56 -4.96 -17.26
N ASP A 160 -10.13 -3.99 -17.96
CA ASP A 160 -9.87 -2.57 -17.65
C ASP A 160 -10.29 -2.33 -16.20
N GLY A 161 -9.36 -1.81 -15.39
CA GLY A 161 -9.60 -1.44 -14.02
C GLY A 161 -9.25 -2.52 -13.00
N PHE A 162 -8.90 -3.73 -13.46
CA PHE A 162 -8.74 -4.89 -12.59
C PHE A 162 -7.29 -5.28 -12.33
N GLY A 163 -6.40 -4.31 -12.53
CA GLY A 163 -5.18 -4.17 -11.74
C GLY A 163 -4.20 -5.13 -12.39
N PRO A 164 -2.97 -5.24 -11.87
CA PRO A 164 -1.90 -5.88 -12.60
C PRO A 164 -2.32 -7.31 -13.00
N PHE A 165 -1.89 -7.75 -14.17
CA PHE A 165 -2.34 -8.98 -14.80
C PHE A 165 -1.38 -10.11 -14.64
N MET A 166 -1.88 -11.34 -14.72
CA MET A 166 -1.06 -12.53 -14.56
C MET A 166 -0.06 -12.54 -15.70
N PRO A 167 1.26 -12.63 -15.40
CA PRO A 167 2.25 -12.88 -16.44
C PRO A 167 2.17 -14.31 -17.01
N GLY A 168 2.83 -14.51 -18.15
CA GLY A 168 2.97 -15.78 -18.82
C GLY A 168 1.79 -16.20 -19.68
N PHE A 169 0.92 -15.23 -20.01
CA PHE A 169 -0.20 -15.45 -20.90
C PHE A 169 0.03 -14.67 -22.18
N ASP A 170 0.32 -15.40 -23.28
CA ASP A 170 0.42 -14.81 -24.61
C ASP A 170 -0.87 -14.99 -25.34
N ILE A 171 -1.19 -14.06 -26.22
CA ILE A 171 -2.47 -14.03 -26.94
C ILE A 171 -2.22 -13.87 -28.45
N ILE A 172 -2.80 -14.79 -29.24
CA ILE A 172 -2.68 -14.81 -30.69
C ILE A 172 -4.08 -14.73 -31.29
N PRO A 173 -4.23 -14.40 -32.59
CA PRO A 173 -5.54 -14.40 -33.24
C PRO A 173 -6.13 -15.82 -33.29
N TYR A 174 -7.45 -15.91 -33.18
CA TYR A 174 -8.24 -17.18 -33.26
C TYR A 174 -8.31 -17.59 -34.74
N ASN A 175 -8.39 -18.90 -35.00
CA ASN A 175 -8.57 -19.38 -36.34
C ASN A 175 -7.39 -18.98 -37.25
N ASP A 176 -6.17 -19.19 -36.75
CA ASP A 176 -4.95 -18.71 -37.39
C ASP A 176 -3.79 -19.64 -36.98
N LEU A 177 -3.52 -20.62 -37.85
CA LEU A 177 -2.51 -21.61 -37.66
C LEU A 177 -1.09 -21.10 -37.81
N PRO A 178 -0.80 -20.16 -38.74
CA PRO A 178 0.50 -19.50 -38.78
C PRO A 178 0.87 -18.78 -37.48
N ALA A 179 -0.08 -18.07 -36.86
CA ALA A 179 0.11 -17.43 -35.56
C ALA A 179 0.47 -18.45 -34.45
N LEU A 180 -0.25 -19.58 -34.42
CA LEU A 180 0.04 -20.63 -33.47
C LEU A 180 1.41 -21.21 -33.68
N GLU A 181 1.77 -21.43 -34.95
CA GLU A 181 3.07 -22.00 -35.27
C GLU A 181 4.19 -21.10 -34.81
N ARG A 182 4.07 -19.80 -35.14
CA ARG A 182 4.99 -18.72 -34.66
C ARG A 182 5.18 -18.82 -33.14
N ALA A 183 4.07 -18.89 -32.40
CA ALA A 183 4.08 -18.79 -30.94
C ALA A 183 4.75 -19.99 -30.30
N LEU A 184 4.43 -21.19 -30.82
CA LEU A 184 4.97 -22.42 -30.29
C LEU A 184 6.44 -22.64 -30.59
N GLN A 185 7.09 -21.66 -31.23
CA GLN A 185 8.55 -21.67 -31.40
C GLN A 185 9.30 -21.51 -30.08
N ASP A 186 8.64 -20.93 -29.07
CA ASP A 186 9.25 -20.68 -27.78
C ASP A 186 9.17 -21.94 -26.91
N PRO A 187 10.30 -22.57 -26.54
CA PRO A 187 10.25 -23.85 -25.84
C PRO A 187 9.59 -23.76 -24.46
N ASN A 188 9.48 -22.56 -23.89
CA ASN A 188 8.83 -22.32 -22.62
C ASN A 188 7.30 -22.33 -22.64
N VAL A 189 6.69 -22.42 -23.83
CA VAL A 189 5.23 -22.55 -23.92
C VAL A 189 4.85 -23.94 -23.46
N ALA A 190 3.86 -24.01 -22.57
CA ALA A 190 3.41 -25.25 -21.93
C ALA A 190 2.13 -25.78 -22.53
N ALA A 191 1.17 -24.87 -22.77
CA ALA A 191 -0.14 -25.22 -23.30
C ALA A 191 -0.65 -24.15 -24.23
N PHE A 192 -1.65 -24.50 -25.04
CA PHE A 192 -2.47 -23.57 -25.83
C PHE A 192 -3.91 -23.90 -25.44
N MET A 193 -4.61 -22.91 -24.88
CA MET A 193 -6.01 -23.07 -24.49
C MET A 193 -6.92 -22.40 -25.47
N VAL A 194 -7.88 -23.18 -25.99
CA VAL A 194 -8.75 -22.70 -27.03
C VAL A 194 -10.13 -23.39 -27.02
N GLU A 195 -11.14 -22.63 -27.47
CA GLU A 195 -12.51 -23.11 -27.61
C GLU A 195 -12.71 -23.55 -29.06
N PRO A 196 -13.34 -24.73 -29.31
CA PRO A 196 -13.64 -25.16 -30.68
C PRO A 196 -14.58 -24.20 -31.41
N ILE A 197 -15.50 -23.56 -30.67
CA ILE A 197 -16.29 -22.44 -31.14
C ILE A 197 -16.28 -21.48 -29.96
N GLN A 198 -16.05 -20.20 -30.24
CA GLN A 198 -16.02 -19.15 -29.22
C GLN A 198 -17.40 -18.66 -28.94
N GLY A 199 -17.92 -18.97 -27.74
CA GLY A 199 -19.27 -18.64 -27.36
C GLY A 199 -19.45 -17.16 -27.12
N GLU A 200 -18.99 -16.70 -25.95
CA GLU A 200 -19.13 -15.30 -25.54
C GLU A 200 -18.75 -14.29 -26.61
N ALA A 201 -17.82 -14.63 -27.49
CA ALA A 201 -17.34 -13.71 -28.55
C ALA A 201 -18.34 -13.49 -29.68
N GLY A 202 -19.34 -14.38 -29.76
CA GLY A 202 -20.45 -14.27 -30.68
C GLY A 202 -20.55 -15.47 -31.60
N VAL A 203 -20.46 -16.66 -31.02
CA VAL A 203 -20.47 -17.91 -31.77
C VAL A 203 -19.57 -17.81 -33.02
N VAL A 204 -18.25 -17.64 -32.80
CA VAL A 204 -17.28 -17.59 -33.89
C VAL A 204 -16.74 -19.00 -34.14
N VAL A 205 -17.10 -19.54 -35.32
CA VAL A 205 -16.70 -20.88 -35.77
C VAL A 205 -15.38 -20.80 -36.56
N PRO A 206 -14.36 -21.61 -36.25
CA PRO A 206 -13.13 -21.63 -37.04
C PRO A 206 -13.28 -22.41 -38.34
N ASP A 207 -12.37 -22.20 -39.29
CA ASP A 207 -12.43 -22.85 -40.59
C ASP A 207 -12.29 -24.35 -40.39
N PRO A 208 -12.92 -25.19 -41.24
CA PRO A 208 -12.67 -26.63 -41.22
C PRO A 208 -11.16 -26.91 -41.24
N GLY A 209 -10.69 -27.80 -40.36
CA GLY A 209 -9.29 -28.19 -40.29
C GLY A 209 -8.41 -27.41 -39.34
N TYR A 210 -8.99 -26.43 -38.64
CA TYR A 210 -8.30 -25.60 -37.62
C TYR A 210 -7.87 -26.48 -36.44
N LEU A 211 -8.80 -27.28 -35.91
CA LEU A 211 -8.52 -28.10 -34.74
C LEU A 211 -7.52 -29.21 -35.02
N MET A 212 -7.55 -29.77 -36.24
CA MET A 212 -6.56 -30.76 -36.67
C MET A 212 -5.17 -30.11 -36.67
N GLY A 213 -5.10 -28.91 -37.26
CA GLY A 213 -3.91 -28.09 -37.25
C GLY A 213 -3.38 -27.80 -35.85
N VAL A 214 -4.27 -27.37 -34.95
CA VAL A 214 -3.93 -27.09 -33.56
C VAL A 214 -3.34 -28.33 -32.89
N ARG A 215 -3.99 -29.48 -33.08
CA ARG A 215 -3.58 -30.80 -32.53
C ARG A 215 -2.20 -31.19 -33.09
N GLU A 216 -1.98 -30.99 -34.38
CA GLU A 216 -0.73 -31.36 -35.05
C GLU A 216 0.44 -30.49 -34.63
N LEU A 217 0.19 -29.17 -34.46
CA LEU A 217 1.22 -28.20 -34.05
C LEU A 217 1.59 -28.38 -32.58
N CYS A 218 0.57 -28.61 -31.74
CA CYS A 218 0.78 -28.86 -30.32
C CYS A 218 1.66 -30.09 -30.10
N THR A 219 1.29 -31.18 -30.77
CA THR A 219 2.04 -32.45 -30.67
C THR A 219 3.49 -32.29 -31.14
N ARG A 220 3.68 -31.55 -32.24
CA ARG A 220 5.00 -31.33 -32.90
C ARG A 220 5.95 -30.59 -31.95
N HIS A 221 5.49 -29.53 -31.28
CA HIS A 221 6.30 -28.72 -30.36
C HIS A 221 6.19 -29.07 -28.88
N GLN A 222 5.60 -30.23 -28.59
CA GLN A 222 5.48 -30.76 -27.22
C GLN A 222 4.80 -29.73 -26.34
N VAL A 223 3.59 -29.33 -26.75
CA VAL A 223 2.78 -28.35 -26.04
C VAL A 223 1.42 -28.99 -25.85
N LEU A 224 0.82 -28.77 -24.68
CA LEU A 224 -0.49 -29.33 -24.36
C LEU A 224 -1.60 -28.57 -25.04
N PHE A 225 -2.53 -29.31 -25.64
CA PHE A 225 -3.74 -28.78 -26.28
C PHE A 225 -4.89 -28.88 -25.27
N ILE A 226 -5.31 -27.73 -24.74
CA ILE A 226 -6.43 -27.63 -23.83
C ILE A 226 -7.69 -27.12 -24.55
N ALA A 227 -8.68 -28.01 -24.70
CA ALA A 227 -9.95 -27.68 -25.33
C ALA A 227 -10.93 -27.27 -24.24
N ASP A 228 -11.30 -26.00 -24.23
CA ASP A 228 -12.40 -25.55 -23.39
C ASP A 228 -13.74 -25.85 -24.05
N GLU A 229 -14.40 -26.91 -23.57
CA GLU A 229 -15.72 -27.35 -24.08
C GLU A 229 -16.81 -27.14 -23.05
N ILE A 230 -16.64 -26.12 -22.19
CA ILE A 230 -17.62 -25.80 -21.15
C ILE A 230 -18.99 -25.42 -21.71
N GLN A 231 -19.00 -24.86 -22.92
CA GLN A 231 -20.20 -24.31 -23.58
C GLN A 231 -20.60 -25.07 -24.83
N THR A 232 -19.61 -25.58 -25.56
CA THR A 232 -19.82 -26.28 -26.82
C THR A 232 -19.94 -27.79 -26.65
N GLY A 233 -19.43 -28.30 -25.52
CA GLY A 233 -19.44 -29.72 -25.24
C GLY A 233 -20.80 -30.22 -24.87
N LEU A 234 -20.91 -31.52 -24.65
CA LEU A 234 -22.12 -32.16 -24.15
C LEU A 234 -23.32 -31.89 -25.05
N ALA A 235 -23.15 -32.22 -26.34
CA ALA A 235 -24.23 -32.43 -27.29
C ALA A 235 -24.70 -31.21 -28.08
N ARG A 236 -24.36 -30.01 -27.60
CA ARG A 236 -24.99 -28.76 -28.12
C ARG A 236 -24.66 -28.58 -29.61
N THR A 237 -23.40 -28.72 -29.99
CA THR A 237 -22.97 -28.52 -31.37
C THR A 237 -23.34 -29.69 -32.28
N GLY A 238 -23.81 -30.80 -31.66
CA GLY A 238 -24.26 -31.97 -32.39
C GLY A 238 -23.36 -33.17 -32.27
N ARG A 239 -22.50 -33.17 -31.24
CA ARG A 239 -21.53 -34.25 -30.92
C ARG A 239 -21.27 -34.22 -29.39
N TRP A 240 -20.62 -35.25 -28.85
CA TRP A 240 -20.28 -35.25 -27.43
C TRP A 240 -19.45 -34.03 -27.13
N LEU A 241 -18.44 -33.80 -27.96
CA LEU A 241 -17.59 -32.63 -27.91
C LEU A 241 -17.50 -32.08 -29.33
N ALA A 242 -17.41 -30.75 -29.45
CA ALA A 242 -17.29 -30.09 -30.74
C ALA A 242 -16.02 -30.54 -31.50
N VAL A 243 -14.96 -30.85 -30.75
CA VAL A 243 -13.71 -31.37 -31.32
C VAL A 243 -13.87 -32.69 -32.08
N ASP A 244 -14.88 -33.48 -31.70
CA ASP A 244 -15.22 -34.73 -32.37
C ASP A 244 -15.51 -34.54 -33.86
N TYR A 245 -15.99 -33.36 -34.25
CA TYR A 245 -16.28 -33.02 -35.67
C TYR A 245 -15.03 -33.22 -36.53
N GLU A 246 -13.83 -33.06 -35.97
CA GLU A 246 -12.58 -33.32 -36.70
C GLU A 246 -11.74 -34.47 -36.15
N ASN A 247 -12.36 -35.34 -35.34
CA ASN A 247 -11.72 -36.49 -34.70
C ASN A 247 -10.40 -36.15 -34.00
N VAL A 248 -10.41 -35.05 -33.25
CA VAL A 248 -9.23 -34.60 -32.53
C VAL A 248 -9.35 -34.92 -31.06
N ARG A 249 -8.23 -35.37 -30.47
CA ARG A 249 -8.13 -35.71 -29.03
C ARG A 249 -7.22 -34.70 -28.34
N PRO A 250 -7.79 -33.65 -27.72
CA PRO A 250 -7.01 -32.76 -26.85
C PRO A 250 -6.37 -33.51 -25.68
N ASP A 251 -5.29 -32.94 -25.14
CA ASP A 251 -4.62 -33.43 -23.97
C ASP A 251 -5.52 -33.20 -22.74
N ILE A 252 -6.12 -32.01 -22.66
CA ILE A 252 -6.99 -31.63 -21.55
C ILE A 252 -8.30 -31.10 -22.10
N VAL A 253 -9.41 -31.67 -21.66
CA VAL A 253 -10.74 -31.15 -22.00
C VAL A 253 -11.43 -30.64 -20.76
N LEU A 254 -12.09 -29.47 -20.89
CA LEU A 254 -12.87 -28.89 -19.80
C LEU A 254 -14.38 -29.03 -20.07
N LEU A 255 -15.11 -29.51 -19.07
CA LEU A 255 -16.56 -29.64 -19.13
C LEU A 255 -17.19 -28.89 -17.98
N GLY A 256 -18.43 -28.43 -18.20
CA GLY A 256 -19.16 -27.63 -17.24
C GLY A 256 -20.60 -27.53 -17.64
N LYS A 257 -21.24 -26.43 -17.21
CA LYS A 257 -22.63 -26.07 -17.54
C LYS A 257 -23.64 -27.24 -17.57
N ALA A 258 -23.68 -27.95 -18.71
CA ALA A 258 -24.67 -29.00 -18.96
C ALA A 258 -24.35 -30.29 -18.19
N LEU A 259 -23.13 -30.36 -17.64
CA LEU A 259 -22.69 -31.49 -16.83
C LEU A 259 -23.63 -31.74 -15.65
N SER A 260 -24.35 -30.70 -15.23
CA SER A 260 -25.35 -30.77 -14.16
C SER A 260 -26.82 -30.66 -14.61
N GLY A 261 -27.06 -30.02 -15.75
CA GLY A 261 -28.42 -29.77 -16.26
C GLY A 261 -29.06 -28.55 -15.62
N GLY A 262 -28.25 -27.66 -15.05
CA GLY A 262 -28.71 -26.43 -14.44
C GLY A 262 -29.06 -26.53 -12.95
N LEU A 263 -28.99 -27.74 -12.41
CA LEU A 263 -29.42 -28.04 -11.05
C LEU A 263 -28.34 -27.89 -9.98
N TYR A 264 -27.08 -27.69 -10.41
CA TYR A 264 -25.90 -27.65 -9.51
C TYR A 264 -24.65 -27.20 -10.29
N PRO A 265 -23.77 -26.35 -9.70
CA PRO A 265 -22.48 -26.01 -10.30
C PRO A 265 -21.47 -27.16 -10.28
N VAL A 266 -21.28 -27.82 -11.42
CA VAL A 266 -20.36 -28.91 -11.58
C VAL A 266 -19.52 -28.63 -12.83
N SER A 267 -18.20 -28.71 -12.67
CA SER A 267 -17.26 -28.66 -13.80
C SER A 267 -16.28 -29.82 -13.63
N ALA A 268 -15.61 -30.19 -14.72
CA ALA A 268 -14.69 -31.30 -14.75
C ALA A 268 -13.48 -30.98 -15.63
N VAL A 269 -12.31 -31.52 -15.25
CA VAL A 269 -11.08 -31.44 -16.04
C VAL A 269 -10.60 -32.85 -16.32
N LEU A 270 -10.64 -33.24 -17.61
CA LEU A 270 -10.30 -34.58 -18.05
C LEU A 270 -8.94 -34.64 -18.72
N CYS A 271 -8.02 -35.45 -18.18
CA CYS A 271 -6.76 -35.76 -18.85
C CYS A 271 -6.16 -37.09 -18.40
N ASP A 272 -5.14 -37.56 -19.13
CA ASP A 272 -4.44 -38.81 -18.84
C ASP A 272 -3.42 -38.67 -17.72
N ASP A 273 -2.90 -39.82 -17.25
CA ASP A 273 -2.07 -39.94 -16.05
C ASP A 273 -0.79 -39.13 -16.06
N ASP A 274 -0.09 -39.11 -17.20
CA ASP A 274 1.19 -38.41 -17.29
C ASP A 274 1.05 -36.90 -17.05
N ILE A 275 -0.16 -36.36 -17.31
CA ILE A 275 -0.45 -34.95 -17.04
C ILE A 275 -1.10 -34.77 -15.66
N MET A 276 -2.14 -35.56 -15.39
CA MET A 276 -2.95 -35.39 -14.19
C MET A 276 -2.12 -35.59 -12.91
N LEU A 277 -1.26 -36.62 -12.90
CA LEU A 277 -0.54 -37.00 -11.69
C LEU A 277 0.67 -36.13 -11.33
N THR A 278 0.89 -35.06 -12.11
CA THR A 278 1.88 -34.04 -11.81
C THR A 278 1.45 -33.24 -10.57
N ILE A 279 0.16 -33.34 -10.20
CA ILE A 279 -0.41 -32.70 -9.02
C ILE A 279 -0.54 -33.73 -7.88
N LYS A 280 0.33 -33.61 -6.87
CA LYS A 280 0.36 -34.51 -5.72
C LYS A 280 -0.71 -34.15 -4.70
N PRO A 281 -1.03 -35.06 -3.75
CA PRO A 281 -1.97 -34.74 -2.67
C PRO A 281 -1.71 -33.43 -1.91
N GLY A 282 -2.76 -32.66 -1.63
CA GLY A 282 -2.70 -31.42 -0.88
C GLY A 282 -2.44 -30.17 -1.73
N GLU A 283 -2.08 -30.33 -3.01
CA GLU A 283 -1.63 -29.23 -3.85
C GLU A 283 -2.71 -28.56 -4.70
N HIS A 284 -3.96 -29.05 -4.63
CA HIS A 284 -5.08 -28.44 -5.36
C HIS A 284 -6.40 -29.07 -4.94
N GLY A 285 -7.47 -28.28 -5.02
CA GLY A 285 -8.80 -28.69 -4.69
C GLY A 285 -9.78 -27.55 -4.50
N SER A 286 -10.84 -27.82 -3.73
CA SER A 286 -12.01 -26.94 -3.65
C SER A 286 -12.99 -27.59 -2.69
N THR A 287 -13.58 -26.77 -1.80
CA THR A 287 -14.47 -27.30 -0.77
C THR A 287 -15.57 -28.19 -1.36
N TYR A 288 -16.27 -27.71 -2.39
CA TYR A 288 -17.48 -28.37 -2.94
C TYR A 288 -17.15 -29.28 -4.14
N GLY A 289 -15.89 -29.30 -4.58
CA GLY A 289 -15.46 -30.09 -5.72
C GLY A 289 -15.52 -31.55 -5.41
N GLY A 290 -16.34 -32.28 -6.19
CA GLY A 290 -16.52 -33.72 -6.06
C GLY A 290 -17.54 -34.15 -5.04
N ASN A 291 -18.37 -33.20 -4.52
CA ASN A 291 -19.31 -33.52 -3.45
C ASN A 291 -20.37 -34.52 -3.90
N PRO A 292 -20.98 -35.30 -2.97
CA PRO A 292 -21.89 -36.39 -3.37
C PRO A 292 -23.10 -35.90 -4.18
N LEU A 293 -23.65 -34.74 -3.81
CA LEU A 293 -24.84 -34.19 -4.44
C LEU A 293 -24.61 -33.78 -5.89
N GLY A 294 -23.47 -33.14 -6.15
CA GLY A 294 -23.13 -32.67 -7.49
C GLY A 294 -22.86 -33.83 -8.43
N CYS A 295 -22.15 -34.86 -7.92
CA CYS A 295 -21.81 -36.05 -8.68
C CYS A 295 -23.05 -36.86 -9.12
N ARG A 296 -24.04 -36.96 -8.23
CA ARG A 296 -25.31 -37.68 -8.50
C ARG A 296 -26.07 -36.96 -9.63
N VAL A 297 -26.23 -35.64 -9.51
CA VAL A 297 -26.84 -34.83 -10.58
C VAL A 297 -26.10 -35.02 -11.89
N ALA A 298 -24.76 -35.03 -11.83
CA ALA A 298 -23.92 -35.14 -13.01
C ALA A 298 -24.10 -36.46 -13.75
N ILE A 299 -24.12 -37.57 -13.01
CA ILE A 299 -24.36 -38.88 -13.59
C ILE A 299 -25.69 -38.85 -14.34
N ALA A 300 -26.77 -38.50 -13.62
CA ALA A 300 -28.11 -38.36 -14.21
C ALA A 300 -28.12 -37.46 -15.44
N ALA A 301 -27.44 -36.31 -15.35
CA ALA A 301 -27.42 -35.31 -16.40
C ALA A 301 -26.74 -35.84 -17.67
N LEU A 302 -25.69 -36.66 -17.49
CA LEU A 302 -24.96 -37.29 -18.61
C LEU A 302 -25.77 -38.44 -19.22
N GLU A 303 -26.55 -39.12 -18.38
CA GLU A 303 -27.42 -40.20 -18.82
C GLU A 303 -28.51 -39.70 -19.78
N VAL A 304 -29.17 -38.58 -19.40
CA VAL A 304 -30.15 -37.92 -20.26
C VAL A 304 -29.61 -37.65 -21.68
N LEU A 305 -28.41 -37.08 -21.76
CA LEU A 305 -27.76 -36.72 -23.03
C LEU A 305 -27.56 -37.90 -23.97
N GLU A 306 -27.17 -39.04 -23.38
CA GLU A 306 -26.87 -40.26 -24.13
C GLU A 306 -28.16 -40.94 -24.56
N GLU A 307 -29.06 -41.17 -23.60
CA GLU A 307 -30.23 -42.00 -23.81
C GLU A 307 -31.37 -41.30 -24.55
N GLU A 308 -31.33 -39.97 -24.61
CA GLU A 308 -32.26 -39.20 -25.45
C GLU A 308 -31.62 -38.73 -26.76
N ASN A 309 -30.44 -39.27 -27.11
CA ASN A 309 -29.74 -38.97 -28.35
C ASN A 309 -29.80 -37.51 -28.73
N LEU A 310 -29.44 -36.63 -27.78
CA LEU A 310 -29.66 -35.19 -27.93
C LEU A 310 -28.68 -34.54 -28.89
N ALA A 311 -27.53 -35.17 -29.10
CA ALA A 311 -26.53 -34.73 -30.05
C ALA A 311 -27.10 -34.85 -31.47
N GLU A 312 -27.61 -36.06 -31.77
CA GLU A 312 -28.19 -36.38 -33.04
C GLU A 312 -29.39 -35.46 -33.34
N ASN A 313 -30.18 -35.15 -32.31
CA ASN A 313 -31.30 -34.21 -32.42
C ASN A 313 -30.82 -32.81 -32.73
N ALA A 314 -29.77 -32.40 -32.00
CA ALA A 314 -29.19 -31.07 -32.10
C ALA A 314 -28.61 -30.79 -33.48
N ASP A 315 -27.88 -31.76 -34.00
CA ASP A 315 -27.29 -31.70 -35.33
C ASP A 315 -28.36 -31.44 -36.40
N LYS A 316 -29.39 -32.29 -36.46
CA LYS A 316 -30.46 -32.19 -37.45
C LYS A 316 -31.28 -30.90 -37.35
N LEU A 317 -31.64 -30.51 -36.13
CA LEU A 317 -32.46 -29.32 -35.91
C LEU A 317 -31.65 -28.04 -36.15
N GLY A 318 -30.36 -28.10 -35.86
CA GLY A 318 -29.40 -27.05 -36.18
C GLY A 318 -29.44 -26.64 -37.63
N ILE A 319 -29.41 -27.64 -38.52
CA ILE A 319 -29.47 -27.44 -39.97
C ILE A 319 -30.75 -26.69 -40.36
N ILE A 320 -31.88 -27.13 -39.82
CA ILE A 320 -33.16 -26.49 -40.10
C ILE A 320 -33.11 -25.02 -39.66
N LEU A 321 -32.75 -24.79 -38.40
CA LEU A 321 -32.68 -23.45 -37.83
C LEU A 321 -31.86 -22.51 -38.73
N ARG A 322 -30.63 -22.91 -39.06
CA ARG A 322 -29.69 -22.11 -39.89
C ARG A 322 -30.30 -21.88 -41.28
N ASN A 323 -30.77 -22.92 -41.96
CA ASN A 323 -31.39 -22.78 -43.29
C ASN A 323 -32.52 -21.75 -43.33
N GLU A 324 -33.33 -21.72 -42.26
CA GLU A 324 -34.43 -20.77 -42.14
C GLU A 324 -33.93 -19.34 -41.89
N LEU A 325 -32.96 -19.19 -40.98
CA LEU A 325 -32.37 -17.90 -40.64
C LEU A 325 -31.67 -17.23 -41.84
N MET A 326 -31.13 -18.04 -42.75
CA MET A 326 -30.47 -17.55 -43.95
C MET A 326 -31.45 -16.97 -44.98
N LYS A 327 -32.74 -17.30 -44.84
CA LYS A 327 -33.81 -16.79 -45.71
C LYS A 327 -34.26 -15.37 -45.34
N LEU A 328 -33.87 -14.91 -44.14
CA LEU A 328 -34.10 -13.53 -43.70
C LEU A 328 -33.32 -12.58 -44.61
N PRO A 329 -33.71 -11.29 -44.71
CA PRO A 329 -33.11 -10.40 -45.70
C PRO A 329 -31.69 -9.98 -45.29
N SER A 330 -30.76 -9.99 -46.25
CA SER A 330 -29.36 -9.63 -46.02
C SER A 330 -29.16 -8.20 -45.48
N ASP A 331 -30.13 -7.32 -45.73
CA ASP A 331 -30.12 -5.94 -45.29
C ASP A 331 -30.24 -5.77 -43.75
N VAL A 332 -30.77 -6.79 -43.07
CA VAL A 332 -31.12 -6.74 -41.65
C VAL A 332 -30.18 -7.71 -40.87
N VAL A 333 -30.13 -8.97 -41.35
CA VAL A 333 -29.28 -10.02 -40.80
C VAL A 333 -28.11 -10.26 -41.75
N THR A 334 -26.93 -9.76 -41.35
CA THR A 334 -25.71 -9.78 -42.16
C THR A 334 -24.96 -11.11 -42.11
N ALA A 335 -25.20 -11.91 -41.07
CA ALA A 335 -24.54 -13.23 -40.93
C ALA A 335 -25.35 -14.23 -40.13
N VAL A 336 -25.26 -15.50 -40.55
CA VAL A 336 -25.76 -16.65 -39.78
C VAL A 336 -24.61 -17.64 -39.67
N ARG A 337 -24.35 -18.15 -38.47
CA ARG A 337 -23.25 -19.12 -38.20
C ARG A 337 -23.61 -19.98 -36.99
N GLY A 338 -23.03 -21.18 -36.93
CA GLY A 338 -23.22 -22.10 -35.84
C GLY A 338 -22.92 -23.54 -36.20
N LYS A 339 -22.94 -24.40 -35.16
CA LYS A 339 -22.90 -25.84 -35.30
C LYS A 339 -23.92 -26.35 -34.32
N GLY A 340 -24.68 -27.37 -34.72
CA GLY A 340 -25.80 -27.90 -33.94
C GLY A 340 -26.72 -26.77 -33.53
N LEU A 341 -27.01 -26.71 -32.22
CA LEU A 341 -27.95 -25.73 -31.67
C LEU A 341 -27.23 -24.58 -30.94
N LEU A 342 -25.98 -24.31 -31.36
CA LEU A 342 -25.23 -23.15 -30.92
C LEU A 342 -25.03 -22.28 -32.14
N ASN A 343 -26.02 -21.43 -32.42
CA ASN A 343 -25.98 -20.52 -33.55
C ASN A 343 -26.15 -19.08 -33.07
N ALA A 344 -25.97 -18.16 -34.03
CA ALA A 344 -26.09 -16.74 -33.79
C ALA A 344 -26.41 -16.02 -35.09
N ILE A 345 -26.90 -14.79 -34.97
CA ILE A 345 -27.03 -13.89 -36.10
C ILE A 345 -26.48 -12.51 -35.74
N VAL A 346 -25.94 -11.81 -36.74
CA VAL A 346 -25.46 -10.46 -36.59
C VAL A 346 -26.48 -9.55 -37.26
N ILE A 347 -26.87 -8.48 -36.56
CA ILE A 347 -27.88 -7.55 -37.00
C ILE A 347 -27.12 -6.27 -37.34
N LYS A 348 -27.52 -5.62 -38.44
CA LYS A 348 -26.92 -4.35 -38.85
C LYS A 348 -27.49 -3.26 -37.95
N GLU A 349 -26.65 -2.73 -37.06
CA GLU A 349 -26.97 -1.61 -36.22
C GLU A 349 -27.24 -0.32 -37.03
N THR A 350 -28.49 0.15 -37.00
CA THR A 350 -28.83 1.43 -37.60
C THR A 350 -29.77 2.21 -36.71
N LYS A 351 -30.16 3.40 -37.18
CA LYS A 351 -30.96 4.36 -36.43
C LYS A 351 -32.40 3.87 -36.15
N ASP A 352 -32.83 2.81 -36.83
CA ASP A 352 -34.16 2.23 -36.64
C ASP A 352 -34.18 0.92 -35.83
N TRP A 353 -33.00 0.34 -35.58
CA TRP A 353 -32.89 -0.90 -34.82
C TRP A 353 -31.45 -1.31 -34.46
N ASP A 354 -31.33 -2.12 -33.40
CA ASP A 354 -30.12 -2.83 -33.04
C ASP A 354 -30.50 -4.17 -32.40
N ALA A 355 -29.49 -4.96 -31.97
CA ALA A 355 -29.74 -6.28 -31.40
C ALA A 355 -30.55 -6.24 -30.10
N TRP A 356 -30.33 -5.19 -29.29
CA TRP A 356 -31.00 -5.04 -28.02
C TRP A 356 -32.49 -4.86 -28.27
N LYS A 357 -32.82 -3.89 -29.12
CA LYS A 357 -34.21 -3.64 -29.54
C LYS A 357 -34.90 -4.88 -30.08
N VAL A 358 -34.21 -5.63 -30.93
CA VAL A 358 -34.73 -6.88 -31.48
C VAL A 358 -35.10 -7.84 -30.35
N CYS A 359 -34.17 -8.05 -29.42
CA CYS A 359 -34.36 -8.97 -28.32
C CYS A 359 -35.47 -8.57 -27.39
N LEU A 360 -35.69 -7.26 -27.26
CA LEU A 360 -36.85 -6.72 -26.54
C LEU A 360 -38.15 -7.14 -27.23
N ARG A 361 -38.18 -7.04 -28.56
CA ARG A 361 -39.39 -7.37 -29.37
C ARG A 361 -39.60 -8.89 -29.43
N LEU A 362 -38.52 -9.66 -29.45
CA LEU A 362 -38.59 -11.12 -29.39
C LEU A 362 -39.28 -11.54 -28.10
N ARG A 363 -38.93 -10.88 -27.00
CA ARG A 363 -39.51 -11.08 -25.64
C ARG A 363 -41.03 -10.81 -25.70
N ASP A 364 -41.42 -9.71 -26.34
CA ASP A 364 -42.83 -9.36 -26.52
C ASP A 364 -43.62 -10.33 -27.39
N ASN A 365 -42.90 -11.12 -28.21
CA ASN A 365 -43.52 -12.17 -29.03
C ASN A 365 -43.29 -13.59 -28.48
N GLY A 366 -42.84 -13.70 -27.23
CA GLY A 366 -42.69 -14.96 -26.54
C GLY A 366 -41.44 -15.76 -26.85
N LEU A 367 -40.31 -15.07 -27.14
CA LEU A 367 -39.01 -15.70 -27.28
C LEU A 367 -37.95 -14.92 -26.50
N LEU A 368 -37.11 -15.65 -25.75
CA LEU A 368 -36.02 -15.08 -24.94
C LEU A 368 -34.63 -15.39 -25.50
N ALA A 369 -33.90 -14.32 -25.82
CA ALA A 369 -32.53 -14.37 -26.32
C ALA A 369 -31.87 -13.03 -25.96
N LYS A 370 -30.55 -13.04 -25.79
CA LYS A 370 -29.81 -11.85 -25.41
C LYS A 370 -28.70 -11.55 -26.42
N PRO A 371 -28.42 -10.26 -26.73
CA PRO A 371 -27.28 -9.90 -27.55
C PRO A 371 -25.97 -9.99 -26.76
N THR A 372 -24.87 -10.32 -27.45
CA THR A 372 -23.57 -10.55 -26.79
C THR A 372 -22.49 -9.50 -27.14
N HIS A 373 -22.78 -8.62 -28.09
CA HIS A 373 -21.93 -7.45 -28.36
C HIS A 373 -22.64 -6.16 -28.79
N GLY A 374 -23.90 -6.27 -29.22
CA GLY A 374 -24.68 -5.12 -29.64
C GLY A 374 -25.23 -5.30 -31.04
N ASP A 375 -24.60 -6.20 -31.80
CA ASP A 375 -25.08 -6.63 -33.11
C ASP A 375 -25.36 -8.14 -33.20
N ILE A 376 -24.93 -8.92 -32.19
CA ILE A 376 -25.01 -10.37 -32.24
C ILE A 376 -26.06 -10.95 -31.27
N ILE A 377 -27.10 -11.58 -31.82
CA ILE A 377 -28.10 -12.30 -31.04
C ILE A 377 -27.86 -13.80 -31.15
N ARG A 378 -27.84 -14.47 -30.00
CA ARG A 378 -27.50 -15.92 -29.87
C ARG A 378 -28.78 -16.74 -29.84
N PHE A 379 -28.81 -17.85 -30.58
CA PHE A 379 -29.96 -18.72 -30.68
C PHE A 379 -29.57 -20.13 -30.27
N ALA A 380 -29.76 -20.42 -28.98
CA ALA A 380 -29.33 -21.65 -28.34
C ALA A 380 -30.46 -22.24 -27.50
N PRO A 381 -31.46 -22.90 -28.12
CA PRO A 381 -32.52 -23.57 -27.37
C PRO A 381 -32.06 -24.84 -26.68
N PRO A 382 -32.77 -25.37 -25.66
CA PRO A 382 -32.44 -26.67 -25.08
C PRO A 382 -32.54 -27.78 -26.12
N LEU A 383 -31.72 -28.85 -25.96
CA LEU A 383 -31.59 -29.88 -26.97
C LEU A 383 -32.75 -30.89 -27.00
N VAL A 384 -33.63 -30.83 -25.99
CA VAL A 384 -34.83 -31.66 -25.93
C VAL A 384 -35.99 -31.09 -26.77
N ILE A 385 -35.73 -29.97 -27.47
CA ILE A 385 -36.72 -29.33 -28.33
C ILE A 385 -36.94 -30.21 -29.56
N LYS A 386 -38.21 -30.28 -30.00
CA LYS A 386 -38.64 -31.08 -31.17
C LYS A 386 -38.95 -30.19 -32.37
N GLU A 387 -39.08 -30.81 -33.54
CA GLU A 387 -39.12 -30.11 -34.81
C GLU A 387 -40.25 -29.08 -34.95
N ASP A 388 -41.45 -29.42 -34.48
CA ASP A 388 -42.59 -28.50 -34.53
C ASP A 388 -42.35 -27.28 -33.64
N GLU A 389 -41.99 -27.53 -32.37
CA GLU A 389 -41.65 -26.46 -31.42
C GLU A 389 -40.63 -25.49 -32.01
N LEU A 390 -39.57 -26.03 -32.63
CA LEU A 390 -38.51 -25.23 -33.26
C LEU A 390 -39.08 -24.35 -34.36
N ARG A 391 -40.03 -24.92 -35.13
CA ARG A 391 -40.67 -24.24 -36.29
C ARG A 391 -41.65 -23.17 -35.81
N GLU A 392 -42.18 -23.29 -34.59
CA GLU A 392 -43.00 -22.22 -34.00
C GLU A 392 -42.11 -21.05 -33.62
N SER A 393 -40.97 -21.34 -32.98
CA SER A 393 -39.96 -20.35 -32.60
C SER A 393 -39.40 -19.56 -33.79
N ILE A 394 -39.10 -20.28 -34.87
CA ILE A 394 -38.62 -19.68 -36.10
C ILE A 394 -39.60 -18.65 -36.64
N GLU A 395 -40.90 -18.99 -36.62
CA GLU A 395 -41.95 -18.07 -37.03
C GLU A 395 -41.95 -16.81 -36.14
N ILE A 396 -41.68 -16.99 -34.84
CA ILE A 396 -41.54 -15.87 -33.91
C ILE A 396 -40.33 -14.97 -34.26
N ILE A 397 -39.23 -15.60 -34.69
CA ILE A 397 -38.03 -14.88 -35.11
C ILE A 397 -38.31 -14.07 -36.39
N ASN A 398 -38.77 -14.76 -37.43
CA ASN A 398 -39.12 -14.12 -38.70
C ASN A 398 -40.04 -12.92 -38.49
N LYS A 399 -41.15 -13.15 -37.79
CA LYS A 399 -42.13 -12.11 -37.47
C LYS A 399 -41.47 -10.88 -36.86
N THR A 400 -40.64 -11.10 -35.85
CA THR A 400 -39.99 -10.03 -35.10
C THR A 400 -38.98 -9.25 -35.94
N ILE A 401 -38.14 -9.98 -36.70
CA ILE A 401 -37.13 -9.36 -37.57
C ILE A 401 -37.77 -8.52 -38.68
N LEU A 402 -38.89 -9.01 -39.23
CA LEU A 402 -39.55 -8.36 -40.37
C LEU A 402 -40.46 -7.20 -39.98
N SER A 403 -40.73 -7.04 -38.67
CA SER A 403 -41.63 -6.02 -38.16
C SER A 403 -41.03 -4.63 -38.05
N PHE A 404 -39.70 -4.54 -38.15
CA PHE A 404 -38.99 -3.25 -38.05
C PHE A 404 -39.01 -2.50 -39.37
N GLY B 1 -21.16 -50.40 -9.30
CA GLY B 1 -21.12 -49.86 -7.91
C GLY B 1 -20.64 -50.87 -6.88
N PRO B 2 -19.30 -50.97 -6.64
CA PRO B 2 -18.76 -51.69 -5.47
C PRO B 2 -19.17 -51.09 -4.12
N PRO B 3 -19.83 -51.85 -3.23
CA PRO B 3 -20.33 -51.31 -1.97
C PRO B 3 -19.32 -51.13 -0.83
N THR B 4 -18.16 -51.80 -0.85
CA THR B 4 -17.21 -51.76 0.28
C THR B 4 -16.19 -50.61 0.28
N SER B 5 -15.75 -50.23 1.48
CA SER B 5 -14.93 -49.05 1.73
C SER B 5 -13.60 -49.03 0.98
N ASP B 6 -12.90 -50.17 0.99
CA ASP B 6 -11.64 -50.34 0.27
C ASP B 6 -11.84 -50.21 -1.26
N ASP B 7 -13.01 -50.64 -1.77
CA ASP B 7 -13.35 -50.55 -3.17
C ASP B 7 -13.64 -49.11 -3.59
N ILE B 8 -14.16 -48.31 -2.66
CA ILE B 8 -14.39 -46.89 -2.87
C ILE B 8 -13.06 -46.14 -3.00
N PHE B 9 -12.07 -46.53 -2.18
CA PHE B 9 -10.74 -45.90 -2.20
C PHE B 9 -10.07 -46.20 -3.53
N GLU B 10 -9.93 -47.49 -3.85
CA GLU B 10 -9.20 -47.96 -5.03
C GLU B 10 -9.85 -47.53 -6.37
N ARG B 11 -11.17 -47.32 -6.37
CA ARG B 11 -11.93 -46.85 -7.57
C ARG B 11 -11.61 -45.37 -7.77
N GLU B 12 -11.64 -44.56 -6.70
CA GLU B 12 -11.22 -43.16 -6.74
C GLU B 12 -9.75 -42.97 -7.10
N TYR B 13 -8.91 -43.94 -6.72
CA TYR B 13 -7.45 -43.96 -6.99
C TYR B 13 -7.21 -44.15 -8.50
N LYS B 14 -7.99 -45.03 -9.14
CA LYS B 14 -7.79 -45.36 -10.54
C LYS B 14 -8.29 -44.26 -11.48
N TYR B 15 -9.52 -43.78 -11.25
CA TYR B 15 -10.28 -42.95 -12.21
C TYR B 15 -10.31 -41.47 -11.76
N GLY B 16 -9.87 -41.17 -10.54
CA GLY B 16 -9.87 -39.80 -10.03
C GLY B 16 -8.48 -39.25 -9.79
N ALA B 17 -8.36 -37.92 -9.77
CA ALA B 17 -7.08 -37.26 -9.57
C ALA B 17 -6.62 -37.44 -8.14
N HIS B 18 -5.29 -37.46 -7.93
CA HIS B 18 -4.67 -37.66 -6.62
C HIS B 18 -4.29 -36.31 -6.00
N ASN B 19 -5.23 -35.34 -6.00
CA ASN B 19 -4.99 -34.00 -5.46
C ASN B 19 -5.39 -33.82 -3.99
N TYR B 20 -5.94 -34.88 -3.40
CA TYR B 20 -6.26 -35.01 -1.96
C TYR B 20 -5.67 -36.30 -1.39
N HIS B 21 -5.34 -36.29 -0.10
CA HIS B 21 -5.02 -37.51 0.65
C HIS B 21 -5.97 -37.57 1.83
N PRO B 22 -7.24 -37.98 1.63
CA PRO B 22 -8.23 -37.95 2.70
C PRO B 22 -8.00 -39.02 3.78
N LEU B 23 -8.62 -38.82 4.95
CA LEU B 23 -8.63 -39.81 6.02
C LEU B 23 -9.39 -41.02 5.48
N PRO B 24 -8.78 -42.23 5.47
CA PRO B 24 -9.46 -43.42 4.92
C PRO B 24 -10.78 -43.71 5.64
N VAL B 25 -11.88 -43.15 5.13
CA VAL B 25 -13.23 -43.39 5.64
C VAL B 25 -14.23 -43.02 4.56
N ALA B 26 -15.01 -44.02 4.11
CA ALA B 26 -15.96 -43.86 3.00
C ALA B 26 -17.37 -43.65 3.54
N LEU B 27 -17.86 -42.39 3.48
CA LEU B 27 -19.15 -42.01 4.05
C LEU B 27 -20.28 -42.12 3.03
N GLU B 28 -21.46 -42.53 3.50
CA GLU B 28 -22.62 -42.84 2.68
C GLU B 28 -23.88 -42.08 3.10
N ARG B 29 -24.00 -41.76 4.39
CA ARG B 29 -25.14 -41.01 4.97
C ARG B 29 -24.62 -39.93 5.90
N GLY B 30 -25.40 -38.84 6.04
CA GLY B 30 -25.12 -37.78 6.99
C GLY B 30 -26.40 -37.15 7.47
N LYS B 31 -26.49 -36.89 8.78
CA LYS B 31 -27.64 -36.22 9.39
C LYS B 31 -27.22 -35.57 10.70
N GLY B 32 -27.59 -34.28 10.85
CA GLY B 32 -27.15 -33.44 11.95
C GLY B 32 -25.65 -33.50 12.14
N ILE B 33 -25.22 -34.06 13.27
CA ILE B 33 -23.84 -34.08 13.72
C ILE B 33 -23.14 -35.40 13.39
N TYR B 34 -23.91 -36.33 12.81
CA TYR B 34 -23.53 -37.76 12.64
C TYR B 34 -23.28 -38.05 11.16
N LEU B 35 -22.30 -38.93 10.90
CA LEU B 35 -21.98 -39.44 9.58
C LEU B 35 -21.90 -40.97 9.72
N TRP B 36 -22.37 -41.66 8.67
CA TRP B 36 -22.33 -43.13 8.64
C TRP B 36 -21.53 -43.56 7.45
N ASP B 37 -20.75 -44.63 7.62
CA ASP B 37 -19.97 -45.18 6.52
C ASP B 37 -20.72 -46.35 5.87
N VAL B 38 -20.19 -46.80 4.72
CA VAL B 38 -20.84 -47.82 3.90
C VAL B 38 -20.94 -49.22 4.52
N GLU B 39 -20.17 -49.49 5.58
CA GLU B 39 -20.37 -50.69 6.41
C GLU B 39 -21.28 -50.42 7.64
N GLY B 40 -21.89 -49.24 7.68
CA GLY B 40 -22.90 -48.88 8.66
C GLY B 40 -22.38 -48.36 9.99
N ARG B 41 -21.06 -48.12 10.09
CA ARG B 41 -20.41 -47.55 11.31
C ARG B 41 -20.85 -46.09 11.45
N LYS B 42 -20.84 -45.56 12.67
CA LYS B 42 -21.36 -44.24 13.00
C LYS B 42 -20.26 -43.40 13.62
N TYR B 43 -20.18 -42.13 13.22
CA TYR B 43 -19.10 -41.18 13.59
C TYR B 43 -19.71 -39.81 13.93
N PHE B 44 -19.25 -39.17 15.01
CA PHE B 44 -19.44 -37.74 15.20
C PHE B 44 -18.56 -37.06 14.13
N ASP B 45 -19.10 -36.01 13.49
CA ASP B 45 -18.33 -35.15 12.60
C ASP B 45 -17.79 -33.94 13.35
N PHE B 46 -16.45 -33.86 13.47
CA PHE B 46 -15.76 -32.75 14.12
C PHE B 46 -14.94 -31.93 13.13
N LEU B 47 -15.40 -31.90 11.88
CA LEU B 47 -14.85 -31.02 10.85
C LEU B 47 -15.92 -30.08 10.27
N SER B 48 -17.17 -30.54 10.23
CA SER B 48 -18.30 -29.81 9.66
C SER B 48 -18.01 -29.25 8.26
N SER B 49 -17.30 -30.04 7.44
CA SER B 49 -16.82 -29.64 6.12
C SER B 49 -16.27 -28.22 6.15
N TYR B 50 -15.27 -28.02 7.02
CA TYR B 50 -14.57 -26.73 7.27
C TYR B 50 -15.62 -25.62 7.51
N SER B 51 -16.72 -25.96 8.19
CA SER B 51 -17.80 -25.04 8.58
C SER B 51 -18.98 -24.90 7.62
N ALA B 52 -18.99 -25.71 6.55
CA ALA B 52 -20.08 -25.68 5.56
C ALA B 52 -21.40 -26.23 6.09
N VAL B 53 -21.33 -27.15 7.06
CA VAL B 53 -22.52 -27.73 7.69
C VAL B 53 -22.67 -27.30 9.15
N ASN B 54 -22.66 -25.98 9.39
CA ASN B 54 -22.93 -25.44 10.73
C ASN B 54 -24.28 -25.92 11.24
N GLN B 55 -25.22 -26.07 10.31
CA GLN B 55 -26.61 -26.44 10.60
C GLN B 55 -26.81 -27.96 10.70
N GLY B 56 -25.72 -28.72 10.64
CA GLY B 56 -25.75 -30.16 10.62
C GLY B 56 -26.06 -30.63 9.22
N HIS B 57 -25.72 -31.87 8.90
CA HIS B 57 -25.92 -32.42 7.57
C HIS B 57 -27.38 -32.53 7.27
N CYS B 58 -27.75 -32.18 6.01
CA CYS B 58 -29.13 -32.34 5.51
C CYS B 58 -30.19 -31.78 6.46
N HIS B 59 -29.92 -30.62 7.07
CA HIS B 59 -30.91 -29.96 7.92
C HIS B 59 -32.26 -29.91 7.21
N PRO B 60 -33.34 -30.48 7.78
CA PRO B 60 -34.63 -30.61 7.09
C PRO B 60 -35.18 -29.33 6.44
N LYS B 61 -35.08 -28.18 7.11
CA LYS B 61 -35.63 -26.94 6.58
C LYS B 61 -34.87 -26.48 5.35
N ILE B 62 -33.56 -26.74 5.32
CA ILE B 62 -32.74 -26.38 4.16
C ILE B 62 -33.00 -27.38 3.04
N VAL B 63 -33.21 -28.66 3.40
CA VAL B 63 -33.55 -29.70 2.43
C VAL B 63 -34.86 -29.37 1.72
N ASN B 64 -35.89 -29.02 2.49
CA ASN B 64 -37.20 -28.69 1.93
C ASN B 64 -37.16 -27.48 0.98
N ALA B 65 -36.37 -26.47 1.34
CA ALA B 65 -36.17 -25.29 0.51
C ALA B 65 -35.62 -25.67 -0.87
N LEU B 66 -34.64 -26.58 -0.87
CA LEU B 66 -34.05 -27.13 -2.09
C LEU B 66 -35.10 -27.92 -2.88
N LYS B 67 -35.79 -28.83 -2.20
CA LYS B 67 -36.81 -29.68 -2.81
C LYS B 67 -37.96 -28.91 -3.44
N SER B 68 -38.32 -27.77 -2.82
CA SER B 68 -39.41 -26.92 -3.27
C SER B 68 -39.06 -26.17 -4.55
N GLN B 69 -37.83 -25.64 -4.61
CA GLN B 69 -37.43 -24.74 -5.68
C GLN B 69 -37.00 -25.49 -6.94
N VAL B 70 -36.45 -26.70 -6.79
CA VAL B 70 -36.01 -27.51 -7.95
C VAL B 70 -37.15 -27.82 -8.90
N ASP B 71 -38.34 -28.02 -8.35
CA ASP B 71 -39.55 -28.26 -9.12
C ASP B 71 -40.06 -27.04 -9.89
N LYS B 72 -39.49 -25.86 -9.62
CA LYS B 72 -39.91 -24.58 -10.22
C LYS B 72 -38.93 -24.06 -11.24
N LEU B 73 -37.70 -23.77 -10.78
CA LEU B 73 -36.67 -23.12 -11.59
C LEU B 73 -35.34 -23.16 -10.84
N THR B 74 -34.26 -23.44 -11.56
CA THR B 74 -32.92 -23.64 -10.98
C THR B 74 -31.81 -22.74 -11.56
N LEU B 75 -31.98 -22.30 -12.82
CA LEU B 75 -31.00 -21.50 -13.53
C LEU B 75 -31.57 -20.84 -14.78
N THR B 76 -31.62 -19.50 -14.78
CA THR B 76 -31.90 -18.71 -15.97
C THR B 76 -30.64 -18.08 -16.57
N SER B 77 -29.53 -18.12 -15.82
CA SER B 77 -28.37 -17.26 -16.02
C SER B 77 -28.85 -15.84 -15.72
N ARG B 78 -27.89 -14.91 -15.56
CA ARG B 78 -28.17 -13.51 -15.19
C ARG B 78 -28.29 -12.65 -16.46
N ALA B 79 -28.49 -13.29 -17.62
CA ALA B 79 -28.93 -12.62 -18.84
C ALA B 79 -30.36 -12.09 -18.63
N PHE B 80 -31.09 -12.76 -17.74
CA PHE B 80 -32.41 -12.38 -17.31
C PHE B 80 -32.41 -12.24 -15.79
N TYR B 81 -33.51 -11.75 -15.22
CA TYR B 81 -33.78 -11.78 -13.75
C TYR B 81 -34.59 -13.04 -13.41
N ASN B 82 -34.43 -13.54 -12.20
CA ASN B 82 -35.30 -14.54 -11.60
C ASN B 82 -35.97 -13.91 -10.39
N ASN B 83 -37.03 -14.54 -9.89
CA ASN B 83 -37.86 -13.98 -8.81
C ASN B 83 -37.25 -14.05 -7.44
N VAL B 84 -36.28 -14.96 -7.25
CA VAL B 84 -35.74 -15.30 -5.93
C VAL B 84 -34.61 -14.39 -5.48
N LEU B 85 -33.68 -14.09 -6.40
CA LEU B 85 -32.42 -13.40 -6.07
C LEU B 85 -32.61 -12.16 -5.22
N GLY B 86 -33.45 -11.23 -5.71
CA GLY B 86 -33.67 -9.95 -5.05
C GLY B 86 -34.22 -10.09 -3.65
N GLU B 87 -34.97 -11.18 -3.41
CA GLU B 87 -35.49 -11.49 -2.09
C GLU B 87 -34.35 -11.83 -1.15
N TYR B 88 -33.48 -12.73 -1.59
CA TYR B 88 -32.22 -13.12 -0.90
C TYR B 88 -31.37 -11.88 -0.63
N GLU B 89 -31.18 -11.03 -1.64
CA GLU B 89 -30.37 -9.82 -1.52
C GLU B 89 -30.91 -8.87 -0.43
N GLU B 90 -32.24 -8.73 -0.36
CA GLU B 90 -32.87 -7.85 0.63
C GLU B 90 -32.63 -8.35 2.05
N TYR B 91 -32.68 -9.67 2.23
CA TYR B 91 -32.47 -10.37 3.52
C TYR B 91 -31.00 -10.24 3.97
N ILE B 92 -30.07 -10.73 3.16
CA ILE B 92 -28.65 -10.79 3.54
C ILE B 92 -28.08 -9.40 3.83
N THR B 93 -28.46 -8.41 3.04
CA THR B 93 -27.97 -7.05 3.20
C THR B 93 -28.50 -6.41 4.48
N LYS B 94 -29.79 -6.62 4.76
CA LYS B 94 -30.44 -6.06 5.96
C LYS B 94 -30.01 -6.77 7.23
N LEU B 95 -29.63 -8.04 7.09
CA LEU B 95 -29.14 -8.86 8.18
C LEU B 95 -27.80 -8.36 8.66
N PHE B 96 -26.88 -8.12 7.73
CA PHE B 96 -25.50 -7.73 8.03
C PHE B 96 -25.25 -6.22 7.97
N ASN B 97 -26.27 -5.47 7.51
CA ASN B 97 -26.25 -3.99 7.50
C ASN B 97 -25.18 -3.43 6.55
N TYR B 98 -25.25 -3.86 5.30
CA TYR B 98 -24.46 -3.33 4.15
C TYR B 98 -25.42 -3.01 3.02
N HIS B 99 -25.10 -2.01 2.18
CA HIS B 99 -25.99 -1.60 1.10
C HIS B 99 -26.32 -2.75 0.17
N LYS B 100 -25.29 -3.40 -0.35
CA LYS B 100 -25.43 -4.38 -1.44
C LYS B 100 -24.62 -5.63 -1.25
N VAL B 101 -25.03 -6.69 -1.97
CA VAL B 101 -24.33 -7.98 -1.97
C VAL B 101 -24.05 -8.36 -3.41
N LEU B 102 -22.92 -9.02 -3.66
CA LEU B 102 -22.61 -9.58 -4.98
C LEU B 102 -22.56 -11.10 -4.83
N PRO B 103 -23.50 -11.85 -5.45
CA PRO B 103 -23.56 -13.31 -5.25
C PRO B 103 -22.58 -14.07 -6.14
N MET B 104 -21.86 -15.03 -5.54
CA MET B 104 -20.96 -15.91 -6.27
C MET B 104 -21.20 -17.33 -5.76
N ASN B 105 -20.39 -18.28 -6.23
CA ASN B 105 -20.59 -19.69 -5.97
C ASN B 105 -19.70 -20.26 -4.89
N THR B 106 -18.40 -20.27 -5.16
CA THR B 106 -17.39 -20.86 -4.29
C THR B 106 -16.66 -19.76 -3.52
N GLY B 107 -15.93 -20.14 -2.48
CA GLY B 107 -15.22 -19.21 -1.61
C GLY B 107 -14.13 -18.41 -2.30
N VAL B 108 -13.32 -19.10 -3.14
CA VAL B 108 -12.29 -18.44 -3.94
C VAL B 108 -12.86 -17.29 -4.77
N GLU B 109 -14.04 -17.52 -5.35
CA GLU B 109 -14.72 -16.56 -6.21
C GLU B 109 -15.12 -15.29 -5.50
N ALA B 110 -15.45 -15.42 -4.21
CA ALA B 110 -15.76 -14.27 -3.37
C ALA B 110 -14.51 -13.46 -3.16
N GLY B 111 -13.40 -14.16 -2.87
CA GLY B 111 -12.10 -13.53 -2.75
C GLY B 111 -11.67 -12.80 -4.00
N GLU B 112 -11.71 -13.49 -5.14
CA GLU B 112 -11.39 -12.92 -6.45
C GLU B 112 -12.22 -11.67 -6.72
N THR B 113 -13.50 -11.69 -6.31
CA THR B 113 -14.40 -10.57 -6.50
C THR B 113 -13.99 -9.38 -5.64
N ALA B 114 -13.60 -9.67 -4.39
CA ALA B 114 -13.13 -8.64 -3.47
C ALA B 114 -11.85 -7.93 -3.94
N CYS B 115 -10.94 -8.68 -4.56
CA CYS B 115 -9.70 -8.12 -5.08
C CYS B 115 -10.00 -7.21 -6.26
N LYS B 116 -10.90 -7.66 -7.13
CA LYS B 116 -11.35 -6.87 -8.26
C LYS B 116 -11.96 -5.56 -7.82
N LEU B 117 -12.85 -5.62 -6.83
CA LEU B 117 -13.40 -4.41 -6.19
C LEU B 117 -12.33 -3.52 -5.58
N ALA B 118 -11.42 -4.13 -4.79
CA ALA B 118 -10.35 -3.40 -4.13
C ALA B 118 -9.60 -2.62 -5.12
N ARG B 119 -9.22 -3.30 -6.20
CA ARG B 119 -8.40 -2.70 -7.29
C ARG B 119 -9.22 -1.62 -7.98
N LYS B 120 -10.43 -1.95 -8.48
CA LYS B 120 -11.28 -0.98 -9.19
C LYS B 120 -11.47 0.32 -8.41
N TRP B 121 -11.77 0.17 -7.12
CA TRP B 121 -11.95 1.29 -6.21
C TRP B 121 -10.62 2.07 -6.06
N GLY B 122 -9.52 1.32 -5.97
CA GLY B 122 -8.20 1.88 -5.91
C GLY B 122 -7.91 2.86 -7.07
N TYR B 123 -8.22 2.42 -8.28
CA TYR B 123 -7.98 3.19 -9.53
C TYR B 123 -9.01 4.32 -9.67
N THR B 124 -10.29 4.02 -9.47
CA THR B 124 -11.37 4.97 -9.79
C THR B 124 -11.66 5.97 -8.67
N VAL B 125 -11.55 5.53 -7.41
CA VAL B 125 -11.88 6.36 -6.26
C VAL B 125 -10.65 6.94 -5.57
N LYS B 126 -9.63 6.12 -5.36
CA LYS B 126 -8.42 6.55 -4.67
C LYS B 126 -7.43 7.29 -5.58
N GLY B 127 -7.45 6.96 -6.89
CA GLY B 127 -6.69 7.66 -7.89
C GLY B 127 -5.27 7.13 -8.07
N ILE B 128 -5.09 5.84 -7.74
CA ILE B 128 -3.83 5.13 -7.90
C ILE B 128 -3.61 4.98 -9.38
N GLN B 129 -2.35 5.10 -9.82
CA GLN B 129 -2.04 4.99 -11.25
C GLN B 129 -2.27 3.57 -11.67
N LYS B 130 -2.81 3.40 -12.87
CA LYS B 130 -3.30 2.13 -13.34
C LYS B 130 -2.24 1.06 -13.39
N TYR B 131 -2.46 0.10 -12.49
CA TYR B 131 -1.94 -1.29 -12.40
C TYR B 131 -0.79 -1.30 -11.40
N LYS B 132 -0.68 -0.22 -10.61
CA LYS B 132 0.16 -0.17 -9.42
C LYS B 132 -0.55 -0.44 -8.10
N ALA B 133 -1.85 -0.67 -8.12
CA ALA B 133 -2.64 -0.93 -6.90
C ALA B 133 -2.22 -2.23 -6.25
N LYS B 134 -2.08 -2.22 -4.92
CA LYS B 134 -1.62 -3.39 -4.17
C LYS B 134 -2.63 -3.85 -3.14
N ILE B 135 -2.60 -5.16 -2.84
CA ILE B 135 -3.42 -5.76 -1.79
C ILE B 135 -2.46 -6.46 -0.84
N VAL B 136 -2.59 -6.16 0.45
CA VAL B 136 -1.84 -6.84 1.49
C VAL B 136 -2.65 -8.00 2.05
N PHE B 137 -1.96 -9.11 2.31
CA PHE B 137 -2.51 -10.31 2.97
C PHE B 137 -1.65 -10.60 4.16
N ALA B 138 -2.06 -11.61 4.95
CA ALA B 138 -1.30 -12.01 6.15
C ALA B 138 -0.72 -13.41 5.94
N ALA B 139 0.48 -13.63 6.47
CA ALA B 139 1.13 -14.93 6.36
C ALA B 139 0.25 -15.98 7.03
N GLY B 140 0.18 -17.16 6.43
CA GLY B 140 -0.74 -18.21 6.84
C GLY B 140 -2.14 -18.13 6.23
N ASN B 141 -2.44 -17.07 5.48
CA ASN B 141 -3.78 -16.92 4.90
C ASN B 141 -4.12 -18.07 3.96
N PHE B 142 -5.41 -18.31 3.79
CA PHE B 142 -5.89 -19.28 2.82
C PHE B 142 -7.24 -18.80 2.35
N TRP B 143 -7.39 -18.66 1.04
CA TRP B 143 -8.65 -18.24 0.50
C TRP B 143 -9.05 -18.83 -0.82
N GLY B 144 -8.48 -20.00 -1.14
CA GLY B 144 -8.77 -20.73 -2.36
C GLY B 144 -7.54 -21.18 -3.13
N ARG B 145 -7.76 -21.85 -4.28
CA ARG B 145 -6.71 -22.57 -5.04
C ARG B 145 -6.60 -22.01 -6.46
N THR B 146 -7.13 -20.80 -6.73
CA THR B 146 -6.84 -20.14 -8.00
C THR B 146 -5.36 -19.69 -8.03
N LEU B 147 -4.88 -19.36 -9.23
CA LEU B 147 -3.53 -18.83 -9.39
C LEU B 147 -3.30 -17.56 -8.55
N SER B 148 -4.36 -16.75 -8.37
CA SER B 148 -4.29 -15.55 -7.55
C SER B 148 -4.22 -15.90 -6.08
N ALA B 149 -5.13 -16.77 -5.63
CA ALA B 149 -5.16 -17.21 -4.25
C ALA B 149 -3.80 -17.73 -3.79
N ILE B 150 -3.23 -18.67 -4.57
CA ILE B 150 -1.93 -19.25 -4.24
C ILE B 150 -0.75 -18.29 -4.36
N SER B 151 -0.94 -17.17 -5.07
CA SER B 151 0.09 -16.13 -5.23
C SER B 151 0.31 -15.32 -3.94
N SER B 152 -0.63 -15.43 -2.99
CA SER B 152 -0.56 -14.74 -1.71
C SER B 152 -0.37 -15.70 -0.54
N SER B 153 0.02 -16.94 -0.87
CA SER B 153 0.16 -18.02 0.07
C SER B 153 1.60 -18.12 0.46
N THR B 154 1.82 -18.33 1.77
CA THR B 154 3.14 -18.62 2.31
C THR B 154 3.34 -20.10 2.47
N ASP B 155 2.39 -20.92 2.01
CA ASP B 155 2.49 -22.38 2.02
C ASP B 155 3.12 -22.91 0.74
N PRO B 156 4.35 -23.47 0.78
CA PRO B 156 5.00 -23.99 -0.42
C PRO B 156 4.15 -25.03 -1.19
N THR B 157 3.39 -25.88 -0.47
CA THR B 157 2.59 -26.91 -1.11
C THR B 157 1.54 -26.31 -2.09
N SER B 158 1.04 -25.11 -1.76
CA SER B 158 0.04 -24.44 -2.57
C SER B 158 0.53 -23.78 -3.85
N TYR B 159 1.72 -23.16 -3.80
CA TYR B 159 2.24 -22.32 -4.90
C TYR B 159 3.36 -23.02 -5.66
N ASP B 160 4.17 -23.87 -5.01
CA ASP B 160 5.35 -24.47 -5.67
C ASP B 160 4.86 -25.21 -6.92
N GLY B 161 5.42 -24.85 -8.08
CA GLY B 161 5.13 -25.50 -9.34
C GLY B 161 4.05 -24.85 -10.17
N PHE B 162 3.37 -23.84 -9.62
CA PHE B 162 2.17 -23.25 -10.24
C PHE B 162 2.41 -21.89 -10.91
N GLY B 163 3.68 -21.65 -11.24
CA GLY B 163 4.05 -20.91 -12.45
C GLY B 163 3.96 -19.46 -12.01
N PRO B 164 4.17 -18.49 -12.92
CA PRO B 164 4.37 -17.11 -12.51
C PRO B 164 3.19 -16.64 -11.65
N PHE B 165 3.47 -15.82 -10.64
CA PHE B 165 2.48 -15.41 -9.65
C PHE B 165 1.95 -14.04 -9.92
N MET B 166 0.72 -13.79 -9.44
CA MET B 166 0.06 -12.53 -9.67
C MET B 166 0.88 -11.44 -8.98
N PRO B 167 1.29 -10.38 -9.69
CA PRO B 167 1.87 -9.20 -9.04
C PRO B 167 0.85 -8.41 -8.20
N GLY B 168 1.36 -7.51 -7.37
CA GLY B 168 0.57 -6.61 -6.55
C GLY B 168 0.09 -7.17 -5.24
N PHE B 169 0.61 -8.32 -4.83
CA PHE B 169 0.22 -8.96 -3.57
C PHE B 169 1.41 -8.96 -2.60
N ASP B 170 1.32 -8.11 -1.57
CA ASP B 170 2.29 -8.05 -0.48
C ASP B 170 1.82 -8.88 0.66
N ILE B 171 2.75 -9.44 1.42
CA ILE B 171 2.47 -10.35 2.53
C ILE B 171 3.22 -9.90 3.79
N ILE B 172 2.49 -9.74 4.88
CA ILE B 172 3.03 -9.34 6.18
C ILE B 172 2.66 -10.42 7.22
N PRO B 173 3.32 -10.45 8.40
CA PRO B 173 2.96 -11.41 9.43
C PRO B 173 1.54 -11.15 9.95
N TYR B 174 0.84 -12.22 10.35
CA TYR B 174 -0.51 -12.18 10.97
C TYR B 174 -0.38 -11.70 12.41
N ASN B 175 -1.41 -11.01 12.91
CA ASN B 175 -1.44 -10.63 14.31
C ASN B 175 -0.27 -9.67 14.65
N ASP B 176 -0.08 -8.67 13.80
CA ASP B 176 1.05 -7.77 13.86
C ASP B 176 0.67 -6.40 13.26
N LEU B 177 0.28 -5.49 14.15
CA LEU B 177 -0.16 -4.16 13.83
C LEU B 177 0.97 -3.23 13.36
N PRO B 178 2.18 -3.31 13.95
CA PRO B 178 3.33 -2.58 13.42
C PRO B 178 3.66 -2.93 11.96
N ALA B 179 3.59 -4.21 11.59
CA ALA B 179 3.77 -4.67 10.20
C ALA B 179 2.73 -4.05 9.26
N LEU B 180 1.46 -4.05 9.68
CA LEU B 180 0.38 -3.45 8.89
C LEU B 180 0.62 -1.97 8.72
N GLU B 181 1.02 -1.29 9.80
CA GLU B 181 1.27 0.13 9.75
C GLU B 181 2.37 0.47 8.76
N ARG B 182 3.49 -0.26 8.87
CA ARG B 182 4.64 -0.17 7.93
C ARG B 182 4.14 -0.28 6.48
N ALA B 183 3.33 -1.30 6.19
CA ALA B 183 2.93 -1.64 4.83
C ALA B 183 2.03 -0.58 4.23
N LEU B 184 1.07 -0.10 5.04
CA LEU B 184 0.12 0.90 4.60
C LEU B 184 0.71 2.29 4.41
N GLN B 185 2.03 2.42 4.60
CA GLN B 185 2.75 3.66 4.25
C GLN B 185 2.78 3.92 2.75
N ASP B 186 2.63 2.86 1.95
CA ASP B 186 2.65 2.98 0.49
C ASP B 186 1.28 3.39 -0.01
N PRO B 187 1.13 4.59 -0.62
CA PRO B 187 -0.19 5.10 -0.98
C PRO B 187 -0.90 4.24 -2.04
N ASN B 188 -0.15 3.41 -2.78
CA ASN B 188 -0.70 2.49 -3.76
C ASN B 188 -1.40 1.24 -3.22
N VAL B 189 -1.32 1.01 -1.89
CA VAL B 189 -2.06 -0.09 -1.28
C VAL B 189 -3.55 0.25 -1.30
N ALA B 190 -4.37 -0.71 -1.75
CA ALA B 190 -5.81 -0.52 -1.94
C ALA B 190 -6.62 -1.17 -0.84
N ALA B 191 -6.24 -2.39 -0.46
CA ALA B 191 -6.94 -3.20 0.51
C ALA B 191 -5.96 -4.01 1.35
N PHE B 192 -6.44 -4.47 2.52
CA PHE B 192 -5.77 -5.49 3.34
C PHE B 192 -6.83 -6.56 3.55
N MET B 193 -6.53 -7.79 3.08
CA MET B 193 -7.45 -8.91 3.25
C MET B 193 -6.96 -9.83 4.35
N VAL B 194 -7.84 -10.09 5.32
CA VAL B 194 -7.49 -10.87 6.48
C VAL B 194 -8.67 -11.62 7.08
N GLU B 195 -8.35 -12.78 7.69
CA GLU B 195 -9.30 -13.62 8.40
C GLU B 195 -9.23 -13.27 9.89
N PRO B 196 -10.39 -13.09 10.58
CA PRO B 196 -10.41 -12.85 12.02
C PRO B 196 -9.78 -13.99 12.82
N ILE B 197 -9.94 -15.22 12.33
CA ILE B 197 -9.21 -16.38 12.82
C ILE B 197 -8.81 -17.11 11.56
N GLN B 198 -7.54 -17.54 11.49
CA GLN B 198 -7.03 -18.26 10.33
C GLN B 198 -7.34 -19.74 10.47
N GLY B 199 -8.22 -20.24 9.60
CA GLY B 199 -8.70 -21.61 9.68
C GLY B 199 -7.63 -22.58 9.22
N GLU B 200 -7.46 -22.66 7.91
CA GLU B 200 -6.51 -23.62 7.31
C GLU B 200 -5.12 -23.62 7.94
N ALA B 201 -4.69 -22.49 8.50
CA ALA B 201 -3.34 -22.37 9.12
C ALA B 201 -3.23 -23.10 10.47
N GLY B 202 -4.39 -23.44 11.06
CA GLY B 202 -4.45 -24.22 12.27
C GLY B 202 -5.17 -23.50 13.40
N VAL B 203 -6.30 -22.90 13.07
CA VAL B 203 -7.08 -22.10 14.01
C VAL B 203 -6.15 -21.17 14.82
N VAL B 204 -5.52 -20.22 14.12
CA VAL B 204 -4.66 -19.21 14.76
C VAL B 204 -5.52 -17.98 15.10
N VAL B 205 -5.73 -17.75 16.39
CA VAL B 205 -6.51 -16.63 16.93
C VAL B 205 -5.58 -15.43 17.21
N PRO B 206 -5.90 -14.22 16.72
CA PRO B 206 -5.07 -13.04 17.00
C PRO B 206 -5.34 -12.47 18.41
N ASP B 207 -4.42 -11.64 18.90
CA ASP B 207 -4.53 -11.07 20.24
C ASP B 207 -5.78 -10.20 20.29
N PRO B 208 -6.46 -10.11 21.45
CA PRO B 208 -7.55 -9.15 21.62
C PRO B 208 -7.10 -7.75 21.18
N GLY B 209 -7.91 -7.06 20.37
CA GLY B 209 -7.63 -5.71 19.91
C GLY B 209 -6.92 -5.60 18.57
N TYR B 210 -6.63 -6.74 17.94
CA TYR B 210 -6.00 -6.83 16.59
C TYR B 210 -6.96 -6.25 15.56
N LEU B 211 -8.23 -6.68 15.59
CA LEU B 211 -9.20 -6.28 14.59
C LEU B 211 -9.56 -4.79 14.66
N MET B 212 -9.60 -4.25 15.89
CA MET B 212 -9.81 -2.83 16.12
C MET B 212 -8.65 -2.05 15.50
N GLY B 213 -7.43 -2.51 15.77
CA GLY B 213 -6.22 -1.97 15.18
C GLY B 213 -6.23 -1.98 13.67
N VAL B 214 -6.61 -3.14 13.08
CA VAL B 214 -6.68 -3.27 11.63
C VAL B 214 -7.68 -2.26 11.05
N ARG B 215 -8.85 -2.15 11.67
CA ARG B 215 -9.94 -1.20 11.27
C ARG B 215 -9.45 0.24 11.37
N GLU B 216 -8.74 0.57 12.45
CA GLU B 216 -8.26 1.93 12.71
C GLU B 216 -7.14 2.34 11.74
N LEU B 217 -6.23 1.41 11.43
CA LEU B 217 -5.12 1.65 10.50
C LEU B 217 -5.60 1.75 9.06
N CYS B 218 -6.52 0.87 8.69
CA CYS B 218 -7.12 0.89 7.35
C CYS B 218 -7.80 2.22 7.09
N THR B 219 -8.65 2.66 8.05
CA THR B 219 -9.36 3.92 7.95
C THR B 219 -8.41 5.12 7.85
N ARG B 220 -7.35 5.10 8.66
CA ARG B 220 -6.32 6.18 8.77
C ARG B 220 -5.61 6.38 7.42
N HIS B 221 -5.18 5.28 6.76
CA HIS B 221 -4.44 5.34 5.49
C HIS B 221 -5.29 5.12 4.24
N GLN B 222 -6.62 5.25 4.38
CA GLN B 222 -7.56 5.15 3.27
C GLN B 222 -7.34 3.86 2.49
N VAL B 223 -7.45 2.74 3.21
CA VAL B 223 -7.26 1.41 2.67
C VAL B 223 -8.44 0.59 3.07
N LEU B 224 -8.94 -0.25 2.17
CA LEU B 224 -10.12 -1.08 2.40
C LEU B 224 -9.77 -2.27 3.26
N PHE B 225 -10.62 -2.52 4.27
CA PHE B 225 -10.50 -3.65 5.17
C PHE B 225 -11.43 -4.75 4.70
N ILE B 226 -10.84 -5.82 4.14
CA ILE B 226 -11.60 -6.99 3.68
C ILE B 226 -11.50 -8.12 4.68
N ALA B 227 -12.62 -8.43 5.33
CA ALA B 227 -12.72 -9.51 6.30
C ALA B 227 -13.19 -10.76 5.58
N ASP B 228 -12.30 -11.75 5.45
CA ASP B 228 -12.71 -13.06 4.97
C ASP B 228 -13.35 -13.86 6.11
N GLU B 229 -14.67 -13.94 6.10
CA GLU B 229 -15.44 -14.66 7.10
C GLU B 229 -16.13 -15.89 6.51
N ILE B 230 -15.53 -16.47 5.47
CA ILE B 230 -16.07 -17.65 4.79
C ILE B 230 -16.20 -18.86 5.74
N GLN B 231 -15.32 -18.93 6.75
CA GLN B 231 -15.19 -20.09 7.63
C GLN B 231 -15.49 -19.77 9.08
N THR B 232 -15.22 -18.52 9.49
CA THR B 232 -15.44 -18.06 10.84
C THR B 232 -16.79 -17.39 11.02
N GLY B 233 -17.37 -16.93 9.91
CA GLY B 233 -18.64 -16.23 9.95
C GLY B 233 -19.78 -17.19 10.12
N LEU B 234 -21.00 -16.64 10.22
CA LEU B 234 -22.20 -17.41 10.32
C LEU B 234 -22.17 -18.37 11.50
N ALA B 235 -21.94 -17.80 12.69
CA ALA B 235 -22.27 -18.41 13.97
C ALA B 235 -21.20 -19.29 14.61
N ARG B 236 -20.21 -19.75 13.82
CA ARG B 236 -19.29 -20.82 14.30
C ARG B 236 -18.47 -20.35 15.50
N THR B 237 -17.89 -19.15 15.43
CA THR B 237 -17.07 -18.62 16.51
C THR B 237 -17.89 -18.12 17.71
N GLY B 238 -19.22 -18.07 17.52
CA GLY B 238 -20.14 -17.67 18.57
C GLY B 238 -20.78 -16.31 18.38
N ARG B 239 -20.74 -15.80 17.14
CA ARG B 239 -21.33 -14.50 16.72
C ARG B 239 -21.73 -14.59 15.24
N TRP B 240 -22.46 -13.61 14.72
CA TRP B 240 -22.82 -13.62 13.31
C TRP B 240 -21.55 -13.63 12.49
N LEU B 241 -20.62 -12.75 12.86
CA LEU B 241 -19.28 -12.68 12.30
C LEU B 241 -18.31 -12.60 13.45
N ALA B 242 -17.12 -13.20 13.28
CA ALA B 242 -16.07 -13.19 14.30
C ALA B 242 -15.63 -11.76 14.65
N VAL B 243 -15.67 -10.87 13.66
CA VAL B 243 -15.32 -9.45 13.85
C VAL B 243 -16.24 -8.73 14.85
N ASP B 244 -17.48 -9.24 14.98
CA ASP B 244 -18.44 -8.72 15.96
C ASP B 244 -17.92 -8.76 17.38
N TYR B 245 -17.03 -9.71 17.67
CA TYR B 245 -16.39 -9.85 19.01
C TYR B 245 -15.73 -8.54 19.44
N GLU B 246 -15.23 -7.73 18.50
CA GLU B 246 -14.62 -6.43 18.79
C GLU B 246 -15.38 -5.23 18.19
N ASN B 247 -16.66 -5.45 17.82
CA ASN B 247 -17.53 -4.42 17.25
C ASN B 247 -16.91 -3.67 16.06
N VAL B 248 -16.24 -4.40 15.16
CA VAL B 248 -15.59 -3.81 14.00
C VAL B 248 -16.41 -4.04 12.73
N ARG B 249 -16.48 -3.00 11.90
CA ARG B 249 -17.23 -3.02 10.61
C ARG B 249 -16.22 -2.94 9.47
N PRO B 250 -15.83 -4.09 8.88
CA PRO B 250 -15.05 -4.09 7.64
C PRO B 250 -15.79 -3.39 6.48
N ASP B 251 -15.00 -2.92 5.51
CA ASP B 251 -15.51 -2.34 4.28
C ASP B 251 -16.14 -3.44 3.41
N ILE B 252 -15.47 -4.58 3.32
CA ILE B 252 -15.95 -5.74 2.57
C ILE B 252 -15.89 -6.98 3.43
N VAL B 253 -17.01 -7.69 3.54
CA VAL B 253 -17.06 -8.99 4.19
C VAL B 253 -17.38 -10.08 3.18
N LEU B 254 -16.68 -11.22 3.30
CA LEU B 254 -16.92 -12.39 2.47
C LEU B 254 -17.59 -13.50 3.29
N LEU B 255 -18.67 -14.08 2.72
CA LEU B 255 -19.41 -15.17 3.33
C LEU B 255 -19.48 -16.31 2.33
N GLY B 256 -19.63 -17.53 2.87
CA GLY B 256 -19.57 -18.75 2.09
C GLY B 256 -20.01 -19.91 2.94
N LYS B 257 -19.52 -21.10 2.56
CA LYS B 257 -19.74 -22.37 3.24
C LYS B 257 -21.13 -22.60 3.86
N ALA B 258 -21.35 -22.05 5.06
CA ALA B 258 -22.56 -22.25 5.85
C ALA B 258 -23.74 -21.47 5.29
N LEU B 259 -23.46 -20.53 4.38
CA LEU B 259 -24.48 -19.72 3.70
C LEU B 259 -25.50 -20.60 2.99
N SER B 260 -25.10 -21.83 2.65
CA SER B 260 -25.97 -22.83 2.03
C SER B 260 -26.40 -24.01 2.93
N GLY B 261 -25.56 -24.34 3.91
CA GLY B 261 -25.76 -25.48 4.79
C GLY B 261 -25.26 -26.78 4.17
N GLY B 262 -24.36 -26.66 3.18
CA GLY B 262 -23.76 -27.80 2.51
C GLY B 262 -24.54 -28.35 1.32
N LEU B 263 -25.69 -27.73 1.03
CA LEU B 263 -26.63 -28.20 0.02
C LEU B 263 -26.39 -27.61 -1.37
N TYR B 264 -25.49 -26.62 -1.47
CA TYR B 264 -25.27 -25.81 -2.69
C TYR B 264 -24.07 -24.88 -2.50
N PRO B 265 -23.18 -24.71 -3.52
CA PRO B 265 -22.10 -23.73 -3.48
C PRO B 265 -22.61 -22.29 -3.62
N VAL B 266 -22.65 -21.56 -2.49
CA VAL B 266 -23.08 -20.19 -2.46
C VAL B 266 -22.05 -19.41 -1.65
N SER B 267 -21.56 -18.31 -2.24
CA SER B 267 -20.73 -17.33 -1.54
C SER B 267 -21.32 -15.95 -1.81
N ALA B 268 -20.95 -14.98 -0.98
CA ALA B 268 -21.45 -13.62 -1.05
C ALA B 268 -20.34 -12.62 -0.71
N VAL B 269 -20.39 -11.44 -1.37
CA VAL B 269 -19.51 -10.33 -1.09
C VAL B 269 -20.35 -9.12 -0.73
N LEU B 270 -20.24 -8.67 0.52
CA LEU B 270 -21.06 -7.61 1.10
C LEU B 270 -20.26 -6.33 1.26
N CYS B 271 -20.71 -5.25 0.61
CA CYS B 271 -20.16 -3.92 0.82
C CYS B 271 -21.16 -2.82 0.46
N ASP B 272 -20.83 -1.60 0.86
CA ASP B 272 -21.58 -0.41 0.60
C ASP B 272 -21.38 0.13 -0.83
N ASP B 273 -22.24 1.08 -1.21
CA ASP B 273 -22.36 1.60 -2.56
C ASP B 273 -21.12 2.23 -3.13
N ASP B 274 -20.39 3.00 -2.32
CA ASP B 274 -19.19 3.70 -2.80
C ASP B 274 -18.11 2.73 -3.28
N ILE B 275 -18.14 1.49 -2.76
CA ILE B 275 -17.21 0.44 -3.18
C ILE B 275 -17.80 -0.44 -4.25
N MET B 276 -19.03 -0.93 -4.00
CA MET B 276 -19.65 -1.92 -4.86
C MET B 276 -19.88 -1.37 -6.26
N LEU B 277 -20.34 -0.11 -6.37
CA LEU B 277 -20.75 0.43 -7.67
C LEU B 277 -19.59 0.92 -8.56
N THR B 278 -18.35 0.68 -8.12
CA THR B 278 -17.16 0.89 -8.94
C THR B 278 -17.13 -0.11 -10.09
N ILE B 279 -17.92 -1.18 -9.98
CA ILE B 279 -18.06 -2.22 -11.01
C ILE B 279 -19.38 -1.98 -11.78
N LYS B 280 -19.25 -1.51 -13.03
CA LYS B 280 -20.37 -1.22 -13.91
C LYS B 280 -20.89 -2.49 -14.58
N PRO B 281 -22.10 -2.45 -15.21
CA PRO B 281 -22.61 -3.60 -15.96
C PRO B 281 -21.65 -4.21 -16.99
N GLY B 282 -21.58 -5.55 -17.02
CA GLY B 282 -20.78 -6.31 -17.96
C GLY B 282 -19.36 -6.62 -17.48
N GLU B 283 -18.91 -5.98 -16.38
CA GLU B 283 -17.51 -6.04 -15.94
C GLU B 283 -17.22 -7.11 -14.91
N HIS B 284 -18.23 -7.86 -14.45
CA HIS B 284 -18.00 -9.00 -13.54
C HIS B 284 -19.25 -9.84 -13.37
N GLY B 285 -19.05 -11.14 -13.10
CA GLY B 285 -20.11 -12.09 -12.89
C GLY B 285 -19.69 -13.53 -12.93
N SER B 286 -20.66 -14.43 -13.17
CA SER B 286 -20.50 -15.86 -13.03
C SER B 286 -21.81 -16.51 -13.43
N THR B 287 -21.72 -17.59 -14.21
CA THR B 287 -22.90 -18.27 -14.74
C THR B 287 -23.91 -18.59 -13.65
N TYR B 288 -23.46 -19.24 -12.56
CA TYR B 288 -24.35 -19.80 -11.50
C TYR B 288 -24.54 -18.80 -10.34
N GLY B 289 -23.83 -17.68 -10.35
CA GLY B 289 -23.90 -16.69 -9.29
C GLY B 289 -25.25 -16.02 -9.25
N GLY B 290 -25.95 -16.18 -8.14
CA GLY B 290 -27.25 -15.60 -7.90
C GLY B 290 -28.43 -16.41 -8.42
N ASN B 291 -28.19 -17.69 -8.80
CA ASN B 291 -29.25 -18.53 -9.37
C ASN B 291 -30.39 -18.77 -8.38
N PRO B 292 -31.63 -19.06 -8.85
CA PRO B 292 -32.77 -19.17 -7.97
C PRO B 292 -32.62 -20.27 -6.90
N LEU B 293 -32.03 -21.40 -7.28
CA LEU B 293 -31.89 -22.54 -6.39
C LEU B 293 -30.94 -22.26 -5.22
N GLY B 294 -29.82 -21.61 -5.51
CA GLY B 294 -28.83 -21.27 -4.50
C GLY B 294 -29.34 -20.27 -3.49
N CYS B 295 -30.06 -19.27 -3.99
CA CYS B 295 -30.64 -18.20 -3.19
C CYS B 295 -31.69 -18.71 -2.19
N ARG B 296 -32.52 -19.66 -2.65
CA ARG B 296 -33.58 -20.29 -1.80
C ARG B 296 -32.92 -21.07 -0.66
N VAL B 297 -31.95 -21.92 -0.98
CA VAL B 297 -31.18 -22.63 0.04
C VAL B 297 -30.55 -21.66 1.04
N ALA B 298 -30.00 -20.56 0.52
CA ALA B 298 -29.31 -19.57 1.35
C ALA B 298 -30.24 -18.88 2.35
N ILE B 299 -31.42 -18.47 1.89
CA ILE B 299 -32.42 -17.88 2.78
C ILE B 299 -32.72 -18.86 3.92
N ALA B 300 -33.15 -20.08 3.55
CA ALA B 300 -33.41 -21.14 4.52
C ALA B 300 -32.25 -21.37 5.48
N ALA B 301 -31.04 -21.44 4.93
CA ALA B 301 -29.84 -21.72 5.69
C ALA B 301 -29.54 -20.63 6.73
N LEU B 302 -29.82 -19.36 6.38
CA LEU B 302 -29.64 -18.22 7.27
C LEU B 302 -30.72 -18.16 8.33
N GLU B 303 -31.93 -18.61 7.97
CA GLU B 303 -33.06 -18.66 8.89
C GLU B 303 -32.79 -19.64 10.04
N VAL B 304 -32.30 -20.84 9.70
CA VAL B 304 -31.88 -21.84 10.69
C VAL B 304 -30.93 -21.27 11.74
N LEU B 305 -29.90 -20.56 11.30
CA LEU B 305 -28.87 -19.98 12.18
C LEU B 305 -29.45 -19.00 13.21
N GLU B 306 -30.42 -18.19 12.76
CA GLU B 306 -31.03 -17.17 13.59
C GLU B 306 -32.03 -17.78 14.55
N GLU B 307 -32.94 -18.59 14.02
CA GLU B 307 -34.08 -19.09 14.78
C GLU B 307 -33.74 -20.26 15.71
N GLU B 308 -32.58 -20.90 15.49
CA GLU B 308 -32.06 -21.90 16.44
C GLU B 308 -30.94 -21.36 17.34
N ASN B 309 -30.79 -20.02 17.37
CA ASN B 309 -29.77 -19.35 18.19
C ASN B 309 -28.44 -20.11 18.26
N LEU B 310 -27.89 -20.45 17.09
CA LEU B 310 -26.74 -21.35 17.00
C LEU B 310 -25.44 -20.69 17.41
N ALA B 311 -25.39 -19.35 17.30
CA ALA B 311 -24.24 -18.57 17.76
C ALA B 311 -24.10 -18.69 19.26
N GLU B 312 -25.21 -18.42 19.94
CA GLU B 312 -25.31 -18.46 21.40
C GLU B 312 -24.98 -19.87 21.90
N ASN B 313 -25.42 -20.91 21.16
CA ASN B 313 -25.10 -22.30 21.48
C ASN B 313 -23.63 -22.58 21.31
N ALA B 314 -23.07 -22.09 20.20
CA ALA B 314 -21.68 -22.29 19.81
C ALA B 314 -20.72 -21.69 20.83
N ASP B 315 -21.01 -20.45 21.24
CA ASP B 315 -20.24 -19.75 22.26
C ASP B 315 -20.14 -20.56 23.56
N LYS B 316 -21.28 -20.93 24.12
CA LYS B 316 -21.35 -21.68 25.39
C LYS B 316 -20.68 -23.06 25.34
N LEU B 317 -20.95 -23.81 24.26
CA LEU B 317 -20.40 -25.15 24.11
C LEU B 317 -18.90 -25.12 23.81
N GLY B 318 -18.46 -24.06 23.11
CA GLY B 318 -17.07 -23.77 22.86
C GLY B 318 -16.25 -23.73 24.14
N ILE B 319 -16.75 -23.00 25.13
CA ILE B 319 -16.13 -22.87 26.44
C ILE B 319 -15.93 -24.24 27.10
N ILE B 320 -17.00 -25.04 27.09
CA ILE B 320 -16.95 -26.38 27.68
C ILE B 320 -15.85 -27.20 26.98
N LEU B 321 -15.92 -27.29 25.65
CA LEU B 321 -14.99 -28.07 24.86
C LEU B 321 -13.53 -27.72 25.22
N ARG B 322 -13.21 -26.42 25.16
CA ARG B 322 -11.84 -25.90 25.43
C ARG B 322 -11.44 -26.26 26.88
N ASN B 323 -12.29 -25.92 27.87
CA ASN B 323 -11.99 -26.22 29.29
C ASN B 323 -11.63 -27.68 29.53
N GLU B 324 -12.33 -28.59 28.84
CA GLU B 324 -12.08 -30.03 28.96
C GLU B 324 -10.78 -30.44 28.30
N LEU B 325 -10.53 -29.92 27.10
CA LEU B 325 -9.31 -30.21 26.34
C LEU B 325 -8.04 -29.73 27.07
N MET B 326 -8.16 -28.66 27.85
CA MET B 326 -7.04 -28.12 28.63
C MET B 326 -6.66 -28.99 29.83
N LYS B 327 -7.54 -29.92 30.22
CA LYS B 327 -7.29 -30.90 31.28
C LYS B 327 -6.43 -32.07 30.84
N LEU B 328 -6.27 -32.26 29.52
CA LEU B 328 -5.33 -33.23 28.95
C LEU B 328 -3.90 -32.85 29.32
N PRO B 329 -2.93 -33.79 29.33
CA PRO B 329 -1.60 -33.51 29.88
C PRO B 329 -0.78 -32.64 28.92
N SER B 330 -0.09 -31.64 29.47
CA SER B 330 0.74 -30.68 28.71
C SER B 330 1.84 -31.34 27.87
N ASP B 331 2.28 -32.55 28.28
CA ASP B 331 3.33 -33.28 27.57
C ASP B 331 2.92 -33.83 26.21
N VAL B 332 1.60 -33.94 25.98
CA VAL B 332 1.02 -34.59 24.79
C VAL B 332 0.32 -33.52 23.93
N VAL B 333 -0.55 -32.72 24.57
CA VAL B 333 -1.29 -31.63 23.95
C VAL B 333 -0.67 -30.31 24.41
N THR B 334 0.11 -29.69 23.53
CA THR B 334 0.90 -28.49 23.84
C THR B 334 0.12 -27.19 23.78
N ALA B 335 -1.01 -27.19 23.07
CA ALA B 335 -1.90 -26.03 22.97
C ALA B 335 -3.36 -26.39 22.71
N VAL B 336 -4.26 -25.60 23.29
CA VAL B 336 -5.68 -25.59 22.96
C VAL B 336 -6.04 -24.14 22.67
N ARG B 337 -6.73 -23.89 21.56
CA ARG B 337 -7.10 -22.54 21.10
C ARG B 337 -8.37 -22.60 20.25
N GLY B 338 -9.11 -21.49 20.22
CA GLY B 338 -10.36 -21.38 19.48
C GLY B 338 -11.28 -20.28 19.98
N LYS B 339 -12.34 -20.03 19.20
CA LYS B 339 -13.47 -19.21 19.59
C LYS B 339 -14.69 -19.98 19.13
N GLY B 340 -15.73 -19.99 19.95
CA GLY B 340 -16.92 -20.78 19.72
C GLY B 340 -16.55 -22.23 19.44
N LEU B 341 -17.08 -22.77 18.33
CA LEU B 341 -16.87 -24.18 17.97
C LEU B 341 -15.86 -24.33 16.83
N LEU B 342 -14.94 -23.37 16.72
CA LEU B 342 -13.79 -23.45 15.83
C LEU B 342 -12.56 -23.50 16.72
N ASN B 343 -12.21 -24.72 17.16
CA ASN B 343 -11.07 -24.95 18.01
C ASN B 343 -10.11 -25.95 17.38
N ALA B 344 -8.96 -26.12 18.04
CA ALA B 344 -7.90 -27.01 17.57
C ALA B 344 -6.99 -27.36 18.72
N ILE B 345 -6.22 -28.44 18.55
CA ILE B 345 -5.15 -28.79 19.48
C ILE B 345 -3.89 -29.14 18.70
N VAL B 346 -2.74 -28.82 19.30
CA VAL B 346 -1.44 -29.16 18.75
C VAL B 346 -0.91 -30.32 19.57
N ILE B 347 -0.46 -31.37 18.86
CA ILE B 347 0.04 -32.60 19.49
C ILE B 347 1.53 -32.59 19.28
N LYS B 348 2.30 -33.05 20.27
CA LYS B 348 3.74 -33.17 20.14
C LYS B 348 4.07 -34.37 19.28
N GLU B 349 4.55 -34.09 18.05
CA GLU B 349 4.99 -35.10 17.11
C GLU B 349 6.24 -35.82 17.64
N THR B 350 6.10 -37.12 17.91
CA THR B 350 7.20 -37.91 18.45
C THR B 350 7.24 -39.28 17.78
N LYS B 351 8.21 -40.10 18.20
CA LYS B 351 8.50 -41.38 17.61
C LYS B 351 7.39 -42.43 17.82
N ASP B 352 6.47 -42.15 18.76
CA ASP B 352 5.35 -43.05 19.05
C ASP B 352 4.00 -42.56 18.52
N TRP B 353 3.95 -41.30 18.03
CA TRP B 353 2.72 -40.77 17.45
C TRP B 353 2.85 -39.43 16.74
N ASP B 354 1.85 -39.09 15.91
CA ASP B 354 1.66 -37.80 15.31
C ASP B 354 0.14 -37.52 15.17
N ALA B 355 -0.22 -36.37 14.60
CA ALA B 355 -1.63 -35.97 14.47
C ALA B 355 -2.43 -36.91 13.55
N TRP B 356 -1.76 -37.43 12.51
CA TRP B 356 -2.40 -38.32 11.55
C TRP B 356 -2.81 -39.60 12.27
N LYS B 357 -1.85 -40.23 12.95
CA LYS B 357 -2.09 -41.41 13.75
C LYS B 357 -3.23 -41.23 14.77
N VAL B 358 -3.25 -40.09 15.45
CA VAL B 358 -4.31 -39.75 16.39
C VAL B 358 -5.67 -39.77 15.69
N CYS B 359 -5.75 -39.07 14.56
CA CYS B 359 -6.99 -38.95 13.79
C CYS B 359 -7.48 -40.28 13.25
N LEU B 360 -6.53 -41.18 12.94
CA LEU B 360 -6.86 -42.56 12.57
C LEU B 360 -7.52 -43.29 13.73
N ARG B 361 -6.99 -43.10 14.94
CA ARG B 361 -7.51 -43.78 16.17
C ARG B 361 -8.83 -43.13 16.61
N LEU B 362 -8.99 -41.82 16.42
CA LEU B 362 -10.26 -41.13 16.69
C LEU B 362 -11.37 -41.73 15.83
N ARG B 363 -11.04 -42.01 14.56
CA ARG B 363 -11.94 -42.65 13.56
C ARG B 363 -12.35 -44.04 14.08
N ASP B 364 -11.40 -44.82 14.60
CA ASP B 364 -11.66 -46.14 15.18
C ASP B 364 -12.52 -46.09 16.45
N ASN B 365 -12.57 -44.94 17.11
CA ASN B 365 -13.42 -44.71 18.27
C ASN B 365 -14.68 -43.88 17.97
N GLY B 366 -14.99 -43.70 16.69
CA GLY B 366 -16.23 -43.06 16.25
C GLY B 366 -16.24 -41.54 16.27
N LEU B 367 -15.07 -40.93 15.99
CA LEU B 367 -14.96 -39.47 15.82
C LEU B 367 -14.12 -39.16 14.58
N LEU B 368 -14.61 -38.24 13.74
CA LEU B 368 -13.94 -37.82 12.51
C LEU B 368 -13.40 -36.39 12.59
N ALA B 369 -12.07 -36.26 12.44
CA ALA B 369 -11.36 -35.00 12.44
C ALA B 369 -10.08 -35.18 11.62
N LYS B 370 -9.56 -34.09 11.05
CA LYS B 370 -8.41 -34.16 10.17
C LYS B 370 -7.29 -33.24 10.64
N PRO B 371 -6.01 -33.66 10.53
CA PRO B 371 -4.90 -32.77 10.89
C PRO B 371 -4.63 -31.78 9.74
N THR B 372 -4.17 -30.57 10.07
CA THR B 372 -3.98 -29.50 9.09
C THR B 372 -2.52 -29.11 8.86
N HIS B 373 -1.60 -29.61 9.68
CA HIS B 373 -0.15 -29.44 9.41
C HIS B 373 0.76 -30.59 9.82
N GLY B 374 0.26 -31.52 10.65
CA GLY B 374 1.01 -32.69 11.07
C GLY B 374 1.11 -32.79 12.58
N ASP B 375 0.88 -31.66 13.25
CA ASP B 375 0.73 -31.58 14.70
C ASP B 375 -0.63 -31.01 15.17
N ILE B 376 -1.42 -30.46 14.24
CA ILE B 376 -2.64 -29.74 14.58
C ILE B 376 -3.91 -30.48 14.14
N ILE B 377 -4.72 -30.92 15.12
CA ILE B 377 -6.03 -31.51 14.87
C ILE B 377 -7.13 -30.52 15.19
N ARG B 378 -8.06 -30.35 14.24
CA ARG B 378 -9.14 -29.33 14.31
C ARG B 378 -10.43 -29.98 14.84
N PHE B 379 -11.11 -29.28 15.75
CA PHE B 379 -12.33 -29.77 16.38
C PHE B 379 -13.44 -28.78 16.15
N ALA B 380 -14.21 -29.04 15.08
CA ALA B 380 -15.26 -28.14 14.59
C ALA B 380 -16.53 -28.93 14.31
N PRO B 381 -17.31 -29.29 15.36
CA PRO B 381 -18.58 -29.98 15.16
C PRO B 381 -19.66 -29.04 14.63
N PRO B 382 -20.77 -29.56 14.04
CA PRO B 382 -21.90 -28.72 13.67
C PRO B 382 -22.49 -28.00 14.88
N LEU B 383 -23.08 -26.81 14.66
CA LEU B 383 -23.51 -25.93 15.76
C LEU B 383 -24.84 -26.36 16.39
N VAL B 384 -25.53 -27.32 15.78
CA VAL B 384 -26.76 -27.90 16.31
C VAL B 384 -26.51 -28.98 17.36
N ILE B 385 -25.22 -29.21 17.69
CA ILE B 385 -24.82 -30.16 18.72
C ILE B 385 -25.20 -29.65 20.10
N LYS B 386 -25.70 -30.56 20.96
CA LYS B 386 -26.08 -30.26 22.34
C LYS B 386 -25.08 -30.77 23.36
N GLU B 387 -25.26 -30.32 24.60
CA GLU B 387 -24.26 -30.47 25.67
C GLU B 387 -23.85 -31.92 25.98
N ASP B 388 -24.83 -32.83 26.01
CA ASP B 388 -24.55 -34.24 26.29
C ASP B 388 -23.76 -34.88 25.14
N GLU B 389 -24.24 -34.68 23.91
CA GLU B 389 -23.56 -35.15 22.70
C GLU B 389 -22.09 -34.70 22.68
N LEU B 390 -21.85 -33.44 23.00
CA LEU B 390 -20.50 -32.87 23.04
C LEU B 390 -19.65 -33.57 24.09
N ARG B 391 -20.27 -33.92 25.23
CA ARG B 391 -19.59 -34.57 26.38
C ARG B 391 -19.31 -36.05 26.06
N GLU B 392 -20.08 -36.67 25.15
CA GLU B 392 -19.76 -38.01 24.66
C GLU B 392 -18.50 -37.96 23.77
N SER B 393 -18.47 -36.98 22.86
CA SER B 393 -17.33 -36.73 21.96
C SER B 393 -16.03 -36.45 22.70
N ILE B 394 -16.11 -35.62 23.73
CA ILE B 394 -14.95 -35.28 24.57
C ILE B 394 -14.35 -36.56 25.19
N GLU B 395 -15.22 -37.45 25.70
CA GLU B 395 -14.78 -38.72 26.24
C GLU B 395 -14.07 -39.57 25.17
N ILE B 396 -14.56 -39.50 23.93
CA ILE B 396 -13.90 -40.15 22.78
C ILE B 396 -12.50 -39.57 22.52
N ILE B 397 -12.37 -38.24 22.67
CA ILE B 397 -11.08 -37.56 22.51
C ILE B 397 -10.11 -37.99 23.61
N ASN B 398 -10.51 -37.81 24.87
CA ASN B 398 -9.71 -38.21 26.02
C ASN B 398 -9.21 -39.65 25.89
N LYS B 399 -10.14 -40.57 25.67
CA LYS B 399 -9.85 -41.99 25.50
C LYS B 399 -8.73 -42.20 24.47
N THR B 400 -8.89 -41.58 23.30
CA THR B 400 -7.98 -41.75 22.18
C THR B 400 -6.60 -41.16 22.46
N ILE B 401 -6.56 -39.95 23.03
CA ILE B 401 -5.31 -39.27 23.36
C ILE B 401 -4.50 -40.04 24.41
N LEU B 402 -5.21 -40.61 25.40
CA LEU B 402 -4.57 -41.28 26.54
C LEU B 402 -4.15 -42.73 26.24
N SER B 403 -4.60 -43.27 25.10
CA SER B 403 -4.32 -44.66 24.70
C SER B 403 -2.92 -44.87 24.10
N PHE B 404 -2.24 -43.78 23.74
CA PHE B 404 -0.90 -43.87 23.13
C PHE B 404 0.19 -44.04 24.19
N GLY C 1 33.28 7.12 41.75
CA GLY C 1 33.25 5.68 41.35
C GLY C 1 32.64 4.76 42.42
N PRO C 2 31.30 4.61 42.47
CA PRO C 2 30.64 3.69 43.41
C PRO C 2 30.95 2.21 43.17
N PRO C 3 31.53 1.48 44.15
CA PRO C 3 32.02 0.12 43.92
C PRO C 3 30.98 -1.00 43.96
N THR C 4 29.78 -0.79 44.54
CA THR C 4 28.77 -1.88 44.66
C THR C 4 27.82 -2.04 43.47
N SER C 5 27.32 -3.26 43.29
CA SER C 5 26.54 -3.68 42.11
C SER C 5 25.27 -2.87 41.88
N ASP C 6 24.51 -2.63 42.95
CA ASP C 6 23.32 -1.77 42.91
C ASP C 6 23.62 -0.33 42.49
N ASP C 7 24.79 0.17 42.90
CA ASP C 7 25.25 1.51 42.55
C ASP C 7 25.65 1.61 41.09
N ILE C 8 26.15 0.51 40.53
CA ILE C 8 26.46 0.43 39.11
C ILE C 8 25.17 0.49 38.26
N PHE C 9 24.11 -0.17 38.73
CA PHE C 9 22.81 -0.16 38.03
C PHE C 9 22.23 1.24 38.03
N GLU C 10 22.07 1.81 39.24
CA GLU C 10 21.45 3.11 39.43
C GLU C 10 22.20 4.29 38.81
N ARG C 11 23.52 4.16 38.68
CA ARG C 11 24.40 5.17 38.03
C ARG C 11 24.16 5.12 36.53
N GLU C 12 24.13 3.91 35.94
CA GLU C 12 23.76 3.72 34.54
C GLU C 12 22.34 4.15 34.22
N TYR C 13 21.43 4.02 35.19
CA TYR C 13 20.01 4.42 35.09
C TYR C 13 19.90 5.96 34.98
N LYS C 14 20.71 6.69 35.76
CA LYS C 14 20.65 8.15 35.77
C LYS C 14 21.27 8.78 34.51
N TYR C 15 22.49 8.36 34.19
CA TYR C 15 23.41 9.06 33.23
C TYR C 15 23.49 8.32 31.89
N GLY C 16 22.95 7.11 31.79
CA GLY C 16 22.87 6.36 30.55
C GLY C 16 21.45 6.22 30.03
N ALA C 17 21.34 5.99 28.72
CA ALA C 17 20.09 5.75 28.04
C ALA C 17 19.51 4.41 28.48
N HIS C 18 18.17 4.32 28.46
CA HIS C 18 17.44 3.12 28.86
C HIS C 18 17.08 2.24 27.65
N ASN C 19 18.07 1.95 26.80
CA ASN C 19 17.86 1.17 25.58
C ASN C 19 18.17 -0.32 25.71
N TYR C 20 18.58 -0.71 26.91
CA TYR C 20 18.78 -2.13 27.33
C TYR C 20 18.08 -2.38 28.66
N HIS C 21 17.64 -3.62 28.90
CA HIS C 21 17.26 -4.10 30.23
C HIS C 21 18.14 -5.31 30.51
N PRO C 22 19.41 -5.10 30.98
CA PRO C 22 20.34 -6.20 31.19
C PRO C 22 19.98 -7.09 32.39
N LEU C 23 20.55 -8.31 32.41
CA LEU C 23 20.43 -9.22 33.54
C LEU C 23 21.17 -8.54 34.69
N PRO C 24 20.52 -8.31 35.85
CA PRO C 24 21.16 -7.61 36.96
C PRO C 24 22.44 -8.34 37.43
N VAL C 25 23.58 -7.98 36.85
CA VAL C 25 24.89 -8.49 37.22
C VAL C 25 25.95 -7.54 36.68
N ALA C 26 26.73 -6.96 37.59
CA ALA C 26 27.78 -5.99 37.29
C ALA C 26 29.14 -6.65 37.27
N LEU C 27 29.69 -6.84 36.07
CA LEU C 27 30.97 -7.58 35.89
C LEU C 27 32.15 -6.61 35.83
N GLU C 28 33.28 -7.04 36.40
CA GLU C 28 34.47 -6.20 36.57
C GLU C 28 35.74 -6.80 35.96
N ARG C 29 35.80 -8.13 35.91
CA ARG C 29 36.98 -8.90 35.42
C ARG C 29 36.50 -10.03 34.52
N GLY C 30 37.33 -10.43 33.57
CA GLY C 30 37.03 -11.55 32.68
C GLY C 30 38.30 -12.20 32.19
N LYS C 31 38.29 -13.53 32.16
CA LYS C 31 39.43 -14.33 31.70
C LYS C 31 38.96 -15.70 31.25
N GLY C 32 39.40 -16.12 30.06
CA GLY C 32 38.93 -17.31 29.39
C GLY C 32 37.40 -17.39 29.39
N ILE C 33 36.89 -18.40 30.10
CA ILE C 33 35.46 -18.75 30.11
C ILE C 33 34.73 -18.15 31.30
N TYR C 34 35.48 -17.45 32.17
CA TYR C 34 35.04 -17.00 33.51
C TYR C 34 34.88 -15.48 33.52
N LEU C 35 33.89 -15.00 34.28
CA LEU C 35 33.63 -13.59 34.54
C LEU C 35 33.46 -13.43 36.05
N TRP C 36 33.94 -12.30 36.57
CA TRP C 36 33.84 -12.00 38.01
C TRP C 36 33.13 -10.69 38.19
N ASP C 37 32.28 -10.62 39.21
CA ASP C 37 31.51 -9.40 39.49
C ASP C 37 32.19 -8.56 40.56
N VAL C 38 31.69 -7.34 40.75
CA VAL C 38 32.28 -6.36 41.67
C VAL C 38 32.27 -6.73 43.15
N GLU C 39 31.45 -7.71 43.55
CA GLU C 39 31.51 -8.33 44.88
C GLU C 39 32.40 -9.61 44.91
N GLY C 40 33.08 -9.87 43.80
CA GLY C 40 34.06 -10.93 43.68
C GLY C 40 33.52 -12.31 43.36
N ARG C 41 32.21 -12.40 43.05
CA ARG C 41 31.54 -13.68 42.69
C ARG C 41 32.04 -14.13 41.32
N LYS C 42 31.99 -15.43 41.04
CA LYS C 42 32.54 -16.03 39.83
C LYS C 42 31.45 -16.73 39.04
N TYR C 43 31.46 -16.57 37.72
CA TYR C 43 30.42 -17.06 36.78
C TYR C 43 31.07 -17.68 35.54
N PHE C 44 30.56 -18.82 35.07
CA PHE C 44 30.79 -19.27 33.70
C PHE C 44 30.03 -18.30 32.80
N ASP C 45 30.66 -17.87 31.70
CA ASP C 45 29.99 -17.10 30.65
C ASP C 45 29.45 -18.01 29.55
N PHE C 46 28.12 -18.06 29.43
CA PHE C 46 27.43 -18.84 28.39
C PHE C 46 26.73 -17.97 27.36
N LEU C 47 27.27 -16.77 27.16
CA LEU C 47 26.83 -15.88 26.07
C LEU C 47 27.99 -15.53 25.10
N SER C 48 29.22 -15.49 25.63
CA SER C 48 30.41 -15.11 24.88
C SER C 48 30.24 -13.82 24.06
N SER C 49 29.55 -12.84 24.66
CA SER C 49 29.20 -11.58 24.01
C SER C 49 28.69 -11.82 22.59
N TYR C 50 27.65 -12.65 22.48
CA TYR C 50 27.00 -13.09 21.22
C TYR C 50 28.08 -13.58 20.23
N SER C 51 29.11 -14.25 20.74
CA SER C 51 30.20 -14.87 19.96
C SER C 51 31.45 -14.00 19.71
N ALA C 52 31.50 -12.81 20.33
CA ALA C 52 32.65 -11.92 20.18
C ALA C 52 33.91 -12.44 20.88
N VAL C 53 33.72 -13.22 21.96
CA VAL C 53 34.85 -13.79 22.72
C VAL C 53 34.95 -15.31 22.59
N ASN C 54 34.96 -15.78 21.33
CA ASN C 54 35.17 -17.21 21.05
C ASN C 54 36.45 -17.71 21.68
N GLN C 55 37.46 -16.82 21.72
CA GLN C 55 38.79 -17.14 22.20
C GLN C 55 38.93 -17.00 23.73
N GLY C 56 37.81 -16.74 24.41
CA GLY C 56 37.77 -16.49 25.85
C GLY C 56 38.17 -15.05 26.08
N HIS C 57 37.79 -14.50 27.23
CA HIS C 57 38.05 -13.10 27.54
C HIS C 57 39.54 -12.89 27.69
N CYS C 58 40.02 -11.76 27.16
CA CYS C 58 41.40 -11.32 27.31
C CYS C 58 42.42 -12.40 26.99
N HIS C 59 42.18 -13.17 25.94
CA HIS C 59 43.14 -14.19 25.50
C HIS C 59 44.52 -13.56 25.38
N PRO C 60 45.53 -14.08 26.11
CA PRO C 60 46.86 -13.45 26.19
C PRO C 60 47.52 -13.05 24.86
N LYS C 61 47.42 -13.91 23.84
CA LYS C 61 48.07 -13.64 22.56
C LYS C 61 47.41 -12.46 21.85
N ILE C 62 46.10 -12.31 22.02
CA ILE C 62 45.36 -11.20 21.42
C ILE C 62 45.64 -9.93 22.23
N VAL C 63 45.76 -10.08 23.56
CA VAL C 63 46.08 -8.96 24.43
C VAL C 63 47.44 -8.38 24.07
N ASN C 64 48.46 -9.26 23.95
CA ASN C 64 49.81 -8.82 23.61
C ASN C 64 49.91 -8.11 22.26
N ALA C 65 49.16 -8.60 21.27
CA ALA C 65 49.09 -7.98 19.94
C ALA C 65 48.61 -6.54 20.05
N LEU C 66 47.57 -6.32 20.87
CA LEU C 66 47.04 -4.99 21.15
C LEU C 66 48.08 -4.13 21.86
N LYS C 67 48.66 -4.68 22.93
CA LYS C 67 49.67 -3.98 23.73
C LYS C 67 50.90 -3.56 22.95
N SER C 68 51.29 -4.39 21.98
CA SER C 68 52.47 -4.17 21.13
C SER C 68 52.25 -3.03 20.14
N GLN C 69 51.05 -2.99 19.53
CA GLN C 69 50.77 -2.08 18.43
C GLN C 69 50.41 -0.66 18.92
N VAL C 70 49.78 -0.56 20.09
CA VAL C 70 49.41 0.74 20.68
C VAL C 70 50.60 1.66 20.87
N ASP C 71 51.75 1.07 21.22
CA ASP C 71 52.99 1.82 21.41
C ASP C 71 53.60 2.34 20.10
N LYS C 72 53.07 1.89 18.95
CA LYS C 72 53.61 2.21 17.62
C LYS C 72 52.72 3.19 16.87
N LEU C 73 51.48 2.76 16.59
CA LEU C 73 50.55 3.50 15.74
C LEU C 73 49.17 2.86 15.82
N THR C 74 48.13 3.70 15.90
CA THR C 74 46.75 3.24 16.12
C THR C 74 45.73 3.71 15.07
N LEU C 75 45.99 4.86 14.43
CA LEU C 75 45.09 5.45 13.47
C LEU C 75 45.75 6.57 12.66
N THR C 76 45.89 6.34 11.34
CA THR C 76 46.30 7.36 10.38
C THR C 76 45.11 7.89 9.56
N SER C 77 43.97 7.18 9.63
CA SER C 77 42.91 7.28 8.64
C SER C 77 43.47 6.72 7.35
N ARG C 78 42.59 6.42 6.39
CA ARG C 78 42.94 5.81 5.09
C ARG C 78 43.19 6.90 4.04
N ALA C 79 43.41 8.14 4.48
CA ALA C 79 43.97 9.19 3.65
C ALA C 79 45.41 8.83 3.29
N PHE C 80 46.04 8.05 4.15
CA PHE C 80 47.37 7.51 3.98
C PHE C 80 47.30 6.00 4.10
N TYR C 81 48.42 5.31 3.79
CA TYR C 81 48.60 3.87 4.05
C TYR C 81 49.26 3.67 5.42
N ASN C 82 48.94 2.56 6.10
CA ASN C 82 49.70 2.07 7.22
C ASN C 82 50.30 0.72 6.83
N ASN C 83 51.31 0.28 7.59
CA ASN C 83 52.06 -0.94 7.25
C ASN C 83 51.32 -2.24 7.54
N VAL C 84 50.33 -2.19 8.43
CA VAL C 84 49.71 -3.39 8.99
C VAL C 84 48.57 -3.92 8.14
N LEU C 85 47.69 -3.02 7.66
CA LEU C 85 46.49 -3.37 6.93
C LEU C 85 46.70 -4.45 5.86
N GLY C 86 47.63 -4.19 4.93
CA GLY C 86 47.88 -5.06 3.81
C GLY C 86 48.31 -6.45 4.23
N GLU C 87 48.98 -6.55 5.39
CA GLU C 87 49.38 -7.82 5.96
C GLU C 87 48.16 -8.61 6.36
N TYR C 88 47.25 -7.96 7.11
CA TYR C 88 45.93 -8.51 7.53
C TYR C 88 45.14 -8.93 6.29
N GLU C 89 45.07 -8.08 5.27
CA GLU C 89 44.33 -8.36 4.05
C GLU C 89 44.84 -9.62 3.34
N GLU C 90 46.16 -9.80 3.30
CA GLU C 90 46.77 -10.96 2.65
C GLU C 90 46.41 -12.25 3.37
N TYR C 91 46.37 -12.19 4.70
CA TYR C 91 46.05 -13.34 5.61
C TYR C 91 44.58 -13.72 5.46
N ILE C 92 43.66 -12.78 5.75
CA ILE C 92 42.23 -13.09 5.78
C ILE C 92 41.73 -13.58 4.44
N THR C 93 42.21 -12.98 3.34
CA THR C 93 41.78 -13.35 2.00
C THR C 93 42.27 -14.76 1.64
N LYS C 94 43.53 -15.07 1.96
CA LYS C 94 44.12 -16.38 1.66
C LYS C 94 43.56 -17.48 2.54
N LEU C 95 43.13 -17.10 3.75
CA LEU C 95 42.54 -18.01 4.71
C LEU C 95 41.18 -18.50 4.21
N PHE C 96 40.35 -17.56 3.77
CA PHE C 96 38.97 -17.86 3.33
C PHE C 96 38.83 -18.04 1.81
N ASN C 97 39.91 -17.77 1.07
CA ASN C 97 40.00 -18.03 -0.37
C ASN C 97 39.04 -17.14 -1.19
N TYR C 98 39.19 -15.83 -0.99
CA TYR C 98 38.51 -14.75 -1.76
C TYR C 98 39.57 -13.74 -2.21
N HIS C 99 39.37 -13.07 -3.35
CA HIS C 99 40.35 -12.12 -3.87
C HIS C 99 40.65 -11.02 -2.87
N LYS C 100 39.60 -10.34 -2.40
CA LYS C 100 39.76 -9.10 -1.63
C LYS C 100 38.85 -9.03 -0.43
N VAL C 101 39.23 -8.17 0.52
CA VAL C 101 38.47 -7.89 1.75
C VAL C 101 38.29 -6.39 1.83
N LEU C 102 37.14 -5.95 2.37
CA LEU C 102 36.90 -4.54 2.68
C LEU C 102 36.75 -4.41 4.18
N PRO C 103 37.69 -3.72 4.87
CA PRO C 103 37.68 -3.67 6.34
C PRO C 103 36.73 -2.60 6.88
N MET C 104 35.92 -2.96 7.87
CA MET C 104 35.02 -2.04 8.54
C MET C 104 35.13 -2.32 10.05
N ASN C 105 34.30 -1.64 10.85
CA ASN C 105 34.42 -1.67 12.29
C ASN C 105 33.42 -2.56 12.97
N THR C 106 32.14 -2.21 12.85
CA THR C 106 31.04 -2.91 13.52
C THR C 106 30.33 -3.82 12.53
N GLY C 107 29.52 -4.75 13.04
CA GLY C 107 28.84 -5.74 12.21
C GLY C 107 27.83 -5.14 11.24
N VAL C 108 27.03 -4.17 11.72
CA VAL C 108 26.09 -3.43 10.88
C VAL C 108 26.75 -2.82 9.66
N GLU C 109 27.94 -2.28 9.85
CA GLU C 109 28.73 -1.63 8.79
C GLU C 109 29.17 -2.58 7.69
N ALA C 110 29.40 -3.84 8.06
CA ALA C 110 29.71 -4.89 7.10
C ALA C 110 28.48 -5.18 6.27
N GLY C 111 27.33 -5.27 6.95
CA GLY C 111 26.06 -5.44 6.28
C GLY C 111 25.75 -4.31 5.31
N GLU C 112 25.83 -3.06 5.78
CA GLU C 112 25.64 -1.87 4.96
C GLU C 112 26.56 -1.88 3.74
N THR C 113 27.79 -2.36 3.92
CA THR C 113 28.76 -2.44 2.85
C THR C 113 28.37 -3.46 1.81
N ALA C 114 27.86 -4.61 2.28
CA ALA C 114 27.41 -5.69 1.41
C ALA C 114 26.21 -5.28 0.54
N CYS C 115 25.30 -4.49 1.11
CA CYS C 115 24.13 -4.01 0.37
C CYS C 115 24.56 -3.05 -0.71
N LYS C 116 25.48 -2.15 -0.37
CA LYS C 116 26.05 -1.20 -1.31
C LYS C 116 26.72 -1.91 -2.47
N LEU C 117 27.53 -2.93 -2.18
CA LEU C 117 28.11 -3.80 -3.21
C LEU C 117 27.06 -4.51 -4.04
N ALA C 118 26.08 -5.12 -3.37
CA ALA C 118 25.00 -5.87 -4.03
C ALA C 118 24.34 -4.97 -5.04
N ARG C 119 24.02 -3.77 -4.59
CA ARG C 119 23.32 -2.74 -5.40
C ARG C 119 24.24 -2.29 -6.53
N LYS C 120 25.45 -1.83 -6.21
CA LYS C 120 26.42 -1.33 -7.23
C LYS C 120 26.62 -2.33 -8.35
N TRP C 121 26.83 -3.60 -7.96
CA TRP C 121 27.02 -4.70 -8.90
C TRP C 121 25.73 -4.90 -9.72
N GLY C 122 24.58 -4.80 -9.04
CA GLY C 122 23.28 -4.89 -9.68
C GLY C 122 23.12 -3.94 -10.83
N TYR C 123 23.45 -2.68 -10.59
CA TYR C 123 23.32 -1.58 -11.59
C TYR C 123 24.42 -1.70 -12.64
N THR C 124 25.68 -1.88 -12.24
CA THR C 124 26.82 -1.78 -13.17
C THR C 124 27.14 -3.08 -13.93
N VAL C 125 26.93 -4.22 -13.29
CA VAL C 125 27.25 -5.53 -13.89
C VAL C 125 26.02 -6.26 -14.41
N LYS C 126 24.94 -6.27 -13.62
CA LYS C 126 23.72 -6.97 -14.03
C LYS C 126 22.84 -6.15 -14.98
N GLY C 127 22.91 -4.82 -14.87
CA GLY C 127 22.20 -3.91 -15.75
C GLY C 127 20.76 -3.62 -15.35
N ILE C 128 20.49 -3.71 -14.04
CA ILE C 128 19.22 -3.38 -13.44
C ILE C 128 19.03 -1.87 -13.58
N GLN C 129 17.79 -1.45 -13.84
CA GLN C 129 17.46 -0.06 -14.00
C GLN C 129 17.69 0.64 -12.68
N LYS C 130 18.24 1.85 -12.77
CA LYS C 130 18.74 2.51 -11.59
C LYS C 130 17.63 2.83 -10.60
N TYR C 131 17.76 2.13 -9.46
CA TYR C 131 17.18 2.36 -8.12
C TYR C 131 15.95 1.46 -7.97
N LYS C 132 15.85 0.47 -8.87
CA LYS C 132 14.92 -0.65 -8.76
C LYS C 132 15.56 -1.94 -8.24
N ALA C 133 16.87 -1.93 -7.93
CA ALA C 133 17.53 -3.09 -7.37
C ALA C 133 16.97 -3.50 -6.01
N LYS C 134 16.75 -4.80 -5.82
CA LYS C 134 16.17 -5.35 -4.60
C LYS C 134 17.13 -6.31 -3.90
N ILE C 135 17.00 -6.36 -2.57
CA ILE C 135 17.74 -7.31 -1.74
C ILE C 135 16.69 -8.07 -0.96
N VAL C 136 16.76 -9.41 -1.02
CA VAL C 136 15.89 -10.26 -0.23
C VAL C 136 16.59 -10.64 1.08
N PHE C 137 15.82 -10.66 2.17
CA PHE C 137 16.24 -11.11 3.48
C PHE C 137 15.27 -12.17 3.92
N ALA C 138 15.56 -12.80 5.07
CA ALA C 138 14.72 -13.86 5.63
C ALA C 138 14.06 -13.37 6.91
N ALA C 139 12.82 -13.80 7.14
CA ALA C 139 12.10 -13.42 8.38
C ALA C 139 12.89 -13.92 9.58
N GLY C 140 12.94 -13.11 10.63
CA GLY C 140 13.78 -13.36 11.78
C GLY C 140 15.21 -12.88 11.69
N ASN C 141 15.63 -12.36 10.53
CA ASN C 141 17.00 -11.89 10.36
C ASN C 141 17.34 -10.78 11.34
N PHE C 142 18.63 -10.63 11.63
CA PHE C 142 19.11 -9.53 12.44
C PHE C 142 20.51 -9.24 12.00
N TRP C 143 20.78 -7.99 11.64
CA TRP C 143 22.10 -7.61 11.24
C TRP C 143 22.51 -6.21 11.64
N GLY C 144 21.83 -5.64 12.66
CA GLY C 144 22.18 -4.34 13.17
C GLY C 144 21.03 -3.38 13.37
N ARG C 145 21.31 -2.17 13.83
CA ARG C 145 20.30 -1.20 14.35
C ARG C 145 20.33 0.11 13.55
N THR C 146 20.93 0.11 12.35
CA THR C 146 20.78 1.25 11.45
C THR C 146 19.36 1.28 10.89
N LEU C 147 18.96 2.42 10.31
CA LEU C 147 17.68 2.56 9.63
C LEU C 147 17.48 1.51 8.55
N SER C 148 18.55 1.10 7.86
CA SER C 148 18.50 0.09 6.83
C SER C 148 18.30 -1.28 7.43
N ALA C 149 19.13 -1.61 8.42
CA ALA C 149 19.04 -2.89 9.11
C ALA C 149 17.61 -3.14 9.61
N ILE C 150 17.05 -2.18 10.34
CA ILE C 150 15.72 -2.32 10.90
C ILE C 150 14.58 -2.32 9.85
N SER C 151 14.88 -1.82 8.64
CA SER C 151 13.95 -1.81 7.52
C SER C 151 13.66 -3.21 6.96
N SER C 152 14.52 -4.19 7.29
CA SER C 152 14.36 -5.56 6.84
C SER C 152 14.08 -6.51 8.02
N SER C 153 13.63 -5.93 9.14
CA SER C 153 13.36 -6.65 10.35
C SER C 153 11.89 -6.97 10.43
N THR C 154 11.58 -8.21 10.85
CA THR C 154 10.23 -8.62 11.16
C THR C 154 9.96 -8.51 12.66
N ASP C 155 10.90 -7.95 13.41
CA ASP C 155 10.75 -7.69 14.85
C ASP C 155 10.18 -6.29 15.09
N PRO C 156 8.94 -6.16 15.59
CA PRO C 156 8.35 -4.85 15.86
C PRO C 156 9.20 -3.94 16.75
N THR C 157 9.89 -4.52 17.74
CA THR C 157 10.69 -3.74 18.71
C THR C 157 11.81 -2.98 17.99
N SER C 158 12.35 -3.56 16.90
CA SER C 158 13.42 -2.93 16.12
C SER C 158 13.01 -1.77 15.21
N TYR C 159 11.85 -1.88 14.56
CA TYR C 159 11.44 -0.93 13.49
C TYR C 159 10.34 0.01 13.98
N ASP C 160 9.47 -0.41 14.90
CA ASP C 160 8.30 0.40 15.29
C ASP C 160 8.81 1.75 15.80
N GLY C 161 8.34 2.82 15.17
CA GLY C 161 8.63 4.19 15.55
C GLY C 161 9.83 4.83 14.87
N PHE C 162 10.54 4.06 14.03
CA PHE C 162 11.79 4.49 13.43
C PHE C 162 11.68 4.91 11.97
N GLY C 163 10.46 5.30 11.59
CA GLY C 163 10.23 6.36 10.63
C GLY C 163 10.31 5.65 9.29
N PRO C 164 10.23 6.36 8.15
CA PRO C 164 10.09 5.71 6.86
C PRO C 164 11.27 4.74 6.68
N PHE C 165 11.01 3.60 6.03
CA PHE C 165 11.94 2.52 5.88
C PHE C 165 12.57 2.51 4.51
N MET C 166 13.77 1.91 4.42
CA MET C 166 14.50 1.84 3.18
C MET C 166 13.67 1.01 2.21
N PRO C 167 13.36 1.54 1.00
CA PRO C 167 12.77 0.71 -0.05
C PRO C 167 13.75 -0.33 -0.62
N GLY C 168 13.21 -1.30 -1.36
CA GLY C 168 13.96 -2.32 -2.06
C GLY C 168 14.37 -3.50 -1.22
N PHE C 169 13.78 -3.65 -0.02
CA PHE C 169 14.05 -4.79 0.85
C PHE C 169 12.80 -5.66 0.95
N ASP C 170 12.86 -6.84 0.31
CA ASP C 170 11.80 -7.85 0.39
C ASP C 170 12.18 -8.86 1.43
N ILE C 171 11.16 -9.45 2.05
CA ILE C 171 11.30 -10.40 3.14
C ILE C 171 10.48 -11.66 2.85
N ILE C 172 11.15 -12.81 2.95
CA ILE C 172 10.55 -14.13 2.73
C ILE C 172 10.77 -14.98 3.98
N PRO C 173 10.05 -16.10 4.16
CA PRO C 173 10.29 -16.98 5.30
C PRO C 173 11.69 -17.60 5.24
N TYR C 174 12.30 -17.85 6.39
CA TYR C 174 13.62 -18.51 6.56
C TYR C 174 13.45 -20.01 6.31
N ASN C 175 14.48 -20.68 5.80
CA ASN C 175 14.45 -22.13 5.65
C ASN C 175 13.34 -22.57 4.71
N ASP C 176 13.25 -21.91 3.55
CA ASP C 176 12.12 -22.07 2.63
C ASP C 176 12.59 -21.79 1.20
N LEU C 177 12.97 -22.86 0.49
CA LEU C 177 13.52 -22.76 -0.85
C LEU C 177 12.49 -22.40 -1.92
N PRO C 178 11.24 -22.90 -1.83
CA PRO C 178 10.17 -22.44 -2.73
C PRO C 178 9.92 -20.92 -2.65
N ALA C 179 9.91 -20.35 -1.44
CA ALA C 179 9.79 -18.90 -1.24
C ALA C 179 10.95 -18.12 -1.92
N LEU C 180 12.17 -18.60 -1.77
CA LEU C 180 13.34 -17.98 -2.40
C LEU C 180 13.22 -18.07 -3.91
N GLU C 181 12.80 -19.22 -4.41
CA GLU C 181 12.65 -19.42 -5.85
C GLU C 181 11.63 -18.44 -6.43
N ARG C 182 10.47 -18.35 -5.78
CA ARG C 182 9.40 -17.38 -6.11
C ARG C 182 9.99 -15.97 -6.22
N ALA C 183 10.76 -15.56 -5.20
CA ALA C 183 11.23 -14.18 -5.07
C ALA C 183 12.23 -13.83 -6.15
N LEU C 184 13.16 -14.76 -6.43
CA LEU C 184 14.20 -14.56 -7.41
C LEU C 184 13.70 -14.57 -8.85
N GLN C 185 12.38 -14.72 -9.04
CA GLN C 185 11.77 -14.55 -10.37
C GLN C 185 11.81 -13.12 -10.86
N ASP C 186 11.93 -12.15 -9.95
CA ASP C 186 12.03 -10.75 -10.31
C ASP C 186 13.45 -10.38 -10.72
N PRO C 187 13.70 -10.00 -11.99
CA PRO C 187 15.06 -9.82 -12.48
C PRO C 187 15.82 -8.69 -11.76
N ASN C 188 15.09 -7.78 -11.10
CA ASN C 188 15.65 -6.67 -10.36
C ASN C 188 16.24 -7.04 -8.99
N VAL C 189 16.09 -8.30 -8.55
CA VAL C 189 16.72 -8.74 -7.33
C VAL C 189 18.23 -8.85 -7.56
N ALA C 190 19.01 -8.29 -6.63
CA ALA C 190 20.46 -8.20 -6.75
C ALA C 190 21.17 -9.21 -5.88
N ALA C 191 20.69 -9.34 -4.63
CA ALA C 191 21.26 -10.22 -3.63
C ALA C 191 20.19 -10.85 -2.77
N PHE C 192 20.54 -11.93 -2.07
CA PHE C 192 19.77 -12.52 -0.97
C PHE C 192 20.74 -12.58 0.19
N MET C 193 20.42 -11.89 1.29
CA MET C 193 21.25 -11.88 2.48
C MET C 193 20.64 -12.77 3.55
N VAL C 194 21.43 -13.73 4.03
CA VAL C 194 20.95 -14.69 4.97
C VAL C 194 22.04 -15.22 5.90
N GLU C 195 21.62 -15.59 7.12
CA GLU C 195 22.47 -16.21 8.13
C GLU C 195 22.33 -17.72 8.05
N PRO C 196 23.43 -18.49 8.08
CA PRO C 196 23.36 -19.95 8.08
C PRO C 196 22.64 -20.50 9.33
N ILE C 197 22.76 -19.81 10.45
CA ILE C 197 21.90 -20.01 11.62
C ILE C 197 21.54 -18.62 12.09
N GLN C 198 20.27 -18.42 12.42
CA GLN C 198 19.76 -17.13 12.90
C GLN C 198 19.99 -17.01 14.37
N GLY C 199 20.91 -16.11 14.77
CA GLY C 199 21.33 -16.00 16.15
C GLY C 199 20.28 -15.31 16.97
N GLU C 200 20.22 -13.99 16.84
CA GLU C 200 19.30 -13.17 17.61
C GLU C 200 17.86 -13.68 17.69
N ALA C 201 17.42 -14.38 16.64
CA ALA C 201 16.05 -14.92 16.53
C ALA C 201 15.78 -16.09 17.48
N GLY C 202 16.85 -16.71 17.97
CA GLY C 202 16.78 -17.79 18.97
C GLY C 202 17.43 -19.06 18.45
N VAL C 203 18.63 -18.93 17.87
CA VAL C 203 19.35 -20.04 17.29
C VAL C 203 18.43 -20.94 16.45
N VAL C 204 17.89 -20.38 15.34
CA VAL C 204 17.09 -21.18 14.40
C VAL C 204 17.99 -21.78 13.31
N VAL C 205 18.12 -23.11 13.35
CA VAL C 205 18.92 -23.89 12.40
C VAL C 205 18.08 -24.31 11.20
N PRO C 206 18.51 -24.07 9.94
CA PRO C 206 17.76 -24.53 8.78
C PRO C 206 17.97 -26.03 8.50
N ASP C 207 17.06 -26.63 7.71
CA ASP C 207 17.12 -28.05 7.40
C ASP C 207 18.41 -28.32 6.63
N PRO C 208 19.03 -29.51 6.79
CA PRO C 208 20.14 -29.90 5.92
C PRO C 208 19.78 -29.69 4.44
N GLY C 209 20.67 -29.07 3.67
CA GLY C 209 20.49 -28.86 2.24
C GLY C 209 19.88 -27.53 1.84
N TYR C 210 19.56 -26.70 2.82
CA TYR C 210 19.05 -25.32 2.65
C TYR C 210 20.09 -24.44 1.94
N LEU C 211 21.32 -24.47 2.44
CA LEU C 211 22.39 -23.59 1.93
C LEU C 211 22.80 -23.98 0.51
N MET C 212 22.78 -25.29 0.20
CA MET C 212 23.06 -25.77 -1.13
C MET C 212 21.98 -25.25 -2.09
N GLY C 213 20.72 -25.37 -1.66
CA GLY C 213 19.58 -24.81 -2.38
C GLY C 213 19.71 -23.31 -2.63
N VAL C 214 20.06 -22.56 -1.58
CA VAL C 214 20.24 -21.12 -1.69
C VAL C 214 21.31 -20.79 -2.73
N ARG C 215 22.46 -21.49 -2.65
CA ARG C 215 23.63 -21.33 -3.57
C ARG C 215 23.21 -21.66 -5.01
N GLU C 216 22.45 -22.74 -5.19
CA GLU C 216 22.04 -23.19 -6.52
C GLU C 216 21.01 -22.25 -7.18
N LEU C 217 20.07 -21.73 -6.37
CA LEU C 217 19.05 -20.80 -6.87
C LEU C 217 19.63 -19.42 -7.17
N CYS C 218 20.52 -18.95 -6.30
CA CYS C 218 21.20 -17.68 -6.49
C CYS C 218 22.00 -17.69 -7.80
N THR C 219 22.80 -18.74 -8.00
CA THR C 219 23.58 -18.90 -9.21
C THR C 219 22.72 -18.96 -10.49
N ARG C 220 21.61 -19.68 -10.40
CA ARG C 220 20.65 -19.92 -11.52
C ARG C 220 20.02 -18.59 -11.98
N HIS C 221 19.59 -17.73 -11.05
CA HIS C 221 18.94 -16.44 -11.36
C HIS C 221 19.86 -15.22 -11.33
N GLN C 222 21.18 -15.47 -11.31
CA GLN C 222 22.20 -14.42 -11.33
C GLN C 222 21.95 -13.42 -10.21
N VAL C 223 21.92 -13.94 -8.99
CA VAL C 223 21.69 -13.14 -7.79
C VAL C 223 22.81 -13.48 -6.83
N LEU C 224 23.33 -12.46 -6.13
CA LEU C 224 24.43 -12.62 -5.19
C LEU C 224 23.95 -13.23 -3.90
N PHE C 225 24.70 -14.24 -3.43
CA PHE C 225 24.44 -14.92 -2.16
C PHE C 225 25.36 -14.30 -1.11
N ILE C 226 24.76 -13.53 -0.19
CA ILE C 226 25.48 -12.91 0.92
C ILE C 226 25.24 -13.68 2.21
N ALA C 227 26.30 -14.33 2.69
CA ALA C 227 26.26 -15.11 3.94
C ALA C 227 26.72 -14.20 5.06
N ASP C 228 25.78 -13.83 5.95
CA ASP C 228 26.13 -13.12 7.16
C ASP C 228 26.65 -14.13 8.21
N GLU C 229 27.97 -14.17 8.38
CA GLU C 229 28.62 -15.06 9.35
C GLU C 229 29.26 -14.30 10.49
N ILE C 230 28.70 -13.11 10.81
CA ILE C 230 29.20 -12.26 11.88
C ILE C 230 29.13 -12.96 13.26
N GLN C 231 28.18 -13.88 13.43
CA GLN C 231 27.90 -14.54 14.70
C GLN C 231 28.18 -16.05 14.68
N THR C 232 27.94 -16.68 13.52
CA THR C 232 28.10 -18.11 13.33
C THR C 232 29.49 -18.49 12.82
N GLY C 233 30.18 -17.52 12.22
CA GLY C 233 31.49 -17.75 11.65
C GLY C 233 32.55 -17.91 12.70
N LEU C 234 33.77 -18.18 12.26
CA LEU C 234 34.96 -18.19 13.11
C LEU C 234 34.81 -19.19 14.24
N ALA C 235 34.52 -20.45 13.88
CA ALA C 235 34.71 -21.61 14.72
C ALA C 235 33.52 -22.02 15.59
N ARG C 236 32.58 -21.10 15.85
CA ARG C 236 31.56 -21.30 16.92
C ARG C 236 30.69 -22.51 16.59
N THR C 237 30.18 -22.61 15.37
CA THR C 237 29.30 -23.72 15.00
C THR C 237 30.06 -25.03 14.76
N GLY C 238 31.39 -24.94 14.74
CA GLY C 238 32.26 -26.09 14.58
C GLY C 238 32.98 -26.19 13.26
N ARG C 239 33.10 -25.05 12.56
CA ARG C 239 33.79 -24.91 11.25
C ARG C 239 34.33 -23.48 11.12
N TRP C 240 35.14 -23.19 10.11
CA TRP C 240 35.59 -21.81 9.88
C TRP C 240 34.39 -20.93 9.71
N LEU C 241 33.49 -21.38 8.85
CA LEU C 241 32.21 -20.76 8.58
C LEU C 241 31.15 -21.84 8.64
N ALA C 242 29.96 -21.49 9.12
CA ALA C 242 28.83 -22.43 9.19
C ALA C 242 28.45 -22.98 7.81
N VAL C 243 28.62 -22.16 6.76
CA VAL C 243 28.36 -22.58 5.39
C VAL C 243 29.24 -23.77 4.93
N ASP C 244 30.42 -23.89 5.54
CA ASP C 244 31.33 -25.01 5.27
C ASP C 244 30.70 -26.37 5.53
N TYR C 245 29.71 -26.43 6.43
CA TYR C 245 28.96 -27.67 6.76
C TYR C 245 28.36 -28.27 5.50
N GLU C 246 27.99 -27.45 4.51
CA GLU C 246 27.46 -27.94 3.23
C GLU C 246 28.34 -27.63 2.02
N ASN C 247 29.63 -27.32 2.27
CA ASN C 247 30.59 -26.97 1.23
C ASN C 247 30.10 -25.93 0.20
N VAL C 248 29.48 -24.88 0.72
CA VAL C 248 28.94 -23.82 -0.12
C VAL C 248 29.84 -22.58 -0.06
N ARG C 249 30.03 -21.96 -1.22
CA ARG C 249 30.84 -20.73 -1.40
C ARG C 249 29.91 -19.56 -1.73
N PRO C 250 29.50 -18.75 -0.73
CA PRO C 250 28.80 -17.50 -0.99
C PRO C 250 29.64 -16.53 -1.84
N ASP C 251 28.97 -15.61 -2.54
CA ASP C 251 29.58 -14.56 -3.28
C ASP C 251 30.20 -13.54 -2.31
N ILE C 252 29.46 -13.20 -1.25
CA ILE C 252 29.91 -12.27 -0.23
C ILE C 252 29.74 -12.90 1.15
N VAL C 253 30.82 -12.92 1.94
CA VAL C 253 30.78 -13.33 3.33
C VAL C 253 31.09 -12.17 4.24
N LEU C 254 30.33 -12.06 5.34
CA LEU C 254 30.54 -11.03 6.35
C LEU C 254 31.11 -11.66 7.63
N LEU C 255 32.18 -11.06 8.16
CA LEU C 255 32.82 -11.49 9.41
C LEU C 255 32.86 -10.31 10.35
N GLY C 256 32.87 -10.62 11.64
CA GLY C 256 32.81 -9.64 12.70
C GLY C 256 33.09 -10.30 14.05
N LYS C 257 32.58 -9.69 15.11
CA LYS C 257 32.68 -10.19 16.50
C LYS C 257 34.01 -10.85 16.92
N ALA C 258 34.15 -12.14 16.59
CA ALA C 258 35.28 -12.96 17.00
C ALA C 258 36.56 -12.62 16.21
N LEU C 259 36.38 -11.87 15.11
CA LEU C 259 37.49 -11.41 14.28
C LEU C 259 38.52 -10.63 15.08
N SER C 260 38.08 -10.06 16.22
CA SER C 260 38.95 -9.32 17.14
C SER C 260 39.23 -10.02 18.48
N GLY C 261 38.32 -10.90 18.91
CA GLY C 261 38.41 -11.56 20.21
C GLY C 261 37.88 -10.70 21.34
N GLY C 262 37.05 -9.71 21.00
CA GLY C 262 36.43 -8.81 21.96
C GLY C 262 37.23 -7.57 22.30
N LEU C 263 38.46 -7.49 21.77
CA LEU C 263 39.41 -6.45 22.12
C LEU C 263 39.36 -5.19 21.28
N TYR C 264 38.57 -5.23 20.20
CA TYR C 264 38.43 -4.13 19.21
C TYR C 264 37.27 -4.41 18.25
N PRO C 265 36.46 -3.40 17.86
CA PRO C 265 35.45 -3.56 16.81
C PRO C 265 36.05 -3.67 15.41
N VAL C 266 36.07 -4.89 14.87
CA VAL C 266 36.60 -5.17 13.55
C VAL C 266 35.56 -6.04 12.84
N SER C 267 35.17 -5.62 11.63
CA SER C 267 34.36 -6.43 10.73
C SER C 267 35.03 -6.44 9.37
N ALA C 268 34.65 -7.40 8.53
CA ALA C 268 35.25 -7.61 7.22
C ALA C 268 34.20 -8.07 6.23
N VAL C 269 34.34 -7.62 4.97
CA VAL C 269 33.50 -8.04 3.86
C VAL C 269 34.39 -8.67 2.79
N LEU C 270 34.23 -9.99 2.58
CA LEU C 270 35.04 -10.77 1.68
C LEU C 270 34.30 -11.11 0.38
N CYS C 271 34.88 -10.69 -0.75
CA CYS C 271 34.38 -11.12 -2.07
C CYS C 271 35.45 -11.00 -3.15
N ASP C 272 35.18 -11.61 -4.30
CA ASP C 272 36.07 -11.60 -5.46
C ASP C 272 35.98 -10.29 -6.25
N ASP C 273 36.92 -10.13 -7.19
CA ASP C 273 37.15 -8.89 -7.93
C ASP C 273 35.97 -8.36 -8.72
N ASP C 274 35.25 -9.24 -9.40
CA ASP C 274 34.13 -8.82 -10.24
C ASP C 274 33.01 -8.14 -9.42
N ILE C 275 32.93 -8.45 -8.13
CA ILE C 275 32.00 -7.78 -7.22
C ILE C 275 32.64 -6.61 -6.49
N MET C 276 33.79 -6.85 -5.89
CA MET C 276 34.44 -5.87 -5.03
C MET C 276 34.81 -4.59 -5.78
N LEU C 277 35.35 -4.74 -7.00
CA LEU C 277 35.83 -3.59 -7.77
C LEU C 277 34.78 -2.74 -8.45
N THR C 278 33.51 -3.05 -8.22
CA THR C 278 32.38 -2.21 -8.64
C THR C 278 32.37 -0.90 -7.85
N ILE C 279 33.10 -0.88 -6.72
CA ILE C 279 33.27 0.30 -5.87
C ILE C 279 34.64 0.95 -6.15
N LYS C 280 34.61 2.10 -6.85
CA LYS C 280 35.80 2.84 -7.22
C LYS C 280 36.33 3.68 -6.06
N PRO C 281 37.58 4.18 -6.12
CA PRO C 281 38.11 5.08 -5.10
C PRO C 281 37.21 6.27 -4.72
N GLY C 282 37.09 6.53 -3.42
CA GLY C 282 36.29 7.64 -2.90
C GLY C 282 34.82 7.34 -2.62
N GLU C 283 34.32 6.20 -3.10
CA GLU C 283 32.86 5.87 -3.05
C GLU C 283 32.43 5.06 -1.84
N HIS C 284 33.37 4.66 -0.96
CA HIS C 284 33.00 3.98 0.30
C HIS C 284 34.21 3.81 1.21
N GLY C 285 33.94 3.77 2.52
CA GLY C 285 34.96 3.74 3.55
C GLY C 285 34.41 4.05 4.94
N SER C 286 35.34 4.41 5.85
CA SER C 286 35.05 4.56 7.26
C SER C 286 36.29 5.05 7.96
N THR C 287 36.14 6.01 8.88
CA THR C 287 37.29 6.59 9.57
C THR C 287 38.23 5.54 10.14
N TYR C 288 37.70 4.60 10.92
CA TYR C 288 38.50 3.60 11.70
C TYR C 288 38.68 2.29 10.93
N GLY C 289 38.06 2.14 9.76
CA GLY C 289 38.11 0.93 8.98
C GLY C 289 39.46 0.70 8.42
N GLY C 290 40.04 -0.45 8.79
CA GLY C 290 41.38 -0.86 8.38
C GLY C 290 42.53 -0.30 9.19
N ASN C 291 42.24 0.31 10.34
CA ASN C 291 43.28 0.96 11.16
C ASN C 291 44.33 -0.05 11.64
N PRO C 292 45.58 0.40 11.92
CA PRO C 292 46.66 -0.53 12.25
C PRO C 292 46.38 -1.38 13.51
N LEU C 293 45.77 -0.76 14.52
CA LEU C 293 45.51 -1.43 15.78
C LEU C 293 44.49 -2.57 15.66
N GLY C 294 43.42 -2.33 14.90
CA GLY C 294 42.38 -3.31 14.69
C GLY C 294 42.87 -4.51 13.91
N CYS C 295 43.67 -4.25 12.88
CA CYS C 295 44.24 -5.28 12.01
C CYS C 295 45.19 -6.22 12.75
N ARG C 296 46.00 -5.66 13.66
CA ARG C 296 46.96 -6.45 14.48
C ARG C 296 46.19 -7.40 15.40
N VAL C 297 45.19 -6.87 16.12
CA VAL C 297 44.31 -7.71 16.95
C VAL C 297 43.67 -8.82 16.12
N ALA C 298 43.23 -8.47 14.91
CA ALA C 298 42.53 -9.41 14.03
C ALA C 298 43.42 -10.57 13.59
N ILE C 299 44.64 -10.27 13.19
CA ILE C 299 45.62 -11.30 12.81
C ILE C 299 45.78 -12.27 13.99
N ALA C 300 46.18 -11.73 15.15
CA ALA C 300 46.31 -12.50 16.38
C ALA C 300 45.07 -13.34 16.69
N ALA C 301 43.89 -12.71 16.59
CA ALA C 301 42.63 -13.34 16.93
C ALA C 301 42.32 -14.53 16.02
N LEU C 302 42.69 -14.42 14.74
CA LEU C 302 42.49 -15.49 13.75
C LEU C 302 43.50 -16.62 13.95
N GLU C 303 44.70 -16.26 14.41
CA GLU C 303 45.77 -17.22 14.69
C GLU C 303 45.38 -18.16 15.86
N VAL C 304 44.85 -17.58 16.94
CA VAL C 304 44.32 -18.36 18.07
C VAL C 304 43.32 -19.45 17.62
N LEU C 305 42.36 -19.06 16.77
CA LEU C 305 41.31 -19.96 16.28
C LEU C 305 41.84 -21.18 15.53
N GLU C 306 42.88 -20.95 14.73
CA GLU C 306 43.48 -21.98 13.91
C GLU C 306 44.35 -22.88 14.73
N GLU C 307 45.28 -22.28 15.49
CA GLU C 307 46.33 -23.03 16.17
C GLU C 307 45.88 -23.69 17.46
N GLU C 308 44.74 -23.29 18.00
CA GLU C 308 44.09 -24.00 19.12
C GLU C 308 42.92 -24.90 18.67
N ASN C 309 42.82 -25.16 17.37
CA ASN C 309 41.79 -26.03 16.78
C ASN C 309 40.43 -25.90 17.46
N LEU C 310 39.94 -24.65 17.55
CA LEU C 310 38.77 -24.34 18.35
C LEU C 310 37.47 -24.78 17.70
N ALA C 311 37.49 -24.93 16.37
CA ALA C 311 36.36 -25.42 15.60
C ALA C 311 36.10 -26.87 15.96
N GLU C 312 37.17 -27.66 15.88
CA GLU C 312 37.15 -29.08 16.19
C GLU C 312 36.70 -29.30 17.64
N ASN C 313 37.15 -28.43 18.55
CA ASN C 313 36.74 -28.48 19.96
C ASN C 313 35.27 -28.17 20.11
N ALA C 314 34.82 -27.13 19.41
CA ALA C 314 33.46 -26.63 19.45
C ALA C 314 32.45 -27.67 18.97
N ASP C 315 32.77 -28.31 17.84
CA ASP C 315 31.94 -29.37 17.27
C ASP C 315 31.71 -30.50 18.29
N LYS C 316 32.79 -31.07 18.83
CA LYS C 316 32.70 -32.18 19.77
C LYS C 316 31.98 -31.83 21.09
N LEU C 317 32.29 -30.67 21.66
CA LEU C 317 31.70 -30.24 22.92
C LEU C 317 30.24 -29.84 22.76
N GLY C 318 29.91 -29.31 21.57
CA GLY C 318 28.54 -29.04 21.16
C GLY C 318 27.63 -30.24 21.29
N ILE C 319 28.10 -31.39 20.78
CA ILE C 319 27.37 -32.65 20.84
C ILE C 319 27.07 -33.03 22.29
N ILE C 320 28.09 -32.93 23.16
CA ILE C 320 27.94 -33.27 24.56
C ILE C 320 26.85 -32.37 25.17
N LEU C 321 27.01 -31.04 25.02
CA LEU C 321 26.11 -30.08 25.60
C LEU C 321 24.65 -30.40 25.21
N ARG C 322 24.39 -30.54 23.90
CA ARG C 322 23.03 -30.83 23.36
C ARG C 322 22.50 -32.15 23.93
N ASN C 323 23.29 -33.24 23.84
CA ASN C 323 22.86 -34.55 24.36
C ASN C 323 22.42 -34.50 25.81
N GLU C 324 23.13 -33.71 26.62
CA GLU C 324 22.79 -33.54 28.03
C GLU C 324 21.53 -32.74 28.24
N LEU C 325 21.40 -31.63 27.51
CA LEU C 325 20.23 -30.76 27.59
C LEU C 325 18.92 -31.47 27.17
N MET C 326 19.04 -32.45 26.27
CA MET C 326 17.88 -33.22 25.82
C MET C 326 17.36 -34.20 26.88
N LYS C 327 18.19 -34.48 27.89
CA LYS C 327 17.83 -35.36 29.01
C LYS C 327 16.97 -34.65 30.08
N LEU C 328 16.91 -33.31 30.02
CA LEU C 328 16.01 -32.51 30.86
C LEU C 328 14.56 -32.85 30.53
N PRO C 329 13.59 -32.61 31.44
CA PRO C 329 12.22 -33.08 31.24
C PRO C 329 11.49 -32.25 30.17
N SER C 330 10.77 -32.92 29.27
CA SER C 330 10.06 -32.27 28.15
C SER C 330 9.02 -31.24 28.59
N ASP C 331 8.51 -31.39 29.82
CA ASP C 331 7.51 -30.49 30.39
C ASP C 331 8.03 -29.08 30.70
N VAL C 332 9.35 -28.92 30.81
CA VAL C 332 10.00 -27.67 31.17
C VAL C 332 10.77 -27.11 29.97
N VAL C 333 11.63 -27.95 29.37
CA VAL C 333 12.44 -27.62 28.19
C VAL C 333 11.84 -28.31 26.97
N THR C 334 11.14 -27.53 26.14
CA THR C 334 10.38 -28.04 25.00
C THR C 334 11.22 -28.31 23.76
N ALA C 335 12.40 -27.68 23.67
CA ALA C 335 13.29 -27.83 22.51
C ALA C 335 14.74 -27.55 22.84
N VAL C 336 15.64 -28.31 22.20
CA VAL C 336 17.07 -28.08 22.21
C VAL C 336 17.52 -28.09 20.75
N ARG C 337 18.31 -27.08 20.37
CA ARG C 337 18.84 -26.93 18.98
C ARG C 337 20.17 -26.19 19.01
N GLY C 338 20.98 -26.40 17.97
CA GLY C 338 22.26 -25.77 17.80
C GLY C 338 23.20 -26.49 16.87
N LYS C 339 24.31 -25.83 16.56
CA LYS C 339 25.45 -26.44 15.87
C LYS C 339 26.65 -25.91 16.60
N GLY C 340 27.64 -26.79 16.83
CA GLY C 340 28.79 -26.49 17.65
C GLY C 340 28.35 -25.94 18.99
N LEU C 341 28.94 -24.79 19.37
CA LEU C 341 28.67 -24.17 20.67
C LEU C 341 27.76 -22.97 20.58
N LEU C 342 26.89 -22.98 19.56
CA LEU C 342 25.80 -22.02 19.42
C LEU C 342 24.52 -22.81 19.54
N ASN C 343 24.08 -23.00 20.79
CA ASN C 343 22.87 -23.72 21.09
C ASN C 343 21.91 -22.86 21.91
N ALA C 344 20.70 -23.38 22.08
CA ALA C 344 19.63 -22.70 22.82
C ALA C 344 18.63 -23.73 23.31
N ILE C 345 17.82 -23.31 24.28
CA ILE C 345 16.67 -24.09 24.73
C ILE C 345 15.45 -23.16 24.85
N VAL C 346 14.27 -23.73 24.59
CA VAL C 346 13.01 -23.02 24.78
C VAL C 346 12.38 -23.58 26.04
N ILE C 347 11.93 -22.67 26.92
CA ILE C 347 11.34 -23.02 28.19
C ILE C 347 9.85 -22.73 28.03
N LYS C 348 9.00 -23.58 28.62
CA LYS C 348 7.57 -23.37 28.63
C LYS C 348 7.25 -22.30 29.66
N GLU C 349 6.87 -21.11 29.18
CA GLU C 349 6.47 -19.99 30.03
C GLU C 349 5.16 -20.29 30.74
N THR C 350 5.21 -20.40 32.07
CA THR C 350 4.04 -20.71 32.88
C THR C 350 4.06 -19.88 34.17
N LYS C 351 3.03 -20.08 34.98
CA LYS C 351 2.79 -19.29 36.18
C LYS C 351 3.84 -19.51 37.28
N ASP C 352 4.64 -20.56 37.17
CA ASP C 352 5.71 -20.86 38.14
C ASP C 352 7.12 -20.54 37.64
N TRP C 353 7.26 -20.24 36.34
CA TRP C 353 8.57 -19.91 35.76
C TRP C 353 8.52 -19.38 34.33
N ASP C 354 9.57 -18.66 33.96
CA ASP C 354 9.83 -18.24 32.58
C ASP C 354 11.35 -18.18 32.36
N ALA C 355 11.78 -17.81 31.15
CA ALA C 355 13.21 -17.82 30.81
C ALA C 355 14.01 -16.81 31.65
N TRP C 356 13.38 -15.66 31.96
CA TRP C 356 14.03 -14.61 32.72
C TRP C 356 14.35 -15.13 34.12
N LYS C 357 13.33 -15.66 34.80
CA LYS C 357 13.46 -16.27 36.11
C LYS C 357 14.54 -17.35 36.14
N VAL C 358 14.57 -18.22 35.13
CA VAL C 358 15.59 -19.26 35.01
C VAL C 358 16.98 -18.63 35.00
N CYS C 359 17.18 -17.63 34.13
CA CYS C 359 18.46 -16.97 33.97
C CYS C 359 18.93 -16.26 35.21
N LEU C 360 17.96 -15.75 36.00
CA LEU C 360 18.23 -15.17 37.31
C LEU C 360 18.79 -16.22 38.25
N ARG C 361 18.20 -17.42 38.24
CA ARG C 361 18.59 -18.54 39.14
C ARG C 361 19.92 -19.16 38.66
N LEU C 362 20.15 -19.19 37.34
CA LEU C 362 21.42 -19.64 36.78
C LEU C 362 22.55 -18.75 37.31
N ARG C 363 22.30 -17.45 37.34
CA ARG C 363 23.23 -16.40 37.87
C ARG C 363 23.54 -16.70 39.34
N ASP C 364 22.52 -17.03 40.13
CA ASP C 364 22.68 -17.38 41.54
C ASP C 364 23.46 -18.68 41.76
N ASN C 365 23.52 -19.54 40.73
CA ASN C 365 24.31 -20.76 40.76
C ASN C 365 25.62 -20.68 39.97
N GLY C 366 26.03 -19.46 39.60
CA GLY C 366 27.31 -19.19 38.95
C GLY C 366 27.38 -19.49 37.46
N LEU C 367 26.27 -19.25 36.74
CA LEU C 367 26.24 -19.32 35.27
C LEU C 367 25.49 -18.10 34.71
N LEU C 368 26.08 -17.47 33.69
CA LEU C 368 25.49 -16.30 33.02
C LEU C 368 25.00 -16.59 31.59
N ALA C 369 23.70 -16.40 31.39
CA ALA C 369 23.03 -16.55 30.10
C ALA C 369 21.83 -15.63 30.08
N LYS C 370 21.42 -15.20 28.89
CA LYS C 370 20.30 -14.26 28.75
C LYS C 370 19.22 -14.84 27.85
N PRO C 371 17.92 -14.62 28.16
CA PRO C 371 16.85 -14.99 27.23
C PRO C 371 16.75 -14.00 26.06
N THR C 372 16.35 -14.48 24.87
CA THR C 372 16.32 -13.69 23.64
C THR C 372 14.89 -13.46 23.10
N HIS C 373 13.89 -14.12 23.69
CA HIS C 373 12.49 -13.70 23.50
C HIS C 373 11.55 -13.79 24.70
N GLY C 374 11.94 -14.52 25.74
CA GLY C 374 11.11 -14.70 26.92
C GLY C 374 10.83 -16.17 27.21
N ASP C 375 11.05 -17.01 26.19
CA ASP C 375 11.06 -18.46 26.35
C ASP C 375 12.40 -19.13 25.94
N ILE C 376 13.29 -18.37 25.28
CA ILE C 376 14.50 -18.92 24.71
C ILE C 376 15.79 -18.47 25.43
N ILE C 377 16.48 -19.42 26.08
CA ILE C 377 17.77 -19.17 26.73
C ILE C 377 18.89 -19.73 25.85
N ARG C 378 19.91 -18.89 25.61
CA ARG C 378 21.03 -19.20 24.69
C ARG C 378 22.22 -19.72 25.51
N PHE C 379 22.87 -20.76 25.00
CA PHE C 379 24.00 -21.39 25.65
C PHE C 379 25.18 -21.39 24.69
N ALA C 380 26.00 -20.33 24.80
CA ALA C 380 27.11 -20.07 23.90
C ALA C 380 28.37 -19.74 24.70
N PRO C 381 29.06 -20.75 25.29
CA PRO C 381 30.31 -20.52 26.01
C PRO C 381 31.47 -20.22 25.05
N PRO C 382 32.59 -19.62 25.55
CA PRO C 382 33.78 -19.45 24.72
C PRO C 382 34.32 -20.81 24.24
N LEU C 383 34.97 -20.84 23.07
CA LEU C 383 35.37 -22.09 22.44
C LEU C 383 36.63 -22.73 23.02
N VAL C 384 37.30 -21.99 23.90
CA VAL C 384 38.49 -22.50 24.63
C VAL C 384 38.11 -23.34 25.85
N ILE C 385 36.80 -23.53 26.06
CA ILE C 385 36.29 -24.35 27.17
C ILE C 385 36.62 -25.82 26.95
N LYS C 386 37.00 -26.52 28.02
CA LYS C 386 37.35 -27.95 27.98
C LYS C 386 36.28 -28.81 28.60
N GLU C 387 36.39 -30.13 28.38
CA GLU C 387 35.32 -31.09 28.65
C GLU C 387 34.82 -31.11 30.11
N ASP C 388 35.74 -31.05 31.06
CA ASP C 388 35.39 -31.05 32.49
C ASP C 388 34.66 -29.76 32.86
N GLU C 389 35.22 -28.61 32.49
CA GLU C 389 34.57 -27.29 32.70
C GLU C 389 33.13 -27.28 32.17
N LEU C 390 32.93 -27.81 30.96
CA LEU C 390 31.61 -27.88 30.34
C LEU C 390 30.66 -28.74 31.16
N ARG C 391 31.19 -29.83 31.73
CA ARG C 391 30.42 -30.81 32.54
C ARG C 391 30.09 -30.22 33.91
N GLU C 392 30.89 -29.26 34.40
CA GLU C 392 30.54 -28.52 35.63
C GLU C 392 29.35 -27.60 35.36
N SER C 393 29.40 -26.87 34.24
CA SER C 393 28.33 -25.97 33.80
C SER C 393 27.01 -26.68 33.58
N ILE C 394 27.06 -27.85 32.93
CA ILE C 394 25.88 -28.67 32.70
C ILE C 394 25.18 -29.03 34.01
N GLU C 395 25.98 -29.42 35.01
CA GLU C 395 25.45 -29.72 36.34
C GLU C 395 24.76 -28.49 36.95
N ILE C 396 25.33 -27.30 36.70
CA ILE C 396 24.71 -26.03 37.12
C ILE C 396 23.35 -25.79 36.43
N ILE C 397 23.27 -26.15 35.14
CA ILE C 397 22.04 -26.04 34.36
C ILE C 397 20.98 -27.00 34.90
N ASN C 398 21.30 -28.29 34.96
CA ASN C 398 20.41 -29.32 35.49
C ASN C 398 19.86 -28.91 36.86
N LYS C 399 20.76 -28.59 37.79
CA LYS C 399 20.40 -28.16 39.14
C LYS C 399 19.36 -27.05 39.11
N THR C 400 19.63 -26.02 38.31
CA THR C 400 18.79 -24.83 38.24
C THR C 400 17.42 -25.11 37.63
N ILE C 401 17.40 -25.88 36.54
CA ILE C 401 16.16 -26.23 35.86
C ILE C 401 15.25 -27.10 36.73
N LEU C 402 15.86 -28.01 37.50
CA LEU C 402 15.11 -28.97 38.31
C LEU C 402 14.64 -28.40 39.66
N SER C 403 15.14 -27.22 40.02
CA SER C 403 14.84 -26.59 41.31
C SER C 403 13.50 -25.88 41.37
N PHE C 404 12.88 -25.66 40.20
CA PHE C 404 11.58 -24.97 40.13
C PHE C 404 10.43 -25.92 40.42
N GLY D 1 43.67 -73.42 -32.02
CA GLY D 1 42.68 -72.31 -31.91
C GLY D 1 41.29 -72.68 -32.43
N PRO D 2 40.41 -73.29 -31.60
CA PRO D 2 39.00 -73.48 -31.95
C PRO D 2 38.22 -72.17 -32.13
N PRO D 3 37.60 -71.91 -33.31
CA PRO D 3 36.92 -70.64 -33.55
C PRO D 3 35.51 -70.49 -32.97
N THR D 4 34.81 -71.58 -32.62
CA THR D 4 33.38 -71.49 -32.22
C THR D 4 33.14 -71.26 -30.72
N SER D 5 31.99 -70.64 -30.42
CA SER D 5 31.63 -70.17 -29.09
C SER D 5 31.60 -71.26 -28.00
N ASP D 6 31.00 -72.41 -28.34
CA ASP D 6 30.97 -73.56 -27.44
C ASP D 6 32.36 -74.12 -27.15
N ASP D 7 33.26 -74.03 -28.14
CA ASP D 7 34.65 -74.49 -27.99
C ASP D 7 35.45 -73.56 -27.09
N ILE D 8 35.09 -72.27 -27.09
CA ILE D 8 35.69 -71.29 -26.20
C ILE D 8 35.29 -71.57 -24.74
N PHE D 9 34.04 -71.97 -24.52
CA PHE D 9 33.53 -72.29 -23.18
C PHE D 9 34.25 -73.53 -22.64
N GLU D 10 34.17 -74.62 -23.40
CA GLU D 10 34.71 -75.91 -23.00
C GLU D 10 36.24 -75.95 -22.85
N ARG D 11 36.94 -75.09 -23.59
CA ARG D 11 38.42 -74.93 -23.50
C ARG D 11 38.76 -74.22 -22.19
N GLU D 12 38.03 -73.15 -21.87
CA GLU D 12 38.17 -72.44 -20.58
C GLU D 12 37.77 -73.31 -19.38
N TYR D 13 36.82 -74.24 -19.60
CA TYR D 13 36.33 -75.20 -18.59
C TYR D 13 37.44 -76.20 -18.24
N LYS D 14 38.18 -76.68 -19.24
CA LYS D 14 39.22 -77.69 -19.04
C LYS D 14 40.47 -77.11 -18.38
N TYR D 15 40.98 -76.00 -18.92
CA TYR D 15 42.34 -75.47 -18.62
C TYR D 15 42.30 -74.26 -17.70
N GLY D 16 41.11 -73.69 -17.45
CA GLY D 16 40.94 -72.55 -16.56
C GLY D 16 40.17 -72.93 -15.29
N ALA D 17 40.38 -72.14 -14.23
CA ALA D 17 39.69 -72.31 -12.96
C ALA D 17 38.22 -71.96 -13.13
N HIS D 18 37.37 -72.59 -12.31
CA HIS D 18 35.92 -72.42 -12.34
C HIS D 18 35.46 -71.40 -11.30
N ASN D 19 36.11 -70.22 -11.27
CA ASN D 19 35.85 -69.19 -10.27
C ASN D 19 34.87 -68.11 -10.71
N TYR D 20 34.38 -68.23 -11.93
CA TYR D 20 33.29 -67.39 -12.51
C TYR D 20 32.27 -68.32 -13.20
N HIS D 21 30.98 -67.91 -13.26
CA HIS D 21 29.99 -68.50 -14.16
C HIS D 21 29.49 -67.37 -15.05
N PRO D 22 30.21 -67.01 -16.14
CA PRO D 22 29.82 -65.91 -17.01
C PRO D 22 28.57 -66.19 -17.85
N LEU D 23 27.96 -65.12 -18.37
CA LEU D 23 26.85 -65.21 -19.31
C LEU D 23 27.40 -65.87 -20.57
N PRO D 24 26.83 -67.02 -21.02
CA PRO D 24 27.40 -67.75 -22.17
C PRO D 24 27.41 -66.87 -23.43
N VAL D 25 28.51 -66.15 -23.65
CA VAL D 25 28.72 -65.33 -24.85
C VAL D 25 30.21 -65.07 -25.01
N ALA D 26 30.79 -65.55 -26.12
CA ALA D 26 32.22 -65.44 -26.40
C ALA D 26 32.50 -64.26 -27.33
N LEU D 27 33.04 -63.17 -26.76
CA LEU D 27 33.29 -61.93 -27.48
C LEU D 27 34.71 -61.89 -28.05
N GLU D 28 34.84 -61.28 -29.24
CA GLU D 28 36.09 -61.23 -30.01
C GLU D 28 36.53 -59.82 -30.36
N ARG D 29 35.58 -58.89 -30.52
CA ARG D 29 35.83 -57.49 -30.91
C ARG D 29 34.98 -56.56 -30.03
N GLY D 30 35.46 -55.33 -29.81
CA GLY D 30 34.75 -54.30 -29.10
C GLY D 30 35.14 -52.93 -29.64
N LYS D 31 34.14 -52.06 -29.79
CA LYS D 31 34.35 -50.68 -30.23
C LYS D 31 33.19 -49.80 -29.76
N GLY D 32 33.52 -48.66 -29.14
CA GLY D 32 32.56 -47.79 -28.48
C GLY D 32 31.63 -48.55 -27.57
N ILE D 33 30.33 -48.58 -27.93
CA ILE D 33 29.25 -49.14 -27.13
C ILE D 33 28.92 -50.57 -27.53
N TYR D 34 29.57 -51.08 -28.57
CA TYR D 34 29.24 -52.34 -29.28
C TYR D 34 30.30 -53.41 -28.98
N LEU D 35 29.86 -54.66 -28.91
CA LEU D 35 30.69 -55.84 -28.78
C LEU D 35 30.22 -56.85 -29.83
N TRP D 36 31.16 -57.60 -30.41
CA TRP D 36 30.87 -58.62 -31.40
C TRP D 36 31.37 -59.96 -30.93
N ASP D 37 30.60 -61.02 -31.19
CA ASP D 37 31.01 -62.37 -30.82
C ASP D 37 31.66 -63.09 -32.00
N VAL D 38 32.24 -64.26 -31.70
CA VAL D 38 32.99 -65.06 -32.67
C VAL D 38 32.21 -65.61 -33.86
N GLU D 39 30.88 -65.65 -33.77
CA GLU D 39 30.00 -65.94 -34.91
C GLU D 39 29.51 -64.66 -35.60
N GLY D 40 30.08 -63.50 -35.20
CA GLY D 40 29.85 -62.23 -35.85
C GLY D 40 28.60 -61.47 -35.43
N ARG D 41 27.92 -61.96 -34.37
CA ARG D 41 26.71 -61.31 -33.82
C ARG D 41 27.13 -60.02 -33.11
N LYS D 42 26.22 -59.05 -33.02
CA LYS D 42 26.52 -57.71 -32.51
C LYS D 42 25.61 -57.40 -31.32
N TYR D 43 26.18 -56.80 -30.28
CA TYR D 43 25.53 -56.57 -28.96
C TYR D 43 25.83 -55.14 -28.48
N PHE D 44 24.82 -54.44 -27.95
CA PHE D 44 25.04 -53.26 -27.12
C PHE D 44 25.62 -53.79 -25.82
N ASP D 45 26.64 -53.12 -25.28
CA ASP D 45 27.21 -53.44 -23.96
C ASP D 45 26.57 -52.56 -22.90
N PHE D 46 25.81 -53.18 -21.99
CA PHE D 46 25.15 -52.49 -20.89
C PHE D 46 25.73 -52.89 -19.53
N LEU D 47 27.02 -53.26 -19.54
CA LEU D 47 27.79 -53.46 -18.32
C LEU D 47 29.02 -52.56 -18.23
N SER D 48 29.58 -52.20 -19.40
CA SER D 48 30.80 -51.37 -19.51
C SER D 48 31.93 -51.86 -18.62
N SER D 49 32.08 -53.20 -18.54
CA SER D 49 33.05 -53.86 -17.67
C SER D 49 33.06 -53.23 -16.28
N TYR D 50 31.89 -53.23 -15.66
CA TYR D 50 31.62 -52.63 -14.32
C TYR D 50 32.17 -51.20 -14.26
N SER D 51 32.07 -50.47 -15.38
CA SER D 51 32.47 -49.05 -15.51
C SER D 51 33.90 -48.78 -15.98
N ALA D 52 34.63 -49.84 -16.36
CA ALA D 52 36.01 -49.71 -16.84
C ALA D 52 36.10 -49.06 -18.22
N VAL D 53 35.05 -49.23 -19.04
CA VAL D 53 35.00 -48.67 -20.38
C VAL D 53 33.95 -47.56 -20.51
N ASN D 54 34.01 -46.57 -19.62
CA ASN D 54 33.17 -45.39 -19.69
C ASN D 54 33.33 -44.70 -21.03
N GLN D 55 34.56 -44.76 -21.56
CA GLN D 55 34.94 -44.09 -22.81
C GLN D 55 34.65 -44.92 -24.06
N GLY D 56 33.97 -46.06 -23.87
CA GLY D 56 33.69 -47.01 -24.94
C GLY D 56 34.91 -47.86 -25.16
N HIS D 57 34.73 -49.04 -25.74
CA HIS D 57 35.84 -49.96 -25.98
C HIS D 57 36.80 -49.36 -26.99
N CYS D 58 38.10 -49.53 -26.74
CA CYS D 58 39.17 -49.16 -27.65
C CYS D 58 39.04 -47.71 -28.16
N HIS D 59 38.66 -46.78 -27.27
CA HIS D 59 38.59 -45.38 -27.64
C HIS D 59 39.89 -44.95 -28.33
N PRO D 60 39.83 -44.45 -29.59
CA PRO D 60 41.03 -44.18 -30.38
C PRO D 60 42.14 -43.35 -29.70
N LYS D 61 41.76 -42.31 -28.96
CA LYS D 61 42.75 -41.43 -28.32
C LYS D 61 43.51 -42.17 -27.22
N ILE D 62 42.82 -43.08 -26.52
CA ILE D 62 43.43 -43.87 -25.47
C ILE D 62 44.28 -44.97 -26.12
N VAL D 63 43.81 -45.52 -27.22
CA VAL D 63 44.57 -46.53 -27.98
C VAL D 63 45.90 -45.95 -28.46
N ASN D 64 45.85 -44.76 -29.08
CA ASN D 64 47.06 -44.12 -29.60
C ASN D 64 48.09 -43.81 -28.51
N ALA D 65 47.61 -43.38 -27.33
CA ALA D 65 48.46 -43.11 -26.19
C ALA D 65 49.26 -44.37 -25.79
N LEU D 66 48.56 -45.51 -25.78
CA LEU D 66 49.17 -46.81 -25.51
C LEU D 66 50.18 -47.17 -26.58
N LYS D 67 49.76 -47.07 -27.85
CA LYS D 67 50.59 -47.41 -29.00
C LYS D 67 51.88 -46.58 -29.08
N SER D 68 51.78 -45.31 -28.66
CA SER D 68 52.91 -44.37 -28.70
C SER D 68 53.96 -44.68 -27.63
N GLN D 69 53.49 -45.04 -26.44
CA GLN D 69 54.38 -45.20 -25.28
C GLN D 69 55.07 -46.56 -25.25
N VAL D 70 54.41 -47.60 -25.79
CA VAL D 70 54.98 -48.96 -25.83
C VAL D 70 56.32 -49.00 -26.59
N ASP D 71 56.43 -48.18 -27.65
CA ASP D 71 57.65 -48.07 -28.42
C ASP D 71 58.81 -47.37 -27.68
N LYS D 72 58.52 -46.77 -26.53
CA LYS D 72 59.48 -45.94 -25.78
C LYS D 72 59.96 -46.62 -24.52
N LEU D 73 59.01 -46.91 -23.62
CA LEU D 73 59.30 -47.46 -22.29
C LEU D 73 57.99 -47.87 -21.61
N THR D 74 58.00 -49.03 -20.95
CA THR D 74 56.80 -49.59 -20.31
C THR D 74 56.92 -49.88 -18.81
N LEU D 75 58.15 -50.14 -18.33
CA LEU D 75 58.37 -50.49 -16.94
C LEU D 75 59.86 -50.46 -16.57
N THR D 76 60.22 -49.54 -15.66
CA THR D 76 61.52 -49.48 -15.02
C THR D 76 61.48 -50.00 -13.58
N SER D 77 60.26 -50.20 -13.05
CA SER D 77 60.02 -50.30 -11.61
C SER D 77 60.32 -48.92 -11.04
N ARG D 78 59.89 -48.69 -9.79
CA ARG D 78 60.04 -47.39 -9.10
C ARG D 78 61.34 -47.36 -8.29
N ALA D 79 62.25 -48.29 -8.58
CA ALA D 79 63.63 -48.22 -8.11
C ALA D 79 64.32 -47.03 -8.78
N PHE D 80 63.83 -46.65 -9.96
CA PHE D 80 64.25 -45.50 -10.70
C PHE D 80 63.04 -44.63 -10.97
N TYR D 81 63.28 -43.42 -11.51
CA TYR D 81 62.24 -42.50 -12.01
C TYR D 81 62.03 -42.75 -13.51
N ASN D 82 60.77 -42.61 -13.97
CA ASN D 82 60.46 -42.48 -15.37
C ASN D 82 59.92 -41.07 -15.61
N ASN D 83 59.90 -40.65 -16.87
CA ASN D 83 59.55 -39.28 -17.25
C ASN D 83 58.06 -38.97 -17.18
N VAL D 84 57.22 -40.02 -17.23
CA VAL D 84 55.77 -39.87 -17.41
C VAL D 84 55.02 -39.66 -16.10
N LEU D 85 55.38 -40.45 -15.07
CA LEU D 85 54.59 -40.55 -13.83
C LEU D 85 54.27 -39.19 -13.23
N GLY D 86 55.29 -38.36 -13.02
CA GLY D 86 55.15 -37.07 -12.38
C GLY D 86 54.21 -36.14 -13.13
N GLU D 87 54.15 -36.31 -14.45
CA GLU D 87 53.24 -35.57 -15.31
C GLU D 87 51.81 -35.95 -15.00
N TYR D 88 51.55 -37.27 -14.97
CA TYR D 88 50.25 -37.87 -14.56
C TYR D 88 49.86 -37.39 -13.17
N GLU D 89 50.79 -37.44 -12.21
CA GLU D 89 50.54 -37.04 -10.84
C GLU D 89 50.11 -35.56 -10.74
N GLU D 90 50.75 -34.69 -11.53
CA GLU D 90 50.42 -33.26 -11.53
C GLU D 90 49.00 -33.01 -12.05
N TYR D 91 48.60 -33.78 -13.06
CA TYR D 91 47.26 -33.72 -13.72
C TYR D 91 46.18 -34.21 -12.77
N ILE D 92 46.28 -35.47 -12.31
CA ILE D 92 45.22 -36.09 -11.53
C ILE D 92 44.97 -35.35 -10.22
N THR D 93 46.04 -34.88 -9.57
CA THR D 93 45.93 -34.17 -8.31
C THR D 93 45.26 -32.81 -8.49
N LYS D 94 45.64 -32.09 -9.55
CA LYS D 94 45.09 -30.76 -9.84
C LYS D 94 43.64 -30.84 -10.34
N LEU D 95 43.31 -31.96 -10.99
CA LEU D 95 41.98 -32.23 -11.48
C LEU D 95 40.99 -32.40 -10.32
N PHE D 96 41.36 -33.21 -9.34
CA PHE D 96 40.49 -33.55 -8.21
C PHE D 96 40.73 -32.69 -6.96
N ASN D 97 41.80 -31.87 -6.99
CA ASN D 97 42.10 -30.92 -5.94
C ASN D 97 42.48 -31.60 -4.61
N TYR D 98 43.48 -32.47 -4.69
CA TYR D 98 44.16 -33.11 -3.52
C TYR D 98 45.66 -32.93 -3.71
N HIS D 99 46.42 -32.83 -2.62
CA HIS D 99 47.87 -32.61 -2.69
C HIS D 99 48.56 -33.68 -3.51
N LYS D 100 48.34 -34.95 -3.15
CA LYS D 100 49.11 -36.06 -3.68
C LYS D 100 48.27 -37.26 -4.06
N VAL D 101 48.84 -38.11 -4.93
CA VAL D 101 48.22 -39.35 -5.38
C VAL D 101 49.22 -40.46 -5.15
N LEU D 102 48.73 -41.66 -4.83
CA LEU D 102 49.56 -42.86 -4.73
C LEU D 102 49.10 -43.82 -5.83
N PRO D 103 49.94 -44.11 -6.85
CA PRO D 103 49.51 -44.94 -7.98
C PRO D 103 49.59 -46.44 -7.69
N MET D 104 48.52 -47.17 -8.03
CA MET D 104 48.48 -48.63 -7.91
C MET D 104 47.85 -49.17 -9.19
N ASN D 105 47.63 -50.49 -9.23
CA ASN D 105 47.21 -51.17 -10.45
C ASN D 105 45.73 -51.51 -10.49
N THR D 106 45.29 -52.36 -9.55
CA THR D 106 43.92 -52.85 -9.49
C THR D 106 43.18 -52.14 -8.36
N GLY D 107 41.85 -52.26 -8.36
CA GLY D 107 41.00 -51.57 -7.41
C GLY D 107 41.20 -51.99 -5.96
N VAL D 108 41.31 -53.30 -5.72
CA VAL D 108 41.60 -53.86 -4.40
C VAL D 108 42.83 -53.23 -3.78
N GLU D 109 43.88 -53.04 -4.61
CA GLU D 109 45.15 -52.47 -4.19
C GLU D 109 45.04 -51.04 -3.70
N ALA D 110 44.11 -50.29 -4.30
CA ALA D 110 43.82 -48.92 -3.86
C ALA D 110 43.16 -48.96 -2.50
N GLY D 111 42.22 -49.88 -2.33
CA GLY D 111 41.58 -50.11 -1.04
C GLY D 111 42.58 -50.48 0.05
N GLU D 112 43.39 -51.50 -0.22
CA GLU D 112 44.47 -51.94 0.68
C GLU D 112 45.37 -50.79 1.07
N THR D 113 45.66 -49.90 0.11
CA THR D 113 46.52 -48.75 0.34
C THR D 113 45.87 -47.74 1.26
N ALA D 114 44.56 -47.52 1.06
CA ALA D 114 43.78 -46.62 1.89
C ALA D 114 43.68 -47.06 3.35
N CYS D 115 43.58 -48.38 3.56
CA CYS D 115 43.51 -48.95 4.92
C CYS D 115 44.84 -48.76 5.63
N LYS D 116 45.92 -49.01 4.88
CA LYS D 116 47.27 -48.82 5.40
C LYS D 116 47.51 -47.37 5.81
N LEU D 117 47.10 -46.43 4.95
CA LEU D 117 47.11 -44.99 5.29
C LEU D 117 46.25 -44.68 6.51
N ALA D 118 45.01 -45.19 6.52
CA ALA D 118 44.06 -44.94 7.60
C ALA D 118 44.69 -45.35 8.91
N ARG D 119 45.27 -46.54 8.90
CA ARG D 119 45.92 -47.14 10.08
C ARG D 119 47.15 -46.30 10.46
N LYS D 120 48.09 -46.10 9.53
CA LYS D 120 49.32 -45.34 9.78
C LYS D 120 49.04 -43.97 10.40
N TRP D 121 48.07 -43.27 9.82
CA TRP D 121 47.64 -41.97 10.28
C TRP D 121 47.03 -42.09 11.69
N GLY D 122 46.25 -43.15 11.89
CA GLY D 122 45.67 -43.45 13.18
C GLY D 122 46.69 -43.52 14.30
N TYR D 123 47.77 -44.26 14.05
CA TYR D 123 48.86 -44.48 15.03
C TYR D 123 49.73 -43.23 15.17
N THR D 124 50.16 -42.64 14.04
CA THR D 124 51.15 -41.57 14.07
C THR D 124 50.57 -40.16 14.32
N VAL D 125 49.36 -39.91 13.80
CA VAL D 125 48.75 -38.58 13.89
C VAL D 125 47.66 -38.49 14.96
N LYS D 126 46.80 -39.51 15.03
CA LYS D 126 45.73 -39.53 16.01
C LYS D 126 46.19 -40.02 17.40
N GLY D 127 47.21 -40.87 17.43
CA GLY D 127 47.80 -41.34 18.68
C GLY D 127 47.11 -42.56 19.30
N ILE D 128 46.48 -43.36 18.45
CA ILE D 128 45.86 -44.62 18.83
C ILE D 128 46.98 -45.58 19.22
N GLN D 129 46.75 -46.40 20.25
CA GLN D 129 47.72 -47.37 20.70
C GLN D 129 47.90 -48.41 19.60
N LYS D 130 49.15 -48.81 19.39
CA LYS D 130 49.49 -49.65 18.27
C LYS D 130 48.77 -50.98 18.25
N TYR D 131 47.92 -51.07 17.23
CA TYR D 131 47.28 -52.24 16.59
C TYR D 131 45.88 -52.40 17.15
N LYS D 132 45.39 -51.33 17.81
CA LYS D 132 43.99 -51.18 18.19
C LYS D 132 43.16 -50.31 17.23
N ALA D 133 43.79 -49.75 16.18
CA ALA D 133 43.08 -48.93 15.20
C ALA D 133 42.04 -49.74 14.43
N LYS D 134 40.85 -49.17 14.25
CA LYS D 134 39.71 -49.83 13.60
C LYS D 134 39.24 -49.06 12.36
N ILE D 135 38.67 -49.81 11.41
CA ILE D 135 38.15 -49.24 10.17
C ILE D 135 36.72 -49.77 10.10
N VAL D 136 35.75 -48.85 9.91
CA VAL D 136 34.38 -49.22 9.72
C VAL D 136 34.05 -49.28 8.23
N PHE D 137 33.25 -50.28 7.87
CA PHE D 137 32.72 -50.45 6.51
C PHE D 137 31.21 -50.54 6.61
N ALA D 138 30.54 -50.62 5.46
CA ALA D 138 29.09 -50.69 5.38
C ALA D 138 28.65 -52.03 4.82
N ALA D 139 27.56 -52.58 5.34
CA ALA D 139 27.04 -53.85 4.89
C ALA D 139 26.72 -53.75 3.40
N GLY D 140 26.99 -54.82 2.65
CA GLY D 140 26.89 -54.81 1.21
C GLY D 140 28.12 -54.28 0.44
N ASN D 141 29.12 -53.76 1.15
CA ASN D 141 30.30 -53.21 0.50
C ASN D 141 31.03 -54.24 -0.36
N PHE D 142 31.74 -53.74 -1.35
CA PHE D 142 32.57 -54.55 -2.19
C PHE D 142 33.75 -53.70 -2.62
N TRP D 143 34.94 -54.18 -2.33
CA TRP D 143 36.13 -53.48 -2.74
C TRP D 143 37.30 -54.37 -3.12
N GLY D 144 37.00 -55.61 -3.49
CA GLY D 144 37.99 -56.59 -3.91
C GLY D 144 37.89 -57.94 -3.26
N ARG D 145 38.76 -58.88 -3.65
CA ARG D 145 38.75 -60.30 -3.25
C ARG D 145 40.03 -60.69 -2.52
N THR D 146 40.79 -59.74 -1.96
CA THR D 146 41.89 -60.10 -1.03
C THR D 146 41.30 -60.61 0.28
N LEU D 147 42.13 -61.26 1.10
CA LEU D 147 41.76 -61.69 2.44
C LEU D 147 41.20 -60.56 3.31
N SER D 148 41.73 -59.34 3.11
CA SER D 148 41.28 -58.16 3.85
C SER D 148 39.94 -57.71 3.33
N ALA D 149 39.82 -57.58 2.01
CA ALA D 149 38.57 -57.17 1.39
C ALA D 149 37.42 -58.05 1.83
N ILE D 150 37.58 -59.36 1.73
CA ILE D 150 36.54 -60.32 2.12
C ILE D 150 36.27 -60.37 3.63
N SER D 151 37.22 -59.88 4.44
CA SER D 151 37.07 -59.81 5.90
C SER D 151 36.04 -58.77 6.35
N SER D 152 35.67 -57.86 5.44
CA SER D 152 34.69 -56.81 5.71
C SER D 152 33.41 -56.99 4.90
N SER D 153 33.23 -58.21 4.37
CA SER D 153 32.11 -58.54 3.51
C SER D 153 31.02 -59.19 4.33
N THR D 154 29.78 -58.78 4.04
CA THR D 154 28.60 -59.44 4.58
C THR D 154 28.05 -60.49 3.62
N ASP D 155 28.75 -60.72 2.51
CA ASP D 155 28.40 -61.74 1.53
C ASP D 155 29.06 -63.09 1.83
N PRO D 156 28.30 -64.13 2.23
CA PRO D 156 28.88 -65.43 2.53
C PRO D 156 29.72 -66.03 1.37
N THR D 157 29.33 -65.79 0.12
CA THR D 157 30.06 -66.33 -1.03
C THR D 157 31.52 -65.83 -1.07
N SER D 158 31.75 -64.61 -0.61
CA SER D 158 33.08 -64.00 -0.58
C SER D 158 34.01 -64.49 0.50
N TYR D 159 33.50 -64.71 1.72
CA TYR D 159 34.34 -64.96 2.92
C TYR D 159 34.26 -66.45 3.33
N ASP D 160 33.14 -67.13 3.10
CA ASP D 160 32.98 -68.49 3.59
C ASP D 160 34.12 -69.37 3.09
N GLY D 161 34.87 -69.98 4.01
CA GLY D 161 35.94 -70.90 3.68
C GLY D 161 37.33 -70.28 3.54
N PHE D 162 37.43 -68.95 3.66
CA PHE D 162 38.65 -68.22 3.41
C PHE D 162 39.39 -67.76 4.66
N GLY D 163 39.12 -68.48 5.75
CA GLY D 163 40.10 -68.75 6.79
C GLY D 163 40.06 -67.52 7.66
N PRO D 164 40.92 -67.41 8.70
CA PRO D 164 40.76 -66.39 9.72
C PRO D 164 40.72 -65.01 9.05
N PHE D 165 39.91 -64.10 9.59
CA PHE D 165 39.68 -62.79 8.99
C PHE D 165 40.46 -61.70 9.67
N MET D 166 40.73 -60.64 8.92
CA MET D 166 41.52 -59.52 9.42
C MET D 166 40.77 -58.91 10.61
N PRO D 167 41.41 -58.80 11.79
CA PRO D 167 40.80 -58.05 12.90
C PRO D 167 40.79 -56.53 12.64
N GLY D 168 39.99 -55.81 13.44
CA GLY D 168 39.88 -54.37 13.38
C GLY D 168 38.96 -53.81 12.30
N PHE D 169 38.12 -54.69 11.72
CA PHE D 169 37.13 -54.30 10.73
C PHE D 169 35.73 -54.49 11.32
N ASP D 170 35.07 -53.36 11.64
CA ASP D 170 33.69 -53.33 12.09
C ASP D 170 32.81 -53.02 10.92
N ILE D 171 31.57 -53.55 10.98
CA ILE D 171 30.61 -53.44 9.90
C ILE D 171 29.28 -52.94 10.44
N ILE D 172 28.76 -51.88 9.81
CA ILE D 172 27.48 -51.27 10.18
C ILE D 172 26.56 -51.29 8.96
N PRO D 173 25.24 -51.09 9.13
CA PRO D 173 24.32 -51.03 7.99
C PRO D 173 24.63 -49.82 7.11
N TYR D 174 24.42 -49.95 5.80
CA TYR D 174 24.61 -48.87 4.79
C TYR D 174 23.43 -47.90 4.90
N ASN D 175 23.66 -46.61 4.60
CA ASN D 175 22.59 -45.66 4.59
C ASN D 175 21.94 -45.49 5.97
N ASP D 176 22.79 -45.37 7.01
CA ASP D 176 22.36 -45.39 8.41
C ASP D 176 23.32 -44.54 9.25
N LEU D 177 22.94 -43.28 9.44
CA LEU D 177 23.75 -42.30 10.15
C LEU D 177 23.79 -42.52 11.66
N PRO D 178 22.68 -42.94 12.30
CA PRO D 178 22.72 -43.34 13.71
C PRO D 178 23.72 -44.48 14.00
N ALA D 179 23.78 -45.49 13.13
CA ALA D 179 24.75 -46.57 13.23
C ALA D 179 26.20 -46.06 13.17
N LEU D 180 26.47 -45.17 12.21
CA LEU D 180 27.80 -44.58 12.07
C LEU D 180 28.15 -43.77 13.31
N GLU D 181 27.20 -43.00 13.81
CA GLU D 181 27.43 -42.17 14.99
C GLU D 181 27.79 -43.02 16.19
N ARG D 182 27.00 -44.07 16.42
CA ARG D 182 27.24 -45.10 17.48
C ARG D 182 28.69 -45.62 17.37
N ALA D 183 29.10 -46.01 16.16
CA ALA D 183 30.36 -46.69 15.94
C ALA D 183 31.55 -45.76 16.19
N LEU D 184 31.44 -44.52 15.71
CA LEU D 184 32.50 -43.54 15.86
C LEU D 184 32.68 -43.02 17.28
N GLN D 185 31.89 -43.54 18.23
CA GLN D 185 32.10 -43.26 19.65
C GLN D 185 33.40 -43.86 20.19
N ASP D 186 33.91 -44.89 19.52
CA ASP D 186 35.15 -45.54 19.94
C ASP D 186 36.35 -44.75 19.40
N PRO D 187 37.20 -44.17 20.28
CA PRO D 187 38.25 -43.28 19.82
C PRO D 187 39.31 -43.99 18.96
N ASN D 188 39.38 -45.31 19.03
CA ASN D 188 40.28 -46.13 18.24
C ASN D 188 39.88 -46.33 16.77
N VAL D 189 38.70 -45.85 16.37
CA VAL D 189 38.30 -45.89 14.96
C VAL D 189 39.13 -44.87 14.20
N ALA D 190 39.71 -45.30 13.07
CA ALA D 190 40.60 -44.49 12.26
C ALA D 190 39.93 -43.93 11.02
N ALA D 191 39.17 -44.80 10.34
CA ALA D 191 38.51 -44.45 9.07
C ALA D 191 37.15 -45.11 8.97
N PHE D 192 36.31 -44.60 8.07
CA PHE D 192 35.07 -45.23 7.63
C PHE D 192 35.17 -45.28 6.10
N MET D 193 35.15 -46.49 5.52
CA MET D 193 35.21 -46.66 4.09
C MET D 193 33.86 -47.01 3.51
N VAL D 194 33.43 -46.22 2.54
CA VAL D 194 32.11 -46.37 1.97
C VAL D 194 32.01 -45.90 0.51
N GLU D 195 31.08 -46.53 -0.23
CA GLU D 195 30.77 -46.19 -1.60
C GLU D 195 29.58 -45.26 -1.64
N PRO D 196 29.62 -44.16 -2.43
CA PRO D 196 28.46 -43.27 -2.60
C PRO D 196 27.22 -43.98 -3.14
N ILE D 197 27.43 -44.95 -4.03
CA ILE D 197 26.42 -45.90 -4.46
C ILE D 197 27.12 -47.24 -4.46
N GLN D 198 26.46 -48.26 -3.91
CA GLN D 198 27.00 -49.62 -3.85
C GLN D 198 26.73 -50.35 -5.14
N GLY D 199 27.78 -50.62 -5.91
CA GLY D 199 27.68 -51.24 -7.23
C GLY D 199 27.32 -52.70 -7.12
N GLU D 200 28.32 -53.51 -6.81
CA GLU D 200 28.16 -54.96 -6.70
C GLU D 200 26.93 -55.42 -5.91
N ALA D 201 26.48 -54.62 -4.93
CA ALA D 201 25.34 -54.99 -4.08
C ALA D 201 23.99 -54.86 -4.77
N GLY D 202 23.98 -54.15 -5.90
CA GLY D 202 22.80 -54.02 -6.76
C GLY D 202 22.39 -52.58 -6.98
N VAL D 203 23.38 -51.72 -7.26
CA VAL D 203 23.15 -50.29 -7.41
C VAL D 203 22.23 -49.77 -6.30
N VAL D 204 22.69 -49.85 -5.04
CA VAL D 204 21.93 -49.34 -3.89
C VAL D 204 22.33 -47.88 -3.64
N VAL D 205 21.41 -46.96 -3.89
CA VAL D 205 21.59 -45.51 -3.69
C VAL D 205 21.15 -45.12 -2.29
N PRO D 206 21.97 -44.39 -1.51
CA PRO D 206 21.56 -43.96 -0.16
C PRO D 206 20.62 -42.73 -0.23
N ASP D 207 19.92 -42.45 0.87
CA ASP D 207 18.98 -41.34 0.93
C ASP D 207 19.73 -40.03 0.71
N PRO D 208 19.12 -39.02 0.06
CA PRO D 208 19.74 -37.70 -0.04
C PRO D 208 20.21 -37.22 1.34
N GLY D 209 21.45 -36.73 1.44
CA GLY D 209 22.00 -36.20 2.67
C GLY D 209 22.80 -37.17 3.50
N TYR D 210 22.94 -38.42 3.03
CA TYR D 210 23.73 -39.49 3.70
C TYR D 210 25.22 -39.09 3.70
N LEU D 211 25.74 -38.68 2.54
CA LEU D 211 27.14 -38.37 2.40
C LEU D 211 27.55 -37.12 3.19
N MET D 212 26.66 -36.14 3.27
CA MET D 212 26.87 -34.95 4.08
C MET D 212 26.97 -35.36 5.55
N GLY D 213 26.03 -36.21 5.99
CA GLY D 213 26.03 -36.79 7.30
C GLY D 213 27.31 -37.53 7.64
N VAL D 214 27.75 -38.40 6.70
CA VAL D 214 28.98 -39.17 6.87
C VAL D 214 30.17 -38.22 7.05
N ARG D 215 30.25 -37.19 6.20
CA ARG D 215 31.33 -36.15 6.21
C ARG D 215 31.30 -35.40 7.54
N GLU D 216 30.12 -35.03 8.02
CA GLU D 216 29.96 -34.26 9.25
C GLU D 216 30.34 -35.07 10.51
N LEU D 217 29.95 -36.36 10.52
CA LEU D 217 30.22 -37.25 11.65
C LEU D 217 31.72 -37.64 11.71
N CYS D 218 32.30 -37.91 10.54
CA CYS D 218 33.70 -38.22 10.42
C CYS D 218 34.56 -37.08 10.93
N THR D 219 34.26 -35.86 10.47
CA THR D 219 34.98 -34.65 10.90
C THR D 219 34.89 -34.41 12.39
N ARG D 220 33.68 -34.60 12.94
CA ARG D 220 33.35 -34.38 14.38
C ARG D 220 34.19 -35.31 15.27
N HIS D 221 34.31 -36.61 14.93
CA HIS D 221 35.04 -37.60 15.74
C HIS D 221 36.47 -37.89 15.28
N GLN D 222 37.01 -37.01 14.41
CA GLN D 222 38.37 -37.09 13.91
C GLN D 222 38.61 -38.49 13.33
N VAL D 223 37.78 -38.84 12.35
CA VAL D 223 37.86 -40.13 11.66
C VAL D 223 37.92 -39.81 10.18
N LEU D 224 38.75 -40.55 9.45
CA LEU D 224 38.94 -40.34 8.02
C LEU D 224 37.81 -40.91 7.22
N PHE D 225 37.29 -40.11 6.28
CA PHE D 225 36.23 -40.49 5.38
C PHE D 225 36.86 -40.95 4.06
N ILE D 226 36.82 -42.27 3.80
CA ILE D 226 37.34 -42.85 2.57
C ILE D 226 36.18 -43.17 1.61
N ALA D 227 36.12 -42.42 0.50
CA ALA D 227 35.13 -42.63 -0.53
C ALA D 227 35.71 -43.54 -1.59
N ASP D 228 35.16 -44.76 -1.68
CA ASP D 228 35.51 -45.65 -2.77
C ASP D 228 34.69 -45.28 -4.02
N GLU D 229 35.35 -44.61 -4.97
CA GLU D 229 34.75 -44.18 -6.22
C GLU D 229 35.32 -44.93 -7.42
N ILE D 230 35.75 -46.16 -7.19
CA ILE D 230 36.35 -47.01 -8.23
C ILE D 230 35.36 -47.29 -9.38
N GLN D 231 34.06 -47.32 -9.06
CA GLN D 231 33.02 -47.71 -10.00
C GLN D 231 32.01 -46.59 -10.26
N THR D 232 31.80 -45.72 -9.28
CA THR D 232 30.88 -44.59 -9.40
C THR D 232 31.55 -43.32 -9.89
N GLY D 233 32.87 -43.24 -9.73
CA GLY D 233 33.63 -42.07 -10.09
C GLY D 233 33.83 -41.97 -11.58
N LEU D 234 34.48 -40.88 -12.01
CA LEU D 234 34.86 -40.67 -13.39
C LEU D 234 33.65 -40.71 -14.32
N ALA D 235 32.67 -39.87 -14.01
CA ALA D 235 31.62 -39.45 -14.94
C ALA D 235 30.37 -40.30 -14.99
N ARG D 236 30.42 -41.54 -14.49
CA ARG D 236 29.35 -42.54 -14.75
C ARG D 236 28.03 -42.07 -14.12
N THR D 237 28.06 -41.63 -12.87
CA THR D 237 26.85 -41.19 -12.18
C THR D 237 26.39 -39.81 -12.62
N GLY D 238 27.22 -39.12 -13.40
CA GLY D 238 26.89 -37.82 -13.97
C GLY D 238 27.65 -36.64 -13.39
N ARG D 239 28.78 -36.95 -12.74
CA ARG D 239 29.71 -36.00 -12.08
C ARG D 239 31.12 -36.59 -12.11
N TRP D 240 32.13 -35.79 -11.80
CA TRP D 240 33.50 -36.30 -11.72
C TRP D 240 33.52 -37.42 -10.71
N LEU D 241 32.93 -37.14 -9.54
CA LEU D 241 32.74 -38.11 -8.48
C LEU D 241 31.29 -38.03 -8.05
N ALA D 242 30.73 -39.18 -7.64
CA ALA D 242 29.36 -39.24 -7.15
C ALA D 242 29.14 -38.38 -5.91
N VAL D 243 30.19 -38.25 -5.08
CA VAL D 243 30.14 -37.40 -3.87
C VAL D 243 29.89 -35.92 -4.19
N ASP D 244 30.28 -35.49 -5.40
CA ASP D 244 30.04 -34.13 -5.87
C ASP D 244 28.58 -33.75 -5.85
N TYR D 245 27.68 -34.73 -6.00
CA TYR D 245 26.21 -34.53 -5.96
C TYR D 245 25.80 -33.83 -4.67
N GLU D 246 26.52 -34.04 -3.57
CA GLU D 246 26.24 -33.38 -2.29
C GLU D 246 27.36 -32.45 -1.81
N ASN D 247 28.24 -32.05 -2.72
CA ASN D 247 29.37 -31.16 -2.44
C ASN D 247 30.23 -31.58 -1.24
N VAL D 248 30.53 -32.87 -1.16
CA VAL D 248 31.31 -33.42 -0.05
C VAL D 248 32.72 -33.73 -0.50
N ARG D 249 33.69 -33.40 0.37
CA ARG D 249 35.14 -33.64 0.14
C ARG D 249 35.61 -34.72 1.11
N PRO D 250 35.67 -36.00 0.68
CA PRO D 250 36.32 -37.04 1.45
C PRO D 250 37.81 -36.74 1.71
N ASP D 251 38.34 -37.36 2.78
CA ASP D 251 39.74 -37.28 3.11
C ASP D 251 40.56 -38.09 2.10
N ILE D 252 40.05 -39.28 1.76
CA ILE D 252 40.69 -40.18 0.79
C ILE D 252 39.67 -40.61 -0.24
N VAL D 253 40.00 -40.43 -1.52
CA VAL D 253 39.19 -40.92 -2.63
C VAL D 253 39.96 -41.99 -3.38
N LEU D 254 39.25 -43.06 -3.77
CA LEU D 254 39.83 -44.14 -4.57
C LEU D 254 39.26 -44.10 -5.98
N LEU D 255 40.15 -44.20 -6.98
CA LEU D 255 39.79 -44.25 -8.38
C LEU D 255 40.41 -45.48 -9.02
N GLY D 256 39.78 -45.95 -10.09
CA GLY D 256 40.18 -47.14 -10.81
C GLY D 256 39.42 -47.24 -12.11
N LYS D 257 39.25 -48.48 -12.56
CA LYS D 257 38.51 -48.87 -13.76
C LYS D 257 38.62 -47.93 -14.98
N ALA D 258 37.85 -46.85 -14.97
CA ALA D 258 37.76 -45.91 -16.09
C ALA D 258 38.99 -45.01 -16.21
N LEU D 259 39.81 -45.02 -15.15
CA LEU D 259 41.07 -44.26 -15.11
C LEU D 259 41.98 -44.63 -16.26
N SER D 260 41.80 -45.84 -16.81
CA SER D 260 42.54 -46.34 -17.99
C SER D 260 41.74 -46.44 -19.30
N GLY D 261 40.42 -46.59 -19.19
CA GLY D 261 39.54 -46.80 -20.33
C GLY D 261 39.51 -48.26 -20.79
N GLY D 262 39.91 -49.17 -19.90
CA GLY D 262 39.90 -50.61 -20.15
C GLY D 262 41.18 -51.16 -20.75
N LEU D 263 42.12 -50.28 -21.06
CA LEU D 263 43.32 -50.60 -21.84
C LEU D 263 44.51 -50.97 -20.96
N TYR D 264 44.39 -50.85 -19.63
CA TYR D 264 45.48 -51.08 -18.64
C TYR D 264 44.93 -50.98 -17.22
N PRO D 265 45.37 -51.87 -16.28
CA PRO D 265 45.01 -51.77 -14.87
C PRO D 265 45.71 -50.61 -14.14
N VAL D 266 44.96 -49.54 -13.88
CA VAL D 266 45.44 -48.37 -13.20
C VAL D 266 44.42 -48.01 -12.14
N SER D 267 44.89 -47.85 -10.89
CA SER D 267 44.10 -47.30 -9.79
C SER D 267 44.90 -46.20 -9.12
N ALA D 268 44.20 -45.35 -8.36
CA ALA D 268 44.82 -44.20 -7.71
C ALA D 268 44.20 -44.00 -6.33
N VAL D 269 45.04 -43.53 -5.38
CA VAL D 269 44.60 -43.13 -4.06
C VAL D 269 44.98 -41.67 -3.82
N LEU D 270 43.94 -40.82 -3.71
CA LEU D 270 44.11 -39.36 -3.63
C LEU D 270 43.83 -38.87 -2.22
N CYS D 271 44.84 -38.21 -1.61
CA CYS D 271 44.66 -37.50 -0.33
C CYS D 271 45.69 -36.40 -0.14
N ASP D 272 45.45 -35.55 0.86
CA ASP D 272 46.34 -34.45 1.23
C ASP D 272 47.55 -34.91 2.05
N ASP D 273 48.52 -34.01 2.20
CA ASP D 273 49.84 -34.28 2.77
C ASP D 273 49.83 -34.83 4.17
N ASP D 274 48.99 -34.30 5.05
CA ASP D 274 48.97 -34.74 6.45
C ASP D 274 48.59 -36.21 6.60
N ILE D 275 47.87 -36.76 5.61
CA ILE D 275 47.53 -38.18 5.57
C ILE D 275 48.53 -38.98 4.74
N MET D 276 48.79 -38.51 3.52
CA MET D 276 49.60 -39.24 2.57
C MET D 276 51.02 -39.46 3.08
N LEU D 277 51.62 -38.42 3.65
CA LEU D 277 53.04 -38.47 4.05
C LEU D 277 53.31 -39.21 5.36
N THR D 278 52.29 -39.83 5.94
CA THR D 278 52.45 -40.75 7.07
C THR D 278 53.17 -42.02 6.63
N ILE D 279 53.22 -42.24 5.31
CA ILE D 279 53.93 -43.38 4.68
C ILE D 279 55.28 -42.89 4.15
N LYS D 280 56.36 -43.28 4.83
CA LYS D 280 57.72 -42.91 4.47
C LYS D 280 58.23 -43.79 3.34
N PRO D 281 59.36 -43.42 2.68
CA PRO D 281 59.99 -44.28 1.67
C PRO D 281 60.25 -45.72 2.11
N GLY D 282 59.95 -46.68 1.23
CA GLY D 282 60.16 -48.09 1.47
C GLY D 282 59.05 -48.84 2.19
N GLU D 283 58.03 -48.12 2.68
CA GLU D 283 56.95 -48.71 3.51
C GLU D 283 55.71 -49.20 2.77
N HIS D 284 55.68 -49.00 1.45
CA HIS D 284 54.54 -49.39 0.61
C HIS D 284 54.83 -49.17 -0.86
N GLY D 285 54.19 -49.97 -1.72
CA GLY D 285 54.30 -49.85 -3.16
C GLY D 285 53.81 -51.07 -3.93
N SER D 286 54.33 -51.25 -5.15
CA SER D 286 53.84 -52.25 -6.08
C SER D 286 54.71 -52.18 -7.34
N THR D 287 55.09 -53.33 -7.88
CA THR D 287 55.98 -53.37 -9.03
C THR D 287 55.52 -52.48 -10.17
N TYR D 288 54.26 -52.61 -10.58
CA TYR D 288 53.70 -51.96 -11.80
C TYR D 288 53.03 -50.61 -11.47
N GLY D 289 52.93 -50.26 -10.19
CA GLY D 289 52.29 -49.03 -9.77
C GLY D 289 53.10 -47.83 -10.18
N GLY D 290 52.48 -46.98 -11.00
CA GLY D 290 53.06 -45.77 -11.52
C GLY D 290 53.90 -45.93 -12.78
N ASN D 291 53.81 -47.09 -13.45
CA ASN D 291 54.66 -47.37 -14.62
C ASN D 291 54.37 -46.41 -15.78
N PRO D 292 55.33 -46.16 -16.70
CA PRO D 292 55.15 -45.14 -17.74
C PRO D 292 53.95 -45.42 -18.66
N LEU D 293 53.73 -46.69 -19.01
CA LEU D 293 52.68 -47.09 -19.92
C LEU D 293 51.27 -46.83 -19.35
N GLY D 294 51.08 -47.17 -18.08
CA GLY D 294 49.81 -46.99 -17.41
C GLY D 294 49.44 -45.55 -17.24
N CYS D 295 50.44 -44.73 -16.88
CA CYS D 295 50.27 -43.28 -16.68
C CYS D 295 49.87 -42.55 -17.95
N ARG D 296 50.46 -42.94 -19.09
CA ARG D 296 50.16 -42.34 -20.42
C ARG D 296 48.70 -42.65 -20.79
N VAL D 297 48.30 -43.91 -20.68
CA VAL D 297 46.89 -44.29 -20.90
C VAL D 297 45.95 -43.50 -20.00
N ALA D 298 46.35 -43.34 -18.73
CA ALA D 298 45.53 -42.66 -17.73
C ALA D 298 45.30 -41.18 -18.06
N ILE D 299 46.37 -40.48 -18.45
CA ILE D 299 46.25 -39.09 -18.89
C ILE D 299 45.25 -38.99 -20.03
N ALA D 300 45.51 -39.74 -21.11
CA ALA D 300 44.61 -39.82 -22.26
C ALA D 300 43.17 -40.13 -21.86
N ALA D 301 43.00 -41.12 -20.98
CA ALA D 301 41.69 -41.59 -20.55
C ALA D 301 40.92 -40.52 -19.80
N LEU D 302 41.63 -39.71 -19.01
CA LEU D 302 41.02 -38.59 -18.25
C LEU D 302 40.69 -37.42 -19.16
N GLU D 303 41.50 -37.24 -20.21
CA GLU D 303 41.28 -36.20 -21.20
C GLU D 303 39.99 -36.43 -21.98
N VAL D 304 39.77 -37.67 -22.42
CA VAL D 304 38.50 -38.07 -23.08
C VAL D 304 37.27 -37.68 -22.26
N LEU D 305 37.28 -37.99 -20.96
CA LEU D 305 36.16 -37.72 -20.05
C LEU D 305 35.80 -36.24 -19.97
N GLU D 306 36.82 -35.39 -19.94
CA GLU D 306 36.67 -33.96 -19.78
C GLU D 306 36.23 -33.33 -21.09
N GLU D 307 36.96 -33.63 -22.16
CA GLU D 307 36.80 -32.95 -23.45
C GLU D 307 35.60 -33.45 -24.25
N GLU D 308 35.07 -34.62 -23.90
CA GLU D 308 33.79 -35.11 -24.47
C GLU D 308 32.60 -34.92 -23.51
N ASN D 309 32.79 -34.13 -22.46
CA ASN D 309 31.74 -33.79 -21.49
C ASN D 309 30.84 -34.98 -21.15
N LEU D 310 31.47 -36.11 -20.79
CA LEU D 310 30.77 -37.37 -20.64
C LEU D 310 29.91 -37.45 -19.39
N ALA D 311 30.25 -36.64 -18.38
CA ALA D 311 29.46 -36.54 -17.16
C ALA D 311 28.11 -35.93 -17.47
N GLU D 312 28.15 -34.80 -18.17
CA GLU D 312 26.98 -34.06 -18.58
C GLU D 312 26.10 -34.92 -19.48
N ASN D 313 26.72 -35.73 -20.35
CA ASN D 313 25.99 -36.68 -21.22
C ASN D 313 25.33 -37.76 -20.41
N ALA D 314 26.08 -38.30 -19.44
CA ALA D 314 25.65 -39.39 -18.58
C ALA D 314 24.46 -39.01 -17.72
N ASP D 315 24.52 -37.82 -17.14
CA ASP D 315 23.43 -37.26 -16.34
C ASP D 315 22.12 -37.21 -17.13
N LYS D 316 22.15 -36.53 -18.28
CA LYS D 316 20.95 -36.36 -19.13
C LYS D 316 20.37 -37.67 -19.66
N LEU D 317 21.25 -38.57 -20.14
CA LEU D 317 20.81 -39.84 -20.72
C LEU D 317 20.33 -40.80 -19.64
N GLY D 318 20.92 -40.69 -18.44
CA GLY D 318 20.47 -41.41 -17.26
C GLY D 318 19.00 -41.19 -16.96
N ILE D 319 18.59 -39.92 -16.97
CA ILE D 319 17.20 -39.51 -16.74
C ILE D 319 16.26 -40.19 -17.74
N ILE D 320 16.63 -40.14 -19.02
CA ILE D 320 15.83 -40.76 -20.08
C ILE D 320 15.68 -42.25 -19.81
N LEU D 321 16.82 -42.94 -19.63
CA LEU D 321 16.83 -44.37 -19.39
C LEU D 321 15.89 -44.77 -18.26
N ARG D 322 16.05 -44.12 -17.08
CA ARG D 322 15.24 -44.40 -15.87
C ARG D 322 13.76 -44.12 -16.17
N ASN D 323 13.43 -42.93 -16.71
CA ASN D 323 12.03 -42.59 -17.02
C ASN D 323 11.34 -43.63 -17.88
N GLU D 324 12.06 -44.18 -18.85
CA GLU D 324 11.53 -45.22 -19.74
C GLU D 324 11.34 -46.55 -19.02
N LEU D 325 12.34 -46.95 -18.23
CA LEU D 325 12.29 -48.19 -17.45
C LEU D 325 11.17 -48.23 -16.43
N MET D 326 10.79 -47.06 -15.91
CA MET D 326 9.70 -46.94 -14.93
C MET D 326 8.32 -47.15 -15.56
N LYS D 327 8.24 -47.05 -16.89
CA LYS D 327 7.00 -47.29 -17.64
C LYS D 327 6.68 -48.76 -17.85
N LEU D 328 7.66 -49.63 -17.62
CA LEU D 328 7.48 -51.09 -17.64
C LEU D 328 6.54 -51.49 -16.50
N PRO D 329 5.86 -52.65 -16.58
CA PRO D 329 4.79 -52.97 -15.64
C PRO D 329 5.35 -53.36 -14.26
N SER D 330 4.73 -52.84 -13.21
CA SER D 330 5.12 -53.07 -11.81
C SER D 330 5.14 -54.54 -11.41
N ASP D 331 4.34 -55.37 -12.10
CA ASP D 331 4.22 -56.79 -11.83
C ASP D 331 5.47 -57.61 -12.18
N VAL D 332 6.34 -57.05 -13.04
CA VAL D 332 7.54 -57.73 -13.56
C VAL D 332 8.80 -57.03 -13.01
N VAL D 333 8.85 -55.71 -13.17
CA VAL D 333 9.96 -54.87 -12.69
C VAL D 333 9.50 -54.10 -11.47
N THR D 334 9.94 -54.55 -10.28
CA THR D 334 9.50 -54.03 -8.99
C THR D 334 10.20 -52.74 -8.57
N ALA D 335 11.39 -52.47 -9.14
CA ALA D 335 12.15 -51.25 -8.84
C ALA D 335 13.07 -50.81 -9.98
N VAL D 336 13.22 -49.49 -10.13
CA VAL D 336 14.22 -48.86 -10.97
C VAL D 336 14.96 -47.85 -10.11
N ARG D 337 16.29 -47.87 -10.15
CA ARG D 337 17.15 -46.97 -9.33
C ARG D 337 18.49 -46.73 -10.05
N GLY D 338 19.14 -45.61 -9.73
CA GLY D 338 20.40 -45.23 -10.33
C GLY D 338 20.68 -43.75 -10.28
N LYS D 339 21.92 -43.39 -10.65
CA LYS D 339 22.35 -42.02 -10.86
C LYS D 339 23.18 -42.08 -12.12
N GLY D 340 23.01 -41.09 -13.01
CA GLY D 340 23.63 -41.09 -14.31
C GLY D 340 23.37 -42.39 -15.04
N LEU D 341 24.44 -43.02 -15.53
CA LEU D 341 24.33 -44.26 -16.31
C LEU D 341 24.74 -45.48 -15.51
N LEU D 342 24.57 -45.41 -14.19
CA LEU D 342 24.73 -46.56 -13.29
C LEU D 342 23.36 -46.82 -12.70
N ASN D 343 22.56 -47.59 -13.43
CA ASN D 343 21.21 -47.96 -13.01
C ASN D 343 21.04 -49.46 -12.96
N ALA D 344 19.88 -49.88 -12.45
CA ALA D 344 19.54 -51.28 -12.29
C ALA D 344 18.03 -51.43 -12.21
N ILE D 345 17.56 -52.66 -12.43
CA ILE D 345 16.17 -53.02 -12.17
C ILE D 345 16.12 -54.34 -11.40
N VAL D 346 15.10 -54.46 -10.55
CA VAL D 346 14.85 -55.70 -9.80
C VAL D 346 13.65 -56.37 -10.48
N ILE D 347 13.79 -57.66 -10.75
CA ILE D 347 12.79 -58.46 -11.43
C ILE D 347 12.19 -59.37 -10.38
N LYS D 348 10.87 -59.61 -10.44
CA LYS D 348 10.19 -60.52 -9.54
C LYS D 348 10.50 -61.95 -9.95
N GLU D 349 11.32 -62.62 -9.14
CA GLU D 349 11.69 -64.01 -9.32
C GLU D 349 10.47 -64.92 -9.13
N THR D 350 10.06 -65.60 -10.20
CA THR D 350 8.92 -66.50 -10.17
C THR D 350 9.22 -67.74 -10.98
N LYS D 351 8.23 -68.65 -11.01
CA LYS D 351 8.38 -69.97 -11.60
C LYS D 351 8.51 -69.94 -13.13
N ASP D 352 8.19 -68.80 -13.76
CA ASP D 352 8.31 -68.64 -15.21
C ASP D 352 9.47 -67.76 -15.66
N TRP D 353 10.15 -67.11 -14.70
CA TRP D 353 11.30 -66.26 -15.02
C TRP D 353 12.11 -65.77 -13.82
N ASP D 354 13.37 -65.42 -14.10
CA ASP D 354 14.27 -64.79 -13.16
C ASP D 354 15.22 -63.86 -13.96
N ALA D 355 16.12 -63.18 -13.25
CA ALA D 355 17.03 -62.21 -13.87
C ALA D 355 18.00 -62.88 -14.88
N TRP D 356 18.41 -64.11 -14.58
CA TRP D 356 19.34 -64.84 -15.43
C TRP D 356 18.68 -65.11 -16.77
N LYS D 357 17.48 -65.71 -16.73
CA LYS D 357 16.67 -65.95 -17.92
C LYS D 357 16.45 -64.70 -18.76
N VAL D 358 16.13 -63.58 -18.11
CA VAL D 358 15.95 -62.30 -18.78
C VAL D 358 17.21 -61.93 -19.55
N CYS D 359 18.36 -61.98 -18.86
CA CYS D 359 19.64 -61.61 -19.43
C CYS D 359 20.06 -62.49 -20.59
N LEU D 360 19.65 -63.77 -20.53
CA LEU D 360 19.83 -64.70 -21.64
C LEU D 360 19.05 -64.24 -22.86
N ARG D 361 17.81 -63.80 -22.65
CA ARG D 361 16.90 -63.35 -23.75
C ARG D 361 17.35 -61.98 -24.28
N LEU D 362 17.86 -61.11 -23.39
CA LEU D 362 18.43 -59.83 -23.80
C LEU D 362 19.59 -60.04 -24.77
N ARG D 363 20.42 -61.04 -24.47
CA ARG D 363 21.57 -61.48 -25.29
C ARG D 363 21.06 -61.92 -26.68
N ASP D 364 19.99 -62.70 -26.71
CA ASP D 364 19.36 -63.15 -27.95
C ASP D 364 18.75 -62.03 -28.78
N ASN D 365 18.46 -60.89 -28.14
CA ASN D 365 17.96 -59.68 -28.82
C ASN D 365 19.03 -58.58 -29.00
N GLY D 366 20.30 -58.95 -28.80
CA GLY D 366 21.42 -58.06 -29.04
C GLY D 366 21.73 -57.03 -27.98
N LEU D 367 21.50 -57.39 -26.71
CA LEU D 367 21.90 -56.56 -25.57
C LEU D 367 22.56 -57.43 -24.50
N LEU D 368 23.70 -56.97 -23.97
CA LEU D 368 24.47 -57.67 -22.93
C LEU D 368 24.41 -56.96 -21.57
N ALA D 369 23.88 -57.69 -20.58
CA ALA D 369 23.78 -57.25 -19.19
C ALA D 369 23.80 -58.49 -18.31
N LYS D 370 24.26 -58.34 -17.07
CA LYS D 370 24.39 -59.47 -16.16
C LYS D 370 23.62 -59.22 -14.87
N PRO D 371 22.96 -60.25 -14.28
CA PRO D 371 22.35 -60.11 -12.96
C PRO D 371 23.41 -60.16 -11.85
N THR D 372 23.18 -59.44 -10.75
CA THR D 372 24.14 -59.33 -9.64
C THR D 372 23.69 -60.00 -8.35
N HIS D 373 22.43 -60.44 -8.28
CA HIS D 373 21.96 -61.22 -7.11
C HIS D 373 20.91 -62.30 -7.40
N GLY D 374 20.28 -62.26 -8.57
CA GLY D 374 19.29 -63.25 -8.97
C GLY D 374 17.98 -62.59 -9.35
N ASP D 375 17.77 -61.37 -8.84
CA ASP D 375 16.65 -60.53 -9.20
C ASP D 375 17.04 -59.16 -9.79
N ILE D 376 18.33 -58.82 -9.72
CA ILE D 376 18.81 -57.48 -10.11
C ILE D 376 19.67 -57.49 -11.39
N ILE D 377 19.15 -56.85 -12.45
CA ILE D 377 19.88 -56.64 -13.70
C ILE D 377 20.38 -55.21 -13.78
N ARG D 378 21.67 -55.07 -14.10
CA ARG D 378 22.40 -53.77 -14.11
C ARG D 378 22.43 -53.23 -15.54
N PHE D 379 22.18 -51.92 -15.69
CA PHE D 379 22.15 -51.25 -16.98
C PHE D 379 23.13 -50.09 -16.96
N ALA D 380 24.36 -50.38 -17.41
CA ALA D 380 25.49 -49.46 -17.36
C ALA D 380 26.19 -49.41 -18.71
N PRO D 381 25.64 -48.71 -19.72
CA PRO D 381 26.31 -48.55 -21.01
C PRO D 381 27.50 -47.59 -20.95
N PRO D 382 28.44 -47.63 -21.93
CA PRO D 382 29.51 -46.64 -21.99
C PRO D 382 28.96 -45.21 -22.14
N LEU D 383 29.69 -44.22 -21.63
CA LEU D 383 29.20 -42.85 -21.53
C LEU D 383 29.23 -42.08 -22.85
N VAL D 384 29.90 -42.65 -23.86
CA VAL D 384 29.96 -42.07 -25.21
C VAL D 384 28.71 -42.39 -26.05
N ILE D 385 27.74 -43.09 -25.43
CA ILE D 385 26.46 -43.42 -26.08
C ILE D 385 25.63 -42.17 -26.30
N LYS D 386 24.98 -42.09 -27.46
CA LYS D 386 24.09 -40.99 -27.84
C LYS D 386 22.63 -41.37 -27.77
N GLU D 387 21.78 -40.34 -27.87
CA GLU D 387 20.34 -40.43 -27.58
C GLU D 387 19.59 -41.49 -28.39
N ASP D 388 19.87 -41.56 -29.69
CA ASP D 388 19.21 -42.52 -30.59
C ASP D 388 19.62 -43.95 -30.22
N GLU D 389 20.95 -44.20 -30.09
CA GLU D 389 21.46 -45.50 -29.68
C GLU D 389 20.80 -45.98 -28.40
N LEU D 390 20.69 -45.10 -27.41
CA LEU D 390 20.09 -45.42 -26.12
C LEU D 390 18.63 -45.84 -26.30
N ARG D 391 17.92 -45.15 -27.21
CA ARG D 391 16.48 -45.37 -27.50
C ARG D 391 16.29 -46.68 -28.29
N GLU D 392 17.30 -47.13 -29.03
CA GLU D 392 17.25 -48.45 -29.66
C GLU D 392 17.36 -49.55 -28.60
N SER D 393 18.32 -49.39 -27.68
CA SER D 393 18.54 -50.32 -26.57
C SER D 393 17.32 -50.47 -25.67
N ILE D 394 16.68 -49.35 -25.35
CA ILE D 394 15.47 -49.34 -24.52
C ILE D 394 14.37 -50.20 -25.16
N GLU D 395 14.20 -50.07 -26.48
CA GLU D 395 13.25 -50.88 -27.22
C GLU D 395 13.60 -52.37 -27.11
N ILE D 396 14.90 -52.69 -27.12
CA ILE D 396 15.37 -54.07 -26.92
C ILE D 396 15.03 -54.58 -25.50
N ILE D 397 15.13 -53.71 -24.50
CA ILE D 397 14.77 -54.04 -23.12
C ILE D 397 13.27 -54.31 -23.00
N ASN D 398 12.47 -53.32 -23.40
CA ASN D 398 11.00 -53.44 -23.39
C ASN D 398 10.54 -54.73 -24.06
N LYS D 399 10.99 -54.94 -25.29
CA LYS D 399 10.66 -56.12 -26.08
C LYS D 399 10.91 -57.40 -25.30
N THR D 400 12.11 -57.51 -24.71
CA THR D 400 12.55 -58.69 -23.99
C THR D 400 11.74 -58.93 -22.71
N ILE D 401 11.52 -57.86 -21.94
CA ILE D 401 10.76 -57.93 -20.69
C ILE D 401 9.30 -58.33 -20.92
N LEU D 402 8.72 -57.83 -22.00
CA LEU D 402 7.30 -58.04 -22.31
C LEU D 402 7.01 -59.39 -22.99
N SER D 403 8.06 -60.07 -23.44
CA SER D 403 7.95 -61.35 -24.16
C SER D 403 7.70 -62.56 -23.26
N PHE D 404 7.90 -62.41 -21.95
CA PHE D 404 7.72 -63.49 -20.98
C PHE D 404 6.26 -63.67 -20.59
N GLY E 1 13.31 -5.76 -78.33
CA GLY E 1 12.44 -4.81 -77.54
C GLY E 1 10.96 -4.90 -77.89
N PRO E 2 10.19 -5.86 -77.28
CA PRO E 2 8.75 -5.95 -77.50
C PRO E 2 7.95 -4.74 -77.00
N PRO E 3 7.18 -4.05 -77.88
CA PRO E 3 6.41 -2.88 -77.44
C PRO E 3 5.09 -3.16 -76.70
N THR E 4 4.50 -4.36 -76.82
CA THR E 4 3.10 -4.60 -76.40
C THR E 4 2.94 -5.07 -74.95
N SER E 5 1.76 -4.77 -74.39
CA SER E 5 1.45 -4.96 -72.96
C SER E 5 1.56 -6.41 -72.50
N ASP E 6 1.03 -7.34 -73.28
CA ASP E 6 1.14 -8.78 -72.99
C ASP E 6 2.59 -9.26 -72.99
N ASP E 7 3.43 -8.67 -73.85
CA ASP E 7 4.85 -9.00 -73.95
C ASP E 7 5.63 -8.48 -72.74
N ILE E 8 5.16 -7.36 -72.18
CA ILE E 8 5.74 -6.82 -70.95
C ILE E 8 5.45 -7.74 -69.76
N PHE E 9 4.24 -8.32 -69.71
CA PHE E 9 3.84 -9.24 -68.64
C PHE E 9 4.67 -10.51 -68.72
N GLU E 10 4.65 -11.17 -69.88
CA GLU E 10 5.32 -12.45 -70.10
C GLU E 10 6.85 -12.39 -69.98
N ARG E 11 7.44 -11.23 -70.28
CA ARG E 11 8.90 -10.99 -70.14
C ARG E 11 9.24 -10.88 -68.64
N GLU E 12 8.45 -10.14 -67.88
CA GLU E 12 8.58 -10.07 -66.41
C GLU E 12 8.33 -11.43 -65.72
N TYR E 13 7.45 -12.23 -66.31
CA TYR E 13 7.10 -13.59 -65.82
C TYR E 13 8.29 -14.54 -65.97
N LYS E 14 9.01 -14.44 -67.09
CA LYS E 14 10.12 -15.35 -67.39
C LYS E 14 11.37 -15.02 -66.58
N TYR E 15 11.77 -13.74 -66.57
CA TYR E 15 13.10 -13.27 -66.11
C TYR E 15 13.03 -12.60 -64.74
N GLY E 16 11.81 -12.31 -64.24
CA GLY E 16 11.63 -11.70 -62.94
C GLY E 16 10.96 -12.64 -61.95
N ALA E 17 11.19 -12.37 -60.65
CA ALA E 17 10.62 -13.15 -59.57
C ALA E 17 9.11 -12.92 -59.52
N HIS E 18 8.38 -13.92 -59.03
CA HIS E 18 6.92 -13.88 -58.92
C HIS E 18 6.50 -13.51 -57.49
N ASN E 19 7.07 -12.42 -56.97
CA ASN E 19 6.77 -11.91 -55.62
C ASN E 19 5.68 -10.85 -55.56
N TYR E 20 5.16 -10.49 -56.74
CA TYR E 20 3.98 -9.61 -56.93
C TYR E 20 2.99 -10.27 -57.90
N HIS E 21 1.71 -9.96 -57.74
CA HIS E 21 0.65 -10.21 -58.75
C HIS E 21 0.05 -8.84 -59.04
N PRO E 22 0.68 -8.06 -59.95
CA PRO E 22 0.21 -6.71 -60.26
C PRO E 22 -1.09 -6.69 -61.08
N LEU E 23 -1.80 -5.55 -61.06
CA LEU E 23 -2.96 -5.36 -61.88
C LEU E 23 -2.49 -5.35 -63.33
N PRO E 24 -3.00 -6.23 -64.22
CA PRO E 24 -2.50 -6.29 -65.60
C PRO E 24 -2.67 -4.94 -66.33
N VAL E 25 -1.65 -4.09 -66.24
CA VAL E 25 -1.59 -2.81 -66.94
C VAL E 25 -0.13 -2.35 -66.99
N ALA E 26 0.40 -2.21 -68.21
CA ALA E 26 1.81 -1.85 -68.45
C ALA E 26 1.95 -0.37 -68.76
N LEU E 27 2.44 0.40 -67.78
CA LEU E 27 2.60 1.84 -67.90
C LEU E 27 3.97 2.24 -68.43
N GLU E 28 3.99 3.30 -69.24
CA GLU E 28 5.20 3.79 -69.93
C GLU E 28 5.53 5.26 -69.62
N ARG E 29 4.50 6.06 -69.35
CA ARG E 29 4.61 7.52 -69.14
C ARG E 29 3.75 7.92 -67.93
N GLY E 30 4.15 8.99 -67.24
CA GLY E 30 3.43 9.51 -66.11
C GLY E 30 3.67 11.01 -66.00
N LYS E 31 2.61 11.77 -65.71
CA LYS E 31 2.68 13.21 -65.51
C LYS E 31 1.49 13.68 -64.68
N GLY E 32 1.78 14.46 -63.64
CA GLY E 32 0.81 14.87 -62.65
C GLY E 32 0.00 13.69 -62.12
N ILE E 33 -1.31 13.70 -62.43
CA ILE E 33 -2.28 12.75 -61.92
C ILE E 33 -2.54 11.60 -62.88
N TYR E 34 -1.91 11.66 -64.05
CA TYR E 34 -2.21 10.81 -65.23
C TYR E 34 -1.06 9.83 -65.47
N LEU E 35 -1.43 8.62 -65.94
CA LEU E 35 -0.50 7.60 -66.38
C LEU E 35 -0.95 7.13 -67.75
N TRP E 36 0.01 6.79 -68.62
CA TRP E 36 -0.28 6.29 -69.96
C TRP E 36 0.36 4.93 -70.11
N ASP E 37 -0.36 4.02 -70.80
CA ASP E 37 0.16 2.69 -71.06
C ASP E 37 0.81 2.61 -72.44
N VAL E 38 1.48 1.49 -72.69
CA VAL E 38 2.26 1.28 -73.92
C VAL E 38 1.46 1.25 -75.24
N GLU E 39 0.14 1.06 -75.16
CA GLU E 39 -0.77 1.24 -76.31
C GLU E 39 -1.39 2.64 -76.34
N GLY E 40 -0.90 3.53 -75.49
CA GLY E 40 -1.27 4.95 -75.48
C GLY E 40 -2.54 5.31 -74.74
N ARG E 41 -3.13 4.34 -74.01
CA ARG E 41 -4.36 4.56 -73.21
C ARG E 41 -4.01 5.43 -72.01
N LYS E 42 -5.00 6.16 -71.47
CA LYS E 42 -4.80 7.15 -70.42
C LYS E 42 -5.63 6.80 -69.20
N TYR E 43 -5.02 6.94 -68.02
CA TYR E 43 -5.60 6.51 -66.71
C TYR E 43 -5.36 7.61 -65.66
N PHE E 44 -6.38 7.90 -64.84
CA PHE E 44 -6.17 8.60 -63.58
C PHE E 44 -5.46 7.63 -62.68
N ASP E 45 -4.45 8.11 -61.94
CA ASP E 45 -3.77 7.31 -60.91
C ASP E 45 -4.40 7.59 -59.55
N PHE E 46 -5.05 6.57 -58.98
CA PHE E 46 -5.67 6.64 -57.66
C PHE E 46 -4.97 5.76 -56.64
N LEU E 47 -3.67 5.57 -56.85
CA LEU E 47 -2.78 4.92 -55.88
C LEU E 47 -1.63 5.81 -55.45
N SER E 48 -1.18 6.69 -56.35
CA SER E 48 -0.04 7.60 -56.13
C SER E 48 1.21 6.87 -55.57
N SER E 49 1.46 5.67 -56.09
CA SER E 49 2.51 4.78 -55.62
C SER E 49 2.56 4.74 -54.09
N TYR E 50 1.42 4.38 -53.50
CA TYR E 50 1.19 4.32 -52.03
C TYR E 50 1.65 5.63 -51.37
N SER E 51 1.43 6.75 -52.06
CA SER E 51 1.71 8.13 -51.59
C SER E 51 3.09 8.70 -51.93
N ALA E 52 3.88 7.97 -52.74
CA ALA E 52 5.21 8.42 -53.16
C ALA E 52 5.16 9.62 -54.13
N VAL E 53 4.09 9.73 -54.91
CA VAL E 53 3.90 10.83 -55.86
C VAL E 53 2.78 11.79 -55.47
N ASN E 54 2.83 12.29 -54.23
CA ASN E 54 1.87 13.30 -53.77
C ASN E 54 1.88 14.50 -54.67
N GLN E 55 3.06 14.81 -55.20
CA GLN E 55 3.30 15.99 -56.03
C GLN E 55 2.96 15.76 -57.52
N GLY E 56 2.40 14.59 -57.83
CA GLY E 56 2.13 14.15 -59.18
C GLY E 56 3.39 13.60 -59.77
N HIS E 57 3.25 12.75 -60.81
CA HIS E 57 4.41 12.14 -61.44
C HIS E 57 5.25 13.22 -62.11
N CYS E 58 6.58 13.07 -61.99
CA CYS E 58 7.56 13.90 -62.67
C CYS E 58 7.30 15.40 -62.53
N HIS E 59 6.90 15.83 -61.32
CA HIS E 59 6.70 17.25 -61.06
C HIS E 59 7.91 18.05 -61.53
N PRO E 60 7.74 19.02 -62.46
CA PRO E 60 8.87 19.72 -63.09
C PRO E 60 9.96 20.28 -62.13
N LYS E 61 9.55 20.87 -61.00
CA LYS E 61 10.50 21.47 -60.08
C LYS E 61 11.37 20.42 -59.43
N ILE E 62 10.80 19.24 -59.18
CA ILE E 62 11.55 18.13 -58.58
C ILE E 62 12.44 17.50 -59.64
N VAL E 63 11.94 17.42 -60.88
CA VAL E 63 12.71 16.91 -62.01
C VAL E 63 13.97 17.77 -62.22
N ASN E 64 13.80 19.08 -62.28
CA ASN E 64 14.91 20.01 -62.49
C ASN E 64 15.99 19.94 -61.42
N ALA E 65 15.55 19.78 -60.16
CA ALA E 65 16.47 19.61 -59.02
C ALA E 65 17.37 18.39 -59.23
N LEU E 66 16.76 17.28 -59.68
CA LEU E 66 17.47 16.05 -60.02
C LEU E 66 18.43 16.28 -61.18
N LYS E 67 17.92 16.88 -62.25
CA LYS E 67 18.70 17.15 -63.47
C LYS E 67 19.91 18.06 -63.24
N SER E 68 19.76 19.01 -62.31
CA SER E 68 20.80 19.96 -61.97
C SER E 68 21.95 19.32 -61.19
N GLN E 69 21.60 18.44 -60.24
CA GLN E 69 22.56 17.88 -59.30
C GLN E 69 23.34 16.69 -59.89
N VAL E 70 22.72 15.94 -60.81
CA VAL E 70 23.37 14.81 -61.48
C VAL E 70 24.65 15.21 -62.21
N ASP E 71 24.64 16.41 -62.79
CA ASP E 71 25.79 16.96 -63.50
C ASP E 71 26.95 17.37 -62.56
N LYS E 72 26.70 17.38 -61.24
CA LYS E 72 27.65 17.87 -60.24
C LYS E 72 28.26 16.77 -59.41
N LEU E 73 27.40 16.03 -58.70
CA LEU E 73 27.80 14.98 -57.75
C LEU E 73 26.58 14.22 -57.29
N THR E 74 26.71 12.88 -57.21
CA THR E 74 25.59 12.01 -56.84
C THR E 74 25.79 11.11 -55.61
N LEU E 75 27.05 10.78 -55.33
CA LEU E 75 27.43 9.88 -54.25
C LEU E 75 28.92 9.96 -53.93
N THR E 76 29.22 10.44 -52.73
CA THR E 76 30.55 10.44 -52.14
C THR E 76 30.72 9.32 -51.11
N SER E 77 29.61 8.73 -50.67
CA SER E 77 29.51 7.96 -49.45
C SER E 77 29.73 8.94 -48.31
N ARG E 78 29.41 8.52 -47.08
CA ARG E 78 29.50 9.41 -45.89
C ARG E 78 30.86 9.20 -45.20
N ALA E 79 31.82 8.59 -45.90
CA ALA E 79 33.22 8.60 -45.50
C ALA E 79 33.77 10.03 -45.59
N PHE E 80 33.15 10.83 -46.47
CA PHE E 80 33.41 12.24 -46.61
C PHE E 80 32.13 13.02 -46.41
N TYR E 81 32.23 14.35 -46.35
CA TYR E 81 31.07 15.28 -46.36
C TYR E 81 30.76 15.69 -47.80
N ASN E 82 29.47 15.89 -48.10
CA ASN E 82 29.05 16.58 -49.31
C ASN E 82 28.39 17.89 -48.90
N ASN E 83 28.28 18.82 -49.85
CA ASN E 83 27.80 20.17 -49.57
C ASN E 83 26.29 20.28 -49.36
N VAL E 84 25.54 19.29 -49.86
CA VAL E 84 24.09 19.36 -49.93
C VAL E 84 23.39 18.90 -48.65
N LEU E 85 23.86 17.79 -48.08
CA LEU E 85 23.21 17.13 -46.95
C LEU E 85 22.80 18.08 -45.83
N GLY E 86 23.76 18.84 -45.31
CA GLY E 86 23.56 19.73 -44.19
C GLY E 86 22.50 20.80 -44.46
N GLU E 87 22.36 21.18 -45.73
CA GLU E 87 21.35 22.12 -46.17
C GLU E 87 19.97 21.50 -46.00
N TYR E 88 19.82 20.28 -46.52
CA TYR E 88 18.60 19.43 -46.39
C TYR E 88 18.27 19.25 -44.90
N GLU E 89 19.27 18.89 -44.09
CA GLU E 89 19.07 18.65 -42.66
C GLU E 89 18.54 19.90 -41.93
N GLU E 90 19.05 21.08 -42.30
CA GLU E 90 18.61 22.33 -41.67
C GLU E 90 17.14 22.64 -42.00
N TYR E 91 16.74 22.33 -43.23
CA TYR E 91 15.35 22.54 -43.75
C TYR E 91 14.38 21.58 -43.07
N ILE E 92 14.61 20.26 -43.22
CA ILE E 92 13.66 19.26 -42.73
C ILE E 92 13.46 19.35 -41.22
N THR E 93 14.53 19.61 -40.47
CA THR E 93 14.45 19.70 -39.01
C THR E 93 13.67 20.93 -38.58
N LYS E 94 13.92 22.07 -39.24
CA LYS E 94 13.23 23.33 -38.91
C LYS E 94 11.77 23.33 -39.36
N LEU E 95 11.47 22.55 -40.40
CA LEU E 95 10.15 22.39 -40.93
C LEU E 95 9.26 21.64 -39.95
N PHE E 96 9.77 20.52 -39.40
CA PHE E 96 9.01 19.65 -38.52
C PHE E 96 9.27 19.91 -37.03
N ASN E 97 10.26 20.76 -36.73
CA ASN E 97 10.55 21.23 -35.38
C ASN E 97 11.07 20.10 -34.48
N TYR E 98 12.14 19.44 -34.94
CA TYR E 98 12.94 18.44 -34.18
C TYR E 98 14.42 18.82 -34.32
N HIS E 99 15.24 18.48 -33.32
CA HIS E 99 16.65 18.84 -33.32
C HIS E 99 17.37 18.31 -34.56
N LYS E 100 17.25 17.00 -34.78
CA LYS E 100 18.07 16.30 -35.77
C LYS E 100 17.29 15.31 -36.61
N VAL E 101 17.87 14.97 -37.78
CA VAL E 101 17.32 13.99 -38.71
C VAL E 101 18.42 12.99 -39.01
N LEU E 102 18.06 11.73 -39.23
CA LEU E 102 18.98 10.68 -39.67
C LEU E 102 18.53 10.23 -41.05
N PRO E 103 19.30 10.49 -42.12
CA PRO E 103 18.87 10.19 -43.48
C PRO E 103 19.08 8.73 -43.88
N MET E 104 18.06 8.11 -44.46
CA MET E 104 18.15 6.74 -44.98
C MET E 104 17.48 6.75 -46.35
N ASN E 105 17.35 5.56 -46.95
CA ASN E 105 16.90 5.42 -48.33
C ASN E 105 15.47 4.99 -48.47
N THR E 106 15.16 3.79 -48.02
CA THR E 106 13.83 3.18 -48.16
C THR E 106 13.10 3.27 -46.82
N GLY E 107 11.79 3.03 -46.85
CA GLY E 107 10.94 3.18 -45.67
C GLY E 107 11.26 2.20 -44.55
N VAL E 108 11.49 0.93 -44.91
CA VAL E 108 11.89 -0.11 -43.97
C VAL E 108 13.10 0.29 -43.16
N GLU E 109 14.08 0.93 -43.84
CA GLU E 109 15.34 1.36 -43.23
C GLU E 109 15.13 2.44 -42.16
N ALA E 110 14.12 3.28 -42.35
CA ALA E 110 13.76 4.30 -41.36
C ALA E 110 13.17 3.60 -40.15
N GLY E 111 12.30 2.62 -40.38
CA GLY E 111 11.76 1.79 -39.33
C GLY E 111 12.85 1.07 -38.51
N GLU E 112 13.73 0.35 -39.21
CA GLU E 112 14.88 -0.33 -38.61
C GLU E 112 15.74 0.62 -37.78
N THR E 113 15.90 1.86 -38.26
CA THR E 113 16.68 2.87 -37.59
C THR E 113 16.01 3.30 -36.30
N ALA E 114 14.68 3.48 -36.36
CA ALA E 114 13.88 3.85 -35.19
C ALA E 114 13.92 2.81 -34.07
N CYS E 115 13.92 1.53 -34.44
CA CYS E 115 13.95 0.43 -33.48
C CYS E 115 15.32 0.42 -32.79
N LYS E 116 16.37 0.61 -33.58
CA LYS E 116 17.72 0.69 -33.06
C LYS E 116 17.86 1.83 -32.08
N LEU E 117 17.35 3.01 -32.43
CA LEU E 117 17.28 4.14 -31.50
C LEU E 117 16.46 3.82 -30.24
N ALA E 118 15.27 3.26 -30.43
CA ALA E 118 14.35 2.93 -29.34
C ALA E 118 15.09 2.06 -28.34
N ARG E 119 15.74 1.03 -28.88
CA ARG E 119 16.48 0.04 -28.08
C ARG E 119 17.68 0.74 -27.42
N LYS E 120 18.54 1.40 -28.19
CA LYS E 120 19.74 2.07 -27.65
C LYS E 120 19.40 3.00 -26.51
N TRP E 121 18.36 3.81 -26.70
CA TRP E 121 17.88 4.74 -25.70
C TRP E 121 17.35 3.97 -24.48
N GLY E 122 16.66 2.87 -24.74
CA GLY E 122 16.17 1.99 -23.71
C GLY E 122 17.24 1.53 -22.76
N TYR E 123 18.36 1.05 -23.32
CA TYR E 123 19.51 0.50 -22.56
C TYR E 123 20.31 1.65 -21.92
N THR E 124 20.63 2.69 -22.68
CA THR E 124 21.59 3.72 -22.22
C THR E 124 20.94 4.84 -21.39
N VAL E 125 19.69 5.21 -21.71
CA VAL E 125 18.99 6.29 -21.02
C VAL E 125 17.99 5.79 -19.99
N LYS E 126 17.19 4.79 -20.35
CA LYS E 126 16.16 4.28 -19.45
C LYS E 126 16.70 3.26 -18.44
N GLY E 127 17.76 2.55 -18.79
CA GLY E 127 18.46 1.64 -17.90
C GLY E 127 17.89 0.23 -17.87
N ILE E 128 17.26 -0.18 -18.98
CA ILE E 128 16.71 -1.50 -19.16
C ILE E 128 17.90 -2.47 -19.27
N GLN E 129 17.75 -3.65 -18.69
CA GLN E 129 18.76 -4.66 -18.71
C GLN E 129 18.97 -5.12 -20.12
N LYS E 130 20.23 -5.35 -20.46
CA LYS E 130 20.63 -5.51 -21.85
C LYS E 130 20.00 -6.77 -22.47
N TYR E 131 19.12 -6.45 -23.43
CA TYR E 131 18.55 -7.28 -24.53
C TYR E 131 17.17 -7.78 -24.10
N LYS E 132 16.64 -7.18 -23.02
CA LYS E 132 15.26 -7.31 -22.60
C LYS E 132 14.36 -6.16 -23.04
N ALA E 133 14.89 -5.17 -23.74
CA ALA E 133 14.09 -4.05 -24.27
C ALA E 133 13.07 -4.51 -25.27
N LYS E 134 11.83 -4.02 -25.14
CA LYS E 134 10.71 -4.40 -26.01
C LYS E 134 10.15 -3.22 -26.76
N ILE E 135 9.61 -3.52 -27.95
CA ILE E 135 8.92 -2.55 -28.79
C ILE E 135 7.53 -3.14 -29.02
N VAL E 136 6.50 -2.32 -28.74
CA VAL E 136 5.14 -2.71 -29.05
C VAL E 136 4.74 -2.14 -30.41
N PHE E 137 3.99 -2.96 -31.16
CA PHE E 137 3.36 -2.56 -32.43
C PHE E 137 1.91 -2.84 -32.33
N ALA E 138 1.16 -2.45 -33.37
CA ALA E 138 -0.30 -2.62 -33.43
C ALA E 138 -0.66 -3.63 -34.50
N ALA E 139 -1.68 -4.45 -34.24
CA ALA E 139 -2.12 -5.46 -35.21
C ALA E 139 -2.55 -4.75 -36.49
N GLY E 140 -2.23 -5.35 -37.63
CA GLY E 140 -2.38 -4.74 -38.93
C GLY E 140 -1.23 -3.83 -39.39
N ASN E 141 -0.25 -3.60 -38.54
CA ASN E 141 0.87 -2.71 -38.91
C ASN E 141 1.63 -3.22 -40.13
N PHE E 142 2.27 -2.31 -40.84
CA PHE E 142 3.10 -2.66 -41.99
C PHE E 142 4.12 -1.59 -42.15
N TRP E 143 5.40 -1.98 -42.12
CA TRP E 143 6.46 -1.05 -42.25
C TRP E 143 7.67 -1.58 -42.98
N GLY E 144 7.46 -2.58 -43.85
CA GLY E 144 8.53 -3.13 -44.67
C GLY E 144 8.62 -4.65 -44.65
N ARG E 145 9.57 -5.21 -45.41
CA ARG E 145 9.70 -6.65 -45.69
C ARG E 145 11.04 -7.21 -45.19
N THR E 146 11.73 -6.51 -44.29
CA THR E 146 12.87 -7.12 -43.60
C THR E 146 12.41 -8.18 -42.63
N LEU E 147 13.34 -9.04 -42.19
CA LEU E 147 13.05 -10.06 -41.17
C LEU E 147 12.46 -9.46 -39.89
N SER E 148 12.89 -8.24 -39.54
CA SER E 148 12.37 -7.54 -38.36
C SER E 148 10.97 -7.04 -38.61
N ALA E 149 10.77 -6.35 -39.74
CA ALA E 149 9.46 -5.84 -40.11
C ALA E 149 8.40 -6.92 -40.07
N ILE E 150 8.66 -8.05 -40.75
CA ILE E 150 7.72 -9.16 -40.79
C ILE E 150 7.54 -9.90 -39.44
N SER E 151 8.48 -9.71 -38.51
CA SER E 151 8.40 -10.29 -37.17
C SER E 151 7.36 -9.64 -36.29
N SER E 152 6.86 -8.46 -36.72
CA SER E 152 5.81 -7.74 -35.99
C SER E 152 4.51 -7.68 -36.77
N SER E 153 4.39 -8.56 -37.77
CA SER E 153 3.26 -8.61 -38.65
C SER E 153 2.28 -9.64 -38.18
N THR E 154 0.99 -9.28 -38.23
CA THR E 154 -0.11 -10.19 -37.99
C THR E 154 -0.66 -10.75 -39.29
N ASP E 155 0.00 -10.42 -40.42
CA ASP E 155 -0.36 -10.95 -41.73
C ASP E 155 0.43 -12.23 -42.05
N PRO E 156 -0.24 -13.41 -42.12
CA PRO E 156 0.46 -14.66 -42.42
C PRO E 156 1.29 -14.62 -43.72
N THR E 157 0.81 -13.92 -44.76
CA THR E 157 1.50 -13.86 -46.03
C THR E 157 2.90 -13.25 -45.89
N SER E 158 3.06 -12.30 -44.95
CA SER E 158 4.34 -11.64 -44.71
C SER E 158 5.39 -12.45 -43.96
N TYR E 159 4.97 -13.21 -42.95
CA TYR E 159 5.90 -13.88 -42.01
C TYR E 159 5.97 -15.39 -42.27
N ASP E 160 4.89 -16.02 -42.74
CA ASP E 160 4.88 -17.48 -42.88
C ASP E 160 6.02 -17.90 -43.81
N GLY E 161 6.90 -18.78 -43.30
CA GLY E 161 7.99 -19.35 -44.05
C GLY E 161 9.32 -18.61 -43.91
N PHE E 162 9.32 -17.46 -43.21
CA PHE E 162 10.47 -16.57 -43.15
C PHE E 162 11.15 -16.62 -41.77
N GLY E 163 10.99 -17.77 -41.10
CA GLY E 163 12.12 -18.37 -40.34
C GLY E 163 12.03 -17.70 -38.99
N PRO E 164 12.94 -18.00 -38.06
CA PRO E 164 12.77 -17.55 -36.68
C PRO E 164 12.59 -16.03 -36.64
N PHE E 165 11.75 -15.52 -35.75
CA PHE E 165 11.39 -14.11 -35.71
C PHE E 165 12.13 -13.35 -34.67
N MET E 166 12.33 -12.06 -34.90
CA MET E 166 13.09 -11.20 -34.00
C MET E 166 12.33 -11.18 -32.67
N PRO E 167 12.99 -11.53 -31.54
CA PRO E 167 12.39 -11.36 -30.23
C PRO E 167 12.27 -9.88 -29.83
N GLY E 168 11.48 -9.62 -28.80
CA GLY E 168 11.30 -8.29 -28.25
C GLY E 168 10.25 -7.45 -28.91
N PHE E 169 9.44 -8.07 -29.78
CA PHE E 169 8.33 -7.40 -30.45
C PHE E 169 7.02 -7.97 -29.96
N ASP E 170 6.28 -7.16 -29.17
CA ASP E 170 4.90 -7.45 -28.74
C ASP E 170 3.94 -6.80 -29.62
N ILE E 171 2.76 -7.40 -29.76
CA ILE E 171 1.71 -6.93 -30.67
C ILE E 171 0.38 -6.84 -29.91
N ILE E 172 -0.26 -5.67 -29.99
CA ILE E 172 -1.55 -5.39 -29.35
C ILE E 172 -2.54 -4.95 -30.42
N PRO E 173 -3.87 -4.93 -30.14
CA PRO E 173 -4.86 -4.45 -31.09
C PRO E 173 -4.65 -2.96 -31.38
N TYR E 174 -4.94 -2.53 -32.61
CA TYR E 174 -4.86 -1.12 -33.06
C TYR E 174 -6.09 -0.38 -32.50
N ASN E 175 -5.96 0.92 -32.24
CA ASN E 175 -7.10 1.72 -31.85
C ASN E 175 -7.71 1.24 -30.53
N ASP E 176 -6.84 0.99 -29.54
CA ASP E 176 -7.22 0.34 -28.29
C ASP E 176 -6.30 0.81 -27.17
N LEU E 177 -6.74 1.83 -26.42
CA LEU E 177 -5.94 2.45 -25.37
C LEU E 177 -5.80 1.60 -24.12
N PRO E 178 -6.85 0.84 -23.70
CA PRO E 178 -6.70 -0.14 -22.63
C PRO E 178 -5.62 -1.21 -22.91
N ALA E 179 -5.55 -1.72 -24.14
CA ALA E 179 -4.51 -2.64 -24.56
C ALA E 179 -3.08 -2.05 -24.43
N LEU E 180 -2.94 -0.80 -24.88
CA LEU E 180 -1.66 -0.08 -24.78
C LEU E 180 -1.28 0.11 -23.32
N GLU E 181 -2.26 0.49 -22.50
CA GLU E 181 -2.02 0.72 -21.08
C GLU E 181 -1.54 -0.55 -20.40
N ARG E 182 -2.23 -1.67 -20.66
CA ARG E 182 -1.85 -3.02 -20.18
C ARG E 182 -0.39 -3.30 -20.53
N ALA E 183 -0.02 -3.07 -21.80
CA ALA E 183 1.28 -3.47 -22.30
C ALA E 183 2.40 -2.64 -21.68
N LEU E 184 2.18 -1.33 -21.56
CA LEU E 184 3.18 -0.42 -21.01
C LEU E 184 3.40 -0.57 -19.51
N GLN E 185 2.70 -1.54 -18.88
CA GLN E 185 2.97 -1.88 -17.48
C GLN E 185 4.35 -2.56 -17.31
N ASP E 186 4.88 -3.15 -18.38
CA ASP E 186 6.18 -3.80 -18.35
C ASP E 186 7.30 -2.76 -18.50
N PRO E 187 8.16 -2.57 -17.47
CA PRO E 187 9.13 -1.47 -17.48
C PRO E 187 10.17 -1.61 -18.61
N ASN E 188 10.33 -2.83 -19.16
CA ASN E 188 11.26 -3.10 -20.23
C ASN E 188 10.78 -2.66 -21.63
N VAL E 189 9.54 -2.16 -21.75
CA VAL E 189 9.08 -1.63 -23.00
C VAL E 189 9.78 -0.29 -23.26
N ALA E 190 10.30 -0.13 -24.48
CA ALA E 190 11.14 1.01 -24.85
C ALA E 190 10.38 2.00 -25.70
N ALA E 191 9.64 1.47 -26.69
CA ALA E 191 8.88 2.25 -27.61
C ALA E 191 7.56 1.57 -27.96
N PHE E 192 6.63 2.35 -28.51
CA PHE E 192 5.42 1.85 -29.17
C PHE E 192 5.45 2.48 -30.56
N MET E 193 5.50 1.64 -31.60
CA MET E 193 5.52 2.10 -32.98
C MET E 193 4.15 1.92 -33.62
N VAL E 194 3.62 3.03 -34.14
CA VAL E 194 2.27 3.01 -34.68
C VAL E 194 2.08 4.03 -35.80
N GLU E 195 1.17 3.69 -36.72
CA GLU E 195 0.76 4.55 -37.82
C GLU E 195 -0.50 5.31 -37.39
N PRO E 196 -0.59 6.63 -37.64
CA PRO E 196 -1.80 7.40 -37.35
C PRO E 196 -3.01 6.90 -38.15
N ILE E 197 -2.78 6.41 -39.38
CA ILE E 197 -3.76 5.65 -40.14
C ILE E 197 -2.96 4.51 -40.72
N GLN E 198 -3.52 3.29 -40.64
CA GLN E 198 -2.88 2.10 -41.18
C GLN E 198 -3.18 1.97 -42.66
N GLY E 199 -2.13 2.13 -43.48
CA GLY E 199 -2.27 2.13 -44.93
C GLY E 199 -2.55 0.74 -45.45
N GLU E 200 -1.47 -0.06 -45.52
CA GLU E 200 -1.52 -1.41 -46.05
C GLU E 200 -2.70 -2.26 -45.52
N ALA E 201 -3.12 -2.01 -44.28
CA ALA E 201 -4.19 -2.78 -43.63
C ALA E 201 -5.58 -2.48 -44.16
N GLY E 202 -5.72 -1.36 -44.88
CA GLY E 202 -6.94 -1.00 -45.56
C GLY E 202 -7.47 0.35 -45.18
N VAL E 203 -6.57 1.33 -45.08
CA VAL E 203 -6.89 2.67 -44.59
C VAL E 203 -7.79 2.57 -43.35
N VAL E 204 -7.24 2.00 -42.26
CA VAL E 204 -7.93 1.96 -40.96
C VAL E 204 -7.62 3.19 -40.15
N VAL E 205 -8.63 4.06 -39.97
CA VAL E 205 -8.57 5.30 -39.21
C VAL E 205 -8.95 5.02 -37.75
N PRO E 206 -8.14 5.46 -36.77
CA PRO E 206 -8.48 5.28 -35.36
C PRO E 206 -9.52 6.29 -34.88
N ASP E 207 -10.16 6.00 -33.73
CA ASP E 207 -11.16 6.87 -33.15
C ASP E 207 -10.52 8.21 -32.80
N PRO E 208 -11.27 9.34 -32.94
CA PRO E 208 -10.75 10.62 -32.45
C PRO E 208 -10.26 10.50 -31.00
N GLY E 209 -9.05 11.02 -30.72
CA GLY E 209 -8.47 10.99 -29.39
C GLY E 209 -7.56 9.82 -29.08
N TYR E 210 -7.37 8.92 -30.05
CA TYR E 210 -6.46 7.75 -29.95
C TYR E 210 -5.00 8.23 -29.80
N LEU E 211 -4.57 9.15 -30.67
CA LEU E 211 -3.19 9.61 -30.68
C LEU E 211 -2.84 10.43 -29.44
N MET E 212 -3.80 11.19 -28.91
CA MET E 212 -3.64 11.92 -27.66
C MET E 212 -3.43 10.91 -26.52
N GLY E 213 -4.27 9.89 -26.50
CA GLY E 213 -4.15 8.78 -25.57
C GLY E 213 -2.80 8.08 -25.63
N VAL E 214 -2.35 7.76 -26.86
CA VAL E 214 -1.07 7.11 -27.08
C VAL E 214 0.07 7.98 -26.52
N ARG E 215 0.03 9.28 -26.83
CA ARG E 215 1.04 10.30 -26.39
C ARG E 215 1.03 10.39 -24.87
N GLU E 216 -0.15 10.41 -24.24
CA GLU E 216 -0.29 10.55 -22.80
C GLU E 216 0.19 9.31 -22.03
N LEU E 217 -0.10 8.12 -22.57
CA LEU E 217 0.31 6.85 -21.96
C LEU E 217 1.82 6.62 -22.11
N CYS E 218 2.35 6.94 -23.30
CA CYS E 218 3.76 6.82 -23.56
C CYS E 218 4.57 7.70 -22.60
N THR E 219 4.17 8.97 -22.49
CA THR E 219 4.84 9.93 -21.60
C THR E 219 4.78 9.49 -20.13
N ARG E 220 3.62 8.95 -19.70
CA ARG E 220 3.34 8.52 -18.31
C ARG E 220 4.28 7.36 -17.91
N HIS E 221 4.47 6.36 -18.79
CA HIS E 221 5.31 5.19 -18.52
C HIS E 221 6.71 5.25 -19.08
N GLN E 222 7.15 6.46 -19.49
CA GLN E 222 8.50 6.70 -20.01
C GLN E 222 8.82 5.74 -21.15
N VAL E 223 7.97 5.79 -22.17
CA VAL E 223 8.09 4.95 -23.37
C VAL E 223 8.04 5.88 -24.57
N LEU E 224 8.89 5.62 -25.57
CA LEU E 224 8.98 6.43 -26.76
C LEU E 224 7.81 6.16 -27.69
N PHE E 225 7.22 7.24 -28.20
CA PHE E 225 6.15 7.20 -29.17
C PHE E 225 6.73 7.42 -30.56
N ILE E 226 6.77 6.34 -31.36
CA ILE E 226 7.26 6.38 -32.72
C ILE E 226 6.10 6.39 -33.73
N ALA E 227 5.93 7.53 -34.40
CA ALA E 227 4.87 7.71 -35.39
C ALA E 227 5.43 7.39 -36.76
N ASP E 228 4.97 6.29 -37.35
CA ASP E 228 5.31 5.98 -38.73
C ASP E 228 4.42 6.79 -39.68
N GLU E 229 4.97 7.86 -40.26
CA GLU E 229 4.25 8.72 -41.20
C GLU E 229 4.82 8.61 -42.62
N ILE E 230 5.37 7.45 -42.95
CA ILE E 230 5.95 7.18 -44.26
C ILE E 230 4.91 7.29 -45.39
N GLN E 231 3.64 7.02 -45.09
CA GLN E 231 2.56 6.97 -46.06
C GLN E 231 1.48 8.01 -45.82
N THR E 232 1.25 8.38 -44.55
CA THR E 232 0.24 9.34 -44.16
C THR E 232 0.79 10.78 -44.06
N GLY E 233 2.11 10.89 -43.91
CA GLY E 233 2.76 12.17 -43.76
C GLY E 233 2.83 12.93 -45.07
N LEU E 234 3.36 14.15 -44.98
CA LEU E 234 3.62 14.99 -46.14
C LEU E 234 2.37 15.25 -46.96
N ALA E 235 1.33 15.75 -46.28
CA ALA E 235 0.20 16.44 -46.89
C ALA E 235 -0.98 15.58 -47.28
N ARG E 236 -0.80 14.26 -47.37
CA ARG E 236 -1.81 13.37 -48.00
C ARG E 236 -3.11 13.41 -47.20
N THR E 237 -3.04 13.26 -45.87
CA THR E 237 -4.22 13.24 -45.03
C THR E 237 -4.83 14.63 -44.82
N GLY E 238 -4.10 15.67 -45.26
CA GLY E 238 -4.57 17.05 -45.20
C GLY E 238 -3.86 17.91 -44.18
N ARG E 239 -2.67 17.47 -43.76
CA ARG E 239 -1.77 18.15 -42.79
C ARG E 239 -0.33 17.75 -43.09
N TRP E 240 0.65 18.42 -42.51
CA TRP E 240 2.04 18.05 -42.71
C TRP E 240 2.23 16.62 -42.28
N LEU E 241 1.71 16.30 -41.10
CA LEU E 241 1.68 14.95 -40.54
C LEU E 241 0.26 14.70 -40.07
N ALA E 242 -0.20 13.45 -40.19
CA ALA E 242 -1.52 13.05 -39.73
C ALA E 242 -1.70 13.28 -38.23
N VAL E 243 -0.61 13.14 -37.46
CA VAL E 243 -0.62 13.40 -36.02
C VAL E 243 -0.98 14.83 -35.65
N ASP E 244 -0.71 15.78 -36.57
CA ASP E 244 -1.07 17.19 -36.38
C ASP E 244 -2.57 17.38 -36.15
N TYR E 245 -3.39 16.48 -36.68
CA TYR E 245 -4.87 16.52 -36.53
C TYR E 245 -5.25 16.55 -35.05
N GLU E 246 -4.44 15.94 -34.17
CA GLU E 246 -4.69 15.97 -32.72
C GLU E 246 -3.61 16.70 -31.91
N ASN E 247 -2.80 17.53 -32.59
CA ASN E 247 -1.74 18.31 -31.98
C ASN E 247 -0.79 17.52 -31.09
N VAL E 248 -0.40 16.34 -31.56
CA VAL E 248 0.46 15.44 -30.81
C VAL E 248 1.86 15.47 -31.40
N ARG E 249 2.86 15.48 -30.51
CA ARG E 249 4.30 15.49 -30.87
C ARG E 249 4.92 14.16 -30.47
N PRO E 250 5.03 13.19 -31.42
CA PRO E 250 5.79 11.98 -31.18
C PRO E 250 7.26 12.26 -30.86
N ASP E 251 7.91 11.32 -30.19
CA ASP E 251 9.32 11.35 -29.89
C ASP E 251 10.11 11.13 -31.19
N ILE E 252 9.67 10.16 -31.99
CA ILE E 252 10.30 9.85 -33.27
C ILE E 252 9.26 9.81 -34.38
N VAL E 253 9.49 10.57 -35.45
CA VAL E 253 8.67 10.52 -36.65
C VAL E 253 9.46 9.96 -37.81
N LEU E 254 8.82 9.10 -38.61
CA LEU E 254 9.42 8.53 -39.81
C LEU E 254 8.77 9.14 -41.08
N LEU E 255 9.59 9.56 -42.02
CA LEU E 255 9.17 10.09 -43.31
C LEU E 255 9.82 9.31 -44.43
N GLY E 256 9.14 9.27 -45.57
CA GLY E 256 9.58 8.53 -46.73
C GLY E 256 8.74 8.92 -47.93
N LYS E 257 8.64 7.98 -48.88
CA LYS E 257 7.85 8.10 -50.10
C LYS E 257 7.81 9.46 -50.79
N ALA E 258 6.94 10.37 -50.28
CA ALA E 258 6.72 11.68 -50.88
C ALA E 258 7.87 12.65 -50.63
N LEU E 259 8.76 12.27 -49.70
CA LEU E 259 9.95 13.05 -49.36
C LEU E 259 10.81 13.31 -50.60
N SER E 260 10.69 12.46 -51.62
CA SER E 260 11.39 12.58 -52.90
C SER E 260 10.51 12.98 -54.11
N GLY E 261 9.21 12.65 -54.03
CA GLY E 261 8.28 12.88 -55.13
C GLY E 261 8.33 11.78 -56.18
N GLY E 262 8.85 10.61 -55.80
CA GLY E 262 8.94 9.45 -56.67
C GLY E 262 10.20 9.37 -57.52
N LEU E 263 11.06 10.39 -57.40
CA LEU E 263 12.27 10.50 -58.21
C LEU E 263 13.52 9.83 -57.64
N TYR E 264 13.44 9.37 -56.40
CA TYR E 264 14.60 8.86 -55.61
C TYR E 264 14.14 8.26 -54.29
N PRO E 265 14.70 7.10 -53.84
CA PRO E 265 14.42 6.55 -52.51
C PRO E 265 15.08 7.35 -51.38
N VAL E 266 14.29 8.14 -50.68
CA VAL E 266 14.75 8.95 -49.56
C VAL E 266 13.76 8.70 -48.41
N SER E 267 14.30 8.37 -47.23
CA SER E 267 13.57 8.30 -45.99
C SER E 267 14.33 9.10 -44.93
N ALA E 268 13.63 9.46 -43.86
CA ALA E 268 14.20 10.27 -42.79
C ALA E 268 13.65 9.80 -41.44
N VAL E 269 14.50 9.90 -40.41
CA VAL E 269 14.12 9.66 -39.02
C VAL E 269 14.39 10.92 -38.20
N LEU E 270 13.31 11.54 -37.70
CA LEU E 270 13.37 12.82 -37.01
C LEU E 270 13.15 12.62 -35.51
N CYS E 271 14.15 13.03 -34.70
CA CYS E 271 13.98 13.13 -33.26
C CYS E 271 14.95 14.10 -32.63
N ASP E 272 14.71 14.41 -31.34
CA ASP E 272 15.56 15.33 -30.57
C ASP E 272 16.84 14.67 -30.07
N ASP E 273 17.75 15.51 -29.57
CA ASP E 273 19.12 15.14 -29.19
C ASP E 273 19.24 14.03 -28.16
N ASP E 274 18.39 14.05 -27.14
CA ASP E 274 18.50 13.06 -26.05
C ASP E 274 18.24 11.63 -26.57
N ILE E 275 17.50 11.50 -27.68
CA ILE E 275 17.27 10.21 -28.32
C ILE E 275 18.28 9.94 -29.43
N MET E 276 18.45 10.91 -30.32
CA MET E 276 19.28 10.73 -31.50
C MET E 276 20.73 10.43 -31.16
N LEU E 277 21.28 11.16 -30.18
CA LEU E 277 22.71 11.05 -29.85
C LEU E 277 23.12 9.82 -29.04
N THR E 278 22.17 8.93 -28.77
CA THR E 278 22.44 7.62 -28.18
C THR E 278 23.21 6.74 -29.15
N ILE E 279 23.21 7.12 -30.44
CA ILE E 279 23.95 6.44 -31.51
C ILE E 279 25.25 7.20 -31.82
N LYS E 280 26.39 6.64 -31.38
CA LYS E 280 27.71 7.23 -31.59
C LYS E 280 28.22 6.96 -33.01
N PRO E 281 29.24 7.72 -33.48
CA PRO E 281 29.84 7.46 -34.80
C PRO E 281 30.26 6.00 -35.06
N GLY E 282 29.95 5.49 -36.25
CA GLY E 282 30.29 4.16 -36.70
C GLY E 282 29.32 3.04 -36.31
N GLU E 283 28.30 3.36 -35.51
CA GLU E 283 27.33 2.37 -34.99
C GLU E 283 26.08 2.19 -35.84
N HIS E 284 25.93 2.97 -36.92
CA HIS E 284 24.79 2.88 -37.83
C HIS E 284 25.02 3.73 -39.07
N GLY E 285 24.39 3.34 -40.19
CA GLY E 285 24.56 4.02 -41.44
C GLY E 285 24.01 3.26 -42.64
N SER E 286 24.43 3.72 -43.82
CA SER E 286 23.92 3.23 -45.09
C SER E 286 24.70 3.90 -46.20
N THR E 287 25.11 3.12 -47.20
CA THR E 287 25.91 3.63 -48.29
C THR E 287 25.32 4.89 -48.91
N TYR E 288 24.03 4.84 -49.30
CA TYR E 288 23.36 5.91 -50.09
C TYR E 288 22.63 6.92 -49.18
N GLY E 289 22.61 6.68 -47.87
CA GLY E 289 21.92 7.54 -46.93
C GLY E 289 22.59 8.87 -46.81
N GLY E 290 21.85 9.92 -47.13
CA GLY E 290 22.29 11.31 -47.09
C GLY E 290 23.01 11.78 -48.34
N ASN E 291 22.95 11.03 -49.43
CA ASN E 291 23.73 11.36 -50.65
C ASN E 291 23.28 12.68 -51.26
N PRO E 292 24.14 13.39 -52.01
CA PRO E 292 23.83 14.74 -52.50
C PRO E 292 22.60 14.77 -53.42
N LEU E 293 22.43 13.75 -54.26
CA LEU E 293 21.35 13.69 -55.24
C LEU E 293 19.98 13.55 -54.58
N GLY E 294 19.91 12.67 -53.56
CA GLY E 294 18.67 12.41 -52.85
C GLY E 294 18.21 13.62 -52.06
N CYS E 295 19.17 14.30 -51.41
CA CYS E 295 18.91 15.49 -50.61
C CYS E 295 18.37 16.65 -51.42
N ARG E 296 18.91 16.85 -52.63
CA ARG E 296 18.49 17.93 -53.56
C ARG E 296 17.03 17.69 -53.98
N VAL E 297 16.72 16.47 -54.43
CA VAL E 297 15.34 16.09 -54.76
C VAL E 297 14.42 16.32 -53.57
N ALA E 298 14.87 15.96 -52.37
CA ALA E 298 14.07 16.07 -51.15
C ALA E 298 13.71 17.51 -50.81
N ILE E 299 14.70 18.41 -50.87
CA ILE E 299 14.47 19.84 -50.66
C ILE E 299 13.38 20.33 -51.64
N ALA E 300 13.62 20.13 -52.93
CA ALA E 300 12.66 20.48 -53.96
C ALA E 300 11.27 19.88 -53.72
N ALA E 301 11.24 18.60 -53.35
CA ALA E 301 10.00 17.87 -53.13
C ALA E 301 9.18 18.43 -51.97
N LEU E 302 9.89 18.89 -50.93
CA LEU E 302 9.25 19.50 -49.75
C LEU E 302 8.78 20.93 -50.05
N GLU E 303 9.50 21.62 -50.93
CA GLU E 303 9.14 22.96 -51.37
C GLU E 303 7.83 22.96 -52.13
N VAL E 304 7.66 22.03 -53.07
CA VAL E 304 6.40 21.84 -53.80
C VAL E 304 5.19 21.73 -52.87
N LEU E 305 5.31 20.88 -51.83
CA LEU E 305 4.24 20.62 -50.87
C LEU E 305 3.76 21.87 -50.14
N GLU E 306 4.73 22.72 -49.77
CA GLU E 306 4.48 23.93 -49.00
C GLU E 306 3.90 25.01 -49.90
N GLU E 307 4.58 25.27 -51.01
CA GLU E 307 4.28 26.43 -51.86
C GLU E 307 3.06 26.21 -52.77
N GLU E 308 2.63 24.95 -52.95
CA GLU E 308 1.38 24.66 -53.63
C GLU E 308 0.22 24.31 -52.67
N ASN E 309 0.41 24.59 -51.38
CA ASN E 309 -0.60 24.32 -50.34
C ASN E 309 -1.38 23.03 -50.57
N LEU E 310 -0.63 21.93 -50.73
CA LEU E 310 -1.22 20.66 -51.13
C LEU E 310 -1.99 19.97 -50.01
N ALA E 311 -1.65 20.30 -48.78
CA ALA E 311 -2.36 19.80 -47.60
C ALA E 311 -3.77 20.36 -47.58
N GLU E 312 -3.85 21.69 -47.72
CA GLU E 312 -5.11 22.43 -47.74
C GLU E 312 -6.00 21.92 -48.89
N ASN E 313 -5.39 21.62 -50.05
CA ASN E 313 -6.09 21.06 -51.20
C ASN E 313 -6.61 19.68 -50.91
N ALA E 314 -5.76 18.86 -50.29
CA ALA E 314 -6.03 17.47 -49.96
C ALA E 314 -7.20 17.33 -48.99
N ASP E 315 -7.18 18.16 -47.95
CA ASP E 315 -8.24 18.21 -46.96
C ASP E 315 -9.62 18.47 -47.62
N LYS E 316 -9.72 19.57 -48.37
CA LYS E 316 -10.96 19.96 -49.03
C LYS E 316 -11.48 18.95 -50.05
N LEU E 317 -10.59 18.43 -50.90
CA LEU E 317 -10.97 17.49 -51.94
C LEU E 317 -11.30 16.12 -51.37
N GLY E 318 -10.63 15.76 -50.26
CA GLY E 318 -10.93 14.58 -49.47
C GLY E 318 -12.38 14.50 -49.06
N ILE E 319 -12.90 15.61 -48.52
CA ILE E 319 -14.29 15.74 -48.11
C ILE E 319 -15.24 15.45 -49.28
N ILE E 320 -14.96 16.06 -50.43
CA ILE E 320 -15.79 15.86 -51.63
C ILE E 320 -15.79 14.38 -52.00
N LEU E 321 -14.59 13.80 -52.16
CA LEU E 321 -14.45 12.40 -52.53
C LEU E 321 -15.31 11.48 -51.64
N ARG E 322 -15.11 11.60 -50.32
CA ARG E 322 -15.82 10.77 -49.31
C ARG E 322 -17.34 11.00 -49.43
N ASN E 323 -17.80 12.26 -49.41
CA ASN E 323 -19.23 12.58 -49.50
C ASN E 323 -19.91 11.91 -50.71
N GLU E 324 -19.19 11.88 -51.85
CA GLU E 324 -19.71 11.28 -53.06
C GLU E 324 -19.74 9.73 -52.96
N LEU E 325 -18.66 9.15 -52.45
CA LEU E 325 -18.55 7.71 -52.29
C LEU E 325 -19.59 7.12 -51.33
N MET E 326 -20.02 7.93 -50.34
CA MET E 326 -21.03 7.50 -49.39
C MET E 326 -22.44 7.42 -49.99
N LYS E 327 -22.62 8.07 -51.15
CA LYS E 327 -23.90 8.03 -51.88
C LYS E 327 -24.11 6.74 -52.68
N LEU E 328 -23.03 5.97 -52.87
CA LEU E 328 -23.11 4.64 -53.49
C LEU E 328 -23.94 3.72 -52.61
N PRO E 329 -24.54 2.64 -53.15
CA PRO E 329 -25.51 1.85 -52.40
C PRO E 329 -24.82 0.96 -51.35
N SER E 330 -25.39 0.92 -50.14
CA SER E 330 -24.86 0.14 -49.02
C SER E 330 -24.72 -1.36 -49.30
N ASP E 331 -25.52 -1.86 -50.24
CA ASP E 331 -25.53 -3.26 -50.66
C ASP E 331 -24.25 -3.71 -51.37
N VAL E 332 -23.47 -2.77 -51.93
CA VAL E 332 -22.28 -3.04 -52.71
C VAL E 332 -21.04 -2.56 -51.92
N VAL E 333 -21.07 -1.29 -51.50
CA VAL E 333 -20.02 -0.62 -50.77
C VAL E 333 -20.44 -0.48 -49.30
N THR E 334 -19.86 -1.34 -48.46
CA THR E 334 -20.23 -1.46 -47.05
C THR E 334 -19.58 -0.40 -46.15
N ALA E 335 -18.48 0.21 -46.60
CA ALA E 335 -17.78 1.24 -45.84
C ALA E 335 -17.02 2.23 -46.72
N VAL E 336 -17.00 3.50 -46.27
CA VAL E 336 -16.12 4.54 -46.79
C VAL E 336 -15.41 5.14 -45.60
N ARG E 337 -14.08 5.30 -45.70
CA ARG E 337 -13.23 5.87 -44.61
C ARG E 337 -12.01 6.54 -45.21
N GLY E 338 -11.45 7.50 -44.48
CA GLY E 338 -10.24 8.19 -44.89
C GLY E 338 -10.04 9.52 -44.21
N LYS E 339 -8.85 10.12 -44.44
CA LYS E 339 -8.54 11.49 -44.06
C LYS E 339 -7.81 12.05 -45.24
N GLY E 340 -8.12 13.31 -45.59
CA GLY E 340 -7.59 13.94 -46.79
C GLY E 340 -7.81 13.05 -48.00
N LEU E 341 -6.73 12.80 -48.75
CA LEU E 341 -6.78 12.02 -49.99
C LEU E 341 -6.23 10.62 -49.82
N LEU E 342 -6.31 10.10 -48.58
CA LEU E 342 -6.04 8.70 -48.27
C LEU E 342 -7.34 8.08 -47.81
N ASN E 343 -8.13 7.63 -48.78
CA ASN E 343 -9.42 6.99 -48.52
C ASN E 343 -9.46 5.59 -49.11
N ALA E 344 -10.54 4.88 -48.80
CA ALA E 344 -10.77 3.52 -49.24
C ALA E 344 -12.25 3.20 -49.20
N ILE E 345 -12.64 2.13 -49.91
CA ILE E 345 -13.96 1.55 -49.79
C ILE E 345 -13.85 0.03 -49.68
N VAL E 346 -14.79 -0.57 -48.95
CA VAL E 346 -14.88 -2.01 -48.78
C VAL E 346 -16.06 -2.47 -49.62
N ILE E 347 -15.83 -3.50 -50.44
CA ILE E 347 -16.78 -3.89 -51.49
C ILE E 347 -17.74 -5.02 -51.13
N LYS E 348 -17.27 -5.96 -50.33
CA LYS E 348 -18.07 -7.12 -49.93
C LYS E 348 -18.00 -8.12 -51.08
N GLU E 349 -17.19 -9.17 -50.91
CA GLU E 349 -16.71 -9.95 -52.07
C GLU E 349 -17.57 -11.19 -52.06
N THR E 350 -18.68 -11.24 -52.82
CA THR E 350 -19.40 -12.48 -53.03
C THR E 350 -19.89 -12.57 -54.47
N LYS E 351 -20.57 -13.69 -54.78
CA LYS E 351 -21.54 -13.75 -55.88
C LYS E 351 -20.83 -13.78 -57.24
N ASP E 352 -20.88 -12.66 -58.00
CA ASP E 352 -20.28 -12.58 -59.33
C ASP E 352 -19.12 -11.57 -59.36
N TRP E 353 -18.58 -11.15 -58.20
CA TRP E 353 -17.73 -9.94 -58.12
C TRP E 353 -17.09 -9.71 -56.76
N ASP E 354 -15.94 -9.03 -56.82
CA ASP E 354 -15.04 -8.77 -55.70
C ASP E 354 -14.23 -7.51 -56.04
N ALA E 355 -13.32 -7.10 -55.14
CA ALA E 355 -12.54 -5.88 -55.31
C ALA E 355 -11.61 -5.94 -56.53
N TRP E 356 -11.07 -7.13 -56.81
CA TRP E 356 -10.16 -7.33 -57.92
C TRP E 356 -10.88 -7.05 -59.22
N LYS E 357 -12.02 -7.73 -59.41
CA LYS E 357 -12.89 -7.52 -60.56
C LYS E 357 -13.28 -6.05 -60.76
N VAL E 358 -13.63 -5.36 -59.68
CA VAL E 358 -13.95 -3.94 -59.72
C VAL E 358 -12.77 -3.16 -60.29
N CYS E 359 -11.58 -3.38 -59.73
CA CYS E 359 -10.37 -2.68 -60.13
C CYS E 359 -9.99 -2.93 -61.57
N LEU E 360 -10.30 -4.14 -62.06
CA LEU E 360 -10.14 -4.48 -63.48
C LEU E 360 -11.05 -3.62 -64.34
N ARG E 361 -12.30 -3.44 -63.90
CA ARG E 361 -13.32 -2.65 -64.66
C ARG E 361 -13.02 -1.15 -64.55
N LEU E 362 -12.50 -0.70 -63.41
CA LEU E 362 -12.06 0.69 -63.24
C LEU E 362 -10.97 1.01 -64.25
N ARG E 363 -10.04 0.07 -64.44
CA ARG E 363 -8.92 0.14 -65.43
C ARG E 363 -9.51 0.29 -66.85
N ASP E 364 -10.54 -0.51 -67.18
CA ASP E 364 -11.22 -0.43 -68.45
C ASP E 364 -11.96 0.89 -68.69
N ASN E 365 -12.28 1.60 -67.60
CA ASN E 365 -12.91 2.92 -67.66
C ASN E 365 -11.94 4.08 -67.39
N GLY E 366 -10.63 3.80 -67.41
CA GLY E 366 -9.58 4.80 -67.29
C GLY E 366 -9.28 5.30 -65.89
N LEU E 367 -9.39 4.41 -64.90
CA LEU E 367 -8.95 4.68 -63.52
C LEU E 367 -8.15 3.50 -62.97
N LEU E 368 -7.01 3.80 -62.34
CA LEU E 368 -6.12 2.80 -61.72
C LEU E 368 -6.13 2.87 -60.21
N ALA E 369 -6.53 1.75 -59.60
CA ALA E 369 -6.56 1.56 -58.15
C ALA E 369 -6.41 0.08 -57.87
N LYS E 370 -5.87 -0.25 -56.70
CA LYS E 370 -5.54 -1.66 -56.40
C LYS E 370 -6.21 -2.10 -55.11
N PRO E 371 -6.73 -3.34 -55.01
CA PRO E 371 -7.31 -3.84 -53.76
C PRO E 371 -6.19 -4.29 -52.80
N THR E 372 -6.41 -4.15 -51.49
CA THR E 372 -5.37 -4.37 -50.49
C THR E 372 -5.63 -5.56 -49.55
N HIS E 373 -6.83 -6.14 -49.63
CA HIS E 373 -7.11 -7.45 -49.02
C HIS E 373 -8.06 -8.36 -49.82
N GLY E 374 -8.82 -7.82 -50.77
CA GLY E 374 -9.76 -8.60 -51.56
C GLY E 374 -11.16 -8.05 -51.47
N ASP E 375 -11.40 -7.21 -50.46
CA ASP E 375 -12.63 -6.43 -50.36
C ASP E 375 -12.40 -4.90 -50.32
N ILE E 376 -11.14 -4.48 -50.15
CA ILE E 376 -10.82 -3.06 -49.93
C ILE E 376 -10.07 -2.44 -51.12
N ILE E 377 -10.71 -1.47 -51.78
CA ILE E 377 -10.08 -0.67 -52.84
C ILE E 377 -9.70 0.71 -52.31
N ARG E 378 -8.45 1.09 -52.56
CA ARG E 378 -7.83 2.33 -52.03
C ARG E 378 -7.93 3.43 -53.09
N PHE E 379 -8.29 4.64 -52.65
CA PHE E 379 -8.47 5.80 -53.51
C PHE E 379 -7.57 6.91 -53.02
N ALA E 380 -6.36 6.97 -53.60
CA ALA E 380 -5.31 7.89 -53.20
C ALA E 380 -4.70 8.58 -54.42
N PRO E 381 -5.39 9.59 -55.00
CA PRO E 381 -4.83 10.35 -56.12
C PRO E 381 -3.70 11.28 -55.69
N PRO E 382 -2.84 11.75 -56.61
CA PRO E 382 -1.85 12.79 -56.27
C PRO E 382 -2.53 14.08 -55.77
N LEU E 383 -1.84 14.82 -54.91
CA LEU E 383 -2.44 15.97 -54.21
C LEU E 383 -2.53 17.23 -55.07
N VAL E 384 -1.88 17.22 -56.24
CA VAL E 384 -1.97 18.32 -57.21
C VAL E 384 -3.25 18.27 -58.07
N ILE E 385 -4.11 17.28 -57.79
CA ILE E 385 -5.38 17.11 -58.48
C ILE E 385 -6.34 18.25 -58.12
N LYS E 386 -7.08 18.75 -59.12
CA LYS E 386 -8.07 19.82 -58.94
C LYS E 386 -9.50 19.32 -58.98
N GLU E 387 -10.42 20.19 -58.57
CA GLU E 387 -11.82 19.83 -58.29
C GLU E 387 -12.58 19.18 -59.47
N ASP E 388 -12.38 19.73 -60.68
CA ASP E 388 -13.02 19.17 -61.87
C ASP E 388 -12.48 17.77 -62.20
N GLU E 389 -11.16 17.64 -62.24
CA GLU E 389 -10.48 16.36 -62.46
C GLU E 389 -11.00 15.29 -61.48
N LEU E 390 -11.12 15.65 -60.21
CA LEU E 390 -11.61 14.74 -59.17
C LEU E 390 -13.04 14.31 -59.46
N ARG E 391 -13.84 15.24 -59.97
CA ARG E 391 -15.29 15.01 -60.29
C ARG E 391 -15.43 14.16 -61.55
N GLU E 392 -14.43 14.17 -62.44
CA GLU E 392 -14.42 13.25 -63.57
C GLU E 392 -14.16 11.82 -63.10
N SER E 393 -13.16 11.67 -62.23
CA SER E 393 -12.80 10.38 -61.61
C SER E 393 -13.92 9.74 -60.85
N ILE E 394 -14.63 10.55 -60.05
CA ILE E 394 -15.78 10.09 -59.27
C ILE E 394 -16.85 9.50 -60.18
N GLU E 395 -17.13 10.17 -61.31
CA GLU E 395 -18.08 9.66 -62.28
C GLU E 395 -17.63 8.31 -62.84
N ILE E 396 -16.31 8.15 -63.03
CA ILE E 396 -15.72 6.86 -63.45
C ILE E 396 -15.94 5.77 -62.39
N ILE E 397 -15.82 6.14 -61.11
CA ILE E 397 -16.05 5.22 -59.99
C ILE E 397 -17.52 4.79 -59.94
N ASN E 398 -18.42 5.78 -59.85
CA ASN E 398 -19.86 5.52 -59.83
C ASN E 398 -20.27 4.59 -60.97
N LYS E 399 -19.90 4.98 -62.20
CA LYS E 399 -20.21 4.21 -63.40
C LYS E 399 -19.82 2.74 -63.24
N THR E 400 -18.57 2.51 -62.80
CA THR E 400 -18.00 1.18 -62.69
C THR E 400 -18.68 0.35 -61.60
N ILE E 401 -18.92 0.97 -60.42
CA ILE E 401 -19.54 0.29 -59.29
C ILE E 401 -20.99 -0.12 -59.61
N LEU E 402 -21.70 0.76 -60.34
CA LEU E 402 -23.12 0.55 -60.63
C LEU E 402 -23.37 -0.40 -61.81
N SER E 403 -22.32 -0.73 -62.56
CA SER E 403 -22.42 -1.57 -63.76
C SER E 403 -22.51 -3.06 -63.47
N PHE E 404 -22.21 -3.46 -62.23
CA PHE E 404 -22.23 -4.87 -61.82
C PHE E 404 -23.65 -5.31 -61.47
N GLY F 1 -62.39 43.87 26.91
CA GLY F 1 -61.15 43.08 26.66
C GLY F 1 -59.85 43.78 27.06
N PRO F 2 -59.43 43.70 28.34
CA PRO F 2 -58.14 44.23 28.78
C PRO F 2 -56.92 43.55 28.15
N PRO F 3 -56.03 44.28 27.45
CA PRO F 3 -54.85 43.66 26.83
C PRO F 3 -53.66 43.36 27.76
N THR F 4 -53.56 43.99 28.94
CA THR F 4 -52.31 43.97 29.74
C THR F 4 -52.21 42.82 30.76
N SER F 5 -50.96 42.45 31.05
CA SER F 5 -50.61 41.28 31.87
C SER F 5 -51.21 41.29 33.27
N ASP F 6 -51.13 42.44 33.95
CA ASP F 6 -51.72 42.62 35.28
C ASP F 6 -53.26 42.47 35.26
N ASP F 7 -53.88 42.89 34.16
CA ASP F 7 -55.33 42.79 33.97
C ASP F 7 -55.76 41.35 33.74
N ILE F 8 -54.88 40.55 33.12
CA ILE F 8 -55.09 39.11 32.95
C ILE F 8 -55.08 38.39 34.30
N PHE F 9 -54.17 38.79 35.19
CA PHE F 9 -54.04 38.20 36.53
C PHE F 9 -55.30 38.50 37.33
N GLU F 10 -55.60 39.79 37.48
CA GLU F 10 -56.72 40.28 38.29
C GLU F 10 -58.12 39.82 37.80
N ARG F 11 -58.25 39.58 36.50
CA ARG F 11 -59.50 39.07 35.88
C ARG F 11 -59.66 37.59 36.26
N GLU F 12 -58.58 36.80 36.14
CA GLU F 12 -58.56 35.41 36.60
C GLU F 12 -58.77 35.27 38.12
N TYR F 13 -58.30 36.25 38.88
CA TYR F 13 -58.42 36.33 40.35
C TYR F 13 -59.88 36.52 40.76
N LYS F 14 -60.62 37.36 40.02
CA LYS F 14 -62.01 37.68 40.36
C LYS F 14 -62.96 36.53 40.01
N TYR F 15 -62.87 36.02 38.77
CA TYR F 15 -63.89 35.16 38.12
C TYR F 15 -63.44 33.69 38.08
N GLY F 16 -62.17 33.41 38.39
CA GLY F 16 -61.64 32.05 38.44
C GLY F 16 -61.29 31.60 39.85
N ALA F 17 -61.28 30.28 40.05
CA ALA F 17 -60.94 29.68 41.32
C ALA F 17 -59.45 29.87 41.60
N HIS F 18 -59.10 29.93 42.90
CA HIS F 18 -57.74 30.14 43.36
C HIS F 18 -57.03 28.83 43.70
N ASN F 19 -57.13 27.84 42.80
CA ASN F 19 -56.54 26.52 42.99
C ASN F 19 -55.14 26.35 42.39
N TYR F 20 -54.64 27.40 41.74
CA TYR F 20 -53.25 27.52 41.24
C TYR F 20 -52.68 28.88 41.67
N HIS F 21 -51.35 28.93 41.91
CA HIS F 21 -50.61 30.18 42.03
C HIS F 21 -49.52 30.11 40.96
N PRO F 22 -49.83 30.44 39.69
CA PRO F 22 -48.84 30.37 38.61
C PRO F 22 -47.75 31.45 38.70
N LEU F 23 -46.65 31.23 37.98
CA LEU F 23 -45.59 32.22 37.83
C LEU F 23 -46.20 33.42 37.11
N PRO F 24 -46.15 34.64 37.68
CA PRO F 24 -46.78 35.80 37.06
C PRO F 24 -46.20 36.08 35.66
N VAL F 25 -46.83 35.49 34.63
CA VAL F 25 -46.50 35.70 33.23
C VAL F 25 -47.72 35.31 32.39
N ALA F 26 -48.25 36.27 31.63
CA ALA F 26 -49.42 36.07 30.76
C ALA F 26 -48.95 35.82 29.31
N LEU F 27 -49.03 34.55 28.88
CA LEU F 27 -48.63 34.13 27.55
C LEU F 27 -49.77 34.16 26.55
N GLU F 28 -49.45 34.54 25.30
CA GLU F 28 -50.42 34.74 24.24
C GLU F 28 -50.13 33.92 22.99
N ARG F 29 -48.85 33.64 22.72
CA ARG F 29 -48.38 32.87 21.55
C ARG F 29 -47.36 31.82 21.99
N GLY F 30 -47.29 30.70 21.27
CA GLY F 30 -46.30 29.68 21.47
C GLY F 30 -45.96 29.00 20.16
N LYS F 31 -44.66 28.74 19.95
CA LYS F 31 -44.18 28.03 18.77
C LYS F 31 -42.84 27.38 19.07
N GLY F 32 -42.72 26.09 18.72
CA GLY F 32 -41.59 25.27 19.07
C GLY F 32 -41.23 25.39 20.55
N ILE F 33 -40.05 25.96 20.83
CA ILE F 33 -39.46 26.02 22.15
C ILE F 33 -39.72 27.37 22.83
N TYR F 34 -40.38 28.28 22.11
CA TYR F 34 -40.53 29.72 22.46
C TYR F 34 -41.98 30.01 22.85
N LEU F 35 -42.14 30.93 23.81
CA LEU F 35 -43.43 31.46 24.23
C LEU F 35 -43.31 32.98 24.25
N TRP F 36 -44.39 33.67 23.88
CA TRP F 36 -44.44 35.13 23.87
C TRP F 36 -45.55 35.61 24.76
N ASP F 37 -45.31 36.72 25.48
CA ASP F 37 -46.32 37.28 26.35
C ASP F 37 -47.06 38.43 25.67
N VAL F 38 -48.14 38.89 26.33
CA VAL F 38 -48.92 40.05 25.87
C VAL F 38 -47.95 41.18 26.23
N GLU F 39 -47.69 42.11 25.32
CA GLU F 39 -46.51 43.01 25.40
C GLU F 39 -45.30 42.48 24.65
N GLY F 40 -45.37 41.25 24.13
CA GLY F 40 -44.48 40.81 23.06
C GLY F 40 -43.12 40.31 23.47
N ARG F 41 -42.90 40.12 24.78
CA ARG F 41 -41.61 39.61 25.34
C ARG F 41 -41.50 38.13 24.98
N LYS F 42 -40.26 37.61 24.88
CA LYS F 42 -40.01 36.27 24.37
C LYS F 42 -39.26 35.46 25.43
N TYR F 43 -39.67 34.19 25.58
CA TYR F 43 -39.19 33.27 26.66
C TYR F 43 -38.90 31.89 26.07
N PHE F 44 -37.76 31.28 26.45
CA PHE F 44 -37.58 29.84 26.28
C PHE F 44 -38.54 29.18 27.27
N ASP F 45 -39.22 28.11 26.83
CA ASP F 45 -40.02 27.29 27.72
C ASP F 45 -39.23 26.09 28.24
N PHE F 46 -38.97 26.07 29.56
CA PHE F 46 -38.26 24.98 30.22
C PHE F 46 -39.15 24.18 31.16
N LEU F 47 -40.45 24.15 30.84
CA LEU F 47 -41.41 23.28 31.51
C LEU F 47 -42.11 22.31 30.56
N SER F 48 -42.28 22.74 29.29
CA SER F 48 -42.97 21.98 28.25
C SER F 48 -44.33 21.42 28.71
N SER F 49 -45.06 22.24 29.48
CA SER F 49 -46.34 21.86 30.09
C SER F 49 -46.25 20.47 30.70
N TYR F 50 -45.29 20.30 31.61
CA TYR F 50 -44.96 19.03 32.32
C TYR F 50 -44.83 17.89 31.31
N SER F 51 -44.27 18.19 30.12
CA SER F 51 -43.98 17.22 29.05
C SER F 51 -45.08 17.03 27.98
N ALA F 52 -46.14 17.84 28.04
CA ALA F 52 -47.23 17.78 27.06
C ALA F 52 -46.82 18.27 25.67
N VAL F 53 -45.85 19.20 25.61
CA VAL F 53 -45.37 19.73 24.34
C VAL F 53 -43.93 19.31 24.03
N ASN F 54 -43.69 17.99 24.07
CA ASN F 54 -42.38 17.44 23.68
C ASN F 54 -42.02 17.85 22.27
N GLN F 55 -43.05 17.98 21.42
CA GLN F 55 -42.91 18.28 20.01
C GLN F 55 -42.81 19.78 19.72
N GLY F 56 -42.75 20.59 20.79
CA GLY F 56 -42.77 22.04 20.69
C GLY F 56 -44.19 22.50 20.52
N HIS F 57 -44.47 23.76 20.86
CA HIS F 57 -45.82 24.29 20.78
C HIS F 57 -46.27 24.34 19.33
N CYS F 58 -47.54 23.99 19.11
CA CYS F 58 -48.21 24.13 17.83
C CYS F 58 -47.41 23.53 16.66
N HIS F 59 -46.78 22.37 16.89
CA HIS F 59 -46.05 21.70 15.83
C HIS F 59 -46.93 21.57 14.59
N PRO F 60 -46.49 22.12 13.43
CA PRO F 60 -47.32 22.21 12.22
C PRO F 60 -48.02 20.91 11.79
N LYS F 61 -47.34 19.76 11.86
CA LYS F 61 -47.92 18.50 11.41
C LYS F 61 -49.06 18.08 12.31
N ILE F 62 -48.95 18.38 13.60
CA ILE F 62 -49.99 18.04 14.58
C ILE F 62 -51.15 19.03 14.40
N VAL F 63 -50.82 20.30 14.12
CA VAL F 63 -51.82 21.33 13.86
C VAL F 63 -52.68 20.95 12.66
N ASN F 64 -52.04 20.59 11.55
CA ASN F 64 -52.73 20.22 10.32
C ASN F 64 -53.66 19.01 10.49
N ALA F 65 -53.22 18.02 11.27
CA ALA F 65 -54.02 16.85 11.58
C ALA F 65 -55.34 17.23 12.27
N LEU F 66 -55.23 18.17 13.22
CA LEU F 66 -56.37 18.73 13.92
C LEU F 66 -57.28 19.50 12.95
N LYS F 67 -56.68 20.39 12.17
CA LYS F 67 -57.40 21.23 11.22
C LYS F 67 -58.15 20.44 10.15
N SER F 68 -57.57 19.30 9.75
CA SER F 68 -58.14 18.42 8.73
C SER F 68 -59.38 17.68 9.24
N GLN F 69 -59.30 17.18 10.48
CA GLN F 69 -60.32 16.30 11.02
C GLN F 69 -61.54 17.06 11.57
N VAL F 70 -61.32 18.27 12.06
CA VAL F 70 -62.40 19.13 12.59
C VAL F 70 -63.49 19.38 11.56
N ASP F 71 -63.09 19.52 10.29
CA ASP F 71 -64.01 19.74 9.19
C ASP F 71 -64.84 18.51 8.81
N LYS F 72 -64.50 17.34 9.38
CA LYS F 72 -65.10 16.05 9.03
C LYS F 72 -66.02 15.53 10.13
N LEU F 73 -65.44 15.28 11.31
CA LEU F 73 -66.12 14.65 12.44
C LEU F 73 -65.24 14.74 13.68
N THR F 74 -65.83 15.05 14.83
CA THR F 74 -65.11 15.28 16.07
C THR F 74 -65.53 14.42 17.27
N LEU F 75 -66.80 13.99 17.27
CA LEU F 75 -67.39 13.22 18.35
C LEU F 75 -68.71 12.56 17.96
N THR F 76 -68.70 11.23 17.93
CA THR F 76 -69.89 10.39 17.78
C THR F 76 -70.32 9.78 19.12
N SER F 77 -69.45 9.85 20.12
CA SER F 77 -69.51 9.01 21.31
C SER F 77 -69.21 7.59 20.84
N ARG F 78 -68.92 6.69 21.78
CA ARG F 78 -68.54 5.29 21.48
C ARG F 78 -69.80 4.40 21.53
N ALA F 79 -71.00 5.01 21.45
CA ALA F 79 -72.23 4.30 21.17
C ALA F 79 -72.18 3.74 19.75
N PHE F 80 -71.40 4.41 18.90
CA PHE F 80 -71.13 4.00 17.54
C PHE F 80 -69.61 3.88 17.38
N TYR F 81 -69.18 3.36 16.22
CA TYR F 81 -67.77 3.33 15.76
C TYR F 81 -67.49 4.58 14.92
N ASN F 82 -66.24 5.07 14.95
CA ASN F 82 -65.78 6.03 13.98
C ASN F 82 -64.66 5.34 13.15
N ASN F 83 -64.28 5.97 12.04
CA ASN F 83 -63.27 5.42 11.13
C ASN F 83 -61.84 5.56 11.63
N VAL F 84 -61.61 6.49 12.55
CA VAL F 84 -60.26 6.90 12.95
C VAL F 84 -59.67 6.02 14.07
N LEU F 85 -60.49 5.75 15.09
CA LEU F 85 -60.06 5.11 16.33
C LEU F 85 -59.22 3.86 16.11
N GLY F 86 -59.78 2.91 15.34
CA GLY F 86 -59.15 1.63 15.09
C GLY F 86 -57.80 1.76 14.41
N GLU F 87 -57.63 2.81 13.62
CA GLU F 87 -56.38 3.12 12.96
C GLU F 87 -55.32 3.49 13.99
N TYR F 88 -55.69 4.41 14.89
CA TYR F 88 -54.89 4.85 16.05
C TYR F 88 -54.51 3.63 16.91
N GLU F 89 -55.51 2.79 17.22
CA GLU F 89 -55.29 1.61 18.06
C GLU F 89 -54.26 0.64 17.44
N GLU F 90 -54.32 0.45 16.13
CA GLU F 90 -53.40 -0.43 15.42
C GLU F 90 -51.96 0.07 15.50
N TYR F 91 -51.80 1.39 15.41
CA TYR F 91 -50.49 2.10 15.45
C TYR F 91 -49.89 2.02 16.86
N ILE F 92 -50.60 2.54 17.86
CA ILE F 92 -50.07 2.64 19.22
C ILE F 92 -49.72 1.27 19.79
N THR F 93 -50.57 0.27 19.53
CA THR F 93 -50.34 -1.08 20.03
C THR F 93 -49.11 -1.73 19.39
N LYS F 94 -48.97 -1.56 18.07
CA LYS F 94 -47.84 -2.14 17.33
C LYS F 94 -46.52 -1.41 17.61
N LEU F 95 -46.63 -0.12 17.96
CA LEU F 95 -45.49 0.70 18.31
C LEU F 95 -44.87 0.23 19.63
N PHE F 96 -45.71 0.01 20.64
CA PHE F 96 -45.27 -0.34 21.98
C PHE F 96 -45.31 -1.86 22.27
N ASN F 97 -45.87 -2.63 21.33
CA ASN F 97 -45.87 -4.09 21.37
C ASN F 97 -46.72 -4.64 22.53
N TYR F 98 -47.99 -4.22 22.56
CA TYR F 98 -49.05 -4.74 23.48
C TYR F 98 -50.27 -5.08 22.63
N HIS F 99 -51.07 -6.05 23.05
CA HIS F 99 -52.25 -6.48 22.31
C HIS F 99 -53.22 -5.33 22.07
N LYS F 100 -53.61 -4.65 23.16
CA LYS F 100 -54.71 -3.69 23.12
C LYS F 100 -54.42 -2.42 23.89
N VAL F 101 -55.16 -1.36 23.54
CA VAL F 101 -55.09 -0.06 24.18
C VAL F 101 -56.52 0.31 24.57
N LEU F 102 -56.67 1.03 25.70
CA LEU F 102 -57.95 1.59 26.11
C LEU F 102 -57.80 3.11 26.09
N PRO F 103 -58.53 3.82 25.20
CA PRO F 103 -58.37 5.27 25.06
C PRO F 103 -59.15 6.07 26.12
N MET F 104 -58.50 7.05 26.74
CA MET F 104 -59.13 7.98 27.67
C MET F 104 -58.65 9.38 27.33
N ASN F 105 -59.02 10.36 28.16
CA ASN F 105 -58.78 11.77 27.87
C ASN F 105 -57.63 12.37 28.62
N THR F 106 -57.76 12.41 29.96
CA THR F 106 -56.76 13.03 30.84
C THR F 106 -55.96 11.94 31.51
N GLY F 107 -54.82 12.33 32.10
CA GLY F 107 -53.88 11.39 32.72
C GLY F 107 -54.45 10.63 33.91
N VAL F 108 -55.16 11.35 34.79
CA VAL F 108 -55.84 10.75 35.93
C VAL F 108 -56.76 9.61 35.52
N GLU F 109 -57.47 9.79 34.41
CA GLU F 109 -58.43 8.82 33.88
C GLU F 109 -57.76 7.52 33.44
N ALA F 110 -56.52 7.63 32.95
CA ALA F 110 -55.72 6.47 32.59
C ALA F 110 -55.35 5.72 33.84
N GLY F 111 -54.94 6.46 34.87
CA GLY F 111 -54.64 5.88 36.18
C GLY F 111 -55.84 5.16 36.78
N GLU F 112 -56.98 5.84 36.84
CA GLU F 112 -58.26 5.28 37.31
C GLU F 112 -58.61 4.00 36.56
N THR F 113 -58.34 3.98 35.25
CA THR F 113 -58.61 2.84 34.41
C THR F 113 -57.70 1.66 34.75
N ALA F 114 -56.43 1.96 35.00
CA ALA F 114 -55.43 0.96 35.39
C ALA F 114 -55.75 0.28 36.73
N CYS F 115 -56.29 1.05 37.67
CA CYS F 115 -56.67 0.53 38.98
C CYS F 115 -57.86 -0.40 38.84
N LYS F 116 -58.82 0.02 38.02
CA LYS F 116 -60.02 -0.77 37.73
C LYS F 116 -59.63 -2.09 37.09
N LEU F 117 -58.71 -2.06 36.11
CA LEU F 117 -58.14 -3.28 35.52
C LEU F 117 -57.42 -4.13 36.55
N ALA F 118 -56.55 -3.50 37.35
CA ALA F 118 -55.76 -4.19 38.37
C ALA F 118 -56.69 -4.97 39.25
N ARG F 119 -57.72 -4.26 39.71
CA ARG F 119 -58.75 -4.82 40.64
C ARG F 119 -59.52 -5.94 39.91
N LYS F 120 -60.12 -5.64 38.77
CA LYS F 120 -60.92 -6.62 38.01
C LYS F 120 -60.18 -7.92 37.77
N TRP F 121 -58.93 -7.79 37.33
CA TRP F 121 -58.04 -8.92 37.08
C TRP F 121 -57.76 -9.65 38.39
N GLY F 122 -57.56 -8.88 39.47
CA GLY F 122 -57.35 -9.42 40.80
C GLY F 122 -58.44 -10.36 41.23
N TYR F 123 -59.69 -9.94 41.04
CA TYR F 123 -60.91 -10.69 41.44
C TYR F 123 -61.14 -11.86 40.45
N THR F 124 -61.10 -11.59 39.14
CA THR F 124 -61.52 -12.58 38.15
C THR F 124 -60.43 -13.59 37.75
N VAL F 125 -59.17 -13.13 37.70
CA VAL F 125 -58.05 -13.98 37.27
C VAL F 125 -57.21 -14.51 38.43
N LYS F 126 -56.91 -13.65 39.41
CA LYS F 126 -56.09 -14.06 40.55
C LYS F 126 -56.89 -14.77 41.64
N GLY F 127 -58.18 -14.45 41.76
CA GLY F 127 -59.10 -15.13 42.67
C GLY F 127 -59.11 -14.55 44.08
N ILE F 128 -58.79 -13.26 44.18
CA ILE F 128 -58.84 -12.51 45.43
C ILE F 128 -60.31 -12.38 45.80
N GLN F 129 -60.62 -12.46 47.10
CA GLN F 129 -61.98 -12.34 47.58
C GLN F 129 -62.42 -10.92 47.33
N LYS F 130 -63.69 -10.77 46.90
CA LYS F 130 -64.20 -9.50 46.48
C LYS F 130 -64.12 -8.41 47.53
N TYR F 131 -63.24 -7.46 47.20
CA TYR F 131 -63.09 -6.06 47.69
C TYR F 131 -61.98 -6.04 48.73
N LYS F 132 -61.18 -7.12 48.76
CA LYS F 132 -59.93 -7.19 49.50
C LYS F 132 -58.66 -6.91 48.64
N ALA F 133 -58.85 -6.71 47.32
CA ALA F 133 -57.73 -6.44 46.43
C ALA F 133 -57.05 -5.13 46.76
N LYS F 134 -55.70 -5.13 46.74
CA LYS F 134 -54.90 -3.97 47.07
C LYS F 134 -54.01 -3.54 45.92
N ILE F 135 -53.69 -2.24 45.88
CA ILE F 135 -52.74 -1.68 44.95
C ILE F 135 -51.69 -0.95 45.78
N VAL F 136 -50.42 -1.23 45.51
CA VAL F 136 -49.33 -0.54 46.16
C VAL F 136 -48.86 0.60 45.26
N PHE F 137 -48.53 1.73 45.90
CA PHE F 137 -47.93 2.90 45.25
C PHE F 137 -46.66 3.22 45.99
N ALA F 138 -45.92 4.21 45.49
CA ALA F 138 -44.65 4.65 46.08
C ALA F 138 -44.79 6.05 46.64
N ALA F 139 -44.12 6.31 47.76
CA ALA F 139 -44.16 7.62 48.39
C ALA F 139 -43.62 8.65 47.40
N GLY F 140 -44.22 9.84 47.37
CA GLY F 140 -43.94 10.85 46.38
C GLY F 140 -44.70 10.72 45.05
N ASN F 141 -45.47 9.64 44.86
CA ASN F 141 -46.18 9.43 43.62
C ASN F 141 -47.18 10.55 43.33
N PHE F 142 -47.48 10.75 42.05
CA PHE F 142 -48.46 11.72 41.64
C PHE F 142 -49.04 11.24 40.36
N TRP F 143 -50.37 11.09 40.33
CA TRP F 143 -51.01 10.65 39.13
C TRP F 143 -52.37 11.24 38.88
N GLY F 144 -52.63 12.43 39.47
CA GLY F 144 -53.88 13.15 39.29
C GLY F 144 -54.52 13.64 40.57
N ARG F 145 -55.67 14.30 40.45
CA ARG F 145 -56.33 15.04 41.56
C ARG F 145 -57.74 14.50 41.82
N THR F 146 -58.06 13.28 41.38
CA THR F 146 -59.29 12.63 41.81
C THR F 146 -59.18 12.20 43.26
N LEU F 147 -60.33 11.88 43.87
CA LEU F 147 -60.38 11.39 45.25
C LEU F 147 -59.49 10.12 45.41
N SER F 148 -59.40 9.28 44.38
CA SER F 148 -58.60 8.09 44.40
C SER F 148 -57.12 8.43 44.30
N ALA F 149 -56.78 9.27 43.32
CA ALA F 149 -55.41 9.71 43.15
C ALA F 149 -54.83 10.26 44.44
N ILE F 150 -55.53 11.21 45.06
CA ILE F 150 -55.08 11.84 46.31
C ILE F 150 -55.08 10.90 47.52
N SER F 151 -55.81 9.79 47.43
CA SER F 151 -55.87 8.78 48.49
C SER F 151 -54.57 7.97 48.61
N SER F 152 -53.71 8.05 47.59
CA SER F 152 -52.42 7.37 47.56
C SER F 152 -51.25 8.36 47.59
N SER F 153 -51.54 9.60 47.99
CA SER F 153 -50.58 10.67 48.00
C SER F 153 -50.02 10.79 49.40
N THR F 154 -48.69 11.00 49.46
CA THR F 154 -48.02 11.32 50.70
C THR F 154 -47.85 12.83 50.87
N ASP F 155 -48.41 13.60 49.94
CA ASP F 155 -48.38 15.06 49.98
C ASP F 155 -49.60 15.62 50.69
N PRO F 156 -49.43 16.24 51.90
CA PRO F 156 -50.57 16.79 52.63
C PRO F 156 -51.41 17.80 51.82
N THR F 157 -50.76 18.60 50.95
CA THR F 157 -51.49 19.62 50.17
C THR F 157 -52.54 18.98 49.26
N SER F 158 -52.29 17.77 48.78
CA SER F 158 -53.18 17.05 47.87
C SER F 158 -54.40 16.42 48.52
N TYR F 159 -54.24 15.85 49.71
CA TYR F 159 -55.29 15.02 50.35
C TYR F 159 -55.93 15.78 51.54
N ASP F 160 -55.20 16.66 52.22
CA ASP F 160 -55.74 17.29 53.42
C ASP F 160 -57.03 18.00 53.12
N GLY F 161 -58.11 17.61 53.82
CA GLY F 161 -59.42 18.26 53.68
C GLY F 161 -60.35 17.65 52.64
N PHE F 162 -59.87 16.64 51.91
CA PHE F 162 -60.60 16.02 50.80
C PHE F 162 -61.14 14.63 51.17
N GLY F 163 -61.36 14.43 52.48
CA GLY F 163 -62.58 13.71 52.93
C GLY F 163 -62.18 12.27 52.87
N PRO F 164 -63.07 11.31 53.21
CA PRO F 164 -62.64 9.95 53.46
C PRO F 164 -61.89 9.41 52.24
N PHE F 165 -60.86 8.59 52.45
CA PHE F 165 -59.96 8.15 51.38
C PHE F 165 -60.28 6.75 50.91
N MET F 166 -59.95 6.49 49.65
CA MET F 166 -60.24 5.22 49.03
C MET F 166 -59.47 4.15 49.79
N PRO F 167 -60.13 3.08 50.31
CA PRO F 167 -59.42 1.93 50.84
C PRO F 167 -58.70 1.10 49.76
N GLY F 168 -57.80 0.22 50.21
CA GLY F 168 -57.08 -0.70 49.35
C GLY F 168 -55.83 -0.15 48.71
N PHE F 169 -55.38 1.03 49.16
CA PHE F 169 -54.14 1.63 48.65
C PHE F 169 -53.09 1.64 49.76
N ASP F 170 -52.06 0.79 49.60
CA ASP F 170 -50.87 0.79 50.47
C ASP F 170 -49.80 1.62 49.84
N ILE F 171 -48.96 2.23 50.67
CA ILE F 171 -47.88 3.11 50.23
C ILE F 171 -46.56 2.69 50.87
N ILE F 172 -45.53 2.51 50.02
CA ILE F 172 -44.19 2.12 50.44
C ILE F 172 -43.19 3.17 49.96
N PRO F 173 -41.95 3.20 50.48
CA PRO F 173 -40.95 4.13 50.00
C PRO F 173 -40.58 3.84 48.54
N TYR F 174 -40.26 4.88 47.78
CA TYR F 174 -39.80 4.81 46.37
C TYR F 174 -38.34 4.34 46.36
N ASN F 175 -37.94 3.63 45.31
CA ASN F 175 -36.55 3.24 45.15
C ASN F 175 -36.08 2.33 46.29
N ASP F 176 -36.91 1.31 46.61
CA ASP F 176 -36.73 0.45 47.77
C ASP F 176 -37.34 -0.93 47.51
N LEU F 177 -36.48 -1.86 47.06
CA LEU F 177 -36.88 -3.21 46.68
C LEU F 177 -37.24 -4.10 47.87
N PRO F 178 -36.52 -4.00 49.02
CA PRO F 178 -36.94 -4.70 50.23
C PRO F 178 -38.35 -4.32 50.70
N ALA F 179 -38.71 -3.04 50.64
CA ALA F 179 -40.08 -2.56 50.94
C ALA F 179 -41.13 -3.19 50.04
N LEU F 180 -40.85 -3.23 48.73
CA LEU F 180 -41.75 -3.84 47.76
C LEU F 180 -41.89 -5.33 48.04
N GLU F 181 -40.79 -5.99 48.35
CA GLU F 181 -40.81 -7.42 48.64
C GLU F 181 -41.68 -7.73 49.85
N ARG F 182 -41.45 -6.97 50.92
CA ARG F 182 -42.28 -7.02 52.16
C ARG F 182 -43.76 -6.92 51.80
N ALA F 183 -44.13 -5.92 51.00
CA ALA F 183 -45.53 -5.60 50.72
C ALA F 183 -46.20 -6.69 49.91
N LEU F 184 -45.50 -7.21 48.89
CA LEU F 184 -46.02 -8.23 48.01
C LEU F 184 -46.16 -9.60 48.67
N GLN F 185 -45.84 -9.69 49.97
CA GLN F 185 -46.13 -10.90 50.76
C GLN F 185 -47.61 -11.15 50.95
N ASP F 186 -48.42 -10.11 50.84
CA ASP F 186 -49.87 -10.23 50.99
C ASP F 186 -50.50 -10.69 49.68
N PRO F 187 -51.11 -11.90 49.62
CA PRO F 187 -51.61 -12.44 48.36
C PRO F 187 -52.73 -11.58 47.74
N ASN F 188 -53.39 -10.74 48.53
CA ASN F 188 -54.43 -9.83 48.08
C ASN F 188 -53.95 -8.59 47.31
N VAL F 189 -52.62 -8.38 47.24
CA VAL F 189 -52.09 -7.28 46.43
C VAL F 189 -52.23 -7.65 44.96
N ALA F 190 -52.78 -6.73 44.15
CA ALA F 190 -53.11 -6.96 42.75
C ALA F 190 -52.11 -6.34 41.80
N ALA F 191 -51.70 -5.11 42.09
CA ALA F 191 -50.78 -4.33 41.28
C ALA F 191 -49.85 -3.50 42.15
N PHE F 192 -48.74 -3.05 41.56
CA PHE F 192 -47.87 -2.02 42.10
C PHE F 192 -47.76 -0.96 40.99
N MET F 193 -48.20 0.27 41.29
CA MET F 193 -48.13 1.37 40.35
C MET F 193 -47.02 2.31 40.68
N VAL F 194 -46.14 2.55 39.70
CA VAL F 194 -44.95 3.33 39.92
C VAL F 194 -44.46 4.05 38.67
N GLU F 195 -43.82 5.21 38.89
CA GLU F 195 -43.22 6.02 37.85
C GLU F 195 -41.74 5.69 37.76
N PRO F 196 -41.18 5.50 36.54
CA PRO F 196 -39.74 5.25 36.37
C PRO F 196 -38.88 6.42 36.88
N ILE F 197 -39.39 7.64 36.74
CA ILE F 197 -38.84 8.82 37.41
C ILE F 197 -40.07 9.55 37.92
N GLN F 198 -40.02 10.01 39.18
CA GLN F 198 -41.08 10.77 39.80
C GLN F 198 -40.97 12.22 39.42
N GLY F 199 -41.94 12.70 38.61
CA GLY F 199 -41.93 14.06 38.10
C GLY F 199 -42.27 15.04 39.20
N GLU F 200 -43.57 15.14 39.52
CA GLU F 200 -44.07 16.09 40.48
C GLU F 200 -43.30 16.16 41.80
N ALA F 201 -42.70 15.04 42.21
CA ALA F 201 -41.95 14.95 43.49
C ALA F 201 -40.60 15.66 43.45
N GLY F 202 -40.11 15.96 42.24
CA GLY F 202 -38.91 16.74 42.05
C GLY F 202 -37.86 16.02 41.22
N VAL F 203 -38.31 15.40 40.11
CA VAL F 203 -37.46 14.59 39.26
C VAL F 203 -36.57 13.68 40.11
N VAL F 204 -37.18 12.74 40.86
CA VAL F 204 -36.43 11.75 41.63
C VAL F 204 -36.22 10.50 40.78
N VAL F 205 -34.95 10.26 40.41
CA VAL F 205 -34.51 9.11 39.63
C VAL F 205 -34.13 7.97 40.58
N PRO F 206 -34.63 6.73 40.36
CA PRO F 206 -34.25 5.59 41.17
C PRO F 206 -32.87 5.03 40.81
N ASP F 207 -32.28 4.23 41.69
CA ASP F 207 -30.95 3.65 41.46
C ASP F 207 -31.03 2.74 40.25
N PRO F 208 -29.96 2.62 39.44
CA PRO F 208 -29.92 1.64 38.36
C PRO F 208 -30.31 0.25 38.87
N GLY F 209 -31.21 -0.43 38.16
CA GLY F 209 -31.64 -1.78 38.49
C GLY F 209 -32.87 -1.89 39.35
N TYR F 210 -33.48 -0.75 39.70
CA TYR F 210 -34.74 -0.65 40.46
C TYR F 210 -35.90 -1.27 39.66
N LEU F 211 -36.02 -0.87 38.39
CA LEU F 211 -37.13 -1.32 37.56
C LEU F 211 -37.03 -2.81 37.20
N MET F 212 -35.82 -3.33 37.06
CA MET F 212 -35.58 -4.75 36.85
C MET F 212 -36.06 -5.51 38.07
N GLY F 213 -35.65 -5.01 39.25
CA GLY F 213 -36.10 -5.53 40.54
C GLY F 213 -37.62 -5.54 40.68
N VAL F 214 -38.26 -4.41 40.34
CA VAL F 214 -39.72 -4.27 40.42
C VAL F 214 -40.39 -5.30 39.52
N ARG F 215 -39.89 -5.45 38.29
CA ARG F 215 -40.41 -6.40 37.26
C ARG F 215 -40.25 -7.84 37.78
N GLU F 216 -39.09 -8.16 38.37
CA GLU F 216 -38.81 -9.50 38.85
C GLU F 216 -39.64 -9.89 40.07
N LEU F 217 -39.86 -8.94 40.99
CA LEU F 217 -40.65 -9.16 42.20
C LEU F 217 -42.14 -9.27 41.89
N CYS F 218 -42.62 -8.40 40.98
CA CYS F 218 -44.00 -8.42 40.53
C CYS F 218 -44.34 -9.77 39.90
N THR F 219 -43.49 -10.22 38.97
CA THR F 219 -43.67 -11.51 38.29
C THR F 219 -43.67 -12.69 39.27
N ARG F 220 -42.75 -12.65 40.25
CA ARG F 220 -42.55 -13.70 41.27
C ARG F 220 -43.81 -13.87 42.14
N HIS F 221 -44.42 -12.77 42.60
CA HIS F 221 -45.62 -12.80 43.46
C HIS F 221 -46.95 -12.63 42.74
N GLN F 222 -46.95 -12.75 41.41
CA GLN F 222 -48.15 -12.68 40.57
C GLN F 222 -48.88 -11.38 40.85
N VAL F 223 -48.17 -10.27 40.64
CA VAL F 223 -48.69 -8.93 40.87
C VAL F 223 -48.42 -8.15 39.60
N LEU F 224 -49.37 -7.33 39.17
CA LEU F 224 -49.26 -6.53 37.97
C LEU F 224 -48.35 -5.33 38.20
N PHE F 225 -47.42 -5.11 37.27
CA PHE F 225 -46.52 -3.98 37.27
C PHE F 225 -47.10 -2.90 36.35
N ILE F 226 -47.60 -1.81 36.95
CA ILE F 226 -48.14 -0.67 36.23
C ILE F 226 -47.14 0.48 36.18
N ALA F 227 -46.60 0.75 34.99
CA ALA F 227 -45.67 1.83 34.76
C ALA F 227 -46.43 3.06 34.34
N ASP F 228 -46.47 4.07 35.21
CA ASP F 228 -47.03 5.35 34.83
C ASP F 228 -45.96 6.17 34.05
N GLU F 229 -46.11 6.22 32.73
CA GLU F 229 -45.21 6.94 31.85
C GLU F 229 -45.90 8.16 31.20
N ILE F 230 -46.89 8.72 31.91
CA ILE F 230 -47.63 9.88 31.43
C ILE F 230 -46.73 11.10 31.22
N GLN F 231 -45.65 11.19 31.99
CA GLN F 231 -44.74 12.34 31.98
C GLN F 231 -43.33 12.03 31.52
N THR F 232 -42.87 10.80 31.78
CA THR F 232 -41.53 10.35 31.41
C THR F 232 -41.49 9.66 30.05
N GLY F 233 -42.64 9.19 29.58
CA GLY F 233 -42.73 8.46 28.34
C GLY F 233 -42.64 9.37 27.15
N LEU F 234 -42.66 8.77 25.96
CA LEU F 234 -42.70 9.49 24.70
C LEU F 234 -41.51 10.44 24.56
N ALA F 235 -40.30 9.88 24.71
CA ALA F 235 -39.07 10.47 24.22
C ALA F 235 -38.32 11.38 25.20
N ARG F 236 -39.00 11.88 26.23
CA ARG F 236 -38.44 12.97 27.08
C ARG F 236 -37.16 12.53 27.77
N THR F 237 -37.18 11.35 28.41
CA THR F 237 -36.01 10.85 29.14
C THR F 237 -34.91 10.32 28.21
N GLY F 238 -35.23 10.21 26.91
CA GLY F 238 -34.28 9.78 25.89
C GLY F 238 -34.53 8.39 25.33
N ARG F 239 -35.76 7.90 25.50
CA ARG F 239 -36.24 6.58 25.00
C ARG F 239 -37.76 6.67 24.76
N TRP F 240 -38.35 5.68 24.10
CA TRP F 240 -39.80 5.67 23.89
C TRP F 240 -40.47 5.73 25.24
N LEU F 241 -40.01 4.87 26.14
CA LEU F 241 -40.43 4.84 27.54
C LEU F 241 -39.18 4.80 28.39
N ALA F 242 -39.23 5.44 29.56
CA ALA F 242 -38.12 5.45 30.50
C ALA F 242 -37.73 4.03 30.96
N VAL F 243 -38.71 3.14 31.05
CA VAL F 243 -38.48 1.73 31.40
C VAL F 243 -37.56 0.99 30.41
N ASP F 244 -37.55 1.45 29.15
CA ASP F 244 -36.69 0.89 28.12
C ASP F 244 -35.22 0.97 28.49
N TYR F 245 -34.84 1.95 29.32
CA TYR F 245 -33.44 2.12 29.82
C TYR F 245 -32.94 0.83 30.47
N GLU F 246 -33.82 0.03 31.08
CA GLU F 246 -33.45 -1.24 31.70
C GLU F 246 -34.10 -2.46 31.04
N ASN F 247 -34.59 -2.29 29.81
CA ASN F 247 -35.25 -3.35 29.03
C ASN F 247 -36.35 -4.09 29.78
N VAL F 248 -37.18 -3.36 30.51
CA VAL F 248 -38.28 -3.93 31.29
C VAL F 248 -39.61 -3.72 30.59
N ARG F 249 -40.44 -4.76 30.61
CA ARG F 249 -41.81 -4.77 30.01
C ARG F 249 -42.85 -4.82 31.12
N PRO F 250 -43.40 -3.65 31.54
CA PRO F 250 -44.55 -3.63 32.45
C PRO F 250 -45.77 -4.37 31.87
N ASP F 251 -46.66 -4.81 32.76
CA ASP F 251 -47.93 -5.41 32.39
C ASP F 251 -48.85 -4.33 31.81
N ILE F 252 -48.88 -3.17 32.47
CA ILE F 252 -49.71 -2.03 32.06
C ILE F 252 -48.86 -0.78 31.99
N VAL F 253 -48.90 -0.10 30.84
CA VAL F 253 -48.24 1.18 30.68
C VAL F 253 -49.28 2.26 30.45
N LEU F 254 -49.08 3.42 31.09
CA LEU F 254 -49.95 4.59 30.91
C LEU F 254 -49.23 5.68 30.13
N LEU F 255 -49.93 6.21 29.12
CA LEU F 255 -49.43 7.31 28.29
C LEU F 255 -50.43 8.45 28.32
N GLY F 256 -49.93 9.66 28.11
CA GLY F 256 -50.71 10.87 28.11
C GLY F 256 -49.89 12.03 27.59
N LYS F 257 -50.23 13.24 28.06
CA LYS F 257 -49.53 14.49 27.73
C LYS F 257 -49.03 14.67 26.28
N ALA F 258 -47.87 14.10 25.98
CA ALA F 258 -47.21 14.26 24.68
C ALA F 258 -47.89 13.43 23.58
N LEU F 259 -48.77 12.52 23.99
CA LEU F 259 -49.54 11.67 23.08
C LEU F 259 -50.35 12.51 22.09
N SER F 260 -50.65 13.76 22.49
CA SER F 260 -51.37 14.74 21.66
C SER F 260 -50.52 15.90 21.12
N GLY F 261 -49.44 16.24 21.82
CA GLY F 261 -48.60 17.39 21.48
C GLY F 261 -49.16 18.70 22.02
N GLY F 262 -50.03 18.62 23.02
CA GLY F 262 -50.64 19.77 23.67
C GLY F 262 -51.93 20.25 23.06
N LEU F 263 -52.32 19.65 21.92
CA LEU F 263 -53.40 20.13 21.08
C LEU F 263 -54.76 19.51 21.42
N TYR F 264 -54.78 18.51 22.30
CA TYR F 264 -55.98 17.75 22.72
C TYR F 264 -55.67 16.83 23.90
N PRO F 265 -56.58 16.72 24.91
CA PRO F 265 -56.44 15.75 25.99
C PRO F 265 -56.67 14.30 25.54
N VAL F 266 -55.58 13.54 25.39
CA VAL F 266 -55.59 12.15 25.01
C VAL F 266 -54.67 11.42 25.97
N SER F 267 -55.19 10.34 26.57
CA SER F 267 -54.40 9.39 27.34
C SER F 267 -54.72 7.99 26.86
N ALA F 268 -53.84 7.04 27.19
CA ALA F 268 -53.95 5.66 26.75
C ALA F 268 -53.51 4.70 27.85
N VAL F 269 -54.14 3.52 27.90
CA VAL F 269 -53.78 2.42 28.77
C VAL F 269 -53.50 1.19 27.94
N LEU F 270 -52.23 0.76 27.92
CA LEU F 270 -51.74 -0.33 27.08
C LEU F 270 -51.50 -1.59 27.92
N CYS F 271 -52.19 -2.69 27.57
CA CYS F 271 -51.88 -4.01 28.12
C CYS F 271 -52.37 -5.14 27.21
N ASP F 272 -51.92 -6.37 27.51
CA ASP F 272 -52.28 -7.57 26.77
C ASP F 272 -53.68 -8.10 27.14
N ASP F 273 -54.16 -9.06 26.35
CA ASP F 273 -55.53 -9.57 26.39
C ASP F 273 -55.96 -10.16 27.71
N ASP F 274 -55.09 -10.93 28.36
CA ASP F 274 -55.43 -11.58 29.61
C ASP F 274 -55.78 -10.59 30.72
N ILE F 275 -55.26 -9.36 30.62
CA ILE F 275 -55.60 -8.29 31.57
C ILE F 275 -56.72 -7.40 31.04
N MET F 276 -56.59 -6.95 29.80
CA MET F 276 -57.50 -5.98 29.23
C MET F 276 -58.93 -6.51 29.15
N LEU F 277 -59.08 -7.76 28.72
CA LEU F 277 -60.42 -8.32 28.45
C LEU F 277 -61.18 -8.78 29.71
N THR F 278 -60.62 -8.52 30.90
CA THR F 278 -61.31 -8.71 32.16
C THR F 278 -62.47 -7.70 32.30
N ILE F 279 -62.44 -6.64 31.47
CA ILE F 279 -63.46 -5.61 31.41
C ILE F 279 -64.37 -5.87 30.20
N LYS F 280 -65.60 -6.33 30.46
CA LYS F 280 -66.60 -6.63 29.44
C LYS F 280 -67.30 -5.36 28.97
N PRO F 281 -68.01 -5.40 27.81
CA PRO F 281 -68.73 -4.21 27.33
C PRO F 281 -69.68 -3.55 28.34
N GLY F 282 -69.65 -2.21 28.42
CA GLY F 282 -70.52 -1.44 29.30
C GLY F 282 -70.01 -1.22 30.73
N GLU F 283 -68.89 -1.85 31.08
CA GLU F 283 -68.30 -1.79 32.42
C GLU F 283 -67.25 -0.69 32.64
N HIS F 284 -66.94 0.08 31.60
CA HIS F 284 -66.02 1.21 31.68
C HIS F 284 -66.01 2.02 30.39
N GLY F 285 -65.68 3.31 30.50
CA GLY F 285 -65.54 4.19 29.35
C GLY F 285 -65.53 5.67 29.70
N SER F 286 -65.89 6.49 28.71
CA SER F 286 -65.77 7.94 28.81
C SER F 286 -66.32 8.55 27.54
N THR F 287 -67.10 9.62 27.67
CA THR F 287 -67.73 10.26 26.53
C THR F 287 -66.75 10.56 25.39
N TYR F 288 -65.61 11.21 25.71
CA TYR F 288 -64.66 11.74 24.70
C TYR F 288 -63.51 10.75 24.44
N GLY F 289 -63.45 9.64 25.20
CA GLY F 289 -62.39 8.66 25.06
C GLY F 289 -61.50 8.57 23.81
N GLY F 290 -61.99 7.77 22.86
CA GLY F 290 -61.32 7.50 21.61
C GLY F 290 -61.97 8.25 20.47
N ASN F 291 -62.36 9.50 20.68
CA ASN F 291 -63.05 10.32 19.68
C ASN F 291 -62.19 10.54 18.43
N PRO F 292 -62.80 10.77 17.25
CA PRO F 292 -62.04 10.86 15.99
C PRO F 292 -60.98 11.95 16.00
N LEU F 293 -61.30 13.11 16.58
CA LEU F 293 -60.41 14.27 16.57
C LEU F 293 -59.15 14.04 17.39
N GLY F 294 -59.32 13.44 18.58
CA GLY F 294 -58.22 13.16 19.48
C GLY F 294 -57.26 12.12 18.90
N CYS F 295 -57.82 11.08 18.28
CA CYS F 295 -57.06 10.00 17.67
C CYS F 295 -56.18 10.47 16.50
N ARG F 296 -56.72 11.39 15.68
CA ARG F 296 -56.00 11.97 14.52
C ARG F 296 -54.79 12.76 15.03
N VAL F 297 -55.00 13.65 16.01
CA VAL F 297 -53.91 14.40 16.64
C VAL F 297 -52.85 13.43 17.20
N ALA F 298 -53.31 12.36 17.85
CA ALA F 298 -52.43 11.40 18.49
C ALA F 298 -51.52 10.67 17.48
N ILE F 299 -52.10 10.21 16.37
CA ILE F 299 -51.32 9.58 15.30
C ILE F 299 -50.23 10.55 14.85
N ALA F 300 -50.63 11.74 14.42
CA ALA F 300 -49.70 12.80 14.01
C ALA F 300 -48.62 13.07 15.06
N ALA F 301 -49.03 13.18 16.32
CA ALA F 301 -48.14 13.50 17.42
C ALA F 301 -47.09 12.42 17.64
N LEU F 302 -47.47 11.15 17.46
CA LEU F 302 -46.56 10.01 17.59
C LEU F 302 -45.61 9.91 16.39
N GLU F 303 -46.10 10.33 15.22
CA GLU F 303 -45.30 10.36 14.00
C GLU F 303 -44.13 11.35 14.11
N VAL F 304 -44.43 12.56 14.60
CA VAL F 304 -43.39 13.58 14.88
C VAL F 304 -42.24 13.02 15.74
N LEU F 305 -42.57 12.34 16.83
CA LEU F 305 -41.61 11.78 17.78
C LEU F 305 -40.63 10.80 17.13
N GLU F 306 -41.17 9.96 16.24
CA GLU F 306 -40.42 8.92 15.58
C GLU F 306 -39.55 9.51 14.47
N GLU F 307 -40.17 10.28 13.59
CA GLU F 307 -39.54 10.76 12.36
C GLU F 307 -38.57 11.93 12.59
N GLU F 308 -38.67 12.61 13.73
CA GLU F 308 -37.69 13.62 14.12
C GLU F 308 -36.67 13.11 15.17
N ASN F 309 -36.63 11.79 15.38
CA ASN F 309 -35.71 11.13 16.30
C ASN F 309 -35.48 11.92 17.59
N LEU F 310 -36.59 12.27 18.25
CA LEU F 310 -36.55 13.21 19.37
C LEU F 310 -35.98 12.60 20.64
N ALA F 311 -36.07 11.27 20.76
CA ALA F 311 -35.50 10.52 21.87
C ALA F 311 -33.99 10.64 21.83
N GLU F 312 -33.43 10.33 20.65
CA GLU F 312 -32.00 10.38 20.41
C GLU F 312 -31.46 11.80 20.66
N ASN F 313 -32.24 12.81 20.26
CA ASN F 313 -31.90 14.22 20.49
C ASN F 313 -31.90 14.55 21.98
N ALA F 314 -32.95 14.07 22.66
CA ALA F 314 -33.18 14.32 24.07
C ALA F 314 -32.07 13.75 24.95
N ASP F 315 -31.69 12.50 24.65
CA ASP F 315 -30.62 11.83 25.35
C ASP F 315 -29.30 12.63 25.29
N LYS F 316 -28.85 12.96 24.08
CA LYS F 316 -27.60 13.70 23.87
C LYS F 316 -27.58 15.10 24.48
N LEU F 317 -28.68 15.85 24.30
CA LEU F 317 -28.76 17.21 24.81
C LEU F 317 -28.92 17.24 26.33
N GLY F 318 -29.58 16.20 26.87
CA GLY F 318 -29.69 15.96 28.29
C GLY F 318 -28.33 15.95 28.99
N ILE F 319 -27.40 15.19 28.42
CA ILE F 319 -26.03 15.07 28.90
C ILE F 319 -25.35 16.44 28.98
N ILE F 320 -25.47 17.22 27.90
CA ILE F 320 -24.88 18.54 27.84
C ILE F 320 -25.46 19.41 28.97
N LEU F 321 -26.78 19.50 29.01
CA LEU F 321 -27.48 20.31 30.01
C LEU F 321 -26.98 20.00 31.43
N ARG F 322 -27.03 18.72 31.81
CA ARG F 322 -26.62 18.25 33.16
C ARG F 322 -25.14 18.61 33.39
N ASN F 323 -24.24 18.26 32.47
CA ASN F 323 -22.80 18.56 32.62
C ASN F 323 -22.53 20.04 32.90
N GLU F 324 -23.28 20.92 32.24
CA GLU F 324 -23.17 22.36 32.43
C GLU F 324 -23.69 22.81 33.79
N LEU F 325 -24.86 22.28 34.18
CA LEU F 325 -25.49 22.60 35.46
C LEU F 325 -24.64 22.19 36.67
N MET F 326 -23.86 21.11 36.50
CA MET F 326 -22.98 20.62 37.55
C MET F 326 -21.76 21.51 37.80
N LYS F 327 -21.47 22.39 36.83
CA LYS F 327 -20.37 23.35 36.93
C LYS F 327 -20.71 24.59 37.78
N LEU F 328 -22.00 24.77 38.06
CA LEU F 328 -22.47 25.83 38.98
C LEU F 328 -21.94 25.53 40.38
N PRO F 329 -21.86 26.55 41.27
CA PRO F 329 -21.21 26.37 42.57
C PRO F 329 -22.08 25.55 43.53
N SER F 330 -21.45 24.60 44.25
CA SER F 330 -22.15 23.72 45.19
C SER F 330 -22.89 24.46 46.32
N ASP F 331 -22.43 25.68 46.61
CA ASP F 331 -23.00 26.53 47.65
C ASP F 331 -24.42 27.05 47.34
N VAL F 332 -24.80 27.04 46.05
CA VAL F 332 -26.09 27.55 45.58
C VAL F 332 -26.98 26.38 45.11
N VAL F 333 -26.43 25.58 44.20
CA VAL F 333 -27.08 24.41 43.60
C VAL F 333 -26.51 23.14 44.24
N THR F 334 -27.28 22.54 45.15
CA THR F 334 -26.85 21.39 45.94
C THR F 334 -26.96 20.05 45.21
N ALA F 335 -27.80 19.99 44.17
CA ALA F 335 -27.97 18.76 43.37
C ALA F 335 -28.43 19.04 41.94
N VAL F 336 -27.95 18.19 41.02
CA VAL F 336 -28.42 18.12 39.64
C VAL F 336 -28.76 16.66 39.36
N ARG F 337 -29.93 16.40 38.77
CA ARG F 337 -30.45 15.03 38.49
C ARG F 337 -31.38 15.07 37.27
N GLY F 338 -31.49 13.94 36.58
CA GLY F 338 -32.36 13.81 35.42
C GLY F 338 -31.97 12.68 34.48
N LYS F 339 -32.86 12.42 33.51
CA LYS F 339 -32.60 11.56 32.37
C LYS F 339 -33.16 12.27 31.18
N GLY F 340 -32.44 12.24 30.06
CA GLY F 340 -32.79 12.99 28.87
C GLY F 340 -33.03 14.45 29.23
N LEU F 341 -34.19 14.99 28.80
CA LEU F 341 -34.54 16.38 29.02
C LEU F 341 -35.58 16.57 30.12
N LEU F 342 -35.58 15.64 31.08
CA LEU F 342 -36.33 15.75 32.33
C LEU F 342 -35.34 15.84 33.44
N ASN F 343 -34.86 17.07 33.71
CA ASN F 343 -33.90 17.34 34.76
C ASN F 343 -34.42 18.37 35.75
N ALA F 344 -33.64 18.57 36.82
CA ALA F 344 -34.00 19.48 37.89
C ALA F 344 -32.75 19.88 38.66
N ILE F 345 -32.84 20.97 39.41
CA ILE F 345 -31.83 21.36 40.38
C ILE F 345 -32.48 21.76 41.70
N VAL F 346 -31.76 21.50 42.80
CA VAL F 346 -32.19 21.88 44.12
C VAL F 346 -31.34 23.06 44.53
N ILE F 347 -31.99 24.11 45.04
CA ILE F 347 -31.36 25.37 45.40
C ILE F 347 -31.40 25.42 46.92
N LYS F 348 -30.33 25.93 47.55
CA LYS F 348 -30.28 26.14 48.98
C LYS F 348 -31.14 27.37 49.32
N GLU F 349 -32.28 27.12 49.95
CA GLU F 349 -33.13 28.16 50.50
C GLU F 349 -32.45 28.94 51.62
N THR F 350 -32.21 30.24 51.37
CA THR F 350 -31.57 31.13 52.34
C THR F 350 -32.28 32.48 52.36
N LYS F 351 -31.78 33.36 53.22
CA LYS F 351 -32.39 34.66 53.50
C LYS F 351 -32.33 35.63 52.30
N ASP F 352 -31.52 35.32 51.30
CA ASP F 352 -31.32 36.15 50.12
C ASP F 352 -31.97 35.57 48.86
N TRP F 353 -32.42 34.31 48.93
CA TRP F 353 -33.03 33.64 47.79
C TRP F 353 -33.69 32.30 48.10
N ASP F 354 -34.63 31.91 47.25
CA ASP F 354 -35.24 30.59 47.18
C ASP F 354 -35.57 30.27 45.71
N ALA F 355 -36.15 29.09 45.46
CA ALA F 355 -36.44 28.66 44.09
C ALA F 355 -37.44 29.57 43.36
N TRP F 356 -38.41 30.10 44.12
CA TRP F 356 -39.44 30.97 43.56
C TRP F 356 -38.79 32.25 43.03
N LYS F 357 -38.02 32.90 43.89
CA LYS F 357 -37.25 34.09 43.53
C LYS F 357 -36.35 33.88 42.31
N VAL F 358 -35.66 32.73 42.25
CA VAL F 358 -34.83 32.36 41.11
C VAL F 358 -35.66 32.35 39.84
N CYS F 359 -36.79 31.64 39.88
CA CYS F 359 -37.68 31.49 38.75
C CYS F 359 -38.27 32.80 38.26
N LEU F 360 -38.49 33.72 39.20
CA LEU F 360 -38.89 35.08 38.88
C LEU F 360 -37.81 35.80 38.08
N ARG F 361 -36.54 35.63 38.49
CA ARG F 361 -35.38 36.29 37.82
C ARG F 361 -35.07 35.60 36.48
N LEU F 362 -35.28 34.29 36.38
CA LEU F 362 -35.15 33.55 35.13
C LEU F 362 -36.11 34.12 34.09
N ARG F 363 -37.35 34.41 34.54
CA ARG F 363 -38.44 35.02 33.73
C ARG F 363 -37.96 36.39 33.21
N ASP F 364 -37.35 37.20 34.09
CA ASP F 364 -36.82 38.51 33.73
C ASP F 364 -35.64 38.44 32.74
N ASN F 365 -34.97 37.28 32.66
CA ASN F 365 -33.90 37.04 31.69
C ASN F 365 -34.34 36.16 30.49
N GLY F 366 -35.64 35.99 30.31
CA GLY F 366 -36.21 35.31 29.16
C GLY F 366 -36.21 33.79 29.21
N LEU F 367 -36.38 33.22 30.41
CA LEU F 367 -36.52 31.77 30.58
C LEU F 367 -37.64 31.46 31.57
N LEU F 368 -38.53 30.52 31.19
CA LEU F 368 -39.67 30.10 32.03
C LEU F 368 -39.51 28.70 32.60
N ALA F 369 -39.51 28.63 33.94
CA ALA F 369 -39.43 27.38 34.69
C ALA F 369 -40.12 27.60 36.05
N LYS F 370 -40.63 26.52 36.66
CA LYS F 370 -41.36 26.65 37.91
C LYS F 370 -40.76 25.76 39.00
N PRO F 371 -40.71 26.20 40.27
CA PRO F 371 -40.32 25.34 41.37
C PRO F 371 -41.44 24.36 41.76
N THR F 372 -41.08 23.16 42.24
CA THR F 372 -42.07 22.15 42.61
C THR F 372 -42.15 21.82 44.09
N HIS F 373 -41.22 22.36 44.90
CA HIS F 373 -41.33 22.20 46.38
C HIS F 373 -40.83 23.37 47.22
N GLY F 374 -40.08 24.29 46.62
CA GLY F 374 -39.58 25.47 47.30
C GLY F 374 -38.08 25.59 47.15
N ASP F 375 -37.43 24.45 46.90
CA ASP F 375 -36.00 24.37 46.62
C ASP F 375 -35.68 23.74 45.24
N ILE F 376 -36.68 23.16 44.57
CA ILE F 376 -36.45 22.41 43.34
C ILE F 376 -37.02 23.08 42.08
N ILE F 377 -36.12 23.50 41.17
CA ILE F 377 -36.50 24.04 39.87
C ILE F 377 -36.30 23.00 38.78
N ARG F 378 -37.32 22.82 37.95
CA ARG F 378 -37.37 21.79 36.88
C ARG F 378 -36.97 22.40 35.54
N PHE F 379 -36.15 21.67 34.78
CA PHE F 379 -35.64 22.11 33.50
C PHE F 379 -36.01 21.08 32.44
N ALA F 380 -37.15 21.31 31.80
CA ALA F 380 -37.74 20.39 30.83
C ALA F 380 -38.16 21.13 29.56
N PRO F 381 -37.20 21.46 28.66
CA PRO F 381 -37.54 22.11 27.39
C PRO F 381 -38.18 21.14 26.40
N PRO F 382 -38.88 21.63 25.34
CA PRO F 382 -39.36 20.75 24.29
C PRO F 382 -38.21 19.99 23.60
N LEU F 383 -38.50 18.80 23.08
CA LEU F 383 -37.46 17.91 22.57
C LEU F 383 -36.96 18.27 21.16
N VAL F 384 -37.65 19.22 20.51
CA VAL F 384 -37.25 19.73 19.20
C VAL F 384 -36.16 20.81 19.30
N ILE F 385 -35.71 21.10 20.54
CA ILE F 385 -34.65 22.06 20.80
C ILE F 385 -33.31 21.56 20.27
N LYS F 386 -32.52 22.46 19.67
CA LYS F 386 -31.19 22.15 19.14
C LYS F 386 -30.07 22.68 20.02
N GLU F 387 -28.84 22.22 19.74
CA GLU F 387 -27.69 22.43 20.60
C GLU F 387 -27.35 23.88 20.92
N ASP F 388 -27.42 24.76 19.90
CA ASP F 388 -27.13 26.18 20.09
C ASP F 388 -28.19 26.83 20.99
N GLU F 389 -29.47 26.61 20.67
CA GLU F 389 -30.59 27.11 21.48
C GLU F 389 -30.44 26.71 22.94
N LEU F 390 -30.10 25.44 23.18
CA LEU F 390 -29.90 24.92 24.54
C LEU F 390 -28.79 25.65 25.25
N ARG F 391 -27.72 25.97 24.50
CA ARG F 391 -26.50 26.64 25.04
C ARG F 391 -26.80 28.13 25.30
N GLU F 392 -27.79 28.72 24.62
CA GLU F 392 -28.23 30.08 24.94
C GLU F 392 -28.98 30.08 26.27
N SER F 393 -29.88 29.11 26.44
CA SER F 393 -30.65 28.93 27.67
C SER F 393 -29.78 28.69 28.89
N ILE F 394 -28.76 27.84 28.74
CA ILE F 394 -27.81 27.54 29.81
C ILE F 394 -27.12 28.83 30.30
N GLU F 395 -26.72 29.68 29.35
CA GLU F 395 -26.12 30.97 29.69
C GLU F 395 -27.10 31.85 30.48
N ILE F 396 -28.39 31.77 30.13
CA ILE F 396 -29.46 32.46 30.88
C ILE F 396 -29.58 31.92 32.33
N ILE F 397 -29.43 30.60 32.48
CA ILE F 397 -29.46 29.95 33.79
C ILE F 397 -28.27 30.40 34.64
N ASN F 398 -27.05 30.19 34.11
CA ASN F 398 -25.82 30.62 34.78
C ASN F 398 -25.89 32.06 35.24
N LYS F 399 -26.21 32.95 34.31
CA LYS F 399 -26.35 34.40 34.58
C LYS F 399 -27.24 34.65 35.79
N THR F 400 -28.42 34.03 35.76
CA THR F 400 -29.44 34.24 36.78
C THR F 400 -29.02 33.70 38.14
N ILE F 401 -28.45 32.49 38.17
CA ILE F 401 -28.01 31.85 39.40
C ILE F 401 -26.86 32.63 40.06
N LEU F 402 -25.95 33.15 39.24
CA LEU F 402 -24.75 33.82 39.72
C LEU F 402 -24.97 35.29 40.12
N SER F 403 -26.15 35.83 39.78
CA SER F 403 -26.60 37.16 40.24
C SER F 403 -27.19 36.71 41.64
N PHE F 404 -27.72 37.62 42.46
CA PHE F 404 -28.10 37.32 43.83
C PHE F 404 -26.88 37.43 44.75
N GLY G 1 -27.36 57.01 1.95
CA GLY G 1 -26.92 55.57 1.90
C GLY G 1 -27.61 54.69 2.95
N PRO G 2 -28.82 54.15 2.63
CA PRO G 2 -29.47 53.14 3.49
C PRO G 2 -28.68 51.83 3.62
N PRO G 3 -28.32 51.41 4.85
CA PRO G 3 -27.53 50.18 5.04
C PRO G 3 -28.30 48.84 4.96
N THR G 4 -29.63 48.84 5.13
CA THR G 4 -30.39 47.59 5.29
C THR G 4 -30.89 46.94 4.00
N SER G 5 -31.06 45.61 4.05
CA SER G 5 -31.36 44.78 2.89
C SER G 5 -32.67 45.15 2.16
N ASP G 6 -33.73 45.38 2.94
CA ASP G 6 -35.02 45.82 2.41
C ASP G 6 -34.93 47.20 1.72
N ASP G 7 -34.05 48.07 2.24
CA ASP G 7 -33.83 49.40 1.67
C ASP G 7 -33.08 49.33 0.35
N ILE G 8 -32.22 48.31 0.21
CA ILE G 8 -31.53 48.04 -1.04
C ILE G 8 -32.51 47.59 -2.13
N PHE G 9 -33.50 46.77 -1.75
CA PHE G 9 -34.51 46.28 -2.69
C PHE G 9 -35.37 47.45 -3.17
N GLU G 10 -35.98 48.17 -2.22
CA GLU G 10 -36.90 49.26 -2.50
C GLU G 10 -36.28 50.45 -3.24
N ARG G 11 -34.97 50.67 -3.03
CA ARG G 11 -34.20 51.74 -3.73
C ARG G 11 -34.00 51.33 -5.19
N GLU G 12 -33.61 50.08 -5.44
CA GLU G 12 -33.52 49.53 -6.79
C GLU G 12 -34.88 49.48 -7.51
N TYR G 13 -35.96 49.28 -6.74
CA TYR G 13 -37.35 49.25 -7.25
C TYR G 13 -37.77 50.63 -7.77
N LYS G 14 -37.39 51.70 -7.04
CA LYS G 14 -37.80 53.06 -7.39
C LYS G 14 -37.03 53.62 -8.59
N TYR G 15 -35.70 53.50 -8.55
CA TYR G 15 -34.76 54.24 -9.44
C TYR G 15 -34.17 53.31 -10.52
N GLY G 16 -34.38 51.99 -10.42
CA GLY G 16 -33.92 51.04 -11.41
C GLY G 16 -35.05 50.39 -12.19
N ALA G 17 -34.72 49.89 -13.38
CA ALA G 17 -35.65 49.16 -14.22
C ALA G 17 -36.00 47.82 -13.58
N HIS G 18 -37.21 47.33 -13.86
CA HIS G 18 -37.73 46.08 -13.33
C HIS G 18 -37.51 44.91 -14.30
N ASN G 19 -36.28 44.78 -14.82
CA ASN G 19 -35.95 43.77 -15.84
C ASN G 19 -35.36 42.47 -15.28
N TYR G 20 -35.21 42.41 -13.95
CA TYR G 20 -34.82 41.20 -13.18
C TYR G 20 -35.77 40.98 -12.00
N HIS G 21 -35.93 39.73 -11.56
CA HIS G 21 -36.60 39.41 -10.29
C HIS G 21 -35.63 38.61 -9.44
N PRO G 22 -34.65 39.26 -8.78
CA PRO G 22 -33.58 38.54 -8.09
C PRO G 22 -34.04 37.85 -6.81
N LEU G 23 -33.23 36.88 -6.35
CA LEU G 23 -33.47 36.20 -5.09
C LEU G 23 -33.27 37.23 -3.99
N PRO G 24 -34.27 37.48 -3.11
CA PRO G 24 -34.14 38.55 -2.13
C PRO G 24 -32.94 38.34 -1.18
N VAL G 25 -31.78 38.87 -1.56
CA VAL G 25 -30.56 38.83 -0.75
C VAL G 25 -29.59 39.90 -1.28
N ALA G 26 -29.26 40.87 -0.42
CA ALA G 26 -28.41 42.00 -0.74
C ALA G 26 -26.96 41.74 -0.26
N LEU G 27 -26.07 41.45 -1.23
CA LEU G 27 -24.68 41.13 -0.97
C LEU G 27 -23.79 42.37 -1.01
N GLU G 28 -22.77 42.38 -0.15
CA GLU G 28 -21.89 43.53 0.07
C GLU G 28 -20.40 43.18 -0.11
N ARG G 29 -20.03 41.93 0.19
CA ARG G 29 -18.62 41.46 0.14
C ARG G 29 -18.55 40.09 -0.53
N GLY G 30 -17.41 39.76 -1.16
CA GLY G 30 -17.20 38.45 -1.76
C GLY G 30 -15.73 38.10 -1.76
N LYS G 31 -15.40 36.85 -1.44
CA LYS G 31 -14.03 36.35 -1.44
C LYS G 31 -14.04 34.82 -1.62
N GLY G 32 -13.21 34.33 -2.54
CA GLY G 32 -13.20 32.94 -2.95
C GLY G 32 -14.60 32.42 -3.25
N ILE G 33 -15.06 31.48 -2.43
CA ILE G 33 -16.30 30.74 -2.61
C ILE G 33 -17.46 31.34 -1.81
N TYR G 34 -17.15 32.38 -1.03
CA TYR G 34 -18.03 32.95 0.04
C TYR G 34 -18.53 34.33 -0.38
N LEU G 35 -19.77 34.64 0.00
CA LEU G 35 -20.39 35.94 -0.16
C LEU G 35 -20.99 36.34 1.18
N TRP G 36 -20.95 37.64 1.49
CA TRP G 36 -21.50 38.17 2.74
C TRP G 36 -22.56 39.21 2.41
N ASP G 37 -23.65 39.24 3.19
CA ASP G 37 -24.72 40.21 3.00
C ASP G 37 -24.54 41.40 3.95
N VAL G 38 -25.34 42.45 3.73
CA VAL G 38 -25.22 43.71 4.46
C VAL G 38 -25.51 43.66 5.97
N GLU G 39 -26.19 42.58 6.44
CA GLU G 39 -26.27 42.29 7.88
C GLU G 39 -25.16 41.34 8.39
N GLY G 40 -24.19 41.06 7.51
CA GLY G 40 -23.00 40.31 7.86
C GLY G 40 -23.12 38.79 7.82
N ARG G 41 -24.25 38.29 7.30
CA ARG G 41 -24.49 36.83 7.15
C ARG G 41 -23.58 36.29 6.04
N LYS G 42 -23.25 35.00 6.09
CA LYS G 42 -22.27 34.37 5.21
C LYS G 42 -22.91 33.24 4.43
N TYR G 43 -22.59 33.15 3.14
CA TYR G 43 -23.21 32.21 2.16
C TYR G 43 -22.13 31.57 1.28
N PHE G 44 -22.22 30.25 1.05
CA PHE G 44 -21.51 29.62 -0.06
C PHE G 44 -22.21 30.14 -1.34
N ASP G 45 -21.41 30.47 -2.36
CA ASP G 45 -21.94 30.82 -3.68
C ASP G 45 -21.94 29.60 -4.59
N PHE G 46 -23.15 29.14 -4.97
CA PHE G 46 -23.33 28.01 -5.88
C PHE G 46 -23.92 28.42 -7.23
N LEU G 47 -23.63 29.67 -7.62
CA LEU G 47 -23.93 30.17 -8.95
C LEU G 47 -22.69 30.64 -9.70
N SER G 48 -21.69 31.13 -8.97
CA SER G 48 -20.45 31.68 -9.52
C SER G 48 -20.67 32.70 -10.63
N SER G 49 -21.70 33.54 -10.45
CA SER G 49 -22.17 34.50 -11.45
C SER G 49 -22.20 33.87 -12.84
N TYR G 50 -22.96 32.78 -12.95
CA TYR G 50 -23.13 31.94 -14.17
C TYR G 50 -21.76 31.61 -14.76
N SER G 51 -20.76 31.36 -13.90
CA SER G 51 -19.40 30.93 -14.26
C SER G 51 -18.36 32.05 -14.45
N ALA G 52 -18.74 33.30 -14.14
CA ALA G 52 -17.83 34.43 -14.27
C ALA G 52 -16.71 34.43 -13.22
N VAL G 53 -16.99 33.83 -12.04
CA VAL G 53 -16.01 33.76 -10.95
C VAL G 53 -15.55 32.33 -10.70
N ASN G 54 -15.09 31.64 -11.76
CA ASN G 54 -14.50 30.31 -11.63
C ASN G 54 -13.34 30.33 -10.63
N GLN G 55 -12.62 31.45 -10.61
CA GLN G 55 -11.43 31.64 -9.81
C GLN G 55 -11.74 32.11 -8.38
N GLY G 56 -13.02 32.17 -8.03
CA GLY G 56 -13.48 32.67 -6.75
C GLY G 56 -13.52 34.19 -6.82
N HIS G 57 -14.32 34.82 -5.96
CA HIS G 57 -14.47 36.26 -5.97
C HIS G 57 -13.15 36.93 -5.58
N CYS G 58 -12.82 38.02 -6.26
CA CYS G 58 -11.67 38.86 -5.95
C CYS G 58 -10.37 38.07 -5.77
N HIS G 59 -10.14 37.07 -6.63
CA HIS G 59 -8.90 36.30 -6.57
C HIS G 59 -7.72 37.26 -6.55
N PRO G 60 -6.84 37.21 -5.52
CA PRO G 60 -5.79 38.22 -5.33
C PRO G 60 -4.90 38.50 -6.55
N LYS G 61 -4.51 37.47 -7.30
CA LYS G 61 -3.62 37.65 -8.45
C LYS G 61 -4.30 38.44 -9.56
N ILE G 62 -5.62 38.23 -9.72
CA ILE G 62 -6.40 38.94 -10.73
C ILE G 62 -6.64 40.38 -10.24
N VAL G 63 -6.86 40.54 -8.92
CA VAL G 63 -7.04 41.85 -8.33
C VAL G 63 -5.79 42.71 -8.53
N ASN G 64 -4.62 42.15 -8.21
CA ASN G 64 -3.35 42.88 -8.34
C ASN G 64 -3.04 43.31 -9.77
N ALA G 65 -3.37 42.45 -10.74
CA ALA G 65 -3.19 42.75 -12.16
C ALA G 65 -4.00 43.99 -12.55
N LEU G 66 -5.25 44.06 -12.05
CA LEU G 66 -6.12 45.22 -12.25
C LEU G 66 -5.55 46.46 -11.58
N LYS G 67 -5.16 46.31 -10.30
CA LYS G 67 -4.64 47.41 -9.50
C LYS G 67 -3.35 48.01 -10.08
N SER G 68 -2.52 47.16 -10.70
CA SER G 68 -1.25 47.55 -11.28
C SER G 68 -1.44 48.37 -12.55
N GLN G 69 -2.38 47.93 -13.40
CA GLN G 69 -2.55 48.50 -14.73
C GLN G 69 -3.35 49.80 -14.73
N VAL G 70 -4.29 49.95 -13.77
CA VAL G 70 -5.11 51.17 -13.65
C VAL G 70 -4.26 52.43 -13.48
N ASP G 71 -3.16 52.29 -12.74
CA ASP G 71 -2.22 53.37 -12.49
C ASP G 71 -1.40 53.77 -13.71
N LYS G 72 -1.46 52.98 -14.78
CA LYS G 72 -0.65 53.14 -15.99
C LYS G 72 -1.47 53.65 -17.17
N LEU G 73 -2.46 52.85 -17.58
CA LEU G 73 -3.27 53.12 -18.76
C LEU G 73 -4.46 52.14 -18.80
N THR G 74 -5.63 52.66 -19.17
CA THR G 74 -6.88 51.87 -19.13
C THR G 74 -7.65 51.79 -20.45
N LEU G 75 -7.51 52.81 -21.31
CA LEU G 75 -8.26 52.88 -22.56
C LEU G 75 -7.74 53.96 -23.49
N THR G 76 -7.18 53.53 -24.63
CA THR G 76 -6.76 54.40 -25.71
C THR G 76 -7.74 54.37 -26.88
N SER G 77 -8.68 53.41 -26.87
CA SER G 77 -9.41 52.99 -28.06
C SER G 77 -8.38 52.34 -28.97
N ARG G 78 -8.85 51.61 -29.98
CA ARG G 78 -8.00 50.85 -30.94
C ARG G 78 -7.73 51.72 -32.18
N ALA G 79 -7.95 53.03 -32.07
CA ALA G 79 -7.45 54.00 -33.03
C ALA G 79 -5.94 54.03 -32.96
N PHE G 80 -5.40 53.68 -31.79
CA PHE G 80 -3.97 53.55 -31.55
C PHE G 80 -3.71 52.15 -31.02
N TYR G 81 -2.42 51.79 -30.94
CA TYR G 81 -1.95 50.53 -30.29
C TYR G 81 -1.66 50.79 -28.81
N ASN G 82 -1.96 49.80 -27.96
CA ASN G 82 -1.48 49.76 -26.60
C ASN G 82 -0.53 48.57 -26.48
N ASN G 83 0.30 48.59 -25.43
CA ASN G 83 1.36 47.60 -25.25
C ASN G 83 0.89 46.24 -24.78
N VAL G 84 -0.31 46.18 -24.18
CA VAL G 84 -0.80 44.99 -23.49
C VAL G 84 -1.50 44.00 -24.40
N LEU G 85 -2.36 44.51 -25.28
CA LEU G 85 -3.25 43.70 -26.12
C LEU G 85 -2.54 42.54 -26.81
N GLY G 86 -1.48 42.86 -27.56
CA GLY G 86 -0.75 41.88 -28.35
C GLY G 86 -0.15 40.77 -27.51
N GLU G 87 0.19 41.09 -26.26
CA GLU G 87 0.68 40.11 -25.30
C GLU G 87 -0.40 39.11 -24.97
N TYR G 88 -1.58 39.63 -24.63
CA TYR G 88 -2.82 38.84 -24.36
C TYR G 88 -3.14 37.97 -25.57
N GLU G 89 -3.12 38.56 -26.77
CA GLU G 89 -3.43 37.84 -28.00
C GLU G 89 -2.50 36.65 -28.25
N GLU G 90 -1.19 36.84 -27.97
CA GLU G 90 -0.21 35.78 -28.15
C GLU G 90 -0.46 34.60 -27.21
N TYR G 91 -0.87 34.91 -25.97
CA TYR G 91 -1.18 33.94 -24.90
C TYR G 91 -2.45 33.14 -25.24
N ILE G 92 -3.58 33.84 -25.41
CA ILE G 92 -4.88 33.18 -25.59
C ILE G 92 -4.89 32.30 -26.84
N THR G 93 -4.25 32.78 -27.93
CA THR G 93 -4.22 32.04 -29.18
C THR G 93 -3.38 30.78 -29.06
N LYS G 94 -2.22 30.89 -28.40
CA LYS G 94 -1.31 29.75 -28.22
C LYS G 94 -1.86 28.74 -27.22
N LEU G 95 -2.66 29.22 -26.26
CA LEU G 95 -3.31 28.39 -25.27
C LEU G 95 -4.34 27.46 -25.91
N PHE G 96 -5.18 28.03 -26.76
CA PHE G 96 -6.29 27.31 -27.39
C PHE G 96 -5.98 26.78 -28.79
N ASN G 97 -4.83 27.19 -29.33
CA ASN G 97 -4.32 26.68 -30.61
C ASN G 97 -5.19 27.09 -31.79
N TYR G 98 -5.40 28.41 -31.91
CA TYR G 98 -6.06 29.08 -33.06
C TYR G 98 -5.16 30.23 -33.49
N HIS G 99 -5.16 30.57 -34.79
CA HIS G 99 -4.29 31.63 -35.31
C HIS G 99 -4.52 32.95 -34.60
N LYS G 100 -5.79 33.40 -34.55
CA LYS G 100 -6.12 34.75 -34.11
C LYS G 100 -7.30 34.81 -33.18
N VAL G 101 -7.38 35.91 -32.42
CA VAL G 101 -8.49 36.20 -31.50
C VAL G 101 -8.99 37.59 -31.84
N LEU G 102 -10.31 37.80 -31.69
CA LEU G 102 -10.91 39.12 -31.81
C LEU G 102 -11.47 39.50 -30.43
N PRO G 103 -10.92 40.53 -29.76
CA PRO G 103 -11.33 40.88 -28.41
C PRO G 103 -12.62 41.73 -28.37
N MET G 104 -13.56 41.34 -27.50
CA MET G 104 -14.78 42.11 -27.27
C MET G 104 -15.01 42.18 -25.77
N ASN G 105 -16.14 42.74 -25.36
CA ASN G 105 -16.40 43.04 -23.97
C ASN G 105 -17.34 42.05 -23.30
N THR G 106 -18.59 42.00 -23.78
CA THR G 106 -19.64 41.17 -23.21
C THR G 106 -19.85 39.94 -24.08
N GLY G 107 -20.55 38.94 -23.54
CA GLY G 107 -20.79 37.68 -24.21
C GLY G 107 -21.60 37.79 -25.49
N VAL G 108 -22.68 38.59 -25.45
CA VAL G 108 -23.51 38.85 -26.63
C VAL G 108 -22.68 39.36 -27.80
N GLU G 109 -21.73 40.25 -27.50
CA GLU G 109 -20.86 40.86 -28.49
C GLU G 109 -19.96 39.87 -29.20
N ALA G 110 -19.56 38.82 -28.48
CA ALA G 110 -18.77 37.74 -29.06
C ALA G 110 -19.62 36.96 -30.02
N GLY G 111 -20.87 36.67 -29.61
CA GLY G 111 -21.84 36.02 -30.45
C GLY G 111 -22.10 36.80 -31.75
N GLU G 112 -22.43 38.09 -31.60
CA GLU G 112 -22.64 38.99 -32.72
C GLU G 112 -21.47 39.01 -33.68
N THR G 113 -20.26 38.96 -33.12
CA THR G 113 -19.03 38.96 -33.90
C THR G 113 -18.87 37.67 -34.70
N ALA G 114 -19.20 36.54 -34.06
CA ALA G 114 -19.16 35.24 -34.71
C ALA G 114 -20.12 35.10 -35.90
N CYS G 115 -21.31 35.70 -35.77
CA CYS G 115 -22.31 35.67 -36.82
C CYS G 115 -21.83 36.49 -38.00
N LYS G 116 -21.28 37.66 -37.71
CA LYS G 116 -20.72 38.55 -38.72
C LYS G 116 -19.60 37.86 -39.50
N LEU G 117 -18.69 37.18 -38.77
CA LEU G 117 -17.68 36.34 -39.42
C LEU G 117 -18.29 35.21 -40.25
N ALA G 118 -19.23 34.48 -39.66
CA ALA G 118 -19.90 33.35 -40.33
C ALA G 118 -20.45 33.82 -41.65
N ARG G 119 -21.16 34.95 -41.60
CA ARG G 119 -21.78 35.56 -42.79
C ARG G 119 -20.69 36.00 -43.77
N LYS G 120 -19.75 36.84 -43.33
CA LYS G 120 -18.67 37.36 -44.21
C LYS G 120 -17.93 36.23 -44.95
N TRP G 121 -17.59 35.18 -44.21
CA TRP G 121 -16.95 34.01 -44.75
C TRP G 121 -17.87 33.30 -45.74
N GLY G 122 -19.15 33.23 -45.40
CA GLY G 122 -20.19 32.67 -46.25
C GLY G 122 -20.21 33.30 -47.63
N TYR G 123 -20.20 34.63 -47.66
CA TYR G 123 -20.26 35.43 -48.91
C TYR G 123 -18.92 35.38 -49.65
N THR G 124 -17.81 35.62 -48.94
CA THR G 124 -16.51 35.81 -49.59
C THR G 124 -15.75 34.51 -49.90
N VAL G 125 -15.89 33.51 -49.02
CA VAL G 125 -15.18 32.24 -49.15
C VAL G 125 -16.04 31.12 -49.72
N LYS G 126 -17.27 30.98 -49.23
CA LYS G 126 -18.16 29.93 -49.68
C LYS G 126 -18.90 30.28 -50.98
N GLY G 127 -19.12 31.57 -51.22
CA GLY G 127 -19.70 32.06 -52.46
C GLY G 127 -21.22 32.07 -52.49
N ILE G 128 -21.81 32.20 -51.31
CA ILE G 128 -23.25 32.33 -51.13
C ILE G 128 -23.66 33.68 -51.69
N GLN G 129 -24.83 33.75 -52.34
CA GLN G 129 -25.31 34.99 -52.91
C GLN G 129 -25.61 35.94 -51.77
N LYS G 130 -25.26 37.21 -51.95
CA LYS G 130 -25.34 38.18 -50.91
C LYS G 130 -26.74 38.35 -50.33
N TYR G 131 -26.80 37.93 -49.07
CA TYR G 131 -27.79 38.20 -47.98
C TYR G 131 -28.77 37.03 -47.93
N LYS G 132 -28.40 35.92 -48.57
CA LYS G 132 -29.04 34.62 -48.40
C LYS G 132 -28.36 33.68 -47.38
N ALA G 133 -27.24 34.09 -46.81
CA ALA G 133 -26.52 33.26 -45.85
C ALA G 133 -27.32 33.03 -44.58
N LYS G 134 -27.32 31.78 -44.10
CA LYS G 134 -28.10 31.38 -42.92
C LYS G 134 -27.22 30.83 -41.81
N ILE G 135 -27.69 30.99 -40.56
CA ILE G 135 -27.03 30.45 -39.38
C ILE G 135 -28.08 29.63 -38.66
N VAL G 136 -27.73 28.38 -38.34
CA VAL G 136 -28.59 27.51 -37.56
C VAL G 136 -28.22 27.60 -36.08
N PHE G 137 -29.25 27.59 -35.22
CA PHE G 137 -29.11 27.54 -33.77
C PHE G 137 -29.91 26.36 -33.28
N ALA G 138 -29.82 26.08 -31.98
CA ALA G 138 -30.51 24.97 -31.34
C ALA G 138 -31.55 25.51 -30.36
N ALA G 139 -32.71 24.83 -30.30
CA ALA G 139 -33.78 25.25 -29.40
C ALA G 139 -33.24 25.20 -27.96
N GLY G 140 -33.67 26.18 -27.16
CA GLY G 140 -33.14 26.37 -25.82
C GLY G 140 -31.85 27.19 -25.72
N ASN G 141 -31.26 27.57 -26.86
CA ASN G 141 -30.04 28.36 -26.84
C ASN G 141 -30.23 29.69 -26.11
N PHE G 142 -29.13 30.22 -25.60
CA PHE G 142 -29.11 31.54 -25.00
C PHE G 142 -27.74 32.10 -25.22
N TRP G 143 -27.68 33.28 -25.82
CA TRP G 143 -26.41 33.91 -26.06
C TRP G 143 -26.41 35.42 -25.96
N GLY G 144 -27.39 35.97 -25.25
CA GLY G 144 -27.53 37.41 -25.05
C GLY G 144 -28.96 37.92 -25.30
N ARG G 145 -29.15 39.23 -25.07
CA ARG G 145 -30.46 39.92 -25.14
C ARG G 145 -30.45 41.02 -26.20
N THR G 146 -29.55 40.97 -27.19
CA THR G 146 -29.70 41.85 -28.36
C THR G 146 -30.90 41.40 -29.22
N LEU G 147 -31.34 42.26 -30.13
CA LEU G 147 -32.39 41.92 -31.08
C LEU G 147 -32.08 40.66 -31.89
N SER G 148 -30.80 40.44 -32.19
CA SER G 148 -30.34 39.27 -32.94
C SER G 148 -30.38 38.04 -32.05
N ALA G 149 -29.80 38.15 -30.86
CA ALA G 149 -29.80 37.05 -29.91
C ALA G 149 -31.21 36.53 -29.66
N ILE G 150 -32.15 37.42 -29.34
CA ILE G 150 -33.54 37.03 -29.09
C ILE G 150 -34.29 36.53 -30.33
N SER G 151 -33.77 36.83 -31.52
CA SER G 151 -34.36 36.36 -32.79
C SER G 151 -34.15 34.87 -33.03
N SER G 152 -33.24 34.25 -32.26
CA SER G 152 -32.92 32.84 -32.36
C SER G 152 -33.36 32.07 -31.09
N SER G 153 -34.21 32.72 -30.29
CA SER G 153 -34.67 32.18 -29.03
C SER G 153 -36.00 31.52 -29.20
N THR G 154 -36.16 30.36 -28.57
CA THR G 154 -37.43 29.66 -28.46
C THR G 154 -38.13 29.98 -27.15
N ASP G 155 -37.57 30.93 -26.37
CA ASP G 155 -38.19 31.41 -25.12
C ASP G 155 -39.08 32.62 -25.37
N PRO G 156 -40.42 32.50 -25.21
CA PRO G 156 -41.31 33.63 -25.42
C PRO G 156 -40.97 34.88 -24.60
N THR G 157 -40.47 34.71 -23.37
CA THR G 157 -40.15 35.83 -22.49
C THR G 157 -39.06 36.73 -23.12
N SER G 158 -38.15 36.13 -23.89
CA SER G 158 -37.06 36.86 -24.54
C SER G 158 -37.44 37.67 -25.77
N TYR G 159 -38.31 37.12 -26.62
CA TYR G 159 -38.58 37.68 -27.96
C TYR G 159 -39.96 38.36 -28.01
N ASP G 160 -40.93 37.90 -27.22
CA ASP G 160 -42.30 38.42 -27.32
C ASP G 160 -42.31 39.92 -27.11
N GLY G 161 -42.80 40.66 -28.10
CA GLY G 161 -42.90 42.12 -28.02
C GLY G 161 -41.72 42.93 -28.56
N PHE G 162 -40.66 42.23 -28.98
CA PHE G 162 -39.40 42.86 -29.36
C PHE G 162 -39.16 42.88 -30.87
N GLY G 163 -40.27 42.89 -31.60
CA GLY G 163 -40.39 43.63 -32.84
C GLY G 163 -39.82 42.71 -33.89
N PRO G 164 -39.72 43.14 -35.17
CA PRO G 164 -39.38 42.23 -36.24
C PRO G 164 -38.05 41.55 -35.92
N PHE G 165 -37.90 40.27 -36.30
CA PHE G 165 -36.75 39.47 -35.93
C PHE G 165 -35.79 39.35 -37.09
N MET G 166 -34.51 39.12 -36.75
CA MET G 166 -33.47 39.06 -37.71
C MET G 166 -33.73 37.90 -38.65
N PRO G 167 -33.77 38.12 -39.98
CA PRO G 167 -33.80 37.03 -40.94
C PRO G 167 -32.50 36.23 -41.01
N GLY G 168 -32.56 35.04 -41.60
CA GLY G 168 -31.42 34.16 -41.76
C GLY G 168 -31.08 33.29 -40.57
N PHE G 169 -31.95 33.22 -39.57
CA PHE G 169 -31.72 32.39 -38.39
C PHE G 169 -32.74 31.25 -38.36
N ASP G 170 -32.28 30.03 -38.65
CA ASP G 170 -33.09 28.81 -38.53
C ASP G 170 -32.83 28.17 -37.21
N ILE G 171 -33.84 27.48 -36.67
CA ILE G 171 -33.77 26.86 -35.35
C ILE G 171 -34.20 25.41 -35.42
N ILE G 172 -33.36 24.51 -34.89
CA ILE G 172 -33.60 23.07 -34.88
C ILE G 172 -33.56 22.58 -33.43
N PRO G 173 -34.08 21.37 -33.12
CA PRO G 173 -34.00 20.83 -31.76
C PRO G 173 -32.54 20.58 -31.36
N TYR G 174 -32.22 20.75 -30.08
CA TYR G 174 -30.89 20.48 -29.48
C TYR G 174 -30.70 18.96 -29.36
N ASN G 175 -29.45 18.49 -29.47
CA ASN G 175 -29.17 17.09 -29.25
C ASN G 175 -29.89 16.20 -30.27
N ASP G 176 -29.80 16.59 -31.54
CA ASP G 176 -30.57 15.98 -32.62
C ASP G 176 -29.80 16.09 -33.93
N LEU G 177 -29.04 15.03 -34.25
CA LEU G 177 -28.16 14.98 -35.40
C LEU G 177 -28.91 14.84 -36.73
N PRO G 178 -30.02 14.06 -36.79
CA PRO G 178 -30.88 14.04 -37.98
C PRO G 178 -31.42 15.43 -38.37
N ALA G 179 -31.86 16.22 -37.38
CA ALA G 179 -32.30 17.60 -37.60
C ALA G 179 -31.20 18.48 -38.19
N LEU G 180 -29.99 18.38 -37.65
CA LEU G 180 -28.84 19.15 -38.14
C LEU G 180 -28.53 18.73 -39.57
N GLU G 181 -28.57 17.42 -39.84
CA GLU G 181 -28.25 16.91 -41.16
C GLU G 181 -29.25 17.44 -42.19
N ARG G 182 -30.52 17.35 -41.87
CA ARG G 182 -31.65 17.93 -42.67
C ARG G 182 -31.35 19.39 -43.01
N ALA G 183 -31.00 20.18 -41.99
CA ALA G 183 -30.85 21.63 -42.12
C ALA G 183 -29.68 22.00 -43.02
N LEU G 184 -28.56 21.30 -42.83
CA LEU G 184 -27.33 21.57 -43.57
C LEU G 184 -27.40 21.13 -45.03
N GLN G 185 -28.56 20.60 -45.47
CA GLN G 185 -28.79 20.33 -46.88
C GLN G 185 -28.86 21.59 -47.73
N ASP G 186 -29.19 22.73 -47.10
CA ASP G 186 -29.29 23.99 -47.80
C ASP G 186 -27.89 24.62 -47.96
N PRO G 187 -27.39 24.80 -49.21
CA PRO G 187 -26.02 25.26 -49.42
C PRO G 187 -25.77 26.68 -48.88
N ASN G 188 -26.83 27.46 -48.66
CA ASN G 188 -26.75 28.80 -48.11
C ASN G 188 -26.52 28.88 -46.60
N VAL G 189 -26.53 27.75 -45.90
CA VAL G 189 -26.20 27.74 -44.47
C VAL G 189 -24.69 27.97 -44.33
N ALA G 190 -24.33 28.91 -43.44
CA ALA G 190 -22.95 29.34 -43.25
C ALA G 190 -22.32 28.75 -42.01
N ALA G 191 -23.08 28.75 -40.92
CA ALA G 191 -22.62 28.28 -39.61
C ALA G 191 -23.75 27.57 -38.86
N PHE G 192 -23.37 26.79 -37.84
CA PHE G 192 -24.27 26.26 -36.83
C PHE G 192 -23.67 26.69 -35.50
N MET G 193 -24.42 27.47 -34.72
CA MET G 193 -23.98 27.94 -33.41
C MET G 193 -24.66 27.16 -32.30
N VAL G 194 -23.85 26.57 -31.43
CA VAL G 194 -24.36 25.72 -30.38
C VAL G 194 -23.47 25.67 -29.13
N GLU G 195 -24.10 25.43 -27.98
CA GLU G 195 -23.43 25.27 -26.69
C GLU G 195 -23.22 23.78 -26.44
N PRO G 196 -22.00 23.35 -26.00
CA PRO G 196 -21.75 21.96 -25.65
C PRO G 196 -22.66 21.46 -24.51
N ILE G 197 -22.99 22.36 -23.57
CA ILE G 197 -24.01 22.14 -22.58
C ILE G 197 -24.76 23.46 -22.55
N GLN G 198 -26.10 23.38 -22.55
CA GLN G 198 -26.95 24.56 -22.50
C GLN G 198 -27.13 24.99 -21.08
N GLY G 199 -26.56 26.15 -20.73
CA GLY G 199 -26.57 26.67 -19.37
C GLY G 199 -27.94 27.17 -19.00
N GLU G 200 -28.27 28.37 -19.48
CA GLU G 200 -29.53 29.04 -19.16
C GLU G 200 -30.78 28.15 -19.28
N ALA G 201 -30.74 27.17 -20.18
CA ALA G 201 -31.89 26.28 -20.43
C ALA G 201 -32.11 25.24 -19.32
N GLY G 202 -31.09 25.05 -18.47
CA GLY G 202 -31.19 24.20 -17.30
C GLY G 202 -30.15 23.12 -17.24
N VAL G 203 -28.90 23.48 -17.56
CA VAL G 203 -27.80 22.53 -17.67
C VAL G 203 -28.25 21.27 -18.41
N VAL G 204 -28.60 21.43 -19.70
CA VAL G 204 -29.00 20.31 -20.56
C VAL G 204 -27.75 19.79 -21.29
N VAL G 205 -27.35 18.57 -20.92
CA VAL G 205 -26.19 17.86 -21.48
C VAL G 205 -26.65 17.01 -22.66
N PRO G 206 -25.99 17.11 -23.85
CA PRO G 206 -26.38 16.27 -24.99
C PRO G 206 -25.81 14.85 -24.87
N ASP G 207 -26.35 13.90 -25.63
CA ASP G 207 -25.94 12.51 -25.57
C ASP G 207 -24.46 12.41 -25.96
N PRO G 208 -23.69 11.47 -25.39
CA PRO G 208 -22.32 11.22 -25.84
C PRO G 208 -22.29 11.08 -27.37
N GLY G 209 -21.35 11.77 -28.02
CA GLY G 209 -21.16 11.68 -29.46
C GLY G 209 -21.88 12.71 -30.30
N TYR G 210 -22.62 13.61 -29.64
CA TYR G 210 -23.36 14.72 -30.28
C TYR G 210 -22.37 15.70 -30.92
N LEU G 211 -21.34 16.10 -30.17
CA LEU G 211 -20.40 17.10 -30.66
C LEU G 211 -19.52 16.57 -31.79
N MET G 212 -19.18 15.27 -31.76
CA MET G 212 -18.46 14.63 -32.84
C MET G 212 -19.32 14.66 -34.10
N GLY G 213 -20.60 14.30 -33.94
CA GLY G 213 -21.59 14.37 -35.00
C GLY G 213 -21.74 15.77 -35.59
N VAL G 214 -21.84 16.78 -34.73
CA VAL G 214 -21.94 18.18 -35.16
C VAL G 214 -20.71 18.58 -35.99
N ARG G 215 -19.52 18.22 -35.49
CA ARG G 215 -18.20 18.50 -36.15
C ARG G 215 -18.14 17.78 -37.50
N GLU G 216 -18.59 16.53 -37.56
CA GLU G 216 -18.54 15.73 -38.78
C GLU G 216 -19.50 16.21 -39.85
N LEU G 217 -20.71 16.64 -39.43
CA LEU G 217 -21.73 17.14 -40.37
C LEU G 217 -21.37 18.53 -40.88
N CYS G 218 -20.86 19.38 -40.00
CA CYS G 218 -20.41 20.72 -40.37
C CYS G 218 -19.30 20.64 -41.43
N THR G 219 -18.28 19.80 -41.16
CA THR G 219 -17.16 19.60 -42.08
C THR G 219 -17.61 19.05 -43.44
N ARG G 220 -18.55 18.11 -43.42
CA ARG G 220 -19.09 17.41 -44.61
C ARG G 220 -19.80 18.40 -45.54
N HIS G 221 -20.63 19.29 -45.00
CA HIS G 221 -21.39 20.28 -45.78
C HIS G 221 -20.77 21.68 -45.86
N GLN G 222 -19.48 21.79 -45.49
CA GLN G 222 -18.74 23.05 -45.56
C GLN G 222 -19.48 24.16 -44.81
N VAL G 223 -19.73 23.91 -43.53
CA VAL G 223 -20.46 24.83 -42.66
C VAL G 223 -19.61 25.00 -41.42
N LEU G 224 -19.54 26.23 -40.93
CA LEU G 224 -18.74 26.56 -39.75
C LEU G 224 -19.41 26.10 -38.49
N PHE G 225 -18.63 25.45 -37.62
CA PHE G 225 -19.08 25.01 -36.30
C PHE G 225 -18.65 26.05 -35.27
N ILE G 226 -19.62 26.81 -34.74
CA ILE G 226 -19.38 27.80 -33.71
C ILE G 226 -19.78 27.26 -32.34
N ALA G 227 -18.79 27.02 -31.48
CA ALA G 227 -19.00 26.54 -30.13
C ALA G 227 -19.06 27.73 -29.20
N ASP G 228 -20.24 27.99 -28.64
CA ASP G 228 -20.38 28.98 -27.58
C ASP G 228 -19.95 28.37 -26.24
N GLU G 229 -18.74 28.73 -25.80
CA GLU G 229 -18.18 28.23 -24.54
C GLU G 229 -18.03 29.37 -23.52
N ILE G 230 -18.91 30.37 -23.63
CA ILE G 230 -18.90 31.53 -22.73
C ILE G 230 -19.14 31.12 -21.26
N GLN G 231 -19.88 30.03 -21.05
CA GLN G 231 -20.31 29.58 -19.73
C GLN G 231 -19.75 28.22 -19.34
N THR G 232 -19.53 27.35 -20.35
CA THR G 232 -19.00 26.00 -20.13
C THR G 232 -17.48 25.94 -20.23
N GLY G 233 -16.88 26.92 -20.91
CA GLY G 233 -15.46 26.95 -21.14
C GLY G 233 -14.69 27.35 -19.91
N LEU G 234 -13.35 27.35 -20.04
CA LEU G 234 -12.45 27.78 -18.99
C LEU G 234 -12.66 27.03 -17.69
N ALA G 235 -12.58 25.70 -17.79
CA ALA G 235 -12.34 24.82 -16.65
C ALA G 235 -13.56 24.28 -15.92
N ARG G 236 -14.73 24.93 -16.09
CA ARG G 236 -15.91 24.67 -15.24
C ARG G 236 -16.37 23.21 -15.41
N THR G 237 -16.51 22.74 -16.65
CA THR G 237 -16.99 21.38 -16.90
C THR G 237 -15.91 20.32 -16.65
N GLY G 238 -14.68 20.77 -16.41
CA GLY G 238 -13.56 19.89 -16.06
C GLY G 238 -12.52 19.73 -17.15
N ARG G 239 -12.50 20.67 -18.09
CA ARG G 239 -11.58 20.74 -19.25
C ARG G 239 -11.43 22.22 -19.65
N TRP G 240 -10.45 22.54 -20.50
CA TRP G 240 -10.28 23.92 -20.94
C TRP G 240 -11.57 24.36 -21.61
N LEU G 241 -12.07 23.50 -22.50
CA LEU G 241 -13.35 23.69 -23.17
C LEU G 241 -14.12 22.39 -23.02
N ALA G 242 -15.44 22.48 -22.90
CA ALA G 242 -16.32 21.32 -22.80
C ALA G 242 -16.21 20.41 -24.02
N VAL G 243 -15.97 21.01 -25.19
CA VAL G 243 -15.77 20.26 -26.44
C VAL G 243 -14.59 19.30 -26.40
N ASP G 244 -13.58 19.61 -25.57
CA ASP G 244 -12.41 18.75 -25.39
C ASP G 244 -12.79 17.34 -24.93
N TYR G 245 -13.92 17.22 -24.22
CA TYR G 245 -14.42 15.91 -23.73
C TYR G 245 -14.61 14.92 -24.90
N GLU G 246 -14.91 15.42 -26.11
CA GLU G 246 -15.02 14.57 -27.30
C GLU G 246 -13.98 14.85 -28.39
N ASN G 247 -12.87 15.50 -28.00
CA ASN G 247 -11.75 15.82 -28.87
C ASN G 247 -12.14 16.51 -30.17
N VAL G 248 -13.06 17.47 -30.09
CA VAL G 248 -13.51 18.18 -31.28
C VAL G 248 -12.96 19.59 -31.28
N ARG G 249 -12.54 20.03 -32.47
CA ARG G 249 -12.03 21.40 -32.74
C ARG G 249 -13.06 22.18 -33.55
N PRO G 250 -13.89 23.02 -32.90
CA PRO G 250 -14.75 23.97 -33.62
C PRO G 250 -13.94 24.94 -34.48
N ASP G 251 -14.59 25.49 -35.50
CA ASP G 251 -14.03 26.52 -36.35
C ASP G 251 -13.91 27.83 -35.56
N ILE G 252 -14.96 28.16 -34.80
CA ILE G 252 -15.02 29.37 -34.00
C ILE G 252 -15.42 29.01 -32.57
N VAL G 253 -14.61 29.42 -31.59
CA VAL G 253 -14.96 29.28 -30.19
C VAL G 253 -15.14 30.64 -29.56
N LEU G 254 -16.18 30.76 -28.71
CA LEU G 254 -16.45 31.99 -27.97
C LEU G 254 -16.13 31.80 -26.50
N LEU G 255 -15.36 32.76 -25.93
CA LEU G 255 -15.02 32.78 -24.53
C LEU G 255 -15.49 34.10 -23.92
N GLY G 256 -15.75 34.05 -22.60
CA GLY G 256 -16.23 35.19 -21.86
C GLY G 256 -16.18 34.89 -20.37
N LYS G 257 -17.06 35.53 -19.62
CA LYS G 257 -17.23 35.37 -18.18
C LYS G 257 -15.95 35.19 -17.34
N ALA G 258 -15.43 33.95 -17.29
CA ALA G 258 -14.28 33.59 -16.47
C ALA G 258 -12.96 34.12 -17.05
N LEU G 259 -13.01 34.57 -18.30
CA LEU G 259 -11.86 35.15 -18.98
C LEU G 259 -11.28 36.33 -18.22
N SER G 260 -12.12 36.96 -17.37
CA SER G 260 -11.73 38.08 -16.52
C SER G 260 -11.67 37.76 -15.02
N GLY G 261 -12.43 36.76 -14.57
CA GLY G 261 -12.54 36.40 -13.16
C GLY G 261 -13.53 37.29 -12.41
N GLY G 262 -14.43 37.93 -13.15
CA GLY G 262 -15.49 38.76 -12.60
C GLY G 262 -15.13 40.23 -12.42
N LEU G 263 -13.86 40.57 -12.70
CA LEU G 263 -13.30 41.87 -12.40
C LEU G 263 -13.43 42.89 -13.54
N TYR G 264 -13.86 42.42 -14.73
CA TYR G 264 -13.92 43.22 -15.97
C TYR G 264 -14.67 42.46 -17.06
N PRO G 265 -15.56 43.11 -17.85
CA PRO G 265 -16.20 42.48 -19.01
C PRO G 265 -15.23 42.26 -20.18
N VAL G 266 -14.80 41.00 -20.37
CA VAL G 266 -13.92 40.61 -21.43
C VAL G 266 -14.51 39.36 -22.07
N SER G 267 -14.64 39.40 -23.41
CA SER G 267 -15.00 38.24 -24.22
C SER G 267 -14.01 38.14 -25.37
N ALA G 268 -13.95 36.95 -25.98
CA ALA G 268 -13.02 36.66 -27.06
C ALA G 268 -13.69 35.78 -28.12
N VAL G 269 -13.30 35.98 -29.38
CA VAL G 269 -13.71 35.14 -30.49
C VAL G 269 -12.45 34.58 -31.17
N LEU G 270 -12.27 33.26 -31.07
CA LEU G 270 -11.06 32.57 -31.53
C LEU G 270 -11.34 31.78 -32.80
N CYS G 271 -10.59 32.10 -33.87
CA CYS G 271 -10.60 31.29 -35.09
C CYS G 271 -9.33 31.49 -35.93
N ASP G 272 -9.16 30.62 -36.93
CA ASP G 272 -8.02 30.66 -37.84
C ASP G 272 -8.15 31.72 -38.93
N ASP G 273 -7.04 31.93 -39.65
CA ASP G 273 -6.87 33.03 -40.61
C ASP G 273 -7.87 33.05 -41.75
N ASP G 274 -8.19 31.88 -42.31
CA ASP G 274 -9.10 31.80 -43.45
C ASP G 274 -10.50 32.31 -43.10
N ILE G 275 -10.87 32.26 -41.82
CA ILE G 275 -12.15 32.80 -41.35
C ILE G 275 -11.99 34.22 -40.81
N MET G 276 -11.01 34.44 -39.93
CA MET G 276 -10.85 35.70 -39.23
C MET G 276 -10.57 36.84 -40.19
N LEU G 277 -9.70 36.62 -41.17
CA LEU G 277 -9.24 37.71 -42.06
C LEU G 277 -10.22 38.08 -43.19
N THR G 278 -11.41 37.48 -43.18
CA THR G 278 -12.51 37.88 -44.04
C THR G 278 -13.02 39.28 -43.65
N ILE G 279 -12.67 39.71 -42.43
CA ILE G 279 -13.02 41.03 -41.89
C ILE G 279 -11.82 41.97 -42.02
N LYS G 280 -11.91 42.92 -42.94
CA LYS G 280 -10.85 43.89 -43.23
C LYS G 280 -10.90 45.04 -42.22
N PRO G 281 -9.85 45.88 -42.12
CA PRO G 281 -9.85 47.04 -41.24
C PRO G 281 -11.07 47.97 -41.39
N GLY G 282 -11.64 48.40 -40.25
CA GLY G 282 -12.78 49.31 -40.20
C GLY G 282 -14.16 48.68 -40.28
N GLU G 283 -14.23 47.36 -40.54
CA GLU G 283 -15.51 46.63 -40.75
C GLU G 283 -16.08 45.97 -39.50
N HIS G 284 -15.44 46.13 -38.35
CA HIS G 284 -15.95 45.64 -37.06
C HIS G 284 -15.06 46.12 -35.92
N GLY G 285 -15.67 46.25 -34.72
CA GLY G 285 -14.95 46.57 -33.51
C GLY G 285 -15.83 47.00 -32.35
N SER G 286 -15.23 47.72 -31.40
CA SER G 286 -15.89 48.08 -30.16
C SER G 286 -15.01 49.02 -29.38
N THR G 287 -15.60 50.06 -28.79
CA THR G 287 -14.83 51.06 -28.05
C THR G 287 -13.85 50.44 -27.05
N TYR G 288 -14.33 49.56 -26.18
CA TYR G 288 -13.57 49.00 -25.03
C TYR G 288 -12.90 47.65 -25.38
N GLY G 289 -13.17 47.12 -26.58
CA GLY G 289 -12.65 45.84 -27.00
C GLY G 289 -11.17 45.88 -27.19
N GLY G 290 -10.46 45.06 -26.42
CA GLY G 290 -9.01 44.95 -26.44
C GLY G 290 -8.26 45.96 -25.60
N ASN G 291 -8.96 46.66 -24.71
CA ASN G 291 -8.33 47.74 -23.91
C ASN G 291 -7.25 47.19 -22.98
N PRO G 292 -6.24 48.01 -22.59
CA PRO G 292 -5.11 47.52 -21.79
C PRO G 292 -5.51 46.89 -20.46
N LEU G 293 -6.48 47.48 -19.79
CA LEU G 293 -6.93 47.06 -18.45
C LEU G 293 -7.61 45.68 -18.49
N GLY G 294 -8.45 45.47 -19.49
CA GLY G 294 -9.18 44.21 -19.66
C GLY G 294 -8.26 43.07 -19.99
N CYS G 295 -7.29 43.34 -20.87
CA CYS G 295 -6.29 42.35 -21.30
C CYS G 295 -5.40 41.88 -20.18
N ARG G 296 -4.99 42.81 -19.29
CA ARG G 296 -4.13 42.50 -18.11
C ARG G 296 -4.89 41.57 -17.17
N VAL G 297 -6.13 41.92 -16.83
CA VAL G 297 -6.98 41.05 -16.01
C VAL G 297 -7.13 39.67 -16.65
N ALA G 298 -7.31 39.64 -17.97
CA ALA G 298 -7.53 38.40 -18.70
C ALA G 298 -6.33 37.47 -18.65
N ILE G 299 -5.13 38.01 -18.88
CA ILE G 299 -3.89 37.25 -18.76
C ILE G 299 -3.82 36.60 -17.36
N ALA G 300 -3.88 37.45 -16.33
CA ALA G 300 -3.88 36.99 -14.95
C ALA G 300 -4.95 35.92 -14.68
N ALA G 301 -6.16 36.17 -15.17
CA ALA G 301 -7.30 35.28 -14.95
C ALA G 301 -7.09 33.91 -15.57
N LEU G 302 -6.44 33.87 -16.74
CA LEU G 302 -6.13 32.62 -17.44
C LEU G 302 -4.97 31.88 -16.78
N GLU G 303 -4.05 32.65 -16.20
CA GLU G 303 -2.92 32.09 -15.46
C GLU G 303 -3.38 31.32 -14.22
N VAL G 304 -4.29 31.92 -13.44
CA VAL G 304 -4.91 31.25 -12.29
C VAL G 304 -5.48 29.87 -12.64
N LEU G 305 -6.25 29.80 -13.74
CA LEU G 305 -6.90 28.56 -14.18
C LEU G 305 -5.93 27.43 -14.47
N GLU G 306 -4.79 27.78 -15.08
CA GLU G 306 -3.78 26.84 -15.50
C GLU G 306 -2.96 26.38 -14.30
N GLU G 307 -2.43 27.36 -13.55
CA GLU G 307 -1.48 27.09 -12.49
C GLU G 307 -2.09 26.55 -11.19
N GLU G 308 -3.40 26.72 -11.04
CA GLU G 308 -4.13 26.08 -9.93
C GLU G 308 -4.90 24.81 -10.37
N ASN G 309 -4.59 24.31 -11.57
CA ASN G 309 -5.21 23.09 -12.13
C ASN G 309 -6.69 22.96 -11.80
N LEU G 310 -7.46 24.01 -12.12
CA LEU G 310 -8.85 24.12 -11.68
C LEU G 310 -9.78 23.20 -12.46
N ALA G 311 -9.37 22.82 -13.68
CA ALA G 311 -10.12 21.88 -14.49
C ALA G 311 -10.11 20.52 -13.82
N GLU G 312 -8.90 20.07 -13.48
CA GLU G 312 -8.68 18.79 -12.82
C GLU G 312 -9.43 18.73 -11.49
N ASN G 313 -9.46 19.86 -10.76
CA ASN G 313 -10.20 19.98 -9.51
C ASN G 313 -11.69 19.87 -9.74
N ALA G 314 -12.16 20.57 -10.77
CA ALA G 314 -13.56 20.66 -11.14
C ALA G 314 -14.14 19.31 -11.52
N ASP G 315 -13.38 18.57 -12.34
CA ASP G 315 -13.74 17.23 -12.77
C ASP G 315 -13.98 16.30 -11.58
N LYS G 316 -12.99 16.19 -10.69
CA LYS G 316 -13.04 15.30 -9.52
C LYS G 316 -14.15 15.67 -8.53
N LEU G 317 -14.29 16.98 -8.23
CA LEU G 317 -15.29 17.44 -7.27
C LEU G 317 -16.70 17.37 -7.83
N GLY G 318 -16.81 17.54 -9.16
CA GLY G 318 -18.04 17.32 -9.90
C GLY G 318 -18.65 15.97 -9.67
N ILE G 319 -17.82 14.93 -9.76
CA ILE G 319 -18.22 13.54 -9.52
C ILE G 319 -18.79 13.37 -8.12
N ILE G 320 -18.09 13.91 -7.12
CA ILE G 320 -18.54 13.83 -5.73
C ILE G 320 -19.91 14.49 -5.59
N LEU G 321 -20.03 15.75 -6.04
CA LEU G 321 -21.26 16.51 -5.94
C LEU G 321 -22.45 15.71 -6.52
N ARG G 322 -22.30 15.24 -7.77
CA ARG G 322 -23.36 14.48 -8.49
C ARG G 322 -23.68 13.19 -7.71
N ASN G 323 -22.68 12.38 -7.35
CA ASN G 323 -22.89 11.14 -6.61
C ASN G 323 -23.71 11.33 -5.33
N GLU G 324 -23.46 12.44 -4.62
CA GLU G 324 -24.18 12.76 -3.40
C GLU G 324 -25.63 13.18 -3.69
N LEU G 325 -25.81 14.04 -4.71
CA LEU G 325 -27.13 14.53 -5.10
C LEU G 325 -28.06 13.41 -5.59
N MET G 326 -27.47 12.35 -6.17
CA MET G 326 -28.24 11.21 -6.65
C MET G 326 -28.76 10.32 -5.54
N LYS G 327 -28.23 10.48 -4.32
CA LYS G 327 -28.69 9.76 -3.13
C LYS G 327 -29.96 10.34 -2.51
N LEU G 328 -30.31 11.57 -2.91
CA LEU G 328 -31.58 12.19 -2.52
C LEU G 328 -32.74 11.39 -3.10
N PRO G 329 -33.96 11.48 -2.52
CA PRO G 329 -35.05 10.60 -2.93
C PRO G 329 -35.64 11.04 -4.29
N SER G 330 -35.87 10.06 -5.19
CA SER G 330 -36.50 10.27 -6.47
C SER G 330 -37.82 11.02 -6.51
N ASP G 331 -38.55 10.94 -5.38
CA ASP G 331 -39.86 11.60 -5.24
C ASP G 331 -39.78 13.14 -5.17
N VAL G 332 -38.61 13.68 -4.86
CA VAL G 332 -38.40 15.12 -4.65
C VAL G 332 -37.50 15.67 -5.79
N VAL G 333 -36.34 15.01 -5.98
CA VAL G 333 -35.36 15.34 -7.01
C VAL G 333 -35.43 14.32 -8.13
N THR G 334 -36.07 14.71 -9.24
CA THR G 334 -36.36 13.83 -10.37
C THR G 334 -35.16 13.61 -11.31
N ALA G 335 -34.18 14.53 -11.28
CA ALA G 335 -32.98 14.41 -12.11
C ALA G 335 -31.76 15.12 -11.52
N VAL G 336 -30.59 14.53 -11.76
CA VAL G 336 -29.29 15.16 -11.49
C VAL G 336 -28.49 15.01 -12.78
N ARG G 337 -27.87 16.12 -13.24
CA ARG G 337 -27.08 16.14 -14.49
C ARG G 337 -26.02 17.24 -14.40
N GLY G 338 -24.93 17.07 -15.18
CA GLY G 338 -23.86 18.03 -15.25
C GLY G 338 -22.55 17.41 -15.71
N LYS G 339 -21.57 18.29 -15.94
CA LYS G 339 -20.19 17.92 -16.21
C LYS G 339 -19.37 18.89 -15.36
N GLY G 340 -18.31 18.38 -14.75
CA GLY G 340 -17.52 19.13 -13.80
C GLY G 340 -18.39 19.78 -12.74
N LEU G 341 -18.21 21.10 -12.57
CA LEU G 341 -18.93 21.86 -11.54
C LEU G 341 -20.04 22.72 -12.14
N LEU G 342 -20.59 22.28 -13.28
CA LEU G 342 -21.79 22.84 -13.87
C LEU G 342 -22.85 21.76 -13.82
N ASN G 343 -23.53 21.68 -12.68
CA ASN G 343 -24.59 20.71 -12.46
C ASN G 343 -25.90 21.41 -12.11
N ALA G 344 -26.96 20.60 -12.04
CA ALA G 344 -28.29 21.06 -11.72
C ALA G 344 -29.13 19.91 -11.19
N ILE G 345 -30.24 20.24 -10.53
CA ILE G 345 -31.25 19.27 -10.16
C ILE G 345 -32.64 19.82 -10.52
N VAL G 346 -33.54 18.91 -10.87
CA VAL G 346 -34.93 19.24 -11.17
C VAL G 346 -35.75 18.76 -9.99
N ILE G 347 -36.63 19.65 -9.49
CA ILE G 347 -37.45 19.41 -8.31
C ILE G 347 -38.87 19.23 -8.83
N LYS G 348 -39.63 18.33 -8.20
CA LYS G 348 -41.03 18.14 -8.53
C LYS G 348 -41.85 19.29 -7.97
N GLU G 349 -42.33 20.15 -8.87
CA GLU G 349 -43.16 21.30 -8.51
C GLU G 349 -44.54 20.81 -8.07
N THR G 350 -44.87 21.07 -6.79
CA THR G 350 -46.16 20.67 -6.23
C THR G 350 -46.71 21.79 -5.36
N LYS G 351 -47.91 21.54 -4.82
CA LYS G 351 -48.68 22.52 -4.08
C LYS G 351 -48.03 22.93 -2.74
N ASP G 352 -47.06 22.14 -2.27
CA ASP G 352 -46.36 22.43 -1.02
C ASP G 352 -44.92 22.95 -1.21
N TRP G 353 -44.42 22.93 -2.45
CA TRP G 353 -43.06 23.39 -2.74
C TRP G 353 -42.71 23.52 -4.21
N ASP G 354 -41.72 24.37 -4.49
CA ASP G 354 -41.16 24.55 -5.83
C ASP G 354 -39.69 24.95 -5.70
N ALA G 355 -39.01 25.15 -6.82
CA ALA G 355 -37.57 25.47 -6.83
C ALA G 355 -37.27 26.81 -6.17
N TRP G 356 -38.18 27.78 -6.32
CA TRP G 356 -38.01 29.11 -5.74
C TRP G 356 -37.99 29.00 -4.22
N LYS G 357 -39.01 28.36 -3.67
CA LYS G 357 -39.11 28.09 -2.24
C LYS G 357 -37.88 27.37 -1.67
N VAL G 358 -37.40 26.37 -2.40
CA VAL G 358 -36.18 25.64 -2.03
C VAL G 358 -35.00 26.62 -1.90
N CYS G 359 -34.81 27.43 -2.94
CA CYS G 359 -33.71 28.38 -3.02
C CYS G 359 -33.77 29.44 -1.94
N LEU G 360 -34.99 29.80 -1.54
CA LEU G 360 -35.21 30.69 -0.40
C LEU G 360 -34.70 30.04 0.88
N ARG G 361 -35.00 28.75 1.07
CA ARG G 361 -34.60 28.00 2.28
C ARG G 361 -33.10 27.69 2.26
N LEU G 362 -32.52 27.45 1.08
CA LEU G 362 -31.08 27.29 0.93
C LEU G 362 -30.35 28.53 1.43
N ARG G 363 -30.90 29.70 1.07
CA ARG G 363 -30.40 31.04 1.49
C ARG G 363 -30.42 31.14 3.02
N ASP G 364 -31.53 30.71 3.63
CA ASP G 364 -31.68 30.70 5.09
C ASP G 364 -30.73 29.73 5.80
N ASN G 365 -30.20 28.74 5.07
CA ASN G 365 -29.20 27.80 5.59
C ASN G 365 -27.77 28.08 5.10
N GLY G 366 -27.56 29.28 4.53
CA GLY G 366 -26.24 29.76 4.14
C GLY G 366 -25.70 29.23 2.82
N LEU G 367 -26.60 29.02 1.85
CA LEU G 367 -26.21 28.62 0.49
C LEU G 367 -27.01 29.41 -0.53
N LEU G 368 -26.34 29.97 -1.55
CA LEU G 368 -26.96 30.77 -2.61
C LEU G 368 -26.96 30.06 -3.96
N ALA G 369 -28.18 29.85 -4.48
CA ALA G 369 -28.42 29.22 -5.77
C ALA G 369 -29.76 29.73 -6.30
N LYS G 370 -29.91 29.77 -7.63
CA LYS G 370 -31.12 30.31 -8.23
C LYS G 370 -31.77 29.30 -9.16
N PRO G 371 -33.12 29.22 -9.20
CA PRO G 371 -33.80 28.37 -10.17
C PRO G 371 -33.82 29.03 -11.56
N THR G 372 -33.81 28.21 -12.62
CA THR G 372 -33.69 28.71 -14.00
C THR G 372 -34.92 28.48 -14.88
N HIS G 373 -35.90 27.72 -14.37
CA HIS G 373 -37.23 27.60 -15.01
C HIS G 373 -38.41 27.57 -13.98
N GLY G 374 -38.14 27.05 -12.77
CA GLY G 374 -39.17 26.91 -11.76
C GLY G 374 -39.18 25.53 -11.17
N ASP G 375 -38.51 24.58 -11.84
CA ASP G 375 -38.22 23.26 -11.28
C ASP G 375 -36.71 22.94 -11.20
N ILE G 376 -35.87 23.76 -11.84
CA ILE G 376 -34.44 23.48 -11.97
C ILE G 376 -33.55 24.42 -11.15
N ILE G 377 -32.86 23.87 -10.14
CA ILE G 377 -31.88 24.60 -9.34
C ILE G 377 -30.48 24.22 -9.78
N ARG G 378 -29.65 25.25 -10.02
CA ARG G 378 -28.29 25.11 -10.58
C ARG G 378 -27.26 25.13 -9.43
N PHE G 379 -26.27 24.23 -9.51
CA PHE G 379 -25.24 24.10 -8.51
C PHE G 379 -23.88 24.26 -9.18
N ALA G 380 -23.39 25.50 -9.19
CA ALA G 380 -22.16 25.90 -9.86
C ALA G 380 -21.26 26.72 -8.94
N PRO G 381 -20.55 26.08 -7.99
CA PRO G 381 -19.61 26.78 -7.10
C PRO G 381 -18.34 27.21 -7.84
N PRO G 382 -17.57 28.19 -7.30
CA PRO G 382 -16.26 28.51 -7.88
C PRO G 382 -15.32 27.30 -7.88
N LEU G 383 -14.39 27.24 -8.84
CA LEU G 383 -13.56 26.05 -9.04
C LEU G 383 -12.39 25.93 -8.06
N VAL G 384 -12.15 26.98 -7.27
CA VAL G 384 -11.13 26.98 -6.22
C VAL G 384 -11.62 26.32 -4.92
N ILE G 385 -12.86 25.81 -4.94
CA ILE G 385 -13.45 25.11 -3.80
C ILE G 385 -12.76 23.77 -3.60
N LYS G 386 -12.52 23.41 -2.33
CA LYS G 386 -11.88 22.14 -1.94
C LYS G 386 -12.89 21.16 -1.36
N GLU G 387 -12.42 19.91 -1.20
CA GLU G 387 -13.29 18.76 -0.90
C GLU G 387 -14.12 18.89 0.38
N ASP G 388 -13.51 19.40 1.45
CA ASP G 388 -14.21 19.60 2.73
C ASP G 388 -15.30 20.67 2.60
N GLU G 389 -14.94 21.83 2.05
CA GLU G 389 -15.88 22.92 1.79
C GLU G 389 -17.10 22.43 1.01
N LEU G 390 -16.85 21.63 -0.04
CA LEU G 390 -17.91 21.08 -0.89
C LEU G 390 -18.83 20.18 -0.07
N ARG G 391 -18.23 19.41 0.85
CA ARG G 391 -18.95 18.43 1.71
C ARG G 391 -19.75 19.16 2.80
N GLU G 392 -19.35 20.38 3.18
CA GLU G 392 -20.16 21.20 4.08
C GLU G 392 -21.43 21.68 3.35
N SER G 393 -21.24 22.17 2.12
CA SER G 393 -22.33 22.64 1.26
C SER G 393 -23.36 21.56 0.95
N ILE G 394 -22.88 20.35 0.64
CA ILE G 394 -23.75 19.22 0.36
C ILE G 394 -24.66 18.91 1.56
N GLU G 395 -24.09 18.96 2.77
CA GLU G 395 -24.86 18.77 3.99
C GLU G 395 -25.96 19.85 4.12
N ILE G 396 -25.64 21.09 3.71
CA ILE G 396 -26.62 22.17 3.68
C ILE G 396 -27.75 21.89 2.67
N ILE G 397 -27.39 21.30 1.51
CA ILE G 397 -28.37 20.94 0.49
C ILE G 397 -29.30 19.84 1.01
N ASN G 398 -28.71 18.71 1.44
CA ASN G 398 -29.46 17.60 1.98
C ASN G 398 -30.44 18.05 3.06
N LYS G 399 -29.91 18.76 4.06
CA LYS G 399 -30.71 19.28 5.18
C LYS G 399 -31.94 20.03 4.68
N THR G 400 -31.71 20.95 3.73
CA THR G 400 -32.75 21.82 3.22
C THR G 400 -33.81 21.09 2.41
N ILE G 401 -33.35 20.19 1.53
CA ILE G 401 -34.26 19.38 0.69
C ILE G 401 -35.14 18.47 1.53
N LEU G 402 -34.57 17.90 2.60
CA LEU G 402 -35.28 16.92 3.44
C LEU G 402 -36.21 17.56 4.49
N SER G 403 -36.10 18.88 4.66
CA SER G 403 -36.87 19.62 5.66
C SER G 403 -38.31 19.95 5.23
N PHE G 404 -38.60 19.79 3.94
CA PHE G 404 -39.93 20.07 3.40
C PHE G 404 -40.89 18.91 3.63
N GLY H 1 -27.27 53.05 44.21
CA GLY H 1 -26.70 52.15 43.15
C GLY H 1 -27.37 52.30 41.79
N PRO H 2 -26.96 53.28 40.95
CA PRO H 2 -27.48 53.43 39.59
C PRO H 2 -27.15 52.27 38.66
N PRO H 3 -28.15 51.56 38.07
CA PRO H 3 -27.87 50.35 37.29
C PRO H 3 -27.42 50.56 35.83
N THR H 4 -27.64 51.74 35.24
CA THR H 4 -27.34 51.96 33.80
C THR H 4 -25.90 52.42 33.50
N SER H 5 -25.46 52.10 32.28
CA SER H 5 -24.07 52.28 31.83
C SER H 5 -23.56 53.72 31.89
N ASP H 6 -24.39 54.66 31.42
CA ASP H 6 -24.07 56.09 31.48
C ASP H 6 -23.94 56.59 32.93
N ASP H 7 -24.74 56.01 33.84
CA ASP H 7 -24.69 56.37 35.25
C ASP H 7 -23.44 55.84 35.94
N ILE H 8 -22.93 54.70 35.45
CA ILE H 8 -21.66 54.14 35.92
C ILE H 8 -20.49 55.04 35.53
N PHE H 9 -20.54 55.62 34.31
CA PHE H 9 -19.50 56.52 33.83
C PHE H 9 -19.49 57.80 34.66
N GLU H 10 -20.64 58.47 34.72
CA GLU H 10 -20.79 59.75 35.39
C GLU H 10 -20.55 59.71 36.92
N ARG H 11 -20.83 58.56 37.53
CA ARG H 11 -20.57 58.32 38.98
C ARG H 11 -19.07 58.20 39.21
N GLU H 12 -18.38 57.42 38.37
CA GLU H 12 -16.91 57.33 38.39
C GLU H 12 -16.22 58.66 38.07
N TYR H 13 -16.85 59.48 37.24
CA TYR H 13 -16.37 60.83 36.83
C TYR H 13 -16.40 61.78 38.04
N LYS H 14 -17.46 61.71 38.85
CA LYS H 14 -17.62 62.60 40.00
C LYS H 14 -16.70 62.25 41.16
N TYR H 15 -16.69 60.98 41.55
CA TYR H 15 -16.13 60.48 42.84
C TYR H 15 -14.78 59.77 42.64
N GLY H 16 -14.39 59.49 41.39
CA GLY H 16 -13.11 58.88 41.06
C GLY H 16 -12.17 59.81 40.33
N ALA H 17 -10.87 59.55 40.44
CA ALA H 17 -9.85 60.33 39.74
C ALA H 17 -9.92 60.06 38.25
N HIS H 18 -9.51 61.05 37.46
CA HIS H 18 -9.54 61.00 36.00
C HIS H 18 -8.18 60.60 35.42
N ASN H 19 -7.63 59.50 35.93
CA ASN H 19 -6.31 58.98 35.55
C ASN H 19 -6.33 57.94 34.42
N TYR H 20 -7.53 57.59 33.97
CA TYR H 20 -7.79 56.73 32.79
C TYR H 20 -8.85 57.38 31.90
N HIS H 21 -8.83 57.09 30.60
CA HIS H 21 -9.93 57.34 29.66
C HIS H 21 -10.30 55.98 29.08
N PRO H 22 -11.13 55.18 29.79
CA PRO H 22 -11.49 53.84 29.34
C PRO H 22 -12.42 53.82 28.13
N LEU H 23 -12.48 52.68 27.44
CA LEU H 23 -13.44 52.46 26.36
C LEU H 23 -14.82 52.48 27.00
N PRO H 24 -15.76 53.35 26.57
CA PRO H 24 -17.07 53.44 27.19
C PRO H 24 -17.82 52.09 27.14
N VAL H 25 -17.64 51.26 28.17
CA VAL H 25 -18.35 49.99 28.33
C VAL H 25 -18.29 49.58 29.81
N ALA H 26 -19.48 49.46 30.43
CA ALA H 26 -19.62 49.12 31.83
C ALA H 26 -19.94 47.63 31.98
N LEU H 27 -18.96 46.86 32.44
CA LEU H 27 -19.10 45.41 32.63
C LEU H 27 -19.58 45.04 34.02
N GLU H 28 -20.37 43.96 34.09
CA GLU H 28 -20.95 43.45 35.33
C GLU H 28 -20.54 41.99 35.64
N ARG H 29 -20.31 41.20 34.59
CA ARG H 29 -20.10 39.73 34.70
C ARG H 29 -18.97 39.33 33.76
N GLY H 30 -18.23 38.27 34.10
CA GLY H 30 -17.18 37.73 33.27
C GLY H 30 -17.05 36.23 33.53
N LYS H 31 -16.88 35.46 32.46
CA LYS H 31 -16.66 34.02 32.53
C LYS H 31 -15.93 33.54 31.28
N GLY H 32 -14.87 32.75 31.49
CA GLY H 32 -13.98 32.34 30.43
C GLY H 32 -13.52 33.50 29.56
N ILE H 33 -13.94 33.47 28.29
CA ILE H 33 -13.50 34.41 27.26
C ILE H 33 -14.48 35.55 27.07
N TYR H 34 -15.60 35.50 27.81
CA TYR H 34 -16.80 36.35 27.61
C TYR H 34 -16.94 37.35 28.77
N LEU H 35 -17.44 38.54 28.43
CA LEU H 35 -17.79 39.59 29.38
C LEU H 35 -19.20 40.07 29.04
N TRP H 36 -19.98 40.43 30.06
CA TRP H 36 -21.33 40.94 29.89
C TRP H 36 -21.44 42.32 30.51
N ASP H 37 -22.16 43.22 29.86
CA ASP H 37 -22.37 44.56 30.37
C ASP H 37 -23.71 44.66 31.12
N VAL H 38 -23.91 45.77 31.82
CA VAL H 38 -25.07 45.97 32.69
C VAL H 38 -26.43 46.05 31.98
N GLU H 39 -26.43 46.29 30.66
CA GLU H 39 -27.63 46.13 29.82
C GLU H 39 -27.76 44.73 29.19
N GLY H 40 -26.90 43.80 29.63
CA GLY H 40 -26.99 42.41 29.29
C GLY H 40 -26.34 41.98 27.98
N ARG H 41 -25.62 42.91 27.33
CA ARG H 41 -24.91 42.65 26.05
C ARG H 41 -23.70 41.76 26.33
N LYS H 42 -23.26 41.00 25.33
CA LYS H 42 -22.19 40.02 25.46
C LYS H 42 -21.04 40.35 24.52
N TYR H 43 -19.81 40.21 25.02
CA TYR H 43 -18.55 40.61 24.33
C TYR H 43 -17.49 39.51 24.47
N PHE H 44 -16.78 39.18 23.40
CA PHE H 44 -15.48 38.50 23.51
C PHE H 44 -14.52 39.49 24.12
N ASP H 45 -13.70 39.03 25.07
CA ASP H 45 -12.61 39.83 25.62
C ASP H 45 -11.30 39.54 24.88
N PHE H 46 -10.80 40.55 24.17
CA PHE H 46 -9.52 40.47 23.44
C PHE H 46 -8.45 41.35 24.04
N LEU H 47 -8.54 41.56 25.36
CA LEU H 47 -7.47 42.22 26.14
C LEU H 47 -6.94 41.32 27.27
N SER H 48 -7.81 40.46 27.81
CA SER H 48 -7.50 39.57 28.93
C SER H 48 -6.84 40.30 30.10
N SER H 49 -7.30 41.52 30.38
CA SER H 49 -6.74 42.41 31.38
C SER H 49 -5.23 42.42 31.30
N TYR H 50 -4.71 42.77 30.11
CA TYR H 50 -3.27 42.82 29.77
C TYR H 50 -2.59 41.50 30.19
N SER H 51 -3.30 40.38 30.03
CA SER H 51 -2.83 39.01 30.30
C SER H 51 -3.05 38.46 31.71
N ALA H 52 -3.80 39.19 32.54
CA ALA H 52 -4.11 38.76 33.91
C ALA H 52 -5.07 37.58 33.95
N VAL H 53 -5.95 37.46 32.94
CA VAL H 53 -6.92 36.38 32.85
C VAL H 53 -6.63 35.41 31.71
N ASN H 54 -5.40 34.90 31.66
CA ASN H 54 -5.01 33.88 30.68
C ASN H 54 -5.94 32.67 30.78
N GLN H 55 -6.36 32.38 32.02
CA GLN H 55 -7.17 31.22 32.34
C GLN H 55 -8.67 31.46 32.13
N GLY H 56 -9.02 32.62 31.58
CA GLY H 56 -10.39 33.06 31.42
C GLY H 56 -10.86 33.62 32.73
N HIS H 57 -11.90 34.47 32.67
CA HIS H 57 -12.43 35.10 33.86
C HIS H 57 -13.03 34.05 34.78
N CYS H 58 -12.80 34.23 36.10
CA CYS H 58 -13.39 33.40 37.15
C CYS H 58 -13.27 31.90 36.90
N HIS H 59 -12.11 31.46 36.40
CA HIS H 59 -11.87 30.03 36.18
C HIS H 59 -12.25 29.26 37.44
N PRO H 60 -13.19 28.29 37.36
CA PRO H 60 -13.72 27.60 38.54
C PRO H 60 -12.71 27.04 39.54
N LYS H 61 -11.61 26.44 39.05
CA LYS H 61 -10.62 25.84 39.94
C LYS H 61 -9.88 26.90 40.75
N ILE H 62 -9.67 28.07 40.14
CA ILE H 62 -9.00 29.18 40.81
C ILE H 62 -9.98 29.83 41.79
N VAL H 63 -11.26 29.90 41.39
CA VAL H 63 -12.32 30.43 42.26
C VAL H 63 -12.43 29.59 43.53
N ASN H 64 -12.51 28.26 43.38
CA ASN H 64 -12.63 27.35 44.51
C ASN H 64 -11.46 27.43 45.48
N ALA H 65 -10.24 27.58 44.95
CA ALA H 65 -9.02 27.74 45.75
C ALA H 65 -9.15 28.98 46.67
N LEU H 66 -9.65 30.08 46.10
CA LEU H 66 -9.91 31.31 46.83
C LEU H 66 -10.98 31.10 47.89
N LYS H 67 -12.11 30.49 47.48
CA LYS H 67 -13.24 30.23 48.37
C LYS H 67 -12.90 29.32 49.55
N SER H 68 -11.99 28.38 49.31
CA SER H 68 -11.56 27.41 50.32
C SER H 68 -10.68 28.04 51.38
N GLN H 69 -9.77 28.92 50.96
CA GLN H 69 -8.73 29.47 51.83
C GLN H 69 -9.25 30.64 52.69
N VAL H 70 -10.21 31.41 52.15
CA VAL H 70 -10.82 32.54 52.85
C VAL H 70 -11.44 32.13 54.18
N ASP H 71 -12.03 30.93 54.23
CA ASP H 71 -12.62 30.40 55.44
C ASP H 71 -11.60 30.00 56.53
N LYS H 72 -10.31 29.98 56.17
CA LYS H 72 -9.24 29.49 57.04
C LYS H 72 -8.36 30.63 57.56
N LEU H 73 -7.71 31.33 56.62
CA LEU H 73 -6.73 32.35 56.94
C LEU H 73 -6.34 33.12 55.66
N THR H 74 -6.21 34.44 55.78
CA THR H 74 -5.97 35.32 54.63
C THR H 74 -4.74 36.23 54.73
N LEU H 75 -4.34 36.56 55.96
CA LEU H 75 -3.23 37.47 56.21
C LEU H 75 -2.79 37.46 57.67
N THR H 76 -1.55 37.01 57.90
CA THR H 76 -0.88 37.09 59.20
C THR H 76 0.18 38.19 59.22
N SER H 77 0.50 38.73 58.03
CA SER H 77 1.75 39.47 57.82
C SER H 77 2.88 38.46 57.95
N ARG H 78 4.09 38.85 57.52
CA ARG H 78 5.29 37.97 57.54
C ARG H 78 6.07 38.20 58.84
N ALA H 79 5.44 38.79 59.85
CA ALA H 79 5.93 38.79 61.22
C ALA H 79 5.90 37.37 61.76
N PHE H 80 4.99 36.56 61.22
CA PHE H 80 4.88 35.15 61.49
C PHE H 80 4.97 34.39 60.16
N TYR H 81 5.07 33.07 60.26
CA TYR H 81 4.98 32.11 59.12
C TYR H 81 3.53 31.66 58.97
N ASN H 82 3.08 31.44 57.73
CA ASN H 82 1.82 30.78 57.45
C ASN H 82 2.15 29.46 56.74
N ASN H 83 1.18 28.54 56.73
CA ASN H 83 1.39 27.18 56.23
C ASN H 83 1.47 27.06 54.70
N VAL H 84 0.91 28.04 54.00
CA VAL H 84 0.70 27.97 52.56
C VAL H 84 1.90 28.41 51.74
N LEU H 85 2.52 29.53 52.15
CA LEU H 85 3.60 30.17 51.41
C LEU H 85 4.67 29.21 50.92
N GLY H 86 5.26 28.46 51.85
CA GLY H 86 6.35 27.55 51.54
C GLY H 86 5.99 26.48 50.53
N GLU H 87 4.71 26.11 50.51
CA GLU H 87 4.17 25.16 49.54
C GLU H 87 4.23 25.77 48.14
N TYR H 88 3.71 27.00 48.02
CA TYR H 88 3.76 27.83 46.79
C TYR H 88 5.20 28.00 46.34
N GLU H 89 6.10 28.36 47.25
CA GLU H 89 7.51 28.58 46.94
C GLU H 89 8.18 27.33 46.35
N GLU H 90 7.85 26.16 46.91
CA GLU H 90 8.42 24.90 46.43
C GLU H 90 7.98 24.58 45.00
N TYR H 91 6.72 24.89 44.69
CA TYR H 91 6.07 24.67 43.37
C TYR H 91 6.66 25.62 42.33
N ILE H 92 6.56 26.94 42.56
CA ILE H 92 6.97 27.92 41.56
C ILE H 92 8.46 27.82 41.23
N THR H 93 9.29 27.57 42.24
CA THR H 93 10.73 27.46 42.05
C THR H 93 11.09 26.22 41.24
N LYS H 94 10.44 25.09 41.54
CA LYS H 94 10.70 23.82 40.85
C LYS H 94 10.13 23.82 39.43
N LEU H 95 9.07 24.60 39.22
CA LEU H 95 8.42 24.75 37.94
C LEU H 95 9.34 25.48 36.96
N PHE H 96 9.92 26.60 37.42
CA PHE H 96 10.76 27.47 36.57
C PHE H 96 12.26 27.20 36.71
N ASN H 97 12.63 26.34 37.68
CA ASN H 97 14.00 25.88 37.86
C ASN H 97 14.95 27.01 38.29
N TYR H 98 14.57 27.69 39.39
CA TYR H 98 15.41 28.69 40.10
C TYR H 98 15.41 28.34 41.58
N HIS H 99 16.48 28.66 42.31
CA HIS H 99 16.59 28.29 43.72
C HIS H 99 15.44 28.86 44.54
N LYS H 100 15.23 30.17 44.44
CA LYS H 100 14.31 30.88 45.31
C LYS H 100 13.41 31.86 44.58
N VAL H 101 12.31 32.21 45.25
CA VAL H 101 11.33 33.19 44.79
C VAL H 101 11.15 34.20 45.90
N LEU H 102 10.92 35.46 45.54
CA LEU H 102 10.55 36.51 46.49
C LEU H 102 9.12 36.95 46.15
N PRO H 103 8.13 36.70 47.04
CA PRO H 103 6.74 37.01 46.73
C PRO H 103 6.37 38.49 46.96
N MET H 104 5.71 39.10 45.99
CA MET H 104 5.21 40.45 46.09
C MET H 104 3.78 40.45 45.55
N ASN H 105 3.18 41.63 45.48
CA ASN H 105 1.76 41.79 45.15
C ASN H 105 1.50 42.19 43.72
N THR H 106 1.94 43.40 43.37
CA THR H 106 1.70 44.00 42.06
C THR H 106 2.99 43.89 41.23
N GLY H 107 2.85 44.11 39.93
CA GLY H 107 3.94 43.99 38.98
C GLY H 107 5.06 44.97 39.20
N VAL H 108 4.72 46.25 39.46
CA VAL H 108 5.69 47.29 39.78
C VAL H 108 6.61 46.89 40.92
N GLU H 109 6.03 46.25 41.94
CA GLU H 109 6.75 45.81 43.13
C GLU H 109 7.77 44.74 42.86
N ALA H 110 7.50 43.90 41.86
CA ALA H 110 8.45 42.89 41.41
C ALA H 110 9.61 43.56 40.73
N GLY H 111 9.31 44.55 39.89
CA GLY H 111 10.33 45.37 39.24
C GLY H 111 11.22 46.09 40.26
N GLU H 112 10.60 46.80 41.19
CA GLU H 112 11.32 47.49 42.28
C GLU H 112 12.21 46.55 43.05
N THR H 113 11.74 45.31 43.26
CA THR H 113 12.50 44.29 43.98
C THR H 113 13.70 43.84 43.18
N ALA H 114 13.51 43.68 41.87
CA ALA H 114 14.60 43.29 40.96
C ALA H 114 15.73 44.33 40.89
N CYS H 115 15.35 45.61 40.94
CA CYS H 115 16.33 46.71 40.90
C CYS H 115 17.13 46.71 42.19
N LYS H 116 16.44 46.52 43.31
CA LYS H 116 17.07 46.44 44.62
C LYS H 116 18.06 45.29 44.68
N LEU H 117 17.66 44.11 44.18
CA LEU H 117 18.59 42.96 44.03
C LEU H 117 19.76 43.30 43.11
N ALA H 118 19.46 43.87 41.94
CA ALA H 118 20.49 44.21 40.95
C ALA H 118 21.53 45.07 41.60
N ARG H 119 21.05 46.10 42.29
CA ARG H 119 21.91 47.08 42.99
C ARG H 119 22.67 46.37 44.11
N LYS H 120 21.98 45.71 45.04
CA LYS H 120 22.62 45.03 46.19
C LYS H 120 23.74 44.10 45.76
N TRP H 121 23.45 43.29 44.73
CA TRP H 121 24.40 42.35 44.16
C TRP H 121 25.56 43.13 43.53
N GLY H 122 25.24 44.23 42.86
CA GLY H 122 26.23 45.12 42.25
C GLY H 122 27.26 45.58 43.24
N TYR H 123 26.80 46.05 44.40
CA TYR H 123 27.67 46.60 45.48
C TYR H 123 28.38 45.45 46.21
N THR H 124 27.65 44.41 46.60
CA THR H 124 28.21 43.38 47.49
C THR H 124 29.00 42.26 46.76
N VAL H 125 28.56 41.90 45.55
CA VAL H 125 29.16 40.81 44.79
C VAL H 125 30.09 41.30 43.69
N LYS H 126 29.66 42.30 42.93
CA LYS H 126 30.45 42.83 41.83
C LYS H 126 31.52 43.84 42.28
N GLY H 127 31.26 44.54 43.38
CA GLY H 127 32.21 45.45 43.99
C GLY H 127 32.20 46.86 43.41
N ILE H 128 31.04 47.27 42.88
CA ILE H 128 30.82 48.60 42.34
C ILE H 128 30.83 49.56 43.52
N GLN H 129 31.39 50.75 43.31
CA GLN H 129 31.46 51.78 44.32
C GLN H 129 30.06 52.21 44.67
N LYS H 130 29.83 52.41 45.98
CA LYS H 130 28.49 52.59 46.49
C LYS H 130 27.83 53.85 45.90
N TYR H 131 26.80 53.54 45.11
CA TYR H 131 25.66 54.38 44.65
C TYR H 131 25.98 54.89 43.24
N LYS H 132 27.00 54.27 42.62
CA LYS H 132 27.30 54.41 41.20
C LYS H 132 26.74 53.26 40.32
N ALA H 133 26.09 52.26 40.92
CA ALA H 133 25.50 51.16 40.16
C ALA H 133 24.40 51.61 39.23
N LYS H 134 24.42 51.10 37.99
CA LYS H 134 23.47 51.48 36.95
C LYS H 134 22.66 50.30 36.47
N ILE H 135 21.43 50.59 36.04
CA ILE H 135 20.53 49.61 35.42
C ILE H 135 20.17 50.18 34.06
N VAL H 136 20.37 49.36 33.02
CA VAL H 136 19.95 49.73 31.67
C VAL H 136 18.55 49.16 31.41
N PHE H 137 17.74 49.97 30.72
CA PHE H 137 16.41 49.59 30.24
C PHE H 137 16.38 49.85 28.75
N ALA H 138 15.30 49.44 28.11
CA ALA H 138 15.09 49.62 26.67
C ALA H 138 13.98 50.60 26.38
N ALA H 139 14.14 51.40 25.34
CA ALA H 139 13.16 52.43 24.99
C ALA H 139 11.82 51.73 24.69
N GLY H 140 10.72 52.34 25.13
CA GLY H 140 9.41 51.73 25.11
C GLY H 140 9.06 50.80 26.27
N ASN H 141 10.00 50.57 27.18
CA ASN H 141 9.75 49.69 28.33
C ASN H 141 8.62 50.23 29.20
N PHE H 142 7.95 49.32 29.92
CA PHE H 142 6.89 49.72 30.82
C PHE H 142 6.82 48.67 31.89
N TRP H 143 6.94 49.10 33.15
CA TRP H 143 6.91 48.18 34.24
C TRP H 143 6.30 48.72 35.50
N GLY H 144 5.42 49.71 35.37
CA GLY H 144 4.69 50.28 36.50
C GLY H 144 4.68 51.81 36.55
N ARG H 145 4.05 52.38 37.57
CA ARG H 145 3.76 53.84 37.67
C ARG H 145 4.38 54.41 38.95
N THR H 146 5.35 53.73 39.57
CA THR H 146 6.12 54.33 40.65
C THR H 146 7.06 55.39 40.09
N LEU H 147 7.60 56.24 40.97
CA LEU H 147 8.56 57.25 40.57
C LEU H 147 9.78 56.66 39.86
N SER H 148 10.17 55.44 40.28
CA SER H 148 11.30 54.73 39.70
C SER H 148 10.94 54.20 38.33
N ALA H 149 9.79 53.52 38.24
CA ALA H 149 9.32 52.99 36.97
C ALA H 149 9.27 54.06 35.90
N ILE H 150 8.63 55.19 36.20
CA ILE H 150 8.50 56.29 35.24
C ILE H 150 9.82 57.01 34.94
N SER H 151 10.82 56.84 35.80
CA SER H 151 12.15 57.43 35.61
C SER H 151 12.94 56.74 34.48
N SER H 152 12.48 55.56 34.04
CA SER H 152 13.10 54.80 32.96
C SER H 152 12.19 54.71 31.73
N SER H 153 11.20 55.61 31.68
CA SER H 153 10.20 55.63 30.63
C SER H 153 10.62 56.64 29.59
N THR H 154 10.46 56.26 28.31
CA THR H 154 10.64 57.16 27.20
C THR H 154 9.33 57.78 26.75
N ASP H 155 8.25 57.48 27.49
CA ASP H 155 6.93 58.03 27.22
C ASP H 155 6.70 59.31 28.01
N PRO H 156 6.60 60.48 27.35
CA PRO H 156 6.36 61.75 28.06
C PRO H 156 5.13 61.74 28.97
N THR H 157 4.07 61.04 28.59
CA THR H 157 2.83 61.01 29.39
C THR H 157 3.07 60.43 30.78
N SER H 158 4.00 59.47 30.88
CA SER H 158 4.32 58.80 32.14
C SER H 158 5.19 59.58 33.11
N TYR H 159 6.16 60.34 32.62
CA TYR H 159 7.18 61.01 33.47
C TYR H 159 6.92 62.52 33.54
N ASP H 160 6.38 63.14 32.49
CA ASP H 160 6.24 64.61 32.46
C ASP H 160 5.42 65.05 33.67
N GLY H 161 6.01 65.94 34.49
CA GLY H 161 5.35 66.52 35.64
C GLY H 161 5.56 65.78 36.96
N PHE H 162 6.25 64.65 36.91
CA PHE H 162 6.42 63.76 38.06
C PHE H 162 7.83 63.83 38.68
N GLY H 163 8.48 64.98 38.49
CA GLY H 163 9.34 65.58 39.49
C GLY H 163 10.67 64.90 39.30
N PRO H 164 11.68 65.19 40.14
CA PRO H 164 13.04 64.72 39.88
C PRO H 164 13.03 63.19 39.74
N PHE H 165 13.86 62.66 38.86
CA PHE H 165 13.85 61.24 38.50
C PHE H 165 14.94 60.48 39.19
N MET H 166 14.72 59.17 39.35
CA MET H 166 15.70 58.31 40.01
C MET H 166 16.95 58.32 39.14
N PRO H 167 18.13 58.65 39.70
CA PRO H 167 19.41 58.46 38.99
C PRO H 167 19.77 56.98 38.81
N GLY H 168 20.75 56.71 37.94
CA GLY H 168 21.31 55.39 37.72
C GLY H 168 20.54 54.54 36.72
N PHE H 169 19.61 55.15 35.97
CA PHE H 169 18.84 54.46 34.95
C PHE H 169 19.24 55.00 33.57
N ASP H 170 19.97 54.17 32.79
CA ASP H 170 20.28 54.46 31.40
C ASP H 170 19.27 53.79 30.50
N ILE H 171 19.02 54.39 29.34
CA ILE H 171 18.04 53.91 28.38
C ILE H 171 18.65 53.81 26.99
N ILE H 172 18.52 52.64 26.35
CA ILE H 172 19.03 52.36 25.02
C ILE H 172 17.87 51.93 24.13
N PRO H 173 18.02 51.94 22.78
CA PRO H 173 16.97 51.44 21.90
C PRO H 173 16.73 49.95 22.11
N TYR H 174 15.49 49.50 21.94
CA TYR H 174 15.04 48.09 22.06
C TYR H 174 15.46 47.36 20.79
N ASN H 175 15.74 46.06 20.90
CA ASN H 175 16.03 45.27 19.73
C ASN H 175 17.29 45.75 19.00
N ASP H 176 18.35 45.99 19.78
CA ASP H 176 19.57 46.65 19.31
C ASP H 176 20.75 46.18 20.17
N LEU H 177 21.45 45.15 19.67
CA LEU H 177 22.55 44.52 20.34
C LEU H 177 23.82 45.36 20.37
N PRO H 178 24.15 46.12 19.28
CA PRO H 178 25.24 47.09 19.34
C PRO H 178 25.07 48.15 20.45
N ALA H 179 23.87 48.67 20.63
CA ALA H 179 23.55 49.60 21.72
C ALA H 179 23.79 49.00 23.11
N LEU H 180 23.34 47.76 23.30
CA LEU H 180 23.56 47.05 24.56
C LEU H 180 25.06 46.83 24.80
N GLU H 181 25.77 46.46 23.75
CA GLU H 181 27.21 46.20 23.85
C GLU H 181 27.95 47.46 24.27
N ARG H 182 27.64 48.58 23.61
CA ARG H 182 28.17 49.92 23.92
C ARG H 182 27.95 50.22 25.41
N ALA H 183 26.71 50.01 25.89
CA ALA H 183 26.31 50.42 27.24
C ALA H 183 27.02 49.60 28.30
N LEU H 184 27.12 48.29 28.08
CA LEU H 184 27.75 47.39 29.03
C LEU H 184 29.25 47.53 29.13
N GLN H 185 29.82 48.47 28.37
CA GLN H 185 31.25 48.83 28.52
C GLN H 185 31.56 49.52 29.85
N ASP H 186 30.53 50.10 30.49
CA ASP H 186 30.69 50.77 31.78
C ASP H 186 30.63 49.75 32.91
N PRO H 187 31.74 49.55 33.67
CA PRO H 187 31.80 48.48 34.66
C PRO H 187 30.75 48.63 35.78
N ASN H 188 30.24 49.85 35.98
CA ASN H 188 29.25 50.14 37.00
C ASN H 188 27.82 49.71 36.67
N VAL H 189 27.58 49.21 35.44
CA VAL H 189 26.29 48.68 35.08
C VAL H 189 26.10 47.35 35.83
N ALA H 190 24.92 47.20 36.47
CA ALA H 190 24.61 46.07 37.33
C ALA H 190 23.71 45.07 36.65
N ALA H 191 22.68 45.58 35.99
CA ALA H 191 21.63 44.80 35.35
C ALA H 191 21.19 45.47 34.05
N PHE H 192 20.56 44.67 33.18
CA PHE H 192 19.80 45.15 32.03
C PHE H 192 18.43 44.55 32.18
N MET H 193 17.40 45.40 32.31
CA MET H 193 16.01 44.94 32.45
C MET H 193 15.28 45.12 31.14
N VAL H 194 14.70 44.04 30.65
CA VAL H 194 14.05 44.04 29.35
C VAL H 194 12.91 43.02 29.27
N GLU H 195 11.90 43.36 28.44
CA GLU H 195 10.78 42.50 28.12
C GLU H 195 11.09 41.73 26.83
N PRO H 196 10.84 40.40 26.78
CA PRO H 196 11.02 39.63 25.55
C PRO H 196 10.13 40.11 24.40
N ILE H 197 8.92 40.59 24.73
CA ILE H 197 8.08 41.34 23.82
C ILE H 197 7.57 42.49 24.66
N GLN H 198 7.60 43.70 24.11
CA GLN H 198 7.11 44.90 24.79
C GLN H 198 5.63 45.04 24.60
N GLY H 199 4.88 44.87 25.70
CA GLY H 199 3.43 44.89 25.66
C GLY H 199 2.90 46.27 25.47
N GLU H 200 2.93 47.06 26.55
CA GLU H 200 2.39 48.42 26.56
C GLU H 200 2.80 49.28 25.37
N ALA H 201 4.01 49.03 24.82
CA ALA H 201 4.57 49.81 23.71
C ALA H 201 3.91 49.52 22.37
N GLY H 202 3.16 48.40 22.29
CA GLY H 202 2.38 48.03 21.13
C GLY H 202 2.75 46.68 20.56
N VAL H 203 2.92 45.70 21.45
CA VAL H 203 3.38 44.37 21.07
C VAL H 203 4.55 44.46 20.08
N VAL H 204 5.68 45.01 20.52
CA VAL H 204 6.90 45.10 19.69
C VAL H 204 7.75 43.84 19.95
N VAL H 205 7.84 42.98 18.94
CA VAL H 205 8.60 41.73 18.95
C VAL H 205 10.02 42.00 18.45
N PRO H 206 11.08 41.56 19.17
CA PRO H 206 12.43 41.72 18.70
C PRO H 206 12.82 40.68 17.64
N ASP H 207 13.89 40.97 16.87
CA ASP H 207 14.34 40.10 15.79
C ASP H 207 14.77 38.78 16.42
N PRO H 208 14.60 37.64 15.70
CA PRO H 208 15.17 36.37 16.13
C PRO H 208 16.64 36.54 16.53
N GLY H 209 17.02 36.01 17.70
CA GLY H 209 18.40 36.03 18.17
C GLY H 209 18.78 37.19 19.08
N TYR H 210 17.83 38.08 19.34
CA TYR H 210 17.99 39.24 20.25
C TYR H 210 18.24 38.77 21.68
N LEU H 211 17.41 37.85 22.18
CA LEU H 211 17.51 37.38 23.56
C LEU H 211 18.76 36.56 23.83
N MET H 212 19.20 35.79 22.82
CA MET H 212 20.47 35.05 22.91
C MET H 212 21.61 36.06 23.02
N GLY H 213 21.57 37.08 22.18
CA GLY H 213 22.51 38.19 22.22
C GLY H 213 22.56 38.89 23.57
N VAL H 214 21.38 39.22 24.11
CA VAL H 214 21.26 39.86 25.41
C VAL H 214 21.90 39.00 26.50
N ARG H 215 21.59 37.70 26.48
CA ARG H 215 22.12 36.68 27.45
C ARG H 215 23.65 36.59 27.31
N GLU H 216 24.16 36.57 26.08
CA GLU H 216 25.59 36.43 25.82
C GLU H 216 26.38 37.66 26.23
N LEU H 217 25.83 38.87 25.99
CA LEU H 217 26.49 40.13 26.34
C LEU H 217 26.47 40.36 27.85
N CYS H 218 25.34 40.05 28.48
CA CYS H 218 25.19 40.16 29.93
C CYS H 218 26.21 39.27 30.65
N THR H 219 26.29 38.01 30.23
CA THR H 219 27.24 37.05 30.80
C THR H 219 28.69 37.50 30.63
N ARG H 220 29.02 38.01 29.44
CA ARG H 220 30.38 38.47 29.05
C ARG H 220 30.85 39.62 29.96
N HIS H 221 29.98 40.62 30.20
CA HIS H 221 30.32 41.80 31.00
C HIS H 221 29.88 41.74 32.46
N GLN H 222 29.50 40.55 32.93
CA GLN H 222 29.13 40.30 34.33
C GLN H 222 28.04 41.27 34.75
N VAL H 223 26.93 41.21 33.99
CA VAL H 223 25.76 42.07 34.21
C VAL H 223 24.58 41.14 34.29
N LEU H 224 23.67 41.43 35.22
CA LEU H 224 22.47 40.62 35.42
C LEU H 224 21.45 40.88 34.35
N PHE H 225 20.90 39.80 33.81
CA PHE H 225 19.84 39.84 32.80
C PHE H 225 18.51 39.65 33.50
N ILE H 226 17.73 40.73 33.59
CA ILE H 226 16.40 40.69 34.19
C ILE H 226 15.32 40.67 33.10
N ALA H 227 14.64 39.52 32.99
CA ALA H 227 13.54 39.34 32.04
C ALA H 227 12.24 39.67 32.73
N ASP H 228 11.61 40.78 32.33
CA ASP H 228 10.29 41.10 32.79
C ASP H 228 9.26 40.32 31.96
N GLU H 229 8.71 39.26 32.56
CA GLU H 229 7.72 38.39 31.93
C GLU H 229 6.36 38.52 32.61
N ILE H 230 6.08 39.70 33.18
CA ILE H 230 4.83 39.96 33.88
C ILE H 230 3.61 39.82 32.95
N GLN H 231 3.80 40.11 31.66
CA GLN H 231 2.75 40.14 30.66
C GLN H 231 2.89 39.08 29.57
N THR H 232 4.14 38.72 29.24
CA THR H 232 4.44 37.74 28.20
C THR H 232 4.58 36.32 28.74
N GLY H 233 4.84 36.21 30.04
CA GLY H 233 5.05 34.93 30.67
C GLY H 233 3.76 34.18 30.87
N LEU H 234 3.87 32.96 31.40
CA LEU H 234 2.74 32.15 31.77
C LEU H 234 1.80 31.89 30.60
N ALA H 235 2.38 31.37 29.52
CA ALA H 235 1.66 30.68 28.46
C ALA H 235 1.19 31.53 27.28
N ARG H 236 1.11 32.85 27.47
CA ARG H 236 0.41 33.74 26.51
C ARG H 236 1.10 33.69 25.14
N THR H 237 2.43 33.83 25.11
CA THR H 237 3.17 33.85 23.83
C THR H 237 3.32 32.45 23.22
N GLY H 238 2.94 31.41 24.00
CA GLY H 238 2.96 30.04 23.55
C GLY H 238 4.04 29.18 24.17
N ARG H 239 4.56 29.63 25.32
CA ARG H 239 5.59 28.94 26.13
C ARG H 239 5.40 29.35 27.60
N TRP H 240 6.08 28.68 28.53
CA TRP H 240 5.98 29.04 29.93
C TRP H 240 6.44 30.47 30.07
N LEU H 241 7.58 30.79 29.45
CA LEU H 241 8.11 32.14 29.36
C LEU H 241 8.47 32.39 27.92
N ALA H 242 8.32 33.62 27.45
CA ALA H 242 8.66 34.02 26.09
C ALA H 242 10.15 33.78 25.79
N VAL H 243 11.01 33.92 26.81
CA VAL H 243 12.43 33.66 26.67
C VAL H 243 12.77 32.21 26.27
N ASP H 244 11.88 31.28 26.63
CA ASP H 244 12.02 29.88 26.24
C ASP H 244 12.11 29.68 24.73
N TYR H 245 11.52 30.59 23.96
CA TYR H 245 11.54 30.56 22.47
C TYR H 245 12.99 30.54 21.96
N GLU H 246 13.92 31.14 22.70
CA GLU H 246 15.35 31.12 22.34
C GLU H 246 16.25 30.39 23.33
N ASN H 247 15.64 29.54 24.17
CA ASN H 247 16.33 28.72 25.17
C ASN H 247 17.29 29.50 26.06
N VAL H 248 16.86 30.68 26.51
CA VAL H 248 17.68 31.57 27.33
C VAL H 248 17.21 31.54 28.76
N ARG H 249 18.19 31.53 29.68
CA ARG H 249 17.96 31.54 31.15
C ARG H 249 18.42 32.87 31.71
N PRO H 250 17.49 33.83 31.91
CA PRO H 250 17.80 35.06 32.64
C PRO H 250 18.26 34.78 34.08
N ASP H 251 19.00 35.74 34.64
CA ASP H 251 19.42 35.72 36.02
C ASP H 251 18.21 35.94 36.93
N ILE H 252 17.36 36.91 36.56
CA ILE H 252 16.14 37.22 37.30
C ILE H 252 14.96 37.25 36.33
N VAL H 253 13.91 36.49 36.65
CA VAL H 253 12.64 36.58 35.95
C VAL H 253 11.56 37.16 36.85
N LEU H 254 10.73 38.04 36.28
CA LEU H 254 9.57 38.60 36.97
C LEU H 254 8.27 38.03 36.43
N LEU H 255 7.39 37.61 37.35
CA LEU H 255 6.08 37.07 37.02
C LEU H 255 5.02 37.86 37.76
N GLY H 256 3.81 37.87 37.19
CA GLY H 256 2.68 38.60 37.76
C GLY H 256 1.41 38.26 37.02
N LYS H 257 0.48 39.19 36.99
CA LYS H 257 -0.81 39.09 36.28
C LYS H 257 -1.51 37.72 36.30
N ALA H 258 -1.09 36.82 35.41
CA ALA H 258 -1.71 35.51 35.24
C ALA H 258 -1.37 34.54 36.37
N LEU H 259 -0.36 34.90 37.18
CA LEU H 259 0.08 34.13 38.33
C LEU H 259 -1.06 33.90 39.31
N SER H 260 -2.09 34.77 39.27
CA SER H 260 -3.29 34.66 40.09
C SER H 260 -4.57 34.27 39.32
N GLY H 261 -4.63 34.58 38.02
CA GLY H 261 -5.81 34.35 37.20
C GLY H 261 -6.83 35.46 37.34
N GLY H 262 -6.39 36.63 37.81
CA GLY H 262 -7.23 37.82 37.97
C GLY H 262 -7.94 37.93 39.29
N LEU H 263 -7.77 36.91 40.15
CA LEU H 263 -8.52 36.79 41.40
C LEU H 263 -7.84 37.45 42.60
N TYR H 264 -6.58 37.88 42.43
CA TYR H 264 -5.72 38.40 43.51
C TYR H 264 -4.42 38.98 42.94
N PRO H 265 -3.92 40.14 43.45
CA PRO H 265 -2.62 40.67 43.06
C PRO H 265 -1.44 39.86 43.65
N VAL H 266 -0.81 39.05 42.81
CA VAL H 266 0.33 38.25 43.17
C VAL H 266 1.39 38.44 42.09
N SER H 267 2.61 38.77 42.52
CA SER H 267 3.77 38.84 41.64
C SER H 267 4.90 38.06 42.31
N ALA H 268 5.90 37.68 41.51
CA ALA H 268 7.02 36.88 41.96
C ALA H 268 8.32 37.36 41.32
N VAL H 269 9.42 37.25 42.08
CA VAL H 269 10.77 37.50 41.58
C VAL H 269 11.61 36.24 41.78
N LEU H 270 12.00 35.60 40.67
CA LEU H 270 12.70 34.31 40.67
C LEU H 270 14.18 34.49 40.34
N CYS H 271 15.06 34.08 41.26
CA CYS H 271 16.50 33.99 40.98
C CYS H 271 17.21 33.01 41.91
N ASP H 272 18.45 32.68 41.56
CA ASP H 272 19.30 31.76 42.33
C ASP H 272 19.92 32.43 43.56
N ASP H 273 20.51 31.59 44.43
CA ASP H 273 21.01 31.95 45.75
C ASP H 273 22.05 33.07 45.79
N ASP H 274 23.00 33.04 44.87
CA ASP H 274 24.07 34.03 44.85
C ASP H 274 23.56 35.46 44.61
N ILE H 275 22.39 35.58 43.98
CA ILE H 275 21.74 36.87 43.79
C ILE H 275 20.72 37.17 44.89
N MET H 276 19.83 36.19 45.15
CA MET H 276 18.71 36.39 46.06
C MET H 276 19.17 36.69 47.47
N LEU H 277 20.18 35.95 47.96
CA LEU H 277 20.65 36.07 49.34
C LEU H 277 21.52 37.28 49.66
N THR H 278 21.71 38.17 48.68
CA THR H 278 22.36 39.46 48.91
C THR H 278 21.48 40.35 49.79
N ILE H 279 20.18 39.99 49.88
CA ILE H 279 19.19 40.68 50.71
C ILE H 279 18.97 39.90 52.01
N LYS H 280 19.51 40.43 53.12
CA LYS H 280 19.43 39.84 54.43
C LYS H 280 18.07 40.09 55.10
N PRO H 281 17.72 39.36 56.18
CA PRO H 281 16.50 39.64 56.94
C PRO H 281 16.28 41.11 57.34
N GLY H 282 15.05 41.60 57.18
CA GLY H 282 14.66 42.95 57.56
C GLY H 282 14.85 44.01 56.48
N GLU H 283 15.52 43.66 55.37
CA GLU H 283 15.93 44.65 54.36
C GLU H 283 14.93 44.88 53.21
N HIS H 284 13.85 44.10 53.16
CA HIS H 284 12.88 44.17 52.07
C HIS H 284 11.63 43.38 52.37
N GLY H 285 10.50 43.84 51.82
CA GLY H 285 9.23 43.13 51.94
C GLY H 285 8.02 43.95 51.58
N SER H 286 6.88 43.56 52.15
CA SER H 286 5.56 44.06 51.76
C SER H 286 4.53 43.37 52.64
N THR H 287 3.57 44.15 53.16
CA THR H 287 2.58 43.60 54.08
C THR H 287 1.89 42.36 53.53
N TYR H 288 1.40 42.42 52.30
CA TYR H 288 0.55 41.37 51.69
C TYR H 288 1.39 40.36 50.87
N GLY H 289 2.68 40.59 50.71
CA GLY H 289 3.56 39.74 49.94
C GLY H 289 3.72 38.39 50.62
N GLY H 290 3.32 37.34 49.92
CA GLY H 290 3.40 35.98 50.40
C GLY H 290 2.22 35.51 51.27
N ASN H 291 1.12 36.27 51.31
CA ASN H 291 0.00 35.96 52.19
C ASN H 291 -0.66 34.63 51.81
N PRO H 292 -1.34 33.94 52.75
CA PRO H 292 -1.86 32.60 52.48
C PRO H 292 -2.87 32.55 51.33
N LEU H 293 -3.73 33.57 51.25
CA LEU H 293 -4.79 33.63 50.26
C LEU H 293 -4.25 33.78 48.83
N GLY H 294 -3.25 34.64 48.66
CA GLY H 294 -2.64 34.89 47.37
C GLY H 294 -1.90 33.69 46.84
N CYS H 295 -1.18 33.00 47.74
CA CYS H 295 -0.41 31.81 47.42
C CYS H 295 -1.27 30.64 46.96
N ARG H 296 -2.42 30.46 47.60
CA ARG H 296 -3.40 29.39 47.26
C ARG H 296 -3.95 29.63 45.85
N VAL H 297 -4.40 30.86 45.57
CA VAL H 297 -4.83 31.24 44.23
C VAL H 297 -3.74 30.98 43.20
N ALA H 298 -2.50 31.33 43.55
CA ALA H 298 -1.35 31.20 42.65
C ALA H 298 -1.06 29.75 42.28
N ILE H 299 -1.06 28.86 43.28
CA ILE H 299 -0.87 27.43 43.04
C ILE H 299 -1.94 26.94 42.04
N ALA H 300 -3.21 27.14 42.39
CA ALA H 300 -4.33 26.80 41.52
C ALA H 300 -4.18 27.38 40.11
N ALA H 301 -3.82 28.66 40.03
CA ALA H 301 -3.70 29.37 38.77
C ALA H 301 -2.61 28.78 37.87
N LEU H 302 -1.50 28.32 38.49
CA LEU H 302 -0.41 27.70 37.77
C LEU H 302 -0.75 26.27 37.33
N GLU H 303 -1.58 25.60 38.13
CA GLU H 303 -2.06 24.26 37.83
C GLU H 303 -2.92 24.25 36.56
N VAL H 304 -3.87 25.19 36.47
CA VAL H 304 -4.70 25.38 35.27
C VAL H 304 -3.86 25.48 33.98
N LEU H 305 -2.81 26.32 34.02
CA LEU H 305 -1.94 26.56 32.86
C LEU H 305 -1.26 25.29 32.33
N GLU H 306 -0.82 24.45 33.28
CA GLU H 306 -0.11 23.23 32.97
C GLU H 306 -1.05 22.15 32.49
N GLU H 307 -2.11 21.90 33.26
CA GLU H 307 -2.99 20.77 33.04
C GLU H 307 -3.99 20.98 31.89
N GLU H 308 -4.21 22.24 31.48
CA GLU H 308 -4.99 22.54 30.28
C GLU H 308 -4.11 22.89 29.05
N ASN H 309 -2.81 22.59 29.14
CA ASN H 309 -1.84 22.80 28.05
C ASN H 309 -2.10 24.09 27.28
N LEU H 310 -2.19 25.21 28.01
CA LEU H 310 -2.63 26.48 27.44
C LEU H 310 -1.61 27.15 26.56
N ALA H 311 -0.32 26.82 26.80
CA ALA H 311 0.78 27.30 25.98
C ALA H 311 0.67 26.73 24.58
N GLU H 312 0.53 25.40 24.53
CA GLU H 312 0.39 24.66 23.29
C GLU H 312 -0.84 25.15 22.50
N ASN H 313 -1.93 25.45 23.22
CA ASN H 313 -3.15 26.00 22.61
C ASN H 313 -2.90 27.39 22.04
N ALA H 314 -2.21 28.21 22.83
CA ALA H 314 -1.93 29.60 22.51
C ALA H 314 -1.06 29.73 21.27
N ASP H 315 0.00 28.90 21.20
CA ASP H 315 0.88 28.85 20.05
C ASP H 315 0.12 28.57 18.76
N LYS H 316 -0.64 27.47 18.72
CA LYS H 316 -1.39 27.06 17.52
C LYS H 316 -2.46 28.07 17.09
N LEU H 317 -3.23 28.59 18.06
CA LEU H 317 -4.30 29.52 17.75
C LEU H 317 -3.77 30.90 17.35
N GLY H 318 -2.61 31.25 17.92
CA GLY H 318 -1.85 32.44 17.55
C GLY H 318 -1.57 32.51 16.05
N ILE H 319 -1.07 31.39 15.51
CA ILE H 319 -0.78 31.24 14.08
C ILE H 319 -2.03 31.51 13.23
N ILE H 320 -3.15 30.90 13.61
CA ILE H 320 -4.40 31.07 12.89
C ILE H 320 -4.80 32.57 12.90
N LEU H 321 -4.86 33.14 14.10
CA LEU H 321 -5.24 34.55 14.27
C LEU H 321 -4.43 35.46 13.36
N ARG H 322 -3.11 35.37 13.44
CA ARG H 322 -2.16 36.20 12.64
C ARG H 322 -2.41 35.95 11.15
N ASN H 323 -2.43 34.70 10.70
CA ASN H 323 -2.64 34.38 9.28
C ASN H 323 -3.90 35.02 8.71
N GLU H 324 -4.97 35.05 9.51
CA GLU H 324 -6.24 35.66 9.12
C GLU H 324 -6.15 37.18 9.06
N LEU H 325 -5.54 37.78 10.09
CA LEU H 325 -5.36 39.24 10.15
C LEU H 325 -4.51 39.79 9.01
N MET H 326 -3.57 38.99 8.50
CA MET H 326 -2.71 39.38 7.39
C MET H 326 -3.45 39.41 6.05
N LYS H 327 -4.63 38.79 5.99
CA LYS H 327 -5.49 38.79 4.80
C LYS H 327 -6.30 40.08 4.64
N LEU H 328 -6.38 40.87 5.71
CA LEU H 328 -7.00 42.20 5.66
C LEU H 328 -6.18 43.11 4.74
N PRO H 329 -6.77 44.19 4.17
CA PRO H 329 -6.10 44.97 3.14
C PRO H 329 -4.99 45.85 3.73
N SER H 330 -3.83 45.87 3.06
CA SER H 330 -2.64 46.63 3.48
C SER H 330 -2.89 48.13 3.63
N ASP H 331 -3.90 48.66 2.93
CA ASP H 331 -4.28 50.06 2.97
C ASP H 331 -4.85 50.54 4.32
N VAL H 332 -5.35 49.58 5.12
CA VAL H 332 -6.08 49.86 6.36
C VAL H 332 -5.24 49.36 7.56
N VAL H 333 -4.82 48.10 7.48
CA VAL H 333 -3.98 47.44 8.48
C VAL H 333 -2.55 47.33 7.93
N THR H 334 -1.67 48.22 8.41
CA THR H 334 -0.30 48.35 7.92
C THR H 334 0.67 47.32 8.50
N ALA H 335 0.32 46.72 9.64
CA ALA H 335 1.14 45.66 10.24
C ALA H 335 0.33 44.68 11.11
N VAL H 336 0.77 43.43 11.11
CA VAL H 336 0.33 42.40 12.05
C VAL H 336 1.58 41.79 12.66
N ARG H 337 1.61 41.66 13.99
CA ARG H 337 2.78 41.10 14.73
C ARG H 337 2.30 40.46 16.04
N GLY H 338 3.07 39.50 16.55
CA GLY H 338 2.79 38.83 17.79
C GLY H 338 3.50 37.49 17.93
N LYS H 339 3.38 36.91 19.13
CA LYS H 339 3.77 35.53 19.42
C LYS H 339 2.64 34.99 20.26
N GLY H 340 2.26 33.74 20.00
CA GLY H 340 1.10 33.13 20.64
C GLY H 340 -0.12 34.01 20.53
N LEU H 341 -0.77 34.26 21.67
CA LEU H 341 -2.00 35.05 21.72
C LEU H 341 -1.77 36.47 22.25
N LEU H 342 -0.55 36.98 22.04
CA LEU H 342 -0.20 38.38 22.28
C LEU H 342 0.14 38.98 20.95
N ASN H 343 -0.90 39.43 20.23
CA ASN H 343 -0.74 40.05 18.92
C ASN H 343 -1.34 41.45 18.91
N ALA H 344 -1.12 42.15 17.79
CA ALA H 344 -1.59 43.51 17.60
C ALA H 344 -1.70 43.80 16.12
N ILE H 345 -2.41 44.87 15.78
CA ILE H 345 -2.41 45.44 14.45
C ILE H 345 -2.27 46.96 14.53
N VAL H 346 -1.61 47.53 13.52
CA VAL H 346 -1.47 48.97 13.38
C VAL H 346 -2.43 49.41 12.29
N ILE H 347 -3.20 50.46 12.58
CA ILE H 347 -4.23 50.96 11.68
C ILE H 347 -3.70 52.29 11.18
N LYS H 348 -3.88 52.58 9.88
CA LYS H 348 -3.49 53.85 9.30
C LYS H 348 -4.49 54.92 9.73
N GLU H 349 -4.04 55.82 10.60
CA GLU H 349 -4.78 57.00 10.99
C GLU H 349 -5.09 57.94 9.82
N THR H 350 -6.38 58.06 9.49
CA THR H 350 -6.83 58.94 8.41
C THR H 350 -8.10 59.66 8.83
N LYS H 351 -8.60 60.51 7.93
CA LYS H 351 -9.71 61.41 8.21
C LYS H 351 -11.06 60.68 8.41
N ASP H 352 -11.13 59.41 8.00
CA ASP H 352 -12.33 58.58 8.14
C ASP H 352 -12.25 57.54 9.24
N TRP H 353 -11.06 57.37 9.85
CA TRP H 353 -10.88 56.38 10.92
C TRP H 353 -9.54 56.45 11.65
N ASP H 354 -9.54 55.94 12.88
CA ASP H 354 -8.34 55.69 13.67
C ASP H 354 -8.61 54.46 14.56
N ALA H 355 -7.64 54.07 15.39
CA ALA H 355 -7.75 52.87 16.23
C ALA H 355 -8.89 52.97 17.27
N TRP H 356 -9.11 54.18 17.78
CA TRP H 356 -10.12 54.42 18.80
C TRP H 356 -11.50 54.14 18.18
N LYS H 357 -11.78 54.79 17.04
CA LYS H 357 -13.00 54.57 16.28
C LYS H 357 -13.26 53.09 15.97
N VAL H 358 -12.21 52.39 15.53
CA VAL H 358 -12.29 50.95 15.25
C VAL H 358 -12.76 50.20 16.48
N CYS H 359 -12.09 50.45 17.61
CA CYS H 359 -12.38 49.78 18.87
C CYS H 359 -13.78 50.04 19.37
N LEU H 360 -14.29 51.25 19.10
CA LEU H 360 -15.68 51.60 19.38
C LEU H 360 -16.63 50.71 18.57
N ARG H 361 -16.32 50.50 17.29
CA ARG H 361 -17.16 49.71 16.37
C ARG H 361 -17.03 48.21 16.67
N LEU H 362 -15.84 47.76 17.09
CA LEU H 362 -15.63 46.39 17.53
C LEU H 362 -16.54 46.07 18.72
N ARG H 363 -16.64 47.03 19.65
CA ARG H 363 -17.52 46.97 20.84
C ARG H 363 -18.98 46.82 20.40
N ASP H 364 -19.40 47.60 19.40
CA ASP H 364 -20.75 47.52 18.84
C ASP H 364 -21.05 46.20 18.13
N ASN H 365 -19.99 45.47 17.73
CA ASN H 365 -20.11 44.15 17.12
C ASN H 365 -19.75 43.00 18.08
N GLY H 366 -19.66 43.30 19.37
CA GLY H 366 -19.45 42.30 20.41
C GLY H 366 -18.02 41.81 20.61
N LEU H 367 -17.05 42.72 20.42
CA LEU H 367 -15.64 42.43 20.69
C LEU H 367 -15.00 43.61 21.43
N LEU H 368 -14.28 43.31 22.52
CA LEU H 368 -13.62 44.32 23.35
C LEU H 368 -12.09 44.28 23.22
N ALA H 369 -11.53 45.41 22.78
CA ALA H 369 -10.11 45.63 22.60
C ALA H 369 -9.85 47.13 22.72
N LYS H 370 -8.64 47.48 23.15
CA LYS H 370 -8.29 48.89 23.36
C LYS H 370 -7.05 49.26 22.55
N PRO H 371 -6.97 50.48 21.98
CA PRO H 371 -5.75 50.96 21.35
C PRO H 371 -4.70 51.39 22.39
N THR H 372 -3.43 51.24 22.05
CA THR H 372 -2.32 51.49 22.98
C THR H 372 -1.43 52.69 22.63
N HIS H 373 -1.62 53.26 21.43
CA HIS H 373 -0.99 54.53 21.06
C HIS H 373 -1.80 55.45 20.14
N GLY H 374 -2.86 54.92 19.50
CA GLY H 374 -3.69 55.71 18.62
C GLY H 374 -3.78 55.09 17.24
N ASP H 375 -2.80 54.24 16.92
CA ASP H 375 -2.81 53.43 15.70
C ASP H 375 -2.75 51.91 15.97
N ILE H 376 -2.49 51.51 17.21
CA ILE H 376 -2.26 50.10 17.55
C ILE H 376 -3.38 49.49 18.39
N ILE H 377 -4.10 48.51 17.82
CA ILE H 377 -5.10 47.73 18.55
C ILE H 377 -4.54 46.36 18.91
N ARG H 378 -4.68 45.99 20.18
CA ARG H 378 -4.09 44.74 20.77
C ARG H 378 -5.16 43.64 20.75
N PHE H 379 -4.76 42.43 20.36
CA PHE H 379 -5.64 41.28 20.28
C PHE H 379 -5.08 40.16 21.14
N ALA H 380 -5.54 40.12 22.39
CA ALA H 380 -5.05 39.21 23.42
C ALA H 380 -6.21 38.54 24.14
N PRO H 381 -6.85 37.52 23.53
CA PRO H 381 -7.93 36.77 24.18
C PRO H 381 -7.40 35.84 25.28
N PRO H 382 -8.24 35.38 26.23
CA PRO H 382 -7.83 34.36 27.18
C PRO H 382 -7.38 33.07 26.48
N LEU H 383 -6.47 32.32 27.10
CA LEU H 383 -5.83 31.17 26.47
C LEU H 383 -6.69 29.90 26.45
N VAL H 384 -7.80 29.94 27.18
CA VAL H 384 -8.78 28.83 27.21
C VAL H 384 -9.73 28.87 26.00
N ILE H 385 -9.53 29.85 25.11
CA ILE H 385 -10.35 29.99 23.90
C ILE H 385 -10.03 28.86 22.93
N LYS H 386 -11.09 28.34 22.27
CA LYS H 386 -10.98 27.25 21.28
C LYS H 386 -11.15 27.74 19.85
N GLU H 387 -10.82 26.87 18.90
CA GLU H 387 -10.68 27.22 17.49
C GLU H 387 -11.91 27.88 16.84
N ASP H 388 -13.10 27.34 17.13
CA ASP H 388 -14.34 27.88 16.59
C ASP H 388 -14.62 29.28 17.16
N GLU H 389 -14.55 29.41 18.48
CA GLU H 389 -14.73 30.70 19.16
C GLU H 389 -13.81 31.77 18.57
N LEU H 390 -12.53 31.41 18.34
CA LEU H 390 -11.55 32.32 17.76
C LEU H 390 -11.96 32.75 16.36
N ARG H 391 -12.53 31.81 15.60
CA ARG H 391 -12.96 32.02 14.19
C ARG H 391 -14.24 32.87 14.15
N GLU H 392 -15.05 32.87 15.22
CA GLU H 392 -16.18 33.78 15.31
C GLU H 392 -15.69 35.22 15.53
N SER H 393 -14.73 35.38 16.45
CA SER H 393 -14.09 36.67 16.74
C SER H 393 -13.41 37.29 15.54
N ILE H 394 -12.69 36.47 14.78
CA ILE H 394 -12.02 36.92 13.57
C ILE H 394 -13.03 37.49 12.57
N GLU H 395 -14.17 36.83 12.40
CA GLU H 395 -15.24 37.33 11.55
C GLU H 395 -15.74 38.68 12.04
N ILE H 396 -15.81 38.87 13.37
CA ILE H 396 -16.16 40.16 13.97
C ILE H 396 -15.12 41.25 13.65
N ILE H 397 -13.84 40.87 13.64
CA ILE H 397 -12.75 41.78 13.30
C ILE H 397 -12.84 42.19 11.83
N ASN H 398 -12.82 41.19 10.93
CA ASN H 398 -12.95 41.43 9.50
C ASN H 398 -14.12 42.36 9.18
N LYS H 399 -15.30 41.99 9.68
CA LYS H 399 -16.52 42.76 9.47
C LYS H 399 -16.33 44.22 9.83
N THR H 400 -15.78 44.46 11.03
CA THR H 400 -15.61 45.79 11.57
C THR H 400 -14.59 46.62 10.78
N ILE H 401 -13.44 46.01 10.45
CA ILE H 401 -12.38 46.67 9.70
C ILE H 401 -12.84 47.05 8.28
N LEU H 402 -13.64 46.18 7.65
CA LEU H 402 -14.06 46.37 6.27
C LEU H 402 -15.27 47.30 6.11
N SER H 403 -15.92 47.65 7.24
CA SER H 403 -17.13 48.47 7.24
C SER H 403 -16.87 49.97 7.12
N PHE H 404 -15.60 50.38 7.29
CA PHE H 404 -15.20 51.78 7.20
C PHE H 404 -15.00 52.22 5.76
N GLY I 1 56.55 -10.97 4.88
CA GLY I 1 56.53 -9.54 5.27
C GLY I 1 57.48 -8.67 4.44
N PRO I 2 57.01 -8.14 3.28
CA PRO I 2 57.73 -7.07 2.56
C PRO I 2 57.89 -5.77 3.36
N PRO I 3 59.12 -5.28 3.60
CA PRO I 3 59.33 -4.07 4.38
C PRO I 3 59.10 -2.73 3.66
N THR I 4 59.13 -2.70 2.31
CA THR I 4 59.21 -1.42 1.56
C THR I 4 57.86 -0.82 1.19
N SER I 5 57.85 0.52 1.03
CA SER I 5 56.65 1.33 0.85
C SER I 5 55.82 0.95 -0.39
N ASP I 6 56.50 0.75 -1.53
CA ASP I 6 55.88 0.28 -2.76
C ASP I 6 55.24 -1.09 -2.63
N ASP I 7 55.85 -1.97 -1.81
CA ASP I 7 55.33 -3.31 -1.55
C ASP I 7 54.09 -3.28 -0.69
N ILE I 8 54.00 -2.27 0.18
CA ILE I 8 52.80 -2.03 0.99
C ILE I 8 51.62 -1.60 0.11
N PHE I 9 51.90 -0.76 -0.90
CA PHE I 9 50.88 -0.28 -1.84
C PHE I 9 50.34 -1.43 -2.66
N GLU I 10 51.25 -2.13 -3.35
CA GLU I 10 50.92 -3.22 -4.27
C GLU I 10 50.26 -4.43 -3.60
N ARG I 11 50.57 -4.67 -2.31
CA ARG I 11 49.97 -5.75 -1.51
C ARG I 11 48.52 -5.37 -1.18
N GLU I 12 48.28 -4.13 -0.76
CA GLU I 12 46.93 -3.60 -0.55
C GLU I 12 46.10 -3.54 -1.83
N TYR I 13 46.77 -3.32 -2.96
CA TYR I 13 46.15 -3.26 -4.32
C TYR I 13 45.63 -4.65 -4.72
N LYS I 14 46.40 -5.70 -4.42
CA LYS I 14 46.04 -7.07 -4.82
C LYS I 14 44.93 -7.66 -3.98
N TYR I 15 45.06 -7.56 -2.65
CA TYR I 15 44.25 -8.33 -1.66
C TYR I 15 43.19 -7.44 -0.99
N GLY I 16 43.27 -6.11 -1.18
CA GLY I 16 42.31 -5.18 -0.60
C GLY I 16 41.43 -4.52 -1.68
N ALA I 17 40.25 -4.05 -1.26
CA ALA I 17 39.34 -3.31 -2.10
C ALA I 17 39.92 -1.97 -2.49
N HIS I 18 39.54 -1.48 -3.67
CA HIS I 18 40.01 -0.20 -4.21
C HIS I 18 39.00 0.91 -3.94
N ASN I 19 38.57 1.03 -2.67
CA ASN I 19 37.60 2.05 -2.26
C ASN I 19 38.20 3.35 -1.72
N TYR I 20 39.54 3.38 -1.67
CA TYR I 20 40.34 4.59 -1.36
C TYR I 20 41.43 4.77 -2.42
N HIS I 21 41.85 6.03 -2.65
CA HIS I 21 43.07 6.36 -3.40
C HIS I 21 43.92 7.22 -2.47
N PRO I 22 44.67 6.58 -1.53
CA PRO I 22 45.42 7.32 -0.51
C PRO I 22 46.64 8.07 -1.06
N LEU I 23 47.12 9.06 -0.31
CA LEU I 23 48.36 9.76 -0.63
C LEU I 23 49.48 8.74 -0.49
N PRO I 24 50.29 8.49 -1.55
CA PRO I 24 51.29 7.43 -1.50
C PRO I 24 52.30 7.67 -0.37
N VAL I 25 52.03 7.14 0.83
CA VAL I 25 52.92 7.21 1.98
C VAL I 25 52.55 6.12 2.96
N ALA I 26 53.49 5.19 3.22
CA ALA I 26 53.26 4.04 4.10
C ALA I 26 53.83 4.30 5.48
N LEU I 27 52.96 4.57 6.45
CA LEU I 27 53.36 4.92 7.83
C LEU I 27 53.41 3.70 8.72
N GLU I 28 54.38 3.69 9.64
CA GLU I 28 54.67 2.58 10.53
C GLU I 28 54.63 2.94 12.02
N ARG I 29 54.97 4.18 12.34
CA ARG I 29 55.04 4.69 13.74
C ARG I 29 54.35 6.05 13.81
N GLY I 30 53.78 6.38 14.98
CA GLY I 30 53.19 7.67 15.24
C GLY I 30 53.31 8.03 16.70
N LYS I 31 53.66 9.29 16.98
CA LYS I 31 53.76 9.81 18.33
C LYS I 31 53.58 11.32 18.32
N GLY I 32 52.73 11.82 19.21
CA GLY I 32 52.33 13.21 19.26
C GLY I 32 51.88 13.71 17.90
N ILE I 33 52.67 14.67 17.36
CA ILE I 33 52.36 15.38 16.13
C ILE I 33 53.08 14.78 14.92
N TYR I 34 53.89 13.75 15.16
CA TYR I 34 54.87 13.18 14.20
C TYR I 34 54.41 11.79 13.75
N LEU I 35 54.69 11.48 12.47
CA LEU I 35 54.51 10.16 11.89
C LEU I 35 55.79 9.78 11.18
N TRP I 36 56.12 8.49 11.21
CA TRP I 36 57.32 7.96 10.56
C TRP I 36 56.91 6.89 9.57
N ASP I 37 57.57 6.86 8.41
CA ASP I 37 57.29 5.85 7.40
C ASP I 37 58.26 4.69 7.49
N VAL I 38 57.98 3.62 6.74
CA VAL I 38 58.74 2.37 6.80
C VAL I 38 60.20 2.45 6.34
N GLU I 39 60.58 3.50 5.61
CA GLU I 39 61.98 3.81 5.31
C GLU I 39 62.59 4.81 6.33
N GLY I 40 61.86 5.08 7.40
CA GLY I 40 62.36 5.86 8.53
C GLY I 40 62.26 7.37 8.40
N ARG I 41 61.59 7.86 7.35
CA ARG I 41 61.37 9.31 7.11
C ARG I 41 60.37 9.84 8.14
N LYS I 42 60.44 11.14 8.45
CA LYS I 42 59.66 11.76 9.50
C LYS I 42 58.80 12.88 8.92
N TYR I 43 57.54 12.96 9.37
CA TYR I 43 56.49 13.87 8.83
C TYR I 43 55.72 14.52 9.98
N PHE I 44 55.45 15.83 9.89
CA PHE I 44 54.40 16.45 10.69
C PHE I 44 53.09 15.92 10.13
N ASP I 45 52.15 15.58 11.02
CA ASP I 45 50.79 15.21 10.62
C ASP I 45 49.87 16.42 10.70
N PHE I 46 49.37 16.84 9.53
CA PHE I 46 48.44 17.97 9.42
C PHE I 46 47.05 17.52 8.96
N LEU I 47 46.70 16.27 9.30
CA LEU I 47 45.34 15.77 9.12
C LEU I 47 44.70 15.29 10.45
N SER I 48 45.54 14.83 11.37
CA SER I 48 45.12 14.29 12.67
C SER I 48 43.98 13.26 12.57
N SER I 49 44.06 12.41 11.53
CA SER I 49 43.04 11.44 11.19
C SER I 49 41.64 12.05 11.28
N TYR I 50 41.46 13.14 10.52
CA TYR I 50 40.21 13.96 10.44
C TYR I 50 39.75 14.32 11.87
N SER I 51 40.71 14.58 12.77
CA SER I 51 40.47 15.02 14.16
C SER I 51 40.39 13.91 15.23
N ALA I 52 40.67 12.66 14.83
CA ALA I 52 40.65 11.53 15.77
C ALA I 52 41.80 11.55 16.77
N VAL I 53 42.94 12.14 16.38
CA VAL I 53 44.11 12.25 17.24
C VAL I 53 44.40 13.69 17.66
N ASN I 54 43.39 14.36 18.22
CA ASN I 54 43.55 15.70 18.78
C ASN I 54 44.64 15.72 19.83
N GLN I 55 44.75 14.60 20.56
CA GLN I 55 45.67 14.45 21.68
C GLN I 55 47.07 14.00 21.24
N GLY I 56 47.30 13.93 19.92
CA GLY I 56 48.53 13.42 19.36
C GLY I 56 48.46 11.92 19.34
N HIS I 57 49.24 11.28 18.45
CA HIS I 57 49.22 9.84 18.31
C HIS I 57 49.75 9.19 19.60
N CYS I 58 49.09 8.10 20.01
CA CYS I 58 49.54 7.26 21.12
C CYS I 58 49.84 8.06 22.39
N HIS I 59 49.02 9.06 22.70
CA HIS I 59 49.20 9.84 23.91
C HIS I 59 49.36 8.89 25.11
N PRO I 60 50.48 8.96 25.86
CA PRO I 60 50.78 7.99 26.92
C PRO I 60 49.66 7.70 27.93
N LYS I 61 48.92 8.73 28.37
CA LYS I 61 47.87 8.54 29.38
C LYS I 61 46.72 7.73 28.81
N ILE I 62 46.43 7.92 27.52
CA ILE I 62 45.36 7.19 26.85
C ILE I 62 45.85 5.75 26.58
N VAL I 63 47.13 5.60 26.24
CA VAL I 63 47.73 4.29 26.02
C VAL I 63 47.66 3.46 27.30
N ASN I 64 48.10 4.03 28.42
CA ASN I 64 48.10 3.32 29.71
C ASN I 64 46.71 2.88 30.16
N ALA I 65 45.70 3.73 29.92
CA ALA I 65 44.31 3.40 30.23
C ALA I 65 43.87 2.13 29.49
N LEU I 66 44.24 2.06 28.21
CA LEU I 66 43.97 0.89 27.37
C LEU I 66 44.72 -0.33 27.89
N LYS I 67 46.04 -0.16 28.14
CA LYS I 67 46.88 -1.25 28.63
C LYS I 67 46.44 -1.83 29.98
N SER I 68 45.89 -0.97 30.83
CA SER I 68 45.41 -1.35 32.16
C SER I 68 44.13 -2.18 32.11
N GLN I 69 43.20 -1.77 31.23
CA GLN I 69 41.86 -2.35 31.17
C GLN I 69 41.81 -3.67 30.40
N VAL I 70 42.68 -3.82 29.40
CA VAL I 70 42.77 -5.05 28.61
C VAL I 70 43.04 -6.28 29.45
N ASP I 71 43.87 -6.11 30.49
CA ASP I 71 44.22 -7.19 31.41
C ASP I 71 43.05 -7.58 32.34
N LYS I 72 41.95 -6.82 32.33
CA LYS I 72 40.81 -7.02 33.22
C LYS I 72 39.60 -7.56 32.49
N LEU I 73 39.07 -6.76 31.54
CA LEU I 73 37.82 -7.04 30.86
C LEU I 73 37.65 -6.07 29.69
N THR I 74 37.18 -6.58 28.54
CA THR I 74 37.08 -5.80 27.31
C THR I 74 35.70 -5.76 26.65
N LEU I 75 34.87 -6.79 26.90
CA LEU I 75 33.56 -6.93 26.28
C LEU I 75 32.73 -8.03 26.94
N THR I 76 31.63 -7.61 27.57
CA THR I 76 30.60 -8.51 28.09
C THR I 76 29.35 -8.51 27.20
N SER I 77 29.28 -7.56 26.26
CA SER I 77 28.04 -7.12 25.63
C SER I 77 27.21 -6.47 26.71
N ARG I 78 26.14 -5.77 26.32
CA ARG I 78 25.27 -5.01 27.27
C ARG I 78 24.09 -5.88 27.69
N ALA I 79 24.20 -7.20 27.47
CA ALA I 79 23.30 -8.18 28.08
C ALA I 79 23.53 -8.20 29.59
N PHE I 80 24.75 -7.83 29.98
CA PHE I 80 25.14 -7.67 31.38
C PHE I 80 25.67 -6.26 31.56
N TYR I 81 25.87 -5.87 32.82
CA TYR I 81 26.54 -4.61 33.23
C TYR I 81 28.04 -4.86 33.41
N ASN I 82 28.84 -3.85 33.06
CA ASN I 82 30.24 -3.79 33.43
C ASN I 82 30.42 -2.61 34.37
N ASN I 83 31.56 -2.58 35.09
CA ASN I 83 31.79 -1.58 36.13
C ASN I 83 32.16 -0.18 35.60
N VAL I 84 32.64 -0.14 34.34
CA VAL I 84 33.27 1.04 33.78
C VAL I 84 32.26 2.01 33.16
N LEU I 85 31.31 1.49 32.39
CA LEU I 85 30.39 2.27 31.58
C LEU I 85 29.75 3.43 32.32
N GLY I 86 29.11 3.12 33.45
CA GLY I 86 28.39 4.10 34.23
C GLY I 86 29.26 5.23 34.74
N GLU I 87 30.54 4.92 34.96
CA GLU I 87 31.54 5.91 35.36
C GLU I 87 31.76 6.91 34.23
N TYR I 88 31.99 6.37 33.03
CA TYR I 88 32.12 7.15 31.76
C TYR I 88 30.87 8.00 31.56
N GLU I 89 29.69 7.41 31.69
CA GLU I 89 28.42 8.11 31.49
C GLU I 89 28.26 9.30 32.43
N GLU I 90 28.67 9.13 33.69
CA GLU I 90 28.57 10.21 34.69
C GLU I 90 29.47 11.39 34.34
N TYR I 91 30.67 11.08 33.82
CA TYR I 91 31.70 12.06 33.41
C TYR I 91 31.24 12.83 32.16
N ILE I 92 30.97 12.12 31.07
CA ILE I 92 30.65 12.76 29.78
C ILE I 92 29.40 13.64 29.87
N THR I 93 28.40 13.16 30.60
CA THR I 93 27.13 13.89 30.75
C THR I 93 27.32 15.17 31.56
N LYS I 94 28.09 15.08 32.65
CA LYS I 94 28.36 16.22 33.52
C LYS I 94 29.31 17.23 32.88
N LEU I 95 30.17 16.74 31.99
CA LEU I 95 31.11 17.56 31.27
C LEU I 95 30.37 18.47 30.28
N PHE I 96 29.44 17.88 29.51
CA PHE I 96 28.72 18.60 28.45
C PHE I 96 27.36 19.12 28.88
N ASN I 97 26.92 18.75 30.09
CA ASN I 97 25.69 19.27 30.70
C ASN I 97 24.44 18.82 29.94
N TYR I 98 24.32 17.50 29.76
CA TYR I 98 23.11 16.81 29.21
C TYR I 98 22.75 15.67 30.17
N HIS I 99 21.46 15.33 30.29
CA HIS I 99 21.02 14.29 31.22
C HIS I 99 21.71 12.97 30.96
N LYS I 100 21.64 12.49 29.71
CA LYS I 100 22.07 11.15 29.36
C LYS I 100 22.89 11.09 28.08
N VAL I 101 23.65 10.00 27.93
CA VAL I 101 24.46 9.70 26.76
C VAL I 101 24.09 8.32 26.30
N LEU I 102 24.12 8.09 24.98
CA LEU I 102 23.92 6.76 24.40
C LEU I 102 25.23 6.40 23.71
N PRO I 103 25.96 5.35 24.19
CA PRO I 103 27.26 5.01 23.63
C PRO I 103 27.16 4.17 22.34
N MET I 104 27.93 4.55 21.31
CA MET I 104 28.05 3.79 20.08
C MET I 104 29.53 3.73 19.73
N ASN I 105 29.84 3.16 18.57
CA ASN I 105 31.20 2.88 18.18
C ASN I 105 31.77 3.87 17.19
N THR I 106 31.19 3.91 15.99
CA THR I 106 31.66 4.74 14.88
C THR I 106 30.76 5.95 14.74
N GLY I 107 31.21 6.94 13.97
CA GLY I 107 30.52 8.19 13.80
C GLY I 107 29.15 8.07 13.12
N VAL I 108 29.09 7.27 12.04
CA VAL I 108 27.86 6.99 11.33
C VAL I 108 26.76 6.48 12.28
N GLU I 109 27.17 5.60 13.22
CA GLU I 109 26.27 4.98 14.18
C GLU I 109 25.63 5.99 15.13
N ALA I 110 26.37 7.04 15.45
CA ALA I 110 25.87 8.13 16.29
C ALA I 110 24.83 8.90 15.51
N GLY I 111 25.13 9.18 14.24
CA GLY I 111 24.17 9.80 13.33
C GLY I 111 22.88 9.01 13.18
N GLU I 112 23.01 7.73 12.85
CA GLU I 112 21.88 6.79 12.74
C GLU I 112 21.04 6.78 14.00
N THR I 113 21.70 6.87 15.16
CA THR I 113 21.03 6.88 16.45
C THR I 113 20.24 8.15 16.66
N ALA I 114 20.83 9.27 16.25
CA ALA I 114 20.19 10.59 16.33
C ALA I 114 18.92 10.69 15.47
N CYS I 115 18.96 10.07 14.28
CA CYS I 115 17.82 10.08 13.38
C CYS I 115 16.68 9.25 13.98
N LYS I 116 17.04 8.09 14.54
CA LYS I 116 16.08 7.22 15.21
C LYS I 116 15.43 7.94 16.38
N LEU I 117 16.22 8.63 17.21
CA LEU I 117 15.68 9.49 18.27
C LEU I 117 14.78 10.59 17.72
N ALA I 118 15.26 11.31 16.69
CA ALA I 118 14.52 12.42 16.07
C ALA I 118 13.17 11.91 15.69
N ARG I 119 13.17 10.78 14.98
CA ARG I 119 11.94 10.12 14.47
C ARG I 119 11.07 9.70 15.66
N LYS I 120 11.61 8.87 16.56
CA LYS I 120 10.84 8.36 17.71
C LYS I 120 10.15 9.46 18.49
N TRP I 121 10.90 10.53 18.77
CA TRP I 121 10.40 11.71 19.47
C TRP I 121 9.32 12.39 18.63
N GLY I 122 9.55 12.46 17.31
CA GLY I 122 8.60 13.01 16.37
C GLY I 122 7.24 12.35 16.48
N TYR I 123 7.22 11.02 16.50
CA TYR I 123 5.98 10.20 16.55
C TYR I 123 5.38 10.24 17.95
N THR I 124 6.19 10.02 18.99
CA THR I 124 5.65 9.82 20.34
C THR I 124 5.40 11.12 21.12
N VAL I 125 6.25 12.13 20.90
CA VAL I 125 6.15 13.41 21.62
C VAL I 125 5.49 14.51 20.81
N LYS I 126 5.87 14.64 19.54
CA LYS I 126 5.32 15.68 18.69
C LYS I 126 3.98 15.32 18.06
N GLY I 127 3.74 14.03 17.87
CA GLY I 127 2.45 13.52 17.38
C GLY I 127 2.30 13.50 15.88
N ILE I 128 3.43 13.38 15.18
CA ILE I 128 3.49 13.26 13.72
C ILE I 128 2.93 11.89 13.38
N GLN I 129 2.17 11.81 12.27
CA GLN I 129 1.59 10.55 11.85
C GLN I 129 2.71 9.60 11.45
N LYS I 130 2.57 8.34 11.82
CA LYS I 130 3.63 7.38 11.68
C LYS I 130 4.09 7.19 10.25
N TYR I 131 5.34 7.63 10.08
CA TYR I 131 6.34 7.36 9.01
C TYR I 131 6.28 8.51 8.00
N LYS I 132 5.66 9.62 8.41
CA LYS I 132 5.73 10.90 7.72
C LYS I 132 6.77 11.88 8.31
N ALA I 133 7.45 11.50 9.39
CA ALA I 133 8.46 12.35 10.01
C ALA I 133 9.64 12.58 9.08
N LYS I 134 10.10 13.84 9.01
CA LYS I 134 11.19 14.26 8.14
C LYS I 134 12.37 14.82 8.91
N ILE I 135 13.56 14.65 8.35
CA ILE I 135 14.79 15.22 8.88
C ILE I 135 15.39 16.06 7.76
N VAL I 136 15.72 17.31 8.08
CA VAL I 136 16.40 18.18 7.16
C VAL I 136 17.91 18.13 7.40
N PHE I 137 18.68 18.13 6.30
CA PHE I 137 20.13 18.20 6.32
C PHE I 137 20.55 19.38 5.47
N ALA I 138 21.86 19.67 5.44
CA ALA I 138 22.42 20.77 4.68
C ALA I 138 23.29 20.25 3.55
N ALA I 139 23.26 20.94 2.42
CA ALA I 139 24.04 20.56 1.26
C ALA I 139 25.52 20.61 1.64
N GLY I 140 26.29 19.63 1.14
CA GLY I 140 27.66 19.43 1.54
C GLY I 140 27.90 18.62 2.81
N ASN I 141 26.82 18.22 3.49
CA ASN I 141 26.97 17.45 4.74
C ASN I 141 27.69 16.14 4.52
N PHE I 142 28.31 15.63 5.57
CA PHE I 142 28.90 14.32 5.59
C PHE I 142 28.80 13.76 6.96
N TRP I 143 28.21 12.57 7.10
CA TRP I 143 28.11 11.95 8.39
C TRP I 143 28.22 10.44 8.40
N GLY I 144 28.85 9.89 7.34
CA GLY I 144 29.03 8.44 7.24
C GLY I 144 28.67 7.87 5.88
N ARG I 145 28.88 6.56 5.72
CA ARG I 145 28.76 5.86 4.42
C ARG I 145 27.70 4.76 4.48
N THR I 146 26.78 4.80 5.44
CA THR I 146 25.60 3.92 5.39
C THR I 146 24.67 4.36 4.29
N LEU I 147 23.73 3.48 3.91
CA LEU I 147 22.69 3.81 2.94
C LEU I 147 21.89 5.06 3.32
N SER I 148 21.69 5.28 4.62
CA SER I 148 20.99 6.46 5.12
C SER I 148 21.85 7.69 4.99
N ALA I 149 23.10 7.60 5.46
CA ALA I 149 24.03 8.71 5.38
C ALA I 149 24.15 9.23 3.95
N ILE I 150 24.40 8.34 3.00
CA ILE I 150 24.54 8.72 1.59
C ILE I 150 23.24 9.21 0.94
N SER I 151 22.08 8.89 1.55
CA SER I 151 20.78 9.33 1.07
C SER I 151 20.53 10.81 1.29
N SER I 152 21.36 11.44 2.13
CA SER I 152 21.26 12.87 2.43
C SER I 152 22.46 13.66 1.88
N SER I 153 23.21 13.01 0.98
CA SER I 153 24.40 13.57 0.40
C SER I 153 24.08 14.22 -0.92
N THR I 154 24.67 15.40 -1.14
CA THR I 154 24.63 16.09 -2.41
C THR I 154 25.87 15.79 -3.25
N ASP I 155 26.72 14.87 -2.77
CA ASP I 155 27.92 14.42 -3.49
C ASP I 155 27.60 13.20 -4.35
N PRO I 156 27.61 13.32 -5.70
CA PRO I 156 27.34 12.17 -6.57
C PRO I 156 28.21 10.94 -6.28
N THR I 157 29.48 11.12 -5.92
CA THR I 157 30.39 10.01 -5.65
C THR I 157 29.88 9.11 -4.52
N SER I 158 29.20 9.71 -3.53
CA SER I 158 28.68 9.00 -2.37
C SER I 158 27.42 8.18 -2.61
N TYR I 159 26.48 8.70 -3.41
CA TYR I 159 25.14 8.10 -3.58
C TYR I 159 25.00 7.40 -4.94
N ASP I 160 25.69 7.87 -5.98
CA ASP I 160 25.49 7.31 -7.32
C ASP I 160 25.76 5.81 -7.30
N GLY I 161 24.76 5.02 -7.71
CA GLY I 161 24.89 3.56 -7.81
C GLY I 161 24.46 2.78 -6.58
N PHE I 162 24.10 3.49 -5.49
CA PHE I 162 23.82 2.87 -4.20
C PHE I 162 22.33 2.81 -3.85
N GLY I 163 21.51 2.80 -4.91
CA GLY I 163 20.27 2.05 -4.92
C GLY I 163 19.26 2.96 -4.24
N PRO I 164 18.01 2.50 -4.03
CA PRO I 164 16.96 3.41 -3.61
C PRO I 164 17.38 4.10 -2.31
N PHE I 165 17.00 5.37 -2.14
CA PHE I 165 17.44 6.19 -1.03
C PHE I 165 16.39 6.28 0.06
N MET I 166 16.85 6.51 1.29
CA MET I 166 15.99 6.56 2.44
C MET I 166 15.00 7.72 2.25
N PRO I 167 13.68 7.47 2.32
CA PRO I 167 12.71 8.56 2.33
C PRO I 167 12.73 9.37 3.63
N GLY I 168 12.12 10.57 3.58
CA GLY I 168 12.03 11.47 4.71
C GLY I 168 13.26 12.34 4.96
N PHE I 169 14.19 12.40 4.00
CA PHE I 169 15.37 13.26 4.12
C PHE I 169 15.30 14.40 3.09
N ASP I 170 15.04 15.61 3.57
CA ASP I 170 15.06 16.83 2.76
C ASP I 170 16.38 17.51 2.92
N ILE I 171 16.83 18.21 1.88
CA ILE I 171 18.15 18.83 1.83
C ILE I 171 18.01 20.28 1.38
N ILE I 172 18.60 21.20 2.17
CA ILE I 172 18.57 22.63 1.92
C ILE I 172 20.02 23.14 1.83
N PRO I 173 20.26 24.35 1.29
CA PRO I 173 21.61 24.91 1.25
C PRO I 173 22.14 25.16 2.67
N TYR I 174 23.46 25.03 2.85
CA TYR I 174 24.17 25.29 4.14
C TYR I 174 24.31 26.80 4.31
N ASN I 175 24.30 27.29 5.55
CA ASN I 175 24.54 28.69 5.81
C ASN I 175 23.44 29.58 5.18
N ASP I 176 22.19 29.18 5.38
CA ASP I 176 21.04 29.77 4.72
C ASP I 176 19.79 29.65 5.61
N LEU I 177 19.53 30.71 6.38
CA LEU I 177 18.45 30.75 7.35
C LEU I 177 17.07 30.87 6.72
N PRO I 178 16.90 31.64 5.61
CA PRO I 178 15.65 31.63 4.85
C PRO I 178 15.24 30.25 4.34
N ALA I 179 16.19 29.47 3.83
CA ALA I 179 15.97 28.07 3.42
C ALA I 179 15.47 27.19 4.58
N LEU I 180 16.10 27.32 5.74
CA LEU I 180 15.71 26.57 6.94
C LEU I 180 14.30 26.96 7.36
N GLU I 181 14.02 28.26 7.33
CA GLU I 181 12.71 28.76 7.72
C GLU I 181 11.61 28.20 6.83
N ARG I 182 11.85 28.28 5.51
CA ARG I 182 10.97 27.69 4.47
C ARG I 182 10.68 26.22 4.80
N ALA I 183 11.73 25.44 5.09
CA ALA I 183 11.62 23.99 5.24
C ALA I 183 10.82 23.63 6.49
N LEU I 184 11.09 24.33 7.59
CA LEU I 184 10.44 24.05 8.86
C LEU I 184 8.97 24.47 8.89
N GLN I 185 8.44 24.98 7.78
CA GLN I 185 7.00 25.23 7.65
C GLN I 185 6.18 23.94 7.64
N ASP I 186 6.80 22.81 7.28
CA ASP I 186 6.13 21.52 7.27
C ASP I 186 6.07 20.92 8.68
N PRO I 187 4.88 20.74 9.28
CA PRO I 187 4.79 20.31 10.68
C PRO I 187 5.37 18.90 10.92
N ASN I 188 5.51 18.10 9.86
CA ASN I 188 6.08 16.78 9.93
C ASN I 188 7.62 16.71 10.03
N VAL I 189 8.30 17.86 9.96
CA VAL I 189 9.75 17.89 10.17
C VAL I 189 10.02 17.64 11.65
N ALA I 190 10.95 16.72 11.94
CA ALA I 190 11.28 16.28 13.30
C ALA I 190 12.57 16.90 13.80
N ALA I 191 13.59 16.93 12.93
CA ALA I 191 14.91 17.42 13.28
C ALA I 191 15.56 18.12 12.10
N PHE I 192 16.58 18.92 12.38
CA PHE I 192 17.51 19.48 11.39
C PHE I 192 18.89 19.08 11.88
N MET I 193 19.62 18.30 11.06
CA MET I 193 20.96 17.87 11.39
C MET I 193 21.98 18.65 10.63
N VAL I 194 22.92 19.26 11.36
CA VAL I 194 23.91 20.13 10.75
C VAL I 194 25.23 20.18 11.53
N GLU I 195 26.32 20.41 10.79
CA GLU I 195 27.66 20.57 11.33
C GLU I 195 27.94 22.06 11.51
N PRO I 196 28.50 22.49 12.67
CA PRO I 196 28.87 23.89 12.88
C PRO I 196 29.92 24.38 11.86
N ILE I 197 30.82 23.48 11.45
CA ILE I 197 31.70 23.70 10.32
C ILE I 197 31.68 22.38 9.57
N GLN I 198 31.54 22.45 8.24
CA GLN I 198 31.50 21.26 7.40
C GLN I 198 32.91 20.82 7.07
N GLY I 199 33.31 19.66 7.61
CA GLY I 199 34.66 19.16 7.46
C GLY I 199 34.91 18.66 6.05
N GLU I 200 34.38 17.46 5.77
CA GLU I 200 34.59 16.79 4.50
C GLU I 200 34.37 17.68 3.27
N ALA I 201 33.47 18.67 3.38
CA ALA I 201 33.10 19.57 2.27
C ALA I 201 34.20 20.60 1.93
N GLY I 202 35.15 20.77 2.86
CA GLY I 202 36.30 21.63 2.66
C GLY I 202 36.43 22.72 3.69
N VAL I 203 36.22 22.35 4.97
CA VAL I 203 36.20 23.31 6.06
C VAL I 203 35.41 24.57 5.68
N VAL I 204 34.10 24.38 5.46
CA VAL I 204 33.20 25.51 5.15
C VAL I 204 32.60 26.04 6.45
N VAL I 205 33.01 27.27 6.82
CA VAL I 205 32.54 27.96 8.02
C VAL I 205 31.32 28.82 7.69
N PRO I 206 30.21 28.72 8.46
CA PRO I 206 29.03 29.54 8.20
C PRO I 206 29.20 30.97 8.75
N ASP I 207 28.37 31.91 8.29
CA ASP I 207 28.46 33.30 8.70
C ASP I 207 28.19 33.39 10.20
N PRO I 208 28.82 34.34 10.91
CA PRO I 208 28.49 34.60 12.32
C PRO I 208 26.97 34.73 12.49
N GLY I 209 26.41 34.04 13.48
CA GLY I 209 25.00 34.11 13.80
C GLY I 209 24.10 33.07 13.14
N TYR I 210 24.69 32.19 12.34
CA TYR I 210 24.00 31.06 11.67
C TYR I 210 23.44 30.08 12.72
N LEU I 211 24.29 29.67 13.67
CA LEU I 211 23.90 28.69 14.67
C LEU I 211 22.84 29.22 15.64
N MET I 212 22.91 30.52 15.96
CA MET I 212 21.89 31.17 16.78
C MET I 212 20.56 31.12 16.03
N GLY I 213 20.59 31.48 14.75
CA GLY I 213 19.46 31.38 13.86
C GLY I 213 18.86 29.99 13.78
N VAL I 214 19.71 28.98 13.61
CA VAL I 214 19.29 27.58 13.54
C VAL I 214 18.59 27.18 14.84
N ARG I 215 19.18 27.55 15.98
CA ARG I 215 18.65 27.26 17.35
C ARG I 215 17.29 27.96 17.53
N GLU I 216 17.18 29.21 17.09
CA GLU I 216 15.96 30.01 17.24
C GLU I 216 14.81 29.49 16.37
N LEU I 217 15.12 29.09 15.14
CA LEU I 217 14.12 28.57 14.21
C LEU I 217 13.64 27.17 14.61
N CYS I 218 14.59 26.33 15.04
CA CYS I 218 14.27 24.99 15.52
C CYS I 218 13.31 25.06 16.71
N THR I 219 13.65 25.89 17.71
CA THR I 219 12.82 26.07 18.90
C THR I 219 11.42 26.60 18.56
N ARG I 220 11.35 27.55 17.63
CA ARG I 220 10.11 28.24 17.18
C ARG I 220 9.12 27.23 16.56
N HIS I 221 9.61 26.34 15.68
CA HIS I 221 8.77 25.35 14.98
C HIS I 221 8.76 23.96 15.61
N GLN I 222 9.26 23.85 16.85
CA GLN I 222 9.27 22.60 17.62
C GLN I 222 9.94 21.50 16.82
N VAL I 223 11.19 21.75 16.45
CA VAL I 223 12.02 20.84 15.67
C VAL I 223 13.32 20.68 16.42
N LEU I 224 13.86 19.46 16.47
CA LEU I 224 15.09 19.16 17.16
C LEU I 224 16.29 19.63 16.37
N PHE I 225 17.21 20.30 17.06
CA PHE I 225 18.49 20.75 16.51
C PHE I 225 19.56 19.73 16.86
N ILE I 226 20.01 18.97 15.85
CA ILE I 226 21.09 18.02 16.00
C ILE I 226 22.41 18.55 15.46
N ALA I 227 23.35 18.80 16.39
CA ALA I 227 24.67 19.31 16.06
C ALA I 227 25.61 18.13 15.93
N ASP I 228 26.05 17.86 14.70
CA ASP I 228 27.08 16.87 14.48
C ASP I 228 28.46 17.49 14.76
N GLU I 229 29.03 17.15 15.92
CA GLU I 229 30.33 17.65 16.34
C GLU I 229 31.37 16.52 16.40
N ILE I 230 31.19 15.51 15.54
CA ILE I 230 32.09 14.36 15.47
C ILE I 230 33.54 14.76 15.12
N GLN I 231 33.68 15.85 14.35
CA GLN I 231 34.94 16.30 13.78
C GLN I 231 35.36 17.68 14.27
N THR I 232 34.39 18.54 14.60
CA THR I 232 34.65 19.90 15.07
C THR I 232 34.70 19.97 16.59
N GLY I 233 34.09 18.98 17.26
CA GLY I 233 33.99 18.98 18.71
C GLY I 233 35.28 18.60 19.36
N LEU I 234 35.29 18.62 20.70
CA LEU I 234 36.42 18.18 21.50
C LEU I 234 37.70 18.95 21.14
N ALA I 235 37.59 20.28 21.21
CA ALA I 235 38.73 21.18 21.35
C ALA I 235 39.32 21.71 20.05
N ARG I 236 39.04 21.05 18.92
CA ARG I 236 39.78 21.31 17.66
C ARG I 236 39.57 22.76 17.19
N THR I 237 38.33 23.22 17.17
CA THR I 237 38.01 24.57 16.71
C THR I 237 38.37 25.64 17.74
N GLY I 238 38.72 25.22 18.96
CA GLY I 238 39.15 26.10 20.03
C GLY I 238 38.16 26.26 21.15
N ARG I 239 37.24 25.31 21.27
CA ARG I 239 36.18 25.23 22.32
C ARG I 239 35.83 23.75 22.53
N TRP I 240 35.09 23.43 23.61
CA TRP I 240 34.68 22.06 23.84
C TRP I 240 33.88 21.58 22.64
N LEU I 241 32.94 22.42 22.19
CA LEU I 241 32.16 22.22 20.99
C LEU I 241 32.21 23.52 20.20
N ALA I 242 32.22 23.41 18.87
CA ALA I 242 32.21 24.58 17.98
C ALA I 242 30.98 25.46 18.19
N VAL I 243 29.85 24.85 18.56
CA VAL I 243 28.61 25.59 18.85
C VAL I 243 28.75 26.55 20.02
N ASP I 244 29.68 26.25 20.95
CA ASP I 244 29.97 27.12 22.08
C ASP I 244 30.39 28.52 21.65
N TYR I 245 30.97 28.65 20.46
CA TYR I 245 31.40 29.97 19.89
C TYR I 245 30.21 30.95 19.84
N GLU I 246 28.98 30.44 19.68
CA GLU I 246 27.78 31.28 19.69
C GLU I 246 26.82 31.00 20.86
N ASN I 247 27.32 30.33 21.89
CA ASN I 247 26.57 29.99 23.11
C ASN I 247 25.23 29.30 22.84
N VAL I 248 25.24 28.36 21.88
CA VAL I 248 24.04 27.64 21.50
C VAL I 248 24.05 26.23 22.07
N ARG I 249 22.89 25.80 22.56
CA ARG I 249 22.66 24.46 23.15
C ARG I 249 21.76 23.65 22.22
N PRO I 250 22.34 22.80 21.34
CA PRO I 250 21.56 21.84 20.57
C PRO I 250 20.79 20.87 21.46
N ASP I 251 19.72 20.30 20.93
CA ASP I 251 18.92 19.27 21.56
C ASP I 251 19.74 17.98 21.61
N ILE I 252 20.41 17.65 20.50
CA ILE I 252 21.24 16.45 20.40
C ILE I 252 22.60 16.83 19.87
N VAL I 253 23.66 16.43 20.59
CA VAL I 253 25.02 16.58 20.12
C VAL I 253 25.65 15.22 19.88
N LEU I 254 26.38 15.11 18.77
CA LEU I 254 27.11 13.89 18.43
C LEU I 254 28.61 14.09 18.60
N LEU I 255 29.25 13.13 19.29
CA LEU I 255 30.70 13.13 19.49
C LEU I 255 31.27 11.82 18.99
N GLY I 256 32.54 11.86 18.59
CA GLY I 256 33.25 10.72 18.06
C GLY I 256 34.73 11.03 18.00
N LYS I 257 35.40 10.38 17.05
CA LYS I 257 36.82 10.56 16.74
C LYS I 257 37.77 10.75 17.94
N ALA I 258 37.85 11.99 18.44
CA ALA I 258 38.78 12.38 19.49
C ALA I 258 38.35 11.87 20.87
N LEU I 259 37.09 11.40 20.97
CA LEU I 259 36.53 10.84 22.18
C LEU I 259 37.37 9.66 22.68
N SER I 260 38.13 9.03 21.77
CA SER I 260 39.04 7.93 22.09
C SER I 260 40.54 8.26 22.01
N GLY I 261 40.90 9.26 21.19
CA GLY I 261 42.29 9.63 20.94
C GLY I 261 42.94 8.74 19.90
N GLY I 262 42.13 8.08 19.07
CA GLY I 262 42.60 7.22 17.99
C GLY I 262 42.88 5.78 18.38
N LEU I 263 42.69 5.46 19.66
CA LEU I 263 43.01 4.16 20.22
C LEU I 263 41.87 3.14 20.18
N TYR I 264 40.67 3.58 19.80
CA TYR I 264 39.42 2.77 19.87
C TYR I 264 38.25 3.53 19.22
N PRO I 265 37.37 2.85 18.44
CA PRO I 265 36.14 3.46 17.92
C PRO I 265 35.08 3.70 18.99
N VAL I 266 34.92 4.95 19.43
CA VAL I 266 33.94 5.33 20.42
C VAL I 266 33.24 6.56 19.88
N SER I 267 31.90 6.52 19.88
CA SER I 267 31.05 7.68 19.59
C SER I 267 30.01 7.78 20.68
N ALA I 268 29.41 8.96 20.79
CA ALA I 268 28.43 9.25 21.83
C ALA I 268 27.30 10.13 21.24
N VAL I 269 26.08 9.92 21.77
CA VAL I 269 24.93 10.73 21.46
C VAL I 269 24.38 11.29 22.77
N LEU I 270 24.47 12.63 22.93
CA LEU I 270 24.13 13.32 24.16
C LEU I 270 22.82 14.09 24.00
N CYS I 271 21.83 13.76 24.83
CA CYS I 271 20.60 14.54 24.92
C CYS I 271 19.90 14.35 26.26
N ASP I 272 18.91 15.22 26.52
CA ASP I 272 18.13 15.19 27.75
C ASP I 272 17.04 14.12 27.74
N ASP I 273 16.44 13.91 28.91
CA ASP I 273 15.51 12.81 29.17
C ASP I 273 14.28 12.75 28.28
N ASP I 274 13.67 13.91 28.02
CA ASP I 274 12.45 13.95 27.23
C ASP I 274 12.66 13.44 25.79
N ILE I 275 13.91 13.51 25.29
CA ILE I 275 14.27 12.99 23.98
C ILE I 275 14.82 11.57 24.07
N MET I 276 15.79 11.37 24.98
CA MET I 276 16.50 10.12 25.07
C MET I 276 15.58 8.96 25.42
N LEU I 277 14.67 9.18 26.38
CA LEU I 277 13.86 8.08 26.93
C LEU I 277 12.65 7.68 26.03
N THR I 278 12.56 8.29 24.84
CA THR I 278 11.63 7.86 23.82
C THR I 278 11.99 6.47 23.28
N ILE I 279 13.23 6.05 23.53
CA ILE I 279 13.75 4.72 23.17
C ILE I 279 13.74 3.81 24.41
N LYS I 280 12.78 2.87 24.44
CA LYS I 280 12.57 1.96 25.55
C LYS I 280 13.56 0.79 25.47
N PRO I 281 13.71 -0.02 26.53
CA PRO I 281 14.57 -1.21 26.51
C PRO I 281 14.36 -2.16 25.32
N GLY I 282 15.47 -2.62 24.72
CA GLY I 282 15.46 -3.54 23.61
C GLY I 282 15.33 -2.94 22.21
N GLU I 283 15.04 -1.62 22.11
CA GLU I 283 14.70 -0.98 20.84
C GLU I 283 15.87 -0.34 20.10
N HIS I 284 17.08 -0.37 20.69
CA HIS I 284 18.30 0.11 20.01
C HIS I 284 19.54 -0.25 20.81
N GLY I 285 20.67 -0.40 20.10
CA GLY I 285 21.94 -0.69 20.67
C GLY I 285 22.97 -1.14 19.63
N SER I 286 23.97 -1.90 20.10
CA SER I 286 25.15 -2.23 19.34
C SER I 286 26.03 -3.13 20.18
N THR I 287 26.57 -4.19 19.57
CA THR I 287 27.39 -5.15 20.29
C THR I 287 28.47 -4.50 21.14
N TYR I 288 29.28 -3.62 20.55
CA TYR I 288 30.50 -3.05 21.18
C TYR I 288 30.21 -1.69 21.84
N GLY I 289 29.00 -1.17 21.70
CA GLY I 289 28.64 0.13 22.24
C GLY I 289 28.60 0.12 23.73
N GLY I 290 29.44 0.92 24.37
CA GLY I 290 29.54 1.03 25.82
C GLY I 290 30.44 0.02 26.50
N ASN I 291 31.25 -0.70 25.72
CA ASN I 291 32.12 -1.76 26.28
C ASN I 291 33.15 -1.19 27.27
N PRO I 292 33.65 -1.99 28.23
CA PRO I 292 34.53 -1.48 29.28
C PRO I 292 35.83 -0.85 28.75
N LEU I 293 36.41 -1.45 27.71
CA LEU I 293 37.68 -1.00 27.14
C LEU I 293 37.56 0.37 26.46
N GLY I 294 36.48 0.57 25.71
CA GLY I 294 36.24 1.81 24.99
C GLY I 294 35.98 2.97 25.94
N CYS I 295 35.20 2.69 27.00
CA CYS I 295 34.86 3.68 28.03
C CYS I 295 36.07 4.17 28.80
N ARG I 296 36.99 3.26 29.13
CA ARG I 296 38.25 3.58 29.87
C ARG I 296 39.11 4.51 29.01
N VAL I 297 39.33 4.15 27.75
CA VAL I 297 40.06 5.02 26.81
C VAL I 297 39.39 6.39 26.72
N ALA I 298 38.05 6.41 26.66
CA ALA I 298 37.30 7.65 26.50
C ALA I 298 37.47 8.60 27.69
N ILE I 299 37.37 8.06 28.92
CA ILE I 299 37.59 8.84 30.12
C ILE I 299 39.00 9.49 30.05
N ALA I 300 40.02 8.65 29.90
CA ALA I 300 41.40 9.11 29.73
C ALA I 300 41.54 10.18 28.64
N ALA I 301 40.93 9.92 27.48
CA ALA I 301 41.02 10.80 26.32
C ALA I 301 40.41 12.17 26.59
N LEU I 302 39.32 12.21 27.36
CA LEU I 302 38.64 13.45 27.74
C LEU I 302 39.42 14.21 28.83
N GLU I 303 40.11 13.46 29.68
CA GLU I 303 40.96 14.03 30.73
C GLU I 303 42.14 14.80 30.12
N VAL I 304 42.82 14.21 29.13
CA VAL I 304 43.89 14.87 28.39
C VAL I 304 43.46 16.25 27.85
N LEU I 305 42.29 16.30 27.20
CA LEU I 305 41.75 17.52 26.59
C LEU I 305 41.56 18.66 27.58
N GLU I 306 41.08 18.31 28.77
CA GLU I 306 40.77 19.27 29.81
C GLU I 306 42.04 19.75 30.50
N GLU I 307 42.85 18.79 30.95
CA GLU I 307 44.00 19.08 31.80
C GLU I 307 45.21 19.62 31.05
N GLU I 308 45.25 19.44 29.73
CA GLU I 308 46.25 20.09 28.88
C GLU I 308 45.72 21.34 28.14
N ASN I 309 44.55 21.84 28.57
CA ASN I 309 43.94 23.04 28.03
C ASN I 309 44.09 23.17 26.51
N LEU I 310 43.70 22.11 25.79
CA LEU I 310 44.00 21.99 24.37
C LEU I 310 43.16 22.87 23.49
N ALA I 311 41.97 23.25 24.00
CA ALA I 311 41.07 24.16 23.31
C ALA I 311 41.71 25.53 23.25
N GLU I 312 42.16 26.01 24.40
CA GLU I 312 42.81 27.29 24.54
C GLU I 312 44.08 27.36 23.69
N ASN I 313 44.81 26.25 23.62
CA ASN I 313 46.01 26.12 22.76
C ASN I 313 45.64 26.21 21.30
N ALA I 314 44.57 25.48 20.94
CA ALA I 314 44.09 25.38 19.57
C ALA I 314 43.63 26.71 19.02
N ASP I 315 42.86 27.45 19.83
CA ASP I 315 42.39 28.78 19.49
C ASP I 315 43.53 29.72 19.14
N LYS I 316 44.50 29.86 20.05
CA LYS I 316 45.64 30.76 19.87
C LYS I 316 46.53 30.40 18.69
N LEU I 317 46.84 29.10 18.54
CA LEU I 317 47.72 28.65 17.46
C LEU I 317 47.03 28.69 16.11
N GLY I 318 45.71 28.50 16.12
CA GLY I 318 44.86 28.67 14.95
C GLY I 318 45.02 30.03 14.31
N ILE I 319 44.98 31.08 15.14
CA ILE I 319 45.14 32.46 14.71
C ILE I 319 46.49 32.65 14.00
N ILE I 320 47.56 32.13 14.61
CA ILE I 320 48.90 32.24 14.04
C ILE I 320 48.93 31.56 12.67
N LEU I 321 48.50 30.29 12.62
CA LEU I 321 48.49 29.50 11.39
C LEU I 321 47.79 30.26 10.26
N ARG I 322 46.55 30.70 10.50
CA ARG I 322 45.74 31.43 9.49
C ARG I 322 46.46 32.73 9.07
N ASN I 323 46.89 33.55 10.03
CA ASN I 323 47.59 34.82 9.71
C ASN I 323 48.79 34.62 8.79
N GLU I 324 49.53 33.52 9.00
CA GLU I 324 50.69 33.19 8.18
C GLU I 324 50.29 32.73 6.78
N LEU I 325 49.27 31.86 6.71
CA LEU I 325 48.76 31.34 5.43
C LEU I 325 48.19 32.45 4.53
N MET I 326 47.65 33.51 5.13
CA MET I 326 47.12 34.65 4.39
C MET I 326 48.20 35.51 3.74
N LYS I 327 49.45 35.35 4.19
CA LYS I 327 50.62 36.06 3.63
C LYS I 327 51.12 35.43 2.32
N LEU I 328 50.69 34.19 2.03
CA LEU I 328 50.96 33.54 0.77
C LEU I 328 50.32 34.32 -0.37
N PRO I 329 50.81 34.20 -1.63
CA PRO I 329 50.33 35.05 -2.72
C PRO I 329 48.93 34.64 -3.18
N SER I 330 48.05 35.62 -3.39
CA SER I 330 46.68 35.42 -3.82
C SER I 330 46.55 34.66 -5.16
N ASP I 331 47.60 34.78 -6.00
CA ASP I 331 47.70 34.02 -7.23
C ASP I 331 48.37 32.87 -6.50
N VAL I 332 47.75 31.73 -6.59
CA VAL I 332 48.16 30.44 -5.93
C VAL I 332 47.20 30.00 -4.85
N VAL I 333 47.14 30.66 -3.68
CA VAL I 333 46.20 30.35 -2.61
C VAL I 333 45.08 31.40 -2.59
N THR I 334 43.91 31.01 -3.10
CA THR I 334 42.78 31.92 -3.30
C THR I 334 41.95 32.17 -2.03
N ALA I 335 42.04 31.26 -1.05
CA ALA I 335 41.28 31.39 0.20
C ALA I 335 41.93 30.67 1.39
N VAL I 336 41.79 31.26 2.57
CA VAL I 336 42.17 30.66 3.85
C VAL I 336 40.97 30.81 4.77
N ARG I 337 40.59 29.73 5.45
CA ARG I 337 39.41 29.69 6.36
C ARG I 337 39.61 28.63 7.43
N GLY I 338 38.94 28.80 8.58
CA GLY I 338 39.00 27.87 9.67
C GLY I 338 38.64 28.48 11.02
N LYS I 339 38.52 27.61 12.02
CA LYS I 339 38.39 27.98 13.42
C LYS I 339 39.29 27.04 14.16
N GLY I 340 40.02 27.57 15.15
CA GLY I 340 41.05 26.82 15.87
C GLY I 340 42.00 26.17 14.91
N LEU I 341 42.21 24.85 15.08
CA LEU I 341 43.16 24.09 14.27
C LEU I 341 42.47 23.22 13.23
N LEU I 342 41.28 23.66 12.79
CA LEU I 342 40.57 23.07 11.66
C LEU I 342 40.52 24.14 10.58
N ASN I 343 41.59 24.22 9.80
CA ASN I 343 41.69 25.17 8.71
C ASN I 343 41.93 24.47 7.38
N ALA I 344 41.87 25.26 6.31
CA ALA I 344 42.06 24.79 4.96
C ALA I 344 42.52 25.94 4.07
N ILE I 345 43.07 25.58 2.90
CA ILE I 345 43.33 26.53 1.84
C ILE I 345 42.84 25.98 0.52
N VAL I 346 42.41 26.88 -0.37
CA VAL I 346 41.99 26.55 -1.71
C VAL I 346 43.11 26.99 -2.65
N ILE I 347 43.50 26.09 -3.55
CA ILE I 347 44.60 26.29 -4.47
C ILE I 347 43.95 26.45 -5.84
N LYS I 348 44.48 27.39 -6.65
CA LYS I 348 43.98 27.61 -8.00
C LYS I 348 44.46 26.47 -8.90
N GLU I 349 43.53 25.59 -9.27
CA GLU I 349 43.83 24.44 -10.12
C GLU I 349 44.16 24.90 -11.54
N THR I 350 45.40 24.68 -11.97
CA THR I 350 45.85 25.08 -13.30
C THR I 350 46.75 24.01 -13.88
N LYS I 351 47.22 24.26 -15.11
CA LYS I 351 47.96 23.28 -15.90
C LYS I 351 49.36 22.98 -15.32
N ASP I 352 49.83 23.82 -14.40
CA ASP I 352 51.14 23.64 -13.76
C ASP I 352 51.07 23.13 -12.32
N TRP I 353 49.85 23.08 -11.74
CA TRP I 353 49.67 22.56 -10.39
C TRP I 353 48.21 22.38 -9.97
N ASP I 354 48.01 21.50 -8.99
CA ASP I 354 46.73 21.32 -8.30
C ASP I 354 47.01 20.93 -6.85
N ALA I 355 45.94 20.72 -6.06
CA ALA I 355 46.07 20.39 -4.64
C ALA I 355 46.79 19.07 -4.38
N TRP I 356 46.57 18.10 -5.28
CA TRP I 356 47.17 16.78 -5.17
C TRP I 356 48.68 16.90 -5.29
N LYS I 357 49.13 17.54 -6.38
CA LYS I 357 50.54 17.83 -6.61
C LYS I 357 51.21 18.55 -5.43
N VAL I 358 50.53 19.56 -4.88
CA VAL I 358 51.02 20.29 -3.72
C VAL I 358 51.25 19.33 -2.56
N CYS I 359 50.26 18.51 -2.25
CA CYS I 359 50.31 17.57 -1.15
C CYS I 359 51.37 16.52 -1.31
N LEU I 360 51.66 16.14 -2.56
CA LEU I 360 52.79 15.28 -2.87
C LEU I 360 54.10 15.94 -2.50
N ARG I 361 54.24 17.24 -2.82
CA ARG I 361 55.49 18.01 -2.56
C ARG I 361 55.62 18.32 -1.07
N LEU I 362 54.50 18.55 -0.38
CA LEU I 362 54.49 18.73 1.07
C LEU I 362 55.05 17.50 1.76
N ARG I 363 54.65 16.31 1.26
CA ARG I 363 55.13 14.98 1.72
C ARG I 363 56.64 14.89 1.55
N ASP I 364 57.16 15.32 0.39
CA ASP I 364 58.59 15.33 0.09
C ASP I 364 59.38 16.31 0.97
N ASN I 365 58.70 17.29 1.57
CA ASN I 365 59.31 18.23 2.50
C ASN I 365 58.96 17.95 3.98
N GLY I 366 58.40 16.77 4.25
CA GLY I 366 58.14 16.31 5.60
C GLY I 366 56.87 16.84 6.26
N LEU I 367 55.82 17.06 5.46
CA LEU I 367 54.50 17.41 5.97
C LEU I 367 53.42 16.60 5.26
N LEU I 368 52.49 16.03 6.03
CA LEU I 368 51.38 15.21 5.52
C LEU I 368 50.02 15.91 5.64
N ALA I 369 49.38 16.11 4.49
CA ALA I 369 48.06 16.71 4.36
C ALA I 369 47.44 16.18 3.07
N LYS I 370 46.11 16.11 3.03
CA LYS I 370 45.40 15.53 1.88
C LYS I 370 44.39 16.54 1.33
N PRO I 371 44.21 16.61 -0.01
CA PRO I 371 43.15 17.43 -0.60
C PRO I 371 41.78 16.74 -0.46
N THR I 372 40.72 17.54 -0.34
CA THR I 372 39.37 17.03 -0.11
C THR I 372 38.39 17.24 -1.28
N HIS I 373 38.80 18.02 -2.28
CA HIS I 373 38.03 18.12 -3.53
C HIS I 373 38.84 18.30 -4.82
N GLY I 374 40.12 18.67 -4.70
CA GLY I 374 41.00 18.84 -5.85
C GLY I 374 41.62 20.23 -5.88
N ASP I 375 40.98 21.16 -5.17
CA ASP I 375 41.55 22.49 -4.92
C ASP I 375 41.75 22.82 -3.43
N ILE I 376 41.22 21.98 -2.52
CA ILE I 376 41.22 22.29 -1.09
C ILE I 376 42.14 21.36 -0.28
N ILE I 377 43.21 21.93 0.30
CA ILE I 377 44.11 21.22 1.20
C ILE I 377 43.80 21.61 2.64
N ARG I 378 43.67 20.58 3.50
CA ARG I 378 43.25 20.72 4.91
C ARG I 378 44.49 20.75 5.80
N PHE I 379 44.50 21.66 6.79
CA PHE I 379 45.59 21.82 7.73
C PHE I 379 45.06 21.67 9.13
N ALA I 380 45.11 20.44 9.65
CA ALA I 380 44.57 20.05 10.93
C ALA I 380 45.58 19.26 11.75
N PRO I 381 46.58 19.92 12.36
CA PRO I 381 47.55 19.23 13.21
C PRO I 381 46.94 18.81 14.55
N PRO I 382 47.55 17.85 15.29
CA PRO I 382 47.10 17.52 16.64
C PRO I 382 47.17 18.75 17.56
N LEU I 383 46.31 18.82 18.58
CA LEU I 383 46.17 20.01 19.41
C LEU I 383 47.27 20.15 20.47
N VAL I 384 48.08 19.10 20.64
CA VAL I 384 49.22 19.13 21.56
C VAL I 384 50.46 19.80 20.94
N ILE I 385 50.32 20.29 19.70
CA ILE I 385 51.42 20.98 19.00
C ILE I 385 51.67 22.34 19.66
N LYS I 386 52.95 22.71 19.79
CA LYS I 386 53.36 23.99 20.36
C LYS I 386 53.86 24.97 19.31
N GLU I 387 54.04 26.23 19.74
CA GLU I 387 54.28 27.36 18.85
C GLU I 387 55.47 27.22 17.92
N ASP I 388 56.60 26.73 18.43
CA ASP I 388 57.82 26.54 17.62
C ASP I 388 57.60 25.46 16.56
N GLU I 389 57.09 24.29 16.99
CA GLU I 389 56.76 23.19 16.06
C GLU I 389 55.85 23.67 14.93
N LEU I 390 54.82 24.45 15.28
CA LEU I 390 53.88 25.00 14.29
C LEU I 390 54.59 25.90 13.30
N ARG I 391 55.56 26.67 13.78
CA ARG I 391 56.33 27.64 12.97
C ARG I 391 57.34 26.92 12.08
N GLU I 392 57.76 25.70 12.46
CA GLU I 392 58.58 24.87 11.57
C GLU I 392 57.73 24.38 10.39
N SER I 393 56.52 23.87 10.71
CA SER I 393 55.56 23.39 9.72
C SER I 393 55.15 24.46 8.71
N ILE I 394 54.89 25.66 9.21
CA ILE I 394 54.52 26.80 8.36
C ILE I 394 55.62 27.09 7.34
N GLU I 395 56.89 27.05 7.77
CA GLU I 395 58.01 27.23 6.86
C GLU I 395 58.03 26.14 5.78
N ILE I 396 57.66 24.91 6.16
CA ILE I 396 57.52 23.80 5.21
C ILE I 396 56.40 24.07 4.19
N ILE I 397 55.30 24.67 4.64
CA ILE I 397 54.18 25.04 3.78
C ILE I 397 54.60 26.13 2.79
N ASN I 398 55.08 27.25 3.32
CA ASN I 398 55.58 28.37 2.50
C ASN I 398 56.54 27.88 1.42
N LYS I 399 57.57 27.16 1.85
CA LYS I 399 58.60 26.61 0.96
C LYS I 399 57.96 25.86 -0.21
N THR I 400 57.04 24.94 0.13
CA THR I 400 56.41 24.07 -0.84
C THR I 400 55.50 24.83 -1.82
N ILE I 401 54.69 25.76 -1.29
CA ILE I 401 53.77 26.56 -2.09
C ILE I 401 54.53 27.47 -3.08
N LEU I 402 55.66 28.03 -2.62
CA LEU I 402 56.43 28.99 -3.41
C LEU I 402 57.36 28.35 -4.43
N SER I 403 57.54 27.03 -4.35
CA SER I 403 58.45 26.28 -5.22
C SER I 403 57.87 25.98 -6.61
N PHE I 404 56.56 26.15 -6.78
CA PHE I 404 55.88 25.89 -8.05
C PHE I 404 56.03 27.06 -9.01
#